data_8X28
#
_entry.id   8X28
#
_cell.length_a   72.932
_cell.length_b   267.380
_cell.length_c   131.188
_cell.angle_alpha   90.000
_cell.angle_beta   99.460
_cell.angle_gamma   90.000
#
_symmetry.space_group_name_H-M   'P 1 21 1'
#
loop_
_entity.id
_entity.type
_entity.pdbx_description
1 polymer Hemagglutinin
2 non-polymer 2-acetamido-2-deoxy-beta-D-glucopyranose
#
_entity_poly.entity_id   1
_entity_poly.type   'polypeptide(L)'
_entity_poly.pdbx_seq_one_letter_code
;DQICIGYHANNSTEQVDTIMEKNVTVTHAQDILEKTHNGKLCDLNGVKPLILKDCSVAGWLLGNPMCDEFIRVPEWSYIV
ERANPANDLCYPGSLNDYEELKHLLSRINHFEKILIIPKSSWPNHETSLGVSAACPYQGAPSFFRNVVWLIKKNDAYPTI
KISYNNTNREDLLILWGIHHSNNAEEQTNLYKNPTTYISVGTSTLNQRLVPKIATRSQVNGQRGRMDFFWTILKPDDAIH
FESNGNFIAPEYAYKIVKKGDSTIMKSGVEYGHCNTKCQTPVGAINSSMPFHNIHPLTIGECPKYVKSNKLVLATGLRNS
PLREKRRKRGLFGAIAGFIEGGWQGMVDGWYGYHHSNEQGSGYAADKESTQKAIDGVTNKVNSIIDKMNTQFEAVGREFN
NLERRIENLNKKMEDGFLDVWTYNAELLVLMENERTLDFHDSNVKNLYDKVRLQLRDNAKELGNGCFEFYHKCDNECMES
VRNGTYDYPQYSEEARLKREEISGVK
;
_entity_poly.pdbx_strand_id   A,C,D,B,E,F
#
loop_
_chem_comp.id
_chem_comp.type
_chem_comp.name
_chem_comp.formula
NAG D-saccharide, beta linking 2-acetamido-2-deoxy-beta-D-glucopyranose 'C8 H15 N O6'
#
# COMPACT_ATOMS: atom_id res chain seq x y z
N ASP A 1 18.40 -35.70 81.95
CA ASP A 1 16.97 -35.36 81.95
C ASP A 1 16.69 -34.22 80.97
N GLN A 2 15.72 -34.41 80.09
CA GLN A 2 15.49 -33.44 79.02
C GLN A 2 14.03 -33.46 78.58
N ILE A 3 13.59 -32.33 78.03
CA ILE A 3 12.25 -32.16 77.48
C ILE A 3 12.39 -31.72 76.03
N CYS A 4 11.42 -32.09 75.20
CA CYS A 4 11.50 -31.81 73.77
C CYS A 4 10.15 -31.32 73.25
N ILE A 5 10.22 -30.53 72.17
CA ILE A 5 9.04 -30.03 71.46
C ILE A 5 9.01 -30.73 70.10
N GLY A 6 7.83 -31.17 69.68
CA GLY A 6 7.75 -31.96 68.47
C GLY A 6 6.43 -31.79 67.74
N TYR A 7 6.33 -32.47 66.60
CA TYR A 7 5.14 -32.40 65.76
C TYR A 7 4.64 -33.80 65.43
N HIS A 8 3.35 -33.87 65.13
CA HIS A 8 2.61 -35.12 64.96
C HIS A 8 3.12 -35.89 63.73
N ALA A 9 2.87 -37.19 63.73
CA ALA A 9 3.17 -38.04 62.58
C ALA A 9 2.17 -39.19 62.55
N ASN A 10 1.99 -39.75 61.37
CA ASN A 10 0.99 -40.80 61.18
C ASN A 10 1.45 -41.73 60.06
N ASN A 11 0.51 -42.51 59.52
CA ASN A 11 0.80 -43.51 58.50
C ASN A 11 0.55 -42.99 57.08
N SER A 12 0.30 -41.70 56.93
CA SER A 12 -0.15 -41.16 55.65
C SER A 12 0.90 -41.37 54.56
N THR A 13 0.46 -41.90 53.42
CA THR A 13 1.25 -41.91 52.20
C THR A 13 0.88 -40.74 51.30
N GLU A 14 0.02 -39.83 51.76
CA GLU A 14 -0.45 -38.73 50.94
C GLU A 14 0.68 -37.75 50.66
N GLN A 15 0.80 -37.35 49.41
CA GLN A 15 1.87 -36.45 48.96
C GLN A 15 1.26 -35.17 48.40
N VAL A 16 1.89 -34.04 48.71
CA VAL A 16 1.54 -32.76 48.10
C VAL A 16 2.81 -32.18 47.48
N ASP A 17 2.62 -31.34 46.47
CA ASP A 17 3.70 -30.57 45.88
C ASP A 17 3.55 -29.11 46.27
N THR A 18 4.68 -28.43 46.40
CA THR A 18 4.70 -27.02 46.73
C THR A 18 5.55 -26.28 45.70
N ILE A 19 5.66 -24.96 45.87
CA ILE A 19 6.37 -24.15 44.89
C ILE A 19 7.84 -24.52 44.85
N MET A 20 8.45 -24.78 46.00
CA MET A 20 9.87 -25.09 46.08
C MET A 20 10.14 -26.56 46.36
N GLU A 21 9.12 -27.37 46.57
CA GLU A 21 9.30 -28.76 46.99
C GLU A 21 8.26 -29.63 46.30
N LYS A 22 8.67 -30.84 45.92
CA LYS A 22 7.79 -31.77 45.25
C LYS A 22 7.76 -33.10 46.00
N ASN A 23 6.60 -33.76 45.96
CA ASN A 23 6.37 -35.04 46.62
C ASN A 23 6.65 -34.96 48.13
N VAL A 24 6.17 -33.90 48.76
CA VAL A 24 6.21 -33.77 50.21
C VAL A 24 5.10 -34.62 50.80
N THR A 25 5.46 -35.55 51.68
CA THR A 25 4.49 -36.47 52.28
C THR A 25 3.89 -35.86 53.53
N VAL A 26 2.58 -35.60 53.49
CA VAL A 26 1.90 -34.87 54.55
C VAL A 26 0.94 -35.81 55.29
N THR A 27 0.62 -35.41 56.53
CA THR A 27 -0.29 -36.20 57.36
C THR A 27 -1.70 -36.21 56.78
N HIS A 28 -2.24 -35.03 56.49
CA HIS A 28 -3.60 -34.90 55.98
C HIS A 28 -3.59 -33.96 54.78
N ALA A 29 -4.57 -34.17 53.90
CA ALA A 29 -4.64 -33.42 52.65
C ALA A 29 -6.05 -33.54 52.08
N GLN A 30 -6.48 -32.51 51.37
CA GLN A 30 -7.80 -32.47 50.76
C GLN A 30 -7.68 -32.08 49.31
N ASP A 31 -8.19 -32.93 48.42
CA ASP A 31 -8.26 -32.60 47.00
C ASP A 31 -9.46 -31.70 46.75
N ILE A 32 -9.23 -30.59 46.06
CA ILE A 32 -10.30 -29.66 45.72
C ILE A 32 -10.81 -29.89 44.29
N LEU A 33 -10.47 -31.03 43.70
CA LEU A 33 -10.90 -31.39 42.35
C LEU A 33 -11.96 -32.48 42.45
N GLU A 34 -13.12 -32.25 41.84
CA GLU A 34 -14.16 -33.26 41.82
C GLU A 34 -14.04 -34.08 40.55
N LYS A 35 -13.83 -35.39 40.70
CA LYS A 35 -13.54 -36.29 39.60
C LYS A 35 -14.60 -37.38 39.45
N THR A 36 -15.73 -37.26 40.13
CA THR A 36 -16.76 -38.30 40.14
C THR A 36 -18.05 -37.77 39.55
N HIS A 37 -18.73 -38.62 38.79
CA HIS A 37 -20.04 -38.33 38.21
C HIS A 37 -20.91 -39.56 38.34
N ASN A 38 -22.22 -39.34 38.48
CA ASN A 38 -23.12 -40.47 38.71
C ASN A 38 -23.25 -41.37 37.49
N GLY A 39 -22.98 -40.86 36.30
CA GLY A 39 -23.10 -41.63 35.07
C GLY A 39 -24.48 -41.63 34.46
N LYS A 40 -25.36 -40.71 34.86
CA LYS A 40 -26.73 -40.68 34.37
C LYS A 40 -27.13 -39.23 34.10
N LEU A 41 -28.00 -39.05 33.12
CA LEU A 41 -28.63 -37.75 32.92
C LEU A 41 -29.68 -37.52 34.02
N CYS A 42 -29.66 -36.34 34.62
CA CYS A 42 -30.56 -36.03 35.72
C CYS A 42 -31.26 -34.71 35.47
N ASP A 43 -32.20 -34.39 36.35
CA ASP A 43 -32.90 -33.11 36.27
C ASP A 43 -31.98 -31.99 36.71
N LEU A 44 -32.27 -30.78 36.22
CA LEU A 44 -31.47 -29.60 36.56
C LEU A 44 -32.33 -28.66 37.39
N ASN A 45 -32.00 -28.54 38.68
CA ASN A 45 -32.69 -27.66 39.62
C ASN A 45 -34.21 -27.88 39.60
N GLY A 46 -34.60 -29.14 39.41
CA GLY A 46 -35.99 -29.54 39.59
C GLY A 46 -36.75 -29.84 38.32
N VAL A 47 -36.26 -29.47 37.14
CA VAL A 47 -37.00 -29.64 35.90
C VAL A 47 -36.30 -30.69 35.04
N LYS A 48 -37.10 -31.46 34.30
CA LYS A 48 -36.67 -32.66 33.59
C LYS A 48 -36.26 -32.35 32.16
N PRO A 49 -35.16 -32.95 31.69
CA PRO A 49 -34.72 -32.71 30.32
C PRO A 49 -35.72 -33.26 29.31
N LEU A 50 -35.68 -32.67 28.12
CA LEU A 50 -36.46 -33.18 26.98
C LEU A 50 -35.55 -34.11 26.20
N ILE A 51 -35.62 -35.40 26.53
CA ILE A 51 -34.74 -36.40 25.93
C ILE A 51 -35.41 -36.90 24.65
N LEU A 52 -35.16 -36.18 23.56
CA LEU A 52 -35.54 -36.65 22.23
C LEU A 52 -34.68 -37.86 21.88
N LYS A 53 -35.31 -39.03 21.77
CA LYS A 53 -34.59 -40.28 21.60
C LYS A 53 -34.50 -40.62 20.12
N ASP A 54 -33.29 -40.57 19.58
CA ASP A 54 -33.03 -40.79 18.14
C ASP A 54 -33.97 -39.95 17.29
N CYS A 55 -34.21 -38.72 17.75
CA CYS A 55 -35.03 -37.75 17.03
C CYS A 55 -34.31 -36.41 17.08
N SER A 56 -34.69 -35.52 16.18
CA SER A 56 -34.14 -34.17 16.17
C SER A 56 -35.25 -33.18 16.49
N VAL A 57 -34.82 -31.97 16.89
CA VAL A 57 -35.78 -30.92 17.21
C VAL A 57 -36.69 -30.65 16.01
N ALA A 58 -36.13 -30.70 14.81
CA ALA A 58 -36.95 -30.48 13.61
C ALA A 58 -37.93 -31.62 13.41
N GLY A 59 -37.48 -32.87 13.56
CA GLY A 59 -38.38 -34.00 13.39
C GLY A 59 -39.45 -34.07 14.47
N TRP A 60 -39.10 -33.69 15.70
CA TRP A 60 -40.08 -33.66 16.77
C TRP A 60 -41.10 -32.55 16.55
N LEU A 61 -40.64 -31.38 16.12
CA LEU A 61 -41.55 -30.25 15.92
C LEU A 61 -42.48 -30.50 14.74
N LEU A 62 -41.91 -30.85 13.59
CA LEU A 62 -42.74 -31.04 12.40
C LEU A 62 -43.56 -32.31 12.47
N GLY A 63 -43.18 -33.26 13.32
CA GLY A 63 -43.96 -34.47 13.50
C GLY A 63 -43.60 -35.58 12.54
N ASN A 64 -42.32 -35.96 12.51
CA ASN A 64 -41.90 -37.12 11.75
C ASN A 64 -42.69 -38.34 12.19
N PRO A 65 -43.21 -39.15 11.27
CA PRO A 65 -43.97 -40.34 11.69
C PRO A 65 -43.20 -41.26 12.63
N MET A 66 -41.89 -41.38 12.45
CA MET A 66 -41.10 -42.33 13.22
C MET A 66 -40.91 -41.89 14.68
N CYS A 67 -41.07 -40.61 14.98
CA CYS A 67 -40.87 -40.08 16.33
C CYS A 67 -42.17 -40.19 17.10
N ASP A 68 -42.18 -41.05 18.14
CA ASP A 68 -43.41 -41.28 18.89
C ASP A 68 -43.28 -41.06 20.40
N GLU A 69 -42.16 -40.51 20.87
CA GLU A 69 -42.09 -40.10 22.27
C GLU A 69 -43.08 -38.96 22.51
N PHE A 70 -43.56 -38.85 23.75
CA PHE A 70 -44.64 -37.92 24.03
C PHE A 70 -44.22 -36.49 23.73
N ILE A 71 -45.00 -35.82 22.87
CA ILE A 71 -44.85 -34.38 22.69
C ILE A 71 -45.11 -33.65 23.99
N ARG A 72 -45.78 -34.30 24.94
CA ARG A 72 -46.25 -33.68 26.16
C ARG A 72 -45.18 -33.72 27.25
N VAL A 73 -44.11 -32.97 27.00
CA VAL A 73 -43.20 -32.56 28.07
C VAL A 73 -43.48 -31.08 28.28
N PRO A 74 -44.26 -30.70 29.30
CA PRO A 74 -44.73 -29.31 29.39
C PRO A 74 -43.60 -28.31 29.59
N GLU A 75 -42.60 -28.66 30.39
CA GLU A 75 -41.45 -27.80 30.63
C GLU A 75 -40.20 -28.66 30.65
N TRP A 76 -39.09 -28.08 30.22
CA TRP A 76 -37.82 -28.78 30.28
C TRP A 76 -36.69 -27.81 30.63
N SER A 77 -35.63 -28.37 31.19
CA SER A 77 -34.45 -27.61 31.56
C SER A 77 -33.40 -27.61 30.45
N TYR A 78 -33.30 -28.70 29.69
CA TYR A 78 -32.40 -28.76 28.55
C TYR A 78 -32.89 -29.87 27.63
N ILE A 79 -32.49 -29.77 26.36
CA ILE A 79 -32.81 -30.77 25.35
C ILE A 79 -31.63 -31.71 25.21
N VAL A 80 -31.91 -33.01 25.22
CA VAL A 80 -30.88 -34.03 24.99
C VAL A 80 -31.14 -34.66 23.63
N GLU A 81 -30.27 -34.33 22.67
CA GLU A 81 -30.28 -34.92 21.35
C GLU A 81 -29.13 -35.91 21.25
N ARG A 82 -29.35 -37.05 20.61
CA ARG A 82 -28.21 -37.90 20.31
C ARG A 82 -27.42 -37.30 19.16
N ALA A 83 -26.10 -37.50 19.18
CA ALA A 83 -25.29 -37.06 18.06
C ALA A 83 -25.68 -37.83 16.81
N ASN A 84 -25.83 -37.10 15.69
CA ASN A 84 -26.36 -37.65 14.45
C ASN A 84 -27.70 -38.33 14.73
N PRO A 85 -28.75 -37.56 15.02
CA PRO A 85 -30.06 -38.17 15.30
C PRO A 85 -30.55 -39.01 14.14
N ALA A 86 -31.14 -40.17 14.47
CA ALA A 86 -31.54 -41.10 13.42
C ALA A 86 -32.61 -40.49 12.52
N ASN A 87 -33.64 -39.89 13.12
CA ASN A 87 -34.81 -39.42 12.40
C ASN A 87 -34.93 -37.91 12.50
N ASP A 88 -34.80 -37.26 11.35
CA ASP A 88 -34.82 -35.80 11.18
C ASP A 88 -35.15 -35.54 9.73
N LEU A 89 -36.17 -34.71 9.52
CA LEU A 89 -36.58 -34.21 8.21
C LEU A 89 -36.57 -35.34 7.18
N CYS A 90 -37.63 -36.16 7.26
CA CYS A 90 -37.67 -37.38 6.45
C CYS A 90 -37.73 -37.05 4.96
N TYR A 91 -38.58 -36.12 4.58
CA TYR A 91 -38.50 -35.62 3.22
C TYR A 91 -37.29 -34.71 3.12
N PRO A 92 -36.38 -34.95 2.16
CA PRO A 92 -35.21 -34.08 2.04
C PRO A 92 -35.56 -32.60 2.06
N GLY A 93 -34.85 -31.86 2.90
CA GLY A 93 -35.17 -30.45 3.01
C GLY A 93 -34.40 -29.79 4.13
N SER A 94 -34.88 -28.62 4.51
CA SER A 94 -34.20 -27.76 5.46
C SER A 94 -35.24 -27.15 6.39
N LEU A 95 -34.75 -26.63 7.49
CA LEU A 95 -35.52 -25.79 8.41
C LEU A 95 -34.70 -24.53 8.62
N ASN A 96 -35.25 -23.39 8.24
CA ASN A 96 -34.53 -22.13 8.40
C ASN A 96 -34.29 -21.84 9.87
N ASP A 97 -33.09 -21.33 10.17
CA ASP A 97 -32.67 -20.99 11.52
C ASP A 97 -32.97 -22.12 12.50
N TYR A 98 -32.58 -23.33 12.09
CA TYR A 98 -32.68 -24.50 12.97
C TYR A 98 -31.93 -24.28 14.28
N GLU A 99 -30.71 -23.79 14.18
CA GLU A 99 -29.86 -23.62 15.36
C GLU A 99 -30.41 -22.54 16.29
N GLU A 100 -31.05 -21.51 15.74
CA GLU A 100 -31.66 -20.48 16.59
C GLU A 100 -32.98 -20.96 17.18
N LEU A 101 -33.75 -21.73 16.40
CA LEU A 101 -34.93 -22.39 16.97
C LEU A 101 -34.55 -23.31 18.12
N LYS A 102 -33.52 -24.13 17.92
CA LYS A 102 -33.09 -25.05 18.97
C LYS A 102 -32.67 -24.29 20.23
N HIS A 103 -32.00 -23.15 20.06
CA HIS A 103 -31.58 -22.33 21.19
C HIS A 103 -32.78 -21.80 21.97
N LEU A 104 -33.77 -21.24 21.27
CA LEU A 104 -35.02 -20.82 21.91
C LEU A 104 -35.69 -21.98 22.63
N LEU A 105 -35.66 -23.17 22.03
CA LEU A 105 -36.33 -24.36 22.54
C LEU A 105 -35.50 -25.14 23.54
N SER A 106 -34.36 -24.58 23.96
CA SER A 106 -33.48 -25.29 24.88
C SER A 106 -34.09 -25.33 26.29
N ARG A 107 -34.71 -24.24 26.72
CA ARG A 107 -35.39 -24.16 28.00
C ARG A 107 -36.72 -23.45 27.79
N ILE A 108 -37.82 -24.16 28.03
CA ILE A 108 -39.16 -23.66 27.76
C ILE A 108 -40.02 -23.93 28.99
N ASN A 109 -40.63 -22.87 29.54
CA ASN A 109 -41.50 -23.04 30.69
C ASN A 109 -42.81 -23.73 30.32
N HIS A 110 -43.35 -23.44 29.14
CA HIS A 110 -44.65 -23.99 28.75
C HIS A 110 -44.63 -24.31 27.27
N PHE A 111 -44.90 -25.57 26.94
CA PHE A 111 -44.95 -26.05 25.57
C PHE A 111 -46.27 -26.81 25.42
N GLU A 112 -47.18 -26.25 24.64
CA GLU A 112 -48.49 -26.85 24.39
C GLU A 112 -48.76 -26.84 22.91
N LYS A 113 -48.83 -28.02 22.31
CA LYS A 113 -49.29 -28.12 20.93
C LYS A 113 -50.77 -27.76 20.87
N ILE A 114 -51.11 -26.81 20.02
CA ILE A 114 -52.50 -26.50 19.73
C ILE A 114 -52.70 -26.62 18.23
N LEU A 115 -53.94 -26.88 17.84
CA LEU A 115 -54.33 -26.87 16.44
C LEU A 115 -54.84 -25.48 16.10
N ILE A 116 -54.20 -24.85 15.12
CA ILE A 116 -54.53 -23.48 14.73
C ILE A 116 -55.34 -23.44 13.45
N ILE A 117 -55.05 -24.32 12.50
CA ILE A 117 -55.74 -24.34 11.21
C ILE A 117 -56.29 -25.74 10.97
N PRO A 118 -57.60 -25.95 11.10
CA PRO A 118 -58.13 -27.31 10.92
C PRO A 118 -58.06 -27.75 9.48
N LYS A 119 -57.94 -29.07 9.31
CA LYS A 119 -57.99 -29.65 7.98
C LYS A 119 -59.32 -29.43 7.28
N SER A 120 -60.39 -29.12 8.01
CA SER A 120 -61.67 -28.67 7.45
C SER A 120 -61.59 -27.30 6.77
N SER A 121 -60.53 -26.52 7.03
CA SER A 121 -60.36 -25.19 6.45
C SER A 121 -59.88 -25.20 5.00
N TRP A 122 -59.68 -26.38 4.41
CA TRP A 122 -59.21 -26.51 3.03
C TRP A 122 -60.31 -27.21 2.23
N PRO A 123 -61.40 -26.50 1.90
CA PRO A 123 -62.51 -27.18 1.24
C PRO A 123 -62.23 -27.50 -0.21
N ASN A 124 -61.50 -26.63 -0.91
CA ASN A 124 -61.23 -26.76 -2.33
C ASN A 124 -59.84 -27.35 -2.60
N HIS A 125 -59.26 -28.01 -1.61
CA HIS A 125 -57.94 -28.61 -1.72
C HIS A 125 -57.99 -29.97 -1.05
N GLU A 126 -57.07 -30.85 -1.44
CA GLU A 126 -57.01 -32.22 -0.92
C GLU A 126 -55.94 -32.31 0.16
N THR A 127 -56.35 -32.77 1.35
CA THR A 127 -55.50 -32.86 2.53
C THR A 127 -55.02 -34.28 2.81
N SER A 128 -55.46 -35.26 2.03
CA SER A 128 -55.18 -36.65 2.31
C SER A 128 -54.15 -37.27 1.38
N LEU A 129 -53.83 -36.60 0.27
CA LEU A 129 -52.93 -37.14 -0.75
C LEU A 129 -51.53 -36.51 -0.71
N GLY A 130 -51.27 -35.66 0.27
CA GLY A 130 -49.96 -35.08 0.48
C GLY A 130 -49.08 -35.98 1.33
N VAL A 131 -48.71 -37.14 0.79
CA VAL A 131 -47.89 -38.13 1.49
C VAL A 131 -46.72 -38.53 0.60
N SER A 132 -45.65 -39.01 1.23
CA SER A 132 -44.50 -39.52 0.51
C SER A 132 -43.98 -40.79 1.17
N ALA A 133 -43.41 -41.67 0.36
CA ALA A 133 -42.81 -42.89 0.90
C ALA A 133 -41.63 -42.58 1.81
N ALA A 134 -40.89 -41.50 1.54
CA ALA A 134 -39.73 -41.19 2.37
C ALA A 134 -40.12 -40.98 3.84
N CYS A 135 -41.34 -40.48 4.10
CA CYS A 135 -41.85 -40.30 5.46
C CYS A 135 -42.83 -41.43 5.76
N PRO A 136 -42.41 -42.53 6.40
CA PRO A 136 -43.22 -43.74 6.38
C PRO A 136 -43.63 -44.26 7.74
N TYR A 137 -44.94 -44.40 7.96
CA TYR A 137 -45.49 -45.03 9.15
C TYR A 137 -46.04 -46.40 8.78
N GLN A 138 -45.66 -47.41 9.55
CA GLN A 138 -46.05 -48.81 9.35
C GLN A 138 -46.07 -49.20 7.86
N GLY A 139 -44.94 -48.95 7.20
CA GLY A 139 -44.72 -49.43 5.84
C GLY A 139 -45.66 -48.85 4.80
N ALA A 140 -46.05 -47.59 4.98
CA ALA A 140 -47.00 -46.94 4.06
C ALA A 140 -46.62 -45.49 3.90
N PRO A 141 -46.93 -44.88 2.75
CA PRO A 141 -46.68 -43.45 2.58
C PRO A 141 -47.37 -42.64 3.66
N SER A 142 -46.61 -41.74 4.28
CA SER A 142 -47.13 -40.82 5.29
C SER A 142 -46.39 -39.49 5.13
N PHE A 143 -46.58 -38.60 6.09
CA PHE A 143 -45.99 -37.27 6.02
C PHE A 143 -45.81 -36.73 7.43
N PHE A 144 -45.30 -35.51 7.53
CA PHE A 144 -45.17 -34.85 8.82
C PHE A 144 -46.56 -34.64 9.41
N ARG A 145 -46.71 -34.92 10.71
CA ARG A 145 -48.04 -34.91 11.31
C ARG A 145 -48.55 -33.50 11.60
N ASN A 146 -47.67 -32.60 12.06
CA ASN A 146 -48.10 -31.29 12.51
C ASN A 146 -48.12 -30.24 11.39
N VAL A 147 -47.82 -30.64 10.16
CA VAL A 147 -47.90 -29.76 9.00
C VAL A 147 -48.65 -30.52 7.92
N VAL A 148 -49.33 -29.80 7.03
CA VAL A 148 -50.15 -30.43 5.99
C VAL A 148 -49.61 -30.08 4.61
N TRP A 149 -49.53 -31.09 3.75
CA TRP A 149 -49.10 -30.94 2.37
C TRP A 149 -50.36 -30.94 1.50
N LEU A 150 -50.72 -29.76 1.00
CA LEU A 150 -51.96 -29.59 0.24
C LEU A 150 -51.68 -29.75 -1.25
N ILE A 151 -52.49 -30.58 -1.91
CA ILE A 151 -52.37 -30.78 -3.35
C ILE A 151 -53.68 -30.38 -4.03
N LYS A 152 -53.75 -30.55 -5.35
CA LYS A 152 -54.85 -30.02 -6.13
C LYS A 152 -56.11 -30.86 -5.97
N LYS A 153 -57.25 -30.23 -6.26
CA LYS A 153 -58.55 -30.90 -6.33
C LYS A 153 -59.18 -30.58 -7.67
N ASN A 154 -59.53 -31.61 -8.43
CA ASN A 154 -60.17 -31.45 -9.75
C ASN A 154 -59.32 -30.60 -10.69
N ASP A 155 -58.02 -30.92 -10.75
CA ASP A 155 -57.06 -30.23 -11.61
C ASP A 155 -57.15 -28.72 -11.45
N ALA A 156 -57.14 -28.27 -10.19
CA ALA A 156 -57.19 -26.86 -9.88
C ALA A 156 -56.60 -26.65 -8.49
N TYR A 157 -55.91 -25.53 -8.32
CA TYR A 157 -55.36 -25.12 -7.02
C TYR A 157 -55.75 -23.66 -6.83
N PRO A 158 -56.97 -23.41 -6.34
CA PRO A 158 -57.40 -22.02 -6.11
C PRO A 158 -56.50 -21.35 -5.09
N THR A 159 -56.25 -20.06 -5.31
CA THR A 159 -55.35 -19.30 -4.45
C THR A 159 -55.84 -19.36 -3.00
N ILE A 160 -54.91 -19.64 -2.10
CA ILE A 160 -55.23 -19.73 -0.68
C ILE A 160 -55.01 -18.36 -0.05
N LYS A 161 -55.99 -17.90 0.72
CA LYS A 161 -55.84 -16.72 1.56
C LYS A 161 -56.43 -17.08 2.91
N ILE A 162 -55.56 -17.19 3.93
CA ILE A 162 -55.97 -17.65 5.24
C ILE A 162 -55.24 -16.82 6.30
N SER A 163 -55.79 -16.84 7.52
CA SER A 163 -55.22 -16.09 8.63
C SER A 163 -55.51 -16.81 9.93
N TYR A 164 -54.57 -16.70 10.87
CA TYR A 164 -54.77 -17.13 12.24
C TYR A 164 -54.38 -15.98 13.17
N ASN A 165 -55.32 -15.54 13.99
CA ASN A 165 -55.10 -14.48 14.96
C ASN A 165 -54.82 -15.14 16.31
N ASN A 166 -53.60 -14.96 16.82
CA ASN A 166 -53.31 -15.54 18.13
C ASN A 166 -54.21 -14.90 19.18
N THR A 167 -55.08 -15.72 19.77
CA THR A 167 -56.00 -15.28 20.81
C THR A 167 -55.64 -15.88 22.16
N ASN A 168 -54.48 -16.51 22.27
CA ASN A 168 -54.16 -17.39 23.38
C ASN A 168 -53.35 -16.71 24.48
N ARG A 169 -53.07 -15.41 24.36
CA ARG A 169 -52.30 -14.68 25.36
C ARG A 169 -50.93 -15.30 25.61
N GLU A 170 -50.44 -16.10 24.65
CA GLU A 170 -49.20 -16.83 24.77
C GLU A 170 -48.60 -16.93 23.38
N ASP A 171 -47.28 -16.80 23.28
CA ASP A 171 -46.64 -16.79 21.98
C ASP A 171 -46.73 -18.15 21.31
N LEU A 172 -46.68 -18.14 19.98
CA LEU A 172 -46.94 -19.31 19.16
C LEU A 172 -45.82 -19.49 18.15
N LEU A 173 -45.19 -20.67 18.17
CA LEU A 173 -44.22 -21.05 17.15
C LEU A 173 -44.98 -21.76 16.03
N ILE A 174 -45.13 -21.08 14.89
CA ILE A 174 -45.88 -21.60 13.76
C ILE A 174 -44.91 -22.03 12.68
N LEU A 175 -45.10 -23.23 12.16
CA LEU A 175 -44.16 -23.84 11.22
C LEU A 175 -44.89 -24.08 9.90
N TRP A 176 -44.32 -23.54 8.81
CA TRP A 176 -44.85 -23.73 7.46
C TRP A 176 -43.70 -24.10 6.53
N GLY A 177 -44.02 -24.39 5.27
CA GLY A 177 -42.98 -24.84 4.36
C GLY A 177 -43.36 -24.73 2.90
N ILE A 178 -42.35 -24.92 2.05
CA ILE A 178 -42.49 -24.86 0.60
C ILE A 178 -41.93 -26.16 0.01
N HIS A 179 -42.58 -26.66 -1.02
CA HIS A 179 -42.12 -27.86 -1.72
C HIS A 179 -41.47 -27.46 -3.04
N HIS A 180 -40.24 -27.93 -3.25
CA HIS A 180 -39.50 -27.67 -4.47
C HIS A 180 -39.66 -28.87 -5.40
N SER A 181 -40.38 -28.66 -6.50
CA SER A 181 -40.64 -29.73 -7.46
C SER A 181 -39.38 -30.06 -8.25
N ASN A 182 -39.39 -31.23 -8.89
CA ASN A 182 -38.25 -31.68 -9.66
C ASN A 182 -38.42 -31.50 -11.16
N ASN A 183 -39.64 -31.33 -11.65
CA ASN A 183 -39.89 -31.10 -13.07
C ASN A 183 -41.23 -30.40 -13.24
N ALA A 184 -41.44 -29.84 -14.44
CA ALA A 184 -42.68 -29.14 -14.70
C ALA A 184 -43.88 -30.07 -14.66
N GLU A 185 -43.70 -31.34 -15.04
CA GLU A 185 -44.80 -32.30 -14.97
C GLU A 185 -45.18 -32.59 -13.52
N GLU A 186 -44.18 -32.78 -12.65
CA GLU A 186 -44.47 -32.97 -11.23
C GLU A 186 -45.21 -31.77 -10.66
N GLN A 187 -44.84 -30.57 -11.09
CA GLN A 187 -45.52 -29.37 -10.62
C GLN A 187 -47.00 -29.40 -10.99
N THR A 188 -47.30 -29.70 -12.26
CA THR A 188 -48.67 -29.69 -12.74
C THR A 188 -49.47 -30.92 -12.34
N ASN A 189 -48.84 -31.94 -11.77
CA ASN A 189 -49.54 -33.15 -11.34
C ASN A 189 -49.82 -33.19 -9.85
N LEU A 190 -49.23 -32.29 -9.07
CA LEU A 190 -49.54 -32.13 -7.65
C LEU A 190 -50.22 -30.81 -7.35
N TYR A 191 -49.70 -29.74 -7.92
CA TYR A 191 -50.37 -28.46 -8.04
C TYR A 191 -50.84 -28.39 -9.49
N LYS A 192 -51.52 -27.31 -9.88
CA LYS A 192 -51.83 -27.18 -11.29
C LYS A 192 -51.25 -25.94 -11.92
N ASN A 193 -50.75 -25.02 -11.12
CA ASN A 193 -50.31 -23.79 -11.75
C ASN A 193 -48.80 -23.80 -11.94
N PRO A 194 -48.33 -23.37 -13.12
CA PRO A 194 -46.89 -23.45 -13.41
C PRO A 194 -46.06 -22.50 -12.56
N THR A 195 -46.44 -21.24 -12.52
CA THR A 195 -45.76 -20.24 -11.70
C THR A 195 -46.46 -20.15 -10.34
N THR A 196 -45.71 -20.35 -9.27
CA THR A 196 -46.28 -20.40 -7.93
C THR A 196 -45.52 -19.49 -6.99
N TYR A 197 -46.14 -19.25 -5.83
CA TYR A 197 -45.57 -18.39 -4.81
C TYR A 197 -46.23 -18.71 -3.48
N ILE A 198 -45.54 -18.37 -2.40
CA ILE A 198 -46.11 -18.36 -1.06
C ILE A 198 -45.76 -17.02 -0.42
N SER A 199 -46.76 -16.35 0.11
CA SER A 199 -46.57 -15.12 0.86
C SER A 199 -47.00 -15.35 2.29
N VAL A 200 -46.17 -14.93 3.23
CA VAL A 200 -46.48 -15.02 4.66
C VAL A 200 -46.31 -13.65 5.26
N GLY A 201 -47.28 -13.21 6.06
CA GLY A 201 -47.24 -11.88 6.61
C GLY A 201 -47.71 -11.77 8.06
N THR A 202 -46.87 -11.16 8.89
CA THR A 202 -47.26 -10.79 10.25
C THR A 202 -46.88 -9.32 10.44
N SER A 203 -46.81 -8.88 11.70
CA SER A 203 -46.33 -7.53 11.98
C SER A 203 -44.85 -7.39 11.69
N THR A 204 -44.07 -8.43 12.01
CA THR A 204 -42.64 -8.42 11.79
C THR A 204 -42.23 -9.17 10.53
N LEU A 205 -43.14 -9.87 9.87
CA LEU A 205 -42.79 -10.81 8.82
C LEU A 205 -43.36 -10.40 7.47
N ASN A 206 -42.48 -10.32 6.47
CA ASN A 206 -42.84 -10.18 5.06
C ASN A 206 -42.04 -11.22 4.30
N GLN A 207 -42.72 -12.22 3.76
CA GLN A 207 -42.06 -13.33 3.08
C GLN A 207 -42.64 -13.52 1.70
N ARG A 208 -41.76 -13.88 0.75
CA ARG A 208 -42.17 -14.30 -0.59
C ARG A 208 -41.30 -15.50 -0.96
N LEU A 209 -41.91 -16.68 -1.08
CA LEU A 209 -41.20 -17.92 -1.34
C LEU A 209 -41.63 -18.45 -2.70
N VAL A 210 -40.67 -18.57 -3.61
CA VAL A 210 -40.94 -19.08 -4.96
C VAL A 210 -40.23 -20.42 -5.09
N PRO A 211 -40.86 -21.44 -5.67
CA PRO A 211 -40.21 -22.75 -5.77
C PRO A 211 -39.02 -22.71 -6.71
N LYS A 212 -38.00 -23.49 -6.36
CA LYS A 212 -36.85 -23.73 -7.23
C LYS A 212 -37.03 -25.12 -7.84
N ILE A 213 -37.42 -25.17 -9.10
CA ILE A 213 -37.65 -26.41 -9.81
C ILE A 213 -36.40 -26.71 -10.64
N ALA A 214 -35.59 -27.66 -10.19
CA ALA A 214 -34.37 -28.02 -10.90
C ALA A 214 -33.95 -29.43 -10.50
N THR A 215 -33.03 -29.98 -11.29
CA THR A 215 -32.52 -31.32 -11.01
C THR A 215 -31.60 -31.28 -9.80
N ARG A 216 -31.87 -32.17 -8.84
CA ARG A 216 -31.11 -32.27 -7.60
C ARG A 216 -30.83 -33.74 -7.34
N SER A 217 -29.82 -34.01 -6.53
CA SER A 217 -29.54 -35.39 -6.15
C SER A 217 -30.63 -35.91 -5.22
N GLN A 218 -30.79 -37.23 -5.19
CA GLN A 218 -31.87 -37.83 -4.40
C GLN A 218 -31.36 -38.20 -3.02
N VAL A 219 -32.07 -37.72 -1.99
CA VAL A 219 -31.82 -38.06 -0.60
C VAL A 219 -33.09 -38.67 -0.04
N ASN A 220 -32.95 -39.80 0.65
CA ASN A 220 -34.11 -40.54 1.19
C ASN A 220 -35.11 -40.89 0.09
N GLY A 221 -34.65 -40.98 -1.15
CA GLY A 221 -35.46 -41.46 -2.24
C GLY A 221 -36.07 -40.39 -3.12
N GLN A 222 -36.06 -39.13 -2.70
CA GLN A 222 -36.73 -38.06 -3.42
C GLN A 222 -35.74 -37.01 -3.88
N ARG A 223 -35.90 -36.58 -5.14
CA ARG A 223 -35.07 -35.54 -5.73
C ARG A 223 -35.64 -34.15 -5.50
N GLY A 224 -36.82 -34.03 -4.89
CA GLY A 224 -37.38 -32.76 -4.51
C GLY A 224 -37.03 -32.40 -3.07
N ARG A 225 -37.31 -31.14 -2.72
CA ARG A 225 -36.93 -30.61 -1.42
C ARG A 225 -38.12 -29.93 -0.76
N MET A 226 -38.12 -29.94 0.58
CA MET A 226 -39.12 -29.25 1.39
C MET A 226 -38.40 -28.35 2.37
N ASP A 227 -38.48 -27.03 2.14
CA ASP A 227 -37.81 -26.05 2.99
C ASP A 227 -38.83 -25.43 3.94
N PHE A 228 -38.63 -25.64 5.25
CA PHE A 228 -39.54 -25.19 6.28
C PHE A 228 -39.05 -23.90 6.93
N PHE A 229 -40.00 -23.10 7.40
CA PHE A 229 -39.73 -21.82 8.04
C PHE A 229 -40.58 -21.69 9.29
N TRP A 230 -40.22 -20.74 10.15
CA TRP A 230 -40.92 -20.58 11.43
C TRP A 230 -40.96 -19.13 11.83
N THR A 231 -41.96 -18.79 12.65
CA THR A 231 -42.08 -17.47 13.25
C THR A 231 -42.70 -17.63 14.63
N ILE A 232 -42.55 -16.60 15.44
CA ILE A 232 -43.16 -16.55 16.76
C ILE A 232 -44.26 -15.50 16.70
N LEU A 233 -45.51 -15.95 16.66
CA LEU A 233 -46.65 -15.04 16.58
C LEU A 233 -46.97 -14.50 17.97
N LYS A 234 -46.93 -13.18 18.11
CA LYS A 234 -47.04 -12.56 19.41
C LYS A 234 -48.48 -12.63 19.92
N PRO A 235 -48.69 -12.43 21.24
CA PRO A 235 -50.01 -12.65 21.86
C PRO A 235 -51.25 -12.22 21.08
N ASP A 236 -51.20 -11.09 20.37
CA ASP A 236 -52.38 -10.59 19.66
C ASP A 236 -51.99 -10.13 18.26
N ASP A 237 -51.52 -11.07 17.45
CA ASP A 237 -51.11 -10.79 16.08
C ASP A 237 -51.71 -11.86 15.18
N ALA A 238 -51.68 -11.58 13.88
CA ALA A 238 -52.23 -12.47 12.87
C ALA A 238 -51.17 -12.83 11.84
N ILE A 239 -51.20 -14.07 11.39
CA ILE A 239 -50.32 -14.57 10.33
C ILE A 239 -51.16 -14.78 9.08
N HIS A 240 -50.71 -14.22 7.96
CA HIS A 240 -51.47 -14.24 6.71
C HIS A 240 -50.71 -15.02 5.66
N PHE A 241 -51.31 -16.09 5.15
CA PHE A 241 -50.72 -16.96 4.15
C PHE A 241 -51.43 -16.76 2.82
N GLU A 242 -50.67 -16.74 1.73
CA GLU A 242 -51.25 -16.70 0.39
C GLU A 242 -50.40 -17.54 -0.55
N SER A 243 -51.05 -18.44 -1.29
CA SER A 243 -50.34 -19.40 -2.12
C SER A 243 -51.19 -19.84 -3.29
N ASN A 244 -50.57 -19.97 -4.47
CA ASN A 244 -51.17 -20.64 -5.60
C ASN A 244 -50.62 -22.05 -5.79
N GLY A 245 -49.88 -22.56 -4.82
CA GLY A 245 -49.35 -23.91 -4.89
C GLY A 245 -48.06 -24.04 -4.10
N ASN A 246 -47.61 -25.29 -3.98
CA ASN A 246 -46.31 -25.61 -3.37
C ASN A 246 -46.27 -25.22 -1.90
N PHE A 247 -47.40 -25.33 -1.22
CA PHE A 247 -47.56 -24.87 0.15
C PHE A 247 -47.70 -26.04 1.10
N ILE A 248 -46.73 -26.20 2.00
CA ILE A 248 -46.84 -27.13 3.13
C ILE A 248 -47.37 -26.29 4.29
N ALA A 249 -48.68 -26.28 4.46
CA ALA A 249 -49.36 -25.33 5.32
C ALA A 249 -49.37 -25.80 6.77
N PRO A 250 -49.41 -24.85 7.72
CA PRO A 250 -49.51 -25.24 9.14
C PRO A 250 -50.88 -25.78 9.47
N GLU A 251 -50.90 -26.86 10.26
CA GLU A 251 -52.12 -27.34 10.90
C GLU A 251 -52.04 -27.17 12.40
N TYR A 252 -50.98 -27.67 13.01
CA TYR A 252 -50.73 -27.55 14.44
C TYR A 252 -49.66 -26.49 14.69
N ALA A 253 -49.71 -25.90 15.88
CA ALA A 253 -48.67 -24.96 16.32
C ALA A 253 -48.36 -25.26 17.78
N TYR A 254 -47.44 -24.49 18.36
CA TYR A 254 -46.96 -24.74 19.71
C TYR A 254 -47.02 -23.47 20.53
N LYS A 255 -47.65 -23.55 21.69
CA LYS A 255 -47.63 -22.45 22.66
C LYS A 255 -46.27 -22.43 23.37
N ILE A 256 -45.65 -21.26 23.41
CA ILE A 256 -44.30 -21.11 23.97
C ILE A 256 -44.33 -20.06 25.06
N VAL A 257 -43.78 -20.39 26.22
CA VAL A 257 -43.45 -19.43 27.26
C VAL A 257 -41.95 -19.54 27.50
N LYS A 258 -41.23 -18.46 27.22
CA LYS A 258 -39.77 -18.47 27.19
C LYS A 258 -39.25 -17.66 28.37
N LYS A 259 -38.64 -18.35 29.34
CA LYS A 259 -38.01 -17.72 30.49
C LYS A 259 -36.76 -18.53 30.82
N GLY A 260 -35.61 -18.08 30.35
CA GLY A 260 -34.35 -18.76 30.58
C GLY A 260 -33.84 -19.44 29.32
N ASP A 261 -32.53 -19.70 29.31
CA ASP A 261 -31.86 -20.30 28.17
C ASP A 261 -30.97 -21.44 28.65
N SER A 262 -30.73 -22.39 27.75
CA SER A 262 -29.81 -23.49 27.99
C SER A 262 -29.20 -23.90 26.66
N THR A 263 -28.74 -25.14 26.57
CA THR A 263 -28.15 -25.68 25.36
C THR A 263 -28.72 -27.06 25.08
N ILE A 264 -28.38 -27.59 23.91
CA ILE A 264 -28.73 -28.96 23.55
C ILE A 264 -27.55 -29.85 23.93
N MET A 265 -27.77 -30.73 24.90
CA MET A 265 -26.76 -31.68 25.29
C MET A 265 -26.80 -32.87 24.33
N LYS A 266 -25.63 -33.26 23.82
CA LYS A 266 -25.52 -34.42 22.95
C LYS A 266 -24.90 -35.55 23.75
N SER A 267 -25.71 -36.58 24.03
CA SER A 267 -25.30 -37.64 24.93
C SER A 267 -26.19 -38.86 24.72
N GLY A 268 -25.76 -39.98 25.31
CA GLY A 268 -26.50 -41.22 25.22
C GLY A 268 -26.77 -41.87 26.55
N VAL A 269 -26.27 -41.25 27.64
CA VAL A 269 -26.55 -41.78 28.97
C VAL A 269 -28.04 -41.66 29.27
N GLU A 270 -28.56 -42.63 30.01
CA GLU A 270 -29.99 -42.72 30.26
C GLU A 270 -30.40 -41.80 31.39
N TYR A 271 -31.67 -41.39 31.37
CA TYR A 271 -32.24 -40.63 32.47
C TYR A 271 -32.20 -41.46 33.74
N GLY A 272 -31.52 -40.94 34.76
CA GLY A 272 -31.32 -41.68 35.99
C GLY A 272 -32.34 -41.43 37.08
N HIS A 273 -33.36 -40.63 36.81
CA HIS A 273 -34.36 -40.24 37.81
C HIS A 273 -33.68 -39.65 39.04
N CYS A 274 -33.02 -38.51 38.81
CA CYS A 274 -32.26 -37.81 39.83
C CYS A 274 -32.41 -36.32 39.60
N ASN A 275 -31.84 -35.54 40.53
CA ASN A 275 -31.79 -34.09 40.40
C ASN A 275 -30.35 -33.65 40.65
N THR A 276 -29.92 -32.62 39.93
CA THR A 276 -28.58 -32.08 40.12
C THR A 276 -28.60 -30.59 39.86
N LYS A 277 -27.50 -29.94 40.26
CA LYS A 277 -27.27 -28.55 39.90
C LYS A 277 -26.32 -28.42 38.71
N CYS A 278 -25.58 -29.49 38.39
CA CYS A 278 -24.60 -29.50 37.32
C CYS A 278 -24.76 -30.78 36.52
N GLN A 279 -24.86 -30.66 35.20
CA GLN A 279 -25.04 -31.80 34.31
C GLN A 279 -23.97 -31.79 33.23
N THR A 280 -23.21 -32.88 33.15
CA THR A 280 -22.26 -33.12 32.09
C THR A 280 -22.86 -34.07 31.06
N PRO A 281 -22.28 -34.17 29.86
CA PRO A 281 -22.78 -35.15 28.90
C PRO A 281 -22.52 -36.59 29.33
N VAL A 282 -21.55 -36.84 30.21
CA VAL A 282 -21.23 -38.19 30.64
C VAL A 282 -21.77 -38.50 32.03
N GLY A 283 -22.33 -37.51 32.74
CA GLY A 283 -22.84 -37.75 34.06
C GLY A 283 -23.29 -36.45 34.70
N ALA A 284 -23.42 -36.48 36.03
CA ALA A 284 -23.83 -35.30 36.79
C ALA A 284 -22.97 -35.18 38.04
N ILE A 285 -22.79 -33.96 38.50
CA ILE A 285 -21.88 -33.64 39.59
C ILE A 285 -22.68 -33.06 40.75
N ASN A 286 -22.42 -33.58 41.96
CA ASN A 286 -22.94 -33.02 43.20
C ASN A 286 -21.72 -32.68 44.06
N SER A 287 -21.35 -31.41 44.11
CA SER A 287 -20.10 -31.04 44.76
C SER A 287 -20.05 -29.54 45.02
N SER A 288 -19.48 -29.19 46.17
CA SER A 288 -19.09 -27.81 46.46
C SER A 288 -17.64 -27.53 46.07
N MET A 289 -16.93 -28.51 45.51
CA MET A 289 -15.54 -28.32 45.16
C MET A 289 -15.40 -27.22 44.11
N PRO A 290 -14.29 -26.48 44.11
CA PRO A 290 -14.16 -25.37 43.18
C PRO A 290 -13.85 -25.75 41.73
N PHE A 291 -13.20 -26.90 41.49
CA PHE A 291 -12.72 -27.25 40.16
C PHE A 291 -13.12 -28.69 39.83
N HIS A 292 -13.14 -29.00 38.53
CA HIS A 292 -13.57 -30.31 38.05
C HIS A 292 -12.81 -30.68 36.78
N ASN A 293 -12.72 -31.99 36.52
CA ASN A 293 -11.97 -32.54 35.39
C ASN A 293 -12.81 -33.55 34.62
N ILE A 294 -14.09 -33.25 34.41
CA ILE A 294 -14.97 -34.24 33.79
C ILE A 294 -15.16 -33.94 32.30
N HIS A 295 -16.03 -32.99 31.98
CA HIS A 295 -16.35 -32.69 30.60
C HIS A 295 -16.39 -31.18 30.39
N PRO A 296 -15.92 -30.69 29.25
CA PRO A 296 -16.00 -29.25 29.00
C PRO A 296 -17.44 -28.74 28.90
N LEU A 297 -18.34 -29.55 28.35
CA LEU A 297 -19.68 -29.08 27.98
C LEU A 297 -20.66 -29.33 29.12
N THR A 298 -20.69 -28.41 30.07
CA THR A 298 -21.48 -28.57 31.29
C THR A 298 -22.62 -27.57 31.34
N ILE A 299 -23.78 -28.03 31.83
CA ILE A 299 -24.95 -27.18 32.05
C ILE A 299 -25.21 -27.09 33.55
N GLY A 300 -25.52 -25.88 34.00
CA GLY A 300 -25.92 -25.65 35.37
C GLY A 300 -24.90 -24.84 36.15
N GLU A 301 -25.14 -24.74 37.45
CA GLU A 301 -24.18 -24.11 38.37
C GLU A 301 -23.08 -25.13 38.63
N CYS A 302 -22.03 -25.06 37.83
CA CYS A 302 -21.01 -26.08 37.74
C CYS A 302 -19.68 -25.60 38.29
N PRO A 303 -18.82 -26.50 38.76
CA PRO A 303 -17.44 -26.13 39.07
C PRO A 303 -16.70 -25.73 37.79
N LYS A 304 -15.54 -25.12 37.99
CA LYS A 304 -14.73 -24.67 36.86
C LYS A 304 -13.89 -25.82 36.32
N TYR A 305 -13.79 -25.90 35.00
CA TYR A 305 -13.09 -26.99 34.32
C TYR A 305 -11.61 -26.68 34.21
N VAL A 306 -10.77 -27.63 34.62
CA VAL A 306 -9.32 -27.52 34.51
C VAL A 306 -8.77 -28.84 33.97
N LYS A 307 -7.54 -28.79 33.48
CA LYS A 307 -6.89 -29.97 32.91
C LYS A 307 -6.15 -30.80 33.94
N SER A 308 -6.19 -30.42 35.22
CA SER A 308 -5.41 -31.12 36.22
C SER A 308 -6.00 -32.48 36.54
N ASN A 309 -5.13 -33.46 36.79
CA ASN A 309 -5.55 -34.77 37.26
C ASN A 309 -5.69 -34.84 38.77
N LYS A 310 -5.13 -33.86 39.49
CA LYS A 310 -5.16 -33.81 40.94
C LYS A 310 -4.84 -32.40 41.37
N LEU A 311 -5.49 -31.95 42.45
CA LEU A 311 -5.28 -30.60 43.00
C LEU A 311 -5.30 -30.72 44.53
N VAL A 312 -4.24 -31.29 45.07
CA VAL A 312 -4.21 -31.69 46.47
C VAL A 312 -3.68 -30.54 47.32
N LEU A 313 -4.55 -29.96 48.15
CA LEU A 313 -4.14 -29.00 49.16
C LEU A 313 -3.54 -29.75 50.36
N ALA A 314 -2.88 -29.01 51.23
CA ALA A 314 -2.26 -29.57 52.43
C ALA A 314 -3.02 -29.09 53.65
N THR A 315 -3.76 -30.00 54.29
CA THR A 315 -4.52 -29.67 55.49
C THR A 315 -3.79 -30.06 56.77
N GLY A 316 -2.56 -30.58 56.67
CA GLY A 316 -1.84 -31.03 57.84
C GLY A 316 -0.40 -30.59 57.89
N LEU A 317 0.50 -31.53 58.13
CA LEU A 317 1.93 -31.23 58.28
C LEU A 317 2.74 -32.41 57.79
N ARG A 318 4.06 -32.23 57.73
CA ARG A 318 4.94 -33.21 57.13
C ARG A 318 4.95 -34.52 57.90
N ASN A 319 5.25 -35.60 57.20
CA ASN A 319 5.44 -36.91 57.81
C ASN A 319 6.90 -37.34 57.71
N SER A 320 7.28 -38.25 58.60
CA SER A 320 8.62 -38.80 58.62
C SER A 320 8.60 -40.28 58.27
N ALA A 336 12.95 -30.04 56.40
CA ALA A 336 13.87 -30.23 57.51
C ALA A 336 13.93 -28.99 58.40
N GLY A 337 14.26 -29.18 59.67
CA GLY A 337 14.35 -28.06 60.59
C GLY A 337 15.09 -28.45 61.84
N PHE A 338 14.99 -27.58 62.86
CA PHE A 338 15.64 -27.88 64.14
C PHE A 338 15.03 -29.13 64.78
N ILE A 339 13.74 -29.36 64.57
CA ILE A 339 13.09 -30.57 65.02
C ILE A 339 13.25 -31.60 63.89
N GLU A 340 14.12 -32.58 64.11
CA GLU A 340 14.60 -33.42 63.03
C GLU A 340 13.48 -34.29 62.44
N GLY A 341 12.64 -34.88 63.29
CA GLY A 341 11.59 -35.77 62.83
C GLY A 341 10.30 -35.54 63.58
N GLY A 342 9.31 -36.36 63.24
CA GLY A 342 8.00 -36.30 63.85
C GLY A 342 7.77 -37.48 64.77
N TRP A 343 6.94 -37.28 65.79
CA TRP A 343 6.66 -38.30 66.79
C TRP A 343 5.37 -39.03 66.39
N GLN A 344 5.51 -40.30 66.01
CA GLN A 344 4.34 -41.09 65.64
C GLN A 344 3.43 -41.34 66.84
N GLY A 345 3.99 -41.42 68.04
CA GLY A 345 3.21 -41.76 69.22
C GLY A 345 2.24 -40.68 69.67
N MET A 346 2.47 -39.43 69.26
CA MET A 346 1.56 -38.35 69.60
C MET A 346 0.24 -38.54 68.85
N VAL A 347 -0.87 -38.55 69.59
CA VAL A 347 -2.16 -38.87 68.97
C VAL A 347 -3.17 -37.73 69.10
N ASP A 348 -3.07 -36.90 70.14
CA ASP A 348 -4.12 -35.94 70.43
C ASP A 348 -3.83 -34.54 69.91
N GLY A 349 -2.71 -34.33 69.23
CA GLY A 349 -2.40 -32.99 68.74
C GLY A 349 -1.34 -32.99 67.67
N TRP A 350 -1.35 -31.91 66.88
CA TRP A 350 -0.32 -31.72 65.87
C TRP A 350 1.01 -31.29 66.49
N TYR A 351 0.96 -30.37 67.45
CA TYR A 351 2.15 -29.89 68.14
C TYR A 351 2.12 -30.37 69.59
N GLY A 352 3.26 -30.80 70.11
CA GLY A 352 3.27 -31.33 71.46
C GLY A 352 4.64 -31.38 72.10
N TYR A 353 4.63 -31.76 73.38
CA TYR A 353 5.83 -31.85 74.20
C TYR A 353 6.14 -33.31 74.52
N HIS A 354 7.42 -33.58 74.80
CA HIS A 354 7.87 -34.88 75.28
C HIS A 354 8.58 -34.70 76.61
N HIS A 355 8.03 -35.29 77.67
CA HIS A 355 8.56 -35.17 79.02
C HIS A 355 9.38 -36.41 79.34
N SER A 356 10.65 -36.22 79.67
CA SER A 356 11.52 -37.33 80.06
C SER A 356 12.10 -37.04 81.45
N ASN A 357 11.71 -37.86 82.42
CA ASN A 357 12.24 -37.76 83.77
C ASN A 357 12.19 -39.15 84.41
N GLU A 358 12.60 -39.21 85.68
CA GLU A 358 12.64 -40.49 86.39
C GLU A 358 11.26 -41.13 86.47
N GLN A 359 10.23 -40.33 86.73
CA GLN A 359 8.88 -40.87 86.88
C GLN A 359 8.41 -41.52 85.58
N GLY A 360 8.66 -40.89 84.44
CA GLY A 360 8.26 -41.48 83.17
C GLY A 360 8.68 -40.62 82.02
N SER A 361 8.64 -41.22 80.83
CA SER A 361 8.91 -40.53 79.57
C SER A 361 7.72 -40.75 78.64
N GLY A 362 7.15 -39.66 78.12
CA GLY A 362 5.95 -39.80 77.32
C GLY A 362 5.71 -38.62 76.40
N TYR A 363 4.70 -38.78 75.55
CA TYR A 363 4.27 -37.76 74.60
C TYR A 363 3.01 -37.09 75.13
N ALA A 364 3.04 -35.76 75.23
CA ALA A 364 1.87 -34.97 75.64
C ALA A 364 1.73 -33.80 74.69
N ALA A 365 0.62 -33.77 73.96
CA ALA A 365 0.41 -32.75 72.93
C ALA A 365 -0.07 -31.44 73.54
N ASP A 366 0.08 -30.37 72.76
CA ASP A 366 -0.33 -29.03 73.16
C ASP A 366 -1.54 -28.60 72.35
N LYS A 367 -2.72 -28.67 72.96
CA LYS A 367 -3.86 -27.99 72.39
C LYS A 367 -3.81 -26.52 72.77
N GLU A 368 -4.71 -25.72 72.19
CA GLU A 368 -4.66 -24.26 72.15
C GLU A 368 -3.52 -23.76 71.27
N SER A 369 -2.68 -24.65 70.76
CA SER A 369 -1.80 -24.40 69.64
C SER A 369 -2.19 -25.23 68.42
N THR A 370 -2.46 -26.51 68.63
CA THR A 370 -3.00 -27.34 67.56
C THR A 370 -4.37 -26.86 67.13
N GLN A 371 -5.20 -26.44 68.08
CA GLN A 371 -6.56 -26.01 67.76
C GLN A 371 -6.56 -24.76 66.89
N LYS A 372 -5.70 -23.80 67.17
CA LYS A 372 -5.59 -22.63 66.32
C LYS A 372 -5.12 -23.02 64.92
N ALA A 373 -4.26 -24.02 64.84
CA ALA A 373 -3.78 -24.48 63.55
C ALA A 373 -4.89 -25.18 62.75
N ILE A 374 -5.60 -26.10 63.40
CA ILE A 374 -6.61 -26.87 62.66
C ILE A 374 -7.72 -25.95 62.16
N ASP A 375 -8.11 -24.96 62.96
CA ASP A 375 -9.11 -24.01 62.51
C ASP A 375 -8.58 -23.14 61.37
N GLY A 376 -7.33 -22.70 61.47
CA GLY A 376 -6.77 -21.83 60.45
C GLY A 376 -6.60 -22.52 59.11
N VAL A 377 -6.01 -23.71 59.11
CA VAL A 377 -5.85 -24.45 57.86
C VAL A 377 -7.22 -24.86 57.30
N THR A 378 -8.18 -25.16 58.16
CA THR A 378 -9.53 -25.46 57.69
C THR A 378 -10.16 -24.24 57.03
N ASN A 379 -9.97 -23.06 57.62
CA ASN A 379 -10.51 -21.84 57.02
C ASN A 379 -9.86 -21.54 55.68
N LYS A 380 -8.56 -21.85 55.53
CA LYS A 380 -7.90 -21.70 54.25
C LYS A 380 -8.57 -22.55 53.18
N VAL A 381 -8.73 -23.84 53.46
CA VAL A 381 -9.39 -24.73 52.50
C VAL A 381 -10.78 -24.22 52.18
N ASN A 382 -11.53 -23.79 53.19
CA ASN A 382 -12.89 -23.35 52.97
C ASN A 382 -12.94 -22.00 52.27
N SER A 383 -11.97 -21.12 52.53
CA SER A 383 -11.90 -19.87 51.77
C SER A 383 -11.60 -20.15 50.31
N ILE A 384 -10.71 -21.11 50.04
CA ILE A 384 -10.43 -21.49 48.65
C ILE A 384 -11.66 -22.08 47.99
N ILE A 385 -12.43 -22.87 48.74
CA ILE A 385 -13.57 -23.55 48.15
C ILE A 385 -14.74 -22.60 47.95
N ASP A 386 -14.97 -21.68 48.89
CA ASP A 386 -16.20 -20.88 48.87
C ASP A 386 -16.08 -19.55 48.16
N LYS A 387 -14.89 -18.95 48.10
CA LYS A 387 -14.80 -17.63 47.47
C LYS A 387 -15.09 -17.69 45.98
N MET A 388 -15.00 -18.87 45.36
CA MET A 388 -15.61 -19.11 44.06
C MET A 388 -17.05 -19.59 44.22
N ASN A 389 -17.84 -18.78 44.90
CA ASN A 389 -19.29 -18.91 44.81
C ASN A 389 -19.86 -18.11 43.66
N THR A 390 -18.99 -17.72 42.71
CA THR A 390 -19.25 -17.08 41.44
C THR A 390 -19.87 -18.00 40.42
N GLN A 391 -20.17 -19.22 40.88
CA GLN A 391 -20.81 -20.22 40.02
C GLN A 391 -22.05 -19.63 39.36
N PHE A 392 -22.08 -19.69 38.04
CA PHE A 392 -23.13 -19.11 37.22
C PHE A 392 -23.80 -20.21 36.41
N GLU A 393 -24.97 -19.90 35.85
CA GLU A 393 -25.57 -20.79 34.87
C GLU A 393 -24.83 -20.66 33.55
N ALA A 394 -24.44 -21.80 32.98
CA ALA A 394 -23.63 -21.80 31.76
C ALA A 394 -23.89 -23.08 30.98
N VAL A 395 -23.51 -23.06 29.70
CA VAL A 395 -23.83 -24.14 28.76
C VAL A 395 -22.74 -24.24 27.69
N GLY A 396 -22.77 -25.33 26.92
CA GLY A 396 -22.07 -25.43 25.66
C GLY A 396 -22.89 -24.79 24.54
N ARG A 397 -22.48 -25.05 23.30
CA ARG A 397 -23.11 -24.33 22.19
C ARG A 397 -23.11 -25.15 20.90
N GLU A 398 -23.82 -24.61 19.91
CA GLU A 398 -24.05 -25.25 18.62
C GLU A 398 -24.02 -24.20 17.51
N PHE A 399 -23.17 -24.42 16.51
CA PHE A 399 -23.02 -23.54 15.35
C PHE A 399 -22.96 -24.43 14.12
N ASN A 400 -23.42 -23.92 12.98
CA ASN A 400 -23.54 -24.77 11.79
C ASN A 400 -22.22 -24.81 11.02
N ASN A 401 -22.24 -25.40 9.83
CA ASN A 401 -21.04 -25.61 9.03
C ASN A 401 -20.61 -24.37 8.25
N LEU A 402 -21.42 -23.32 8.23
CA LEU A 402 -21.00 -22.03 7.70
C LEU A 402 -20.83 -21.00 8.80
N GLU A 403 -20.66 -21.44 10.04
CA GLU A 403 -20.37 -20.59 11.19
C GLU A 403 -19.12 -21.07 11.91
N ARG A 404 -18.19 -21.68 11.17
CA ARG A 404 -17.00 -22.27 11.79
C ARG A 404 -16.11 -21.21 12.43
N ARG A 405 -16.14 -19.99 11.91
CA ARG A 405 -15.34 -18.91 12.50
C ARG A 405 -15.88 -18.52 13.86
N ILE A 406 -17.20 -18.47 14.01
CA ILE A 406 -17.80 -18.21 15.31
C ILE A 406 -17.49 -19.35 16.25
N GLU A 407 -17.42 -20.58 15.73
CA GLU A 407 -17.06 -21.73 16.56
C GLU A 407 -15.68 -21.57 17.16
N ASN A 408 -14.73 -21.08 16.37
CA ASN A 408 -13.36 -20.92 16.87
C ASN A 408 -13.31 -19.89 17.99
N LEU A 409 -14.08 -18.81 17.87
CA LEU A 409 -14.21 -17.87 18.98
C LEU A 409 -14.65 -18.58 20.26
N ASN A 410 -15.62 -19.49 20.14
CA ASN A 410 -16.03 -20.27 21.30
C ASN A 410 -14.90 -21.16 21.80
N LYS A 411 -14.25 -21.88 20.89
CA LYS A 411 -13.16 -22.76 21.30
C LYS A 411 -12.02 -21.99 21.95
N LYS A 412 -11.68 -20.82 21.39
CA LYS A 412 -10.58 -20.05 21.95
C LYS A 412 -10.96 -19.46 23.30
N MET A 413 -12.22 -19.04 23.45
CA MET A 413 -12.69 -18.56 24.76
C MET A 413 -12.69 -19.69 25.79
N GLU A 414 -13.25 -20.84 25.41
CA GLU A 414 -13.30 -21.97 26.33
C GLU A 414 -11.90 -22.46 26.67
N ASP A 415 -11.01 -22.52 25.67
CA ASP A 415 -9.64 -22.96 25.93
C ASP A 415 -8.87 -21.91 26.72
N GLY A 416 -9.09 -20.62 26.42
CA GLY A 416 -8.40 -19.57 27.14
C GLY A 416 -8.80 -19.52 28.61
N PHE A 417 -10.09 -19.72 28.89
CA PHE A 417 -10.53 -19.77 30.29
C PHE A 417 -9.98 -21.01 30.98
N LEU A 418 -9.91 -22.14 30.26
CA LEU A 418 -9.32 -23.35 30.81
C LEU A 418 -7.89 -23.10 31.26
N ASP A 419 -7.07 -22.51 30.39
CA ASP A 419 -5.67 -22.30 30.72
C ASP A 419 -5.51 -21.26 31.83
N VAL A 420 -6.44 -20.32 31.95
CA VAL A 420 -6.40 -19.38 33.07
C VAL A 420 -6.59 -20.13 34.38
N TRP A 421 -7.65 -20.92 34.48
CA TRP A 421 -7.97 -21.60 35.73
C TRP A 421 -6.92 -22.64 36.08
N THR A 422 -6.47 -23.43 35.10
CA THR A 422 -5.52 -24.50 35.38
C THR A 422 -4.22 -23.94 35.93
N TYR A 423 -3.71 -22.86 35.35
CA TYR A 423 -2.50 -22.24 35.86
C TYR A 423 -2.74 -21.63 37.24
N ASN A 424 -3.81 -20.83 37.38
CA ASN A 424 -4.07 -20.17 38.64
C ASN A 424 -4.32 -21.17 39.76
N ALA A 425 -5.07 -22.23 39.48
CA ALA A 425 -5.41 -23.20 40.52
C ALA A 425 -4.16 -23.93 41.02
N GLU A 426 -3.35 -24.45 40.09
CA GLU A 426 -2.18 -25.21 40.50
C GLU A 426 -1.19 -24.32 41.26
N LEU A 427 -0.93 -23.12 40.75
CA LEU A 427 -0.04 -22.21 41.48
C LEU A 427 -0.58 -21.89 42.86
N LEU A 428 -1.88 -21.61 42.95
CA LEU A 428 -2.51 -21.42 44.26
C LEU A 428 -2.21 -22.59 45.19
N VAL A 429 -2.42 -23.81 44.70
CA VAL A 429 -2.13 -25.00 45.50
C VAL A 429 -0.65 -25.03 45.86
N LEU A 430 0.22 -24.78 44.89
CA LEU A 430 1.66 -24.81 45.16
C LEU A 430 2.08 -23.68 46.09
N MET A 431 1.61 -22.46 45.82
CA MET A 431 1.95 -21.33 46.68
C MET A 431 1.41 -21.53 48.10
N GLU A 432 0.13 -21.84 48.23
CA GLU A 432 -0.48 -21.88 49.56
C GLU A 432 -0.04 -23.10 50.36
N ASN A 433 0.25 -24.22 49.70
CA ASN A 433 0.73 -25.39 50.44
C ASN A 433 2.08 -25.11 51.09
N GLU A 434 2.96 -24.36 50.40
CA GLU A 434 4.19 -23.92 51.03
C GLU A 434 3.93 -23.11 52.29
N ARG A 435 2.99 -22.17 52.22
CA ARG A 435 2.71 -21.32 53.37
C ARG A 435 2.13 -22.13 54.52
N THR A 436 1.32 -23.14 54.21
CA THR A 436 0.79 -24.01 55.25
C THR A 436 1.90 -24.74 55.98
N LEU A 437 2.85 -25.31 55.23
CA LEU A 437 3.91 -26.11 55.85
C LEU A 437 4.85 -25.23 56.67
N ASP A 438 5.12 -24.01 56.21
CA ASP A 438 5.95 -23.10 57.00
C ASP A 438 5.16 -22.51 58.17
N PHE A 439 3.85 -22.35 58.01
CA PHE A 439 3.01 -21.92 59.13
C PHE A 439 3.07 -22.94 60.27
N HIS A 440 3.19 -24.22 59.94
CA HIS A 440 3.38 -25.23 60.97
C HIS A 440 4.76 -25.12 61.60
N ASP A 441 5.79 -24.88 60.79
CA ASP A 441 7.14 -24.72 61.33
C ASP A 441 7.27 -23.46 62.17
N SER A 442 6.54 -22.39 61.82
CA SER A 442 6.55 -21.20 62.66
C SER A 442 5.78 -21.43 63.95
N ASN A 443 4.69 -22.22 63.89
CA ASN A 443 3.87 -22.44 65.08
C ASN A 443 4.62 -23.25 66.13
N VAL A 444 5.42 -24.23 65.71
CA VAL A 444 6.12 -25.07 66.67
C VAL A 444 7.28 -24.31 67.32
N LYS A 445 7.97 -23.46 66.55
CA LYS A 445 9.04 -22.66 67.13
C LYS A 445 8.51 -21.73 68.20
N ASN A 446 7.30 -21.20 68.00
CA ASN A 446 6.69 -20.36 69.02
C ASN A 446 6.44 -21.13 70.31
N LEU A 447 6.12 -22.43 70.21
CA LEU A 447 6.01 -23.27 71.40
C LEU A 447 7.39 -23.52 72.03
N TYR A 448 8.39 -23.81 71.19
CA TYR A 448 9.75 -24.00 71.71
C TYR A 448 10.27 -22.71 72.34
N ASP A 449 10.00 -21.57 71.70
CA ASP A 449 10.45 -20.30 72.26
C ASP A 449 9.67 -19.93 73.52
N LYS A 450 8.43 -20.38 73.64
CA LYS A 450 7.67 -20.12 74.86
C LYS A 450 8.20 -20.95 76.03
N VAL A 451 8.54 -22.22 75.78
CA VAL A 451 9.14 -23.05 76.81
C VAL A 451 10.50 -22.50 77.22
N ARG A 452 11.35 -22.22 76.22
CA ARG A 452 12.55 -21.45 76.49
C ARG A 452 12.13 -20.03 76.87
N LEU A 453 13.11 -19.19 77.22
CA LEU A 453 12.84 -17.85 77.74
C LEU A 453 12.08 -17.93 79.07
N GLN A 454 11.81 -19.16 79.53
CA GLN A 454 11.21 -19.42 80.83
C GLN A 454 12.08 -20.33 81.69
N LEU A 455 13.09 -20.98 81.11
CA LEU A 455 13.96 -21.89 81.82
C LEU A 455 15.41 -21.80 81.34
N ARG A 456 15.77 -20.71 80.64
CA ARG A 456 17.08 -20.59 79.98
C ARG A 456 18.24 -21.09 80.83
N ASP A 457 18.32 -20.63 82.08
CA ASP A 457 19.46 -20.99 82.92
C ASP A 457 19.41 -22.44 83.37
N ASN A 458 18.22 -22.99 83.58
CA ASN A 458 18.09 -24.31 84.18
C ASN A 458 18.29 -25.46 83.19
N ALA A 459 18.26 -25.21 81.88
CA ALA A 459 18.40 -26.29 80.92
C ALA A 459 19.29 -25.87 79.75
N LYS A 460 19.95 -26.85 79.15
CA LYS A 460 20.85 -26.63 78.03
C LYS A 460 20.08 -26.73 76.72
N GLU A 461 20.17 -25.68 75.90
CA GLU A 461 19.49 -25.63 74.60
C GLU A 461 20.31 -26.49 73.64
N LEU A 462 20.06 -27.81 73.70
CA LEU A 462 20.83 -28.76 72.90
C LEU A 462 20.68 -28.51 71.41
N GLY A 463 19.58 -27.90 70.98
CA GLY A 463 19.32 -27.71 69.56
C GLY A 463 18.74 -28.91 68.87
N ASN A 464 18.54 -30.01 69.58
CA ASN A 464 17.88 -31.20 69.06
C ASN A 464 16.36 -31.07 69.09
N GLY A 465 15.86 -29.86 69.27
CA GLY A 465 14.49 -29.66 69.70
C GLY A 465 14.28 -29.93 71.18
N CYS A 466 15.36 -30.10 71.94
CA CYS A 466 15.28 -30.54 73.32
C CYS A 466 16.08 -29.61 74.22
N PHE A 467 15.73 -29.62 75.51
CA PHE A 467 16.42 -28.86 76.54
C PHE A 467 16.97 -29.84 77.57
N GLU A 468 18.27 -29.76 77.85
CA GLU A 468 18.86 -30.63 78.87
C GLU A 468 18.62 -30.04 80.25
N PHE A 469 17.57 -30.51 80.92
CA PHE A 469 17.18 -30.03 82.25
C PHE A 469 18.29 -30.38 83.24
N TYR A 470 19.10 -29.38 83.62
CA TYR A 470 20.06 -29.60 84.70
C TYR A 470 19.34 -29.98 85.99
N HIS A 471 18.35 -29.18 86.38
CA HIS A 471 17.52 -29.50 87.53
C HIS A 471 16.57 -30.64 87.19
N LYS A 472 16.55 -31.66 88.05
CA LYS A 472 15.65 -32.79 87.85
C LYS A 472 14.21 -32.34 88.05
N CYS A 473 13.40 -32.48 87.00
CA CYS A 473 12.02 -32.02 86.99
C CYS A 473 11.08 -33.21 87.15
N ASP A 474 10.13 -33.10 88.08
CA ASP A 474 9.13 -34.14 88.25
C ASP A 474 7.98 -33.93 87.27
N ASN A 475 7.00 -34.83 87.30
CA ASN A 475 5.86 -34.72 86.39
C ASN A 475 5.07 -33.44 86.62
N GLU A 476 5.16 -32.85 87.81
CA GLU A 476 4.37 -31.66 88.10
C GLU A 476 4.94 -30.42 87.41
N CYS A 477 6.27 -30.25 87.42
CA CYS A 477 6.84 -29.10 86.73
C CYS A 477 6.78 -29.25 85.22
N MET A 478 6.68 -30.49 84.72
CA MET A 478 6.42 -30.69 83.30
C MET A 478 5.11 -30.02 82.89
N GLU A 479 4.04 -30.27 83.66
CA GLU A 479 2.78 -29.57 83.40
C GLU A 479 2.89 -28.08 83.67
N SER A 480 3.76 -27.68 84.60
CA SER A 480 3.97 -26.26 84.86
C SER A 480 4.71 -25.59 83.71
N VAL A 481 5.70 -26.26 83.14
CA VAL A 481 6.36 -25.77 81.93
C VAL A 481 5.36 -25.70 80.78
N ARG A 482 4.50 -26.71 80.66
CA ARG A 482 3.43 -26.69 79.67
C ARG A 482 2.52 -25.49 79.89
N ASN A 483 2.16 -25.21 81.14
CA ASN A 483 1.34 -24.06 81.49
C ASN A 483 2.14 -22.77 81.60
N GLY A 484 3.45 -22.81 81.38
CA GLY A 484 4.27 -21.62 81.51
C GLY A 484 4.40 -21.10 82.93
N THR A 485 4.17 -21.95 83.93
CA THR A 485 4.27 -21.54 85.32
C THR A 485 5.46 -22.21 86.00
N TYR A 486 6.64 -22.06 85.40
CA TYR A 486 7.89 -22.57 85.96
C TYR A 486 8.59 -21.44 86.68
N ASP A 487 8.87 -21.62 87.97
CA ASP A 487 9.58 -20.63 88.78
C ASP A 487 11.02 -21.10 88.93
N TYR A 488 11.95 -20.44 88.24
CA TYR A 488 13.33 -20.91 88.24
C TYR A 488 14.04 -20.69 89.58
N PRO A 489 13.68 -19.69 90.40
CA PRO A 489 14.19 -19.68 91.79
C PRO A 489 13.86 -20.94 92.57
N GLN A 490 12.63 -21.43 92.44
CA GLN A 490 12.21 -22.65 93.13
C GLN A 490 13.13 -23.82 92.83
N TYR A 491 13.72 -23.86 91.63
CA TYR A 491 14.54 -24.98 91.20
C TYR A 491 15.97 -24.54 90.86
N SER A 492 16.42 -23.40 91.40
CA SER A 492 17.59 -22.72 90.86
C SER A 492 18.88 -23.49 91.11
N GLU A 493 19.14 -23.88 92.35
CA GLU A 493 20.47 -24.37 92.70
C GLU A 493 20.72 -25.82 92.32
N GLU A 494 19.68 -26.67 92.34
CA GLU A 494 19.88 -28.05 91.90
C GLU A 494 20.47 -28.10 90.49
N ALA A 495 20.11 -27.12 89.65
CA ALA A 495 20.73 -26.97 88.34
C ALA A 495 22.13 -26.37 88.44
N ARG A 496 22.33 -25.44 89.39
CA ARG A 496 23.62 -24.78 89.50
C ARG A 496 24.73 -25.76 89.90
N LEU A 497 24.38 -26.84 90.60
CA LEU A 497 25.40 -27.83 90.96
C LEU A 497 25.90 -28.56 89.73
N LYS A 498 25.01 -28.91 88.81
CA LYS A 498 25.44 -29.44 87.51
C LYS A 498 26.15 -28.36 86.70
N ARG A 499 25.71 -27.11 86.82
CA ARG A 499 26.46 -25.98 86.30
C ARG A 499 27.69 -25.76 87.18
N GLU A 500 28.46 -24.72 86.87
CA GLU A 500 29.68 -24.46 87.65
C GLU A 500 29.52 -23.24 88.55
N ASP B 1 38.70 -11.57 67.86
CA ASP B 1 38.57 -12.69 66.93
C ASP B 1 37.10 -13.06 66.77
N GLN B 2 36.68 -13.38 65.56
CA GLN B 2 35.26 -13.43 65.26
C GLN B 2 34.96 -14.40 64.12
N ILE B 3 33.76 -14.99 64.18
CA ILE B 3 33.16 -15.73 63.08
C ILE B 3 31.85 -15.02 62.72
N CYS B 4 31.42 -15.19 61.47
CA CYS B 4 30.32 -14.38 60.95
C CYS B 4 29.37 -15.23 60.11
N ILE B 5 28.18 -14.67 59.88
CA ILE B 5 27.14 -15.27 59.05
C ILE B 5 26.66 -14.22 58.06
N GLY B 6 26.57 -14.59 56.78
CA GLY B 6 26.18 -13.63 55.77
C GLY B 6 25.81 -14.31 54.48
N TYR B 7 25.66 -13.50 53.43
CA TYR B 7 25.29 -14.01 52.12
C TYR B 7 26.20 -13.46 51.02
N HIS B 8 26.09 -14.08 49.85
CA HIS B 8 26.97 -13.88 48.71
C HIS B 8 26.59 -12.62 47.93
N ALA B 9 27.58 -12.02 47.28
CA ALA B 9 27.37 -10.83 46.47
C ALA B 9 28.28 -10.88 45.24
N ASN B 10 27.89 -10.17 44.19
CA ASN B 10 28.64 -10.19 42.93
C ASN B 10 28.51 -8.83 42.26
N ASN B 11 28.76 -8.81 40.95
CA ASN B 11 28.66 -7.59 40.14
C ASN B 11 27.27 -7.40 39.55
N SER B 12 26.34 -8.30 39.83
CA SER B 12 25.07 -8.32 39.13
C SER B 12 24.30 -7.02 39.34
N THR B 13 23.90 -6.40 38.24
CA THR B 13 23.09 -5.20 38.26
C THR B 13 21.60 -5.48 38.05
N GLU B 14 21.22 -6.76 37.98
CA GLU B 14 19.83 -7.12 37.74
C GLU B 14 18.93 -6.58 38.84
N GLN B 15 17.88 -5.87 38.45
CA GLN B 15 16.91 -5.31 39.38
C GLN B 15 15.59 -6.04 39.24
N VAL B 16 14.98 -6.38 40.38
CA VAL B 16 13.65 -6.96 40.42
C VAL B 16 12.80 -6.09 41.33
N ASP B 17 11.50 -6.36 41.32
CA ASP B 17 10.56 -5.72 42.22
C ASP B 17 9.87 -6.77 43.07
N THR B 18 9.44 -6.37 44.26
CA THR B 18 8.58 -7.18 45.11
C THR B 18 7.26 -6.45 45.32
N ILE B 19 6.37 -7.07 46.08
CA ILE B 19 5.09 -6.42 46.36
C ILE B 19 5.29 -5.23 47.28
N MET B 20 6.25 -5.30 48.21
CA MET B 20 6.49 -4.22 49.15
C MET B 20 7.70 -3.36 48.79
N GLU B 21 8.66 -3.89 48.04
CA GLU B 21 9.90 -3.21 47.76
C GLU B 21 10.10 -3.10 46.26
N LYS B 22 10.55 -1.93 45.81
CA LYS B 22 10.77 -1.66 44.39
C LYS B 22 12.25 -1.42 44.14
N ASN B 23 12.71 -1.86 42.96
CA ASN B 23 14.09 -1.68 42.50
C ASN B 23 15.09 -2.23 43.52
N VAL B 24 15.04 -3.55 43.69
CA VAL B 24 15.98 -4.26 44.55
C VAL B 24 16.94 -5.05 43.66
N THR B 25 18.24 -4.79 43.84
CA THR B 25 19.27 -5.42 43.04
C THR B 25 19.60 -6.80 43.58
N VAL B 26 19.59 -7.81 42.69
CA VAL B 26 19.78 -9.20 43.15
C VAL B 26 21.05 -9.82 42.55
N THR B 27 21.47 -10.97 43.09
CA THR B 27 22.70 -11.63 42.64
C THR B 27 22.41 -12.47 41.44
N HIS B 28 21.32 -13.23 41.49
CA HIS B 28 20.91 -14.06 40.33
C HIS B 28 19.44 -13.79 40.04
N ALA B 29 19.04 -13.89 38.77
CA ALA B 29 17.66 -13.62 38.36
C ALA B 29 17.32 -14.46 37.14
N GLN B 30 16.02 -14.47 36.82
CA GLN B 30 15.50 -15.20 35.67
C GLN B 30 14.26 -14.49 35.15
N ASP B 31 14.27 -14.15 33.87
CA ASP B 31 13.10 -13.55 33.22
C ASP B 31 12.23 -14.66 32.64
N ILE B 32 10.96 -14.67 33.02
CA ILE B 32 10.01 -15.64 32.51
C ILE B 32 9.19 -15.08 31.35
N LEU B 33 9.66 -14.00 30.74
CA LEU B 33 9.05 -13.41 29.56
C LEU B 33 9.91 -13.67 28.35
N GLU B 34 9.31 -14.19 27.28
CA GLU B 34 10.02 -14.38 26.02
C GLU B 34 9.90 -13.10 25.20
N LYS B 35 11.05 -12.59 24.75
CA LYS B 35 11.10 -11.30 24.09
C LYS B 35 11.79 -11.36 22.74
N THR B 36 12.07 -12.56 22.22
CA THR B 36 12.82 -12.71 20.99
C THR B 36 12.11 -13.69 20.05
N HIS B 37 12.23 -13.42 18.75
CA HIS B 37 11.78 -14.30 17.70
C HIS B 37 12.90 -14.47 16.68
N ASN B 38 12.72 -15.43 15.77
CA ASN B 38 13.72 -15.69 14.75
C ASN B 38 13.60 -14.75 13.56
N GLY B 39 12.49 -14.03 13.43
CA GLY B 39 12.32 -13.11 12.32
C GLY B 39 12.01 -13.76 11.00
N LYS B 40 11.52 -15.01 11.01
CA LYS B 40 11.26 -15.76 9.80
C LYS B 40 10.00 -16.58 9.98
N LEU B 41 9.27 -16.80 8.88
CA LEU B 41 8.12 -17.68 8.90
C LEU B 41 8.57 -19.13 8.76
N CYS B 42 8.22 -19.96 9.72
CA CYS B 42 8.70 -21.33 9.78
C CYS B 42 7.55 -22.30 9.55
N ASP B 43 7.91 -23.58 9.42
CA ASP B 43 6.91 -24.63 9.40
C ASP B 43 6.26 -24.77 10.77
N LEU B 44 5.01 -25.21 10.76
CA LEU B 44 4.24 -25.41 11.99
C LEU B 44 4.18 -26.91 12.27
N ASN B 45 5.04 -27.36 13.19
CA ASN B 45 5.06 -28.76 13.63
C ASN B 45 5.35 -29.71 12.46
N GLY B 46 6.26 -29.29 11.58
CA GLY B 46 6.70 -30.13 10.49
C GLY B 46 5.93 -29.97 9.19
N VAL B 47 5.04 -28.98 9.09
CA VAL B 47 4.25 -28.77 7.89
C VAL B 47 4.49 -27.35 7.38
N LYS B 48 4.75 -27.24 6.07
CA LYS B 48 5.06 -25.97 5.46
C LYS B 48 3.79 -25.12 5.31
N PRO B 49 3.89 -23.81 5.48
CA PRO B 49 2.75 -22.95 5.16
C PRO B 49 2.60 -22.74 3.67
N LEU B 50 1.35 -22.48 3.26
CA LEU B 50 1.04 -22.09 1.89
C LEU B 50 1.22 -20.58 1.77
N ILE B 51 2.26 -20.16 1.05
CA ILE B 51 2.65 -18.76 0.98
C ILE B 51 2.16 -18.21 -0.36
N LEU B 52 1.09 -17.42 -0.32
CA LEU B 52 0.49 -16.82 -1.51
C LEU B 52 1.11 -15.43 -1.68
N LYS B 53 2.15 -15.33 -2.49
CA LYS B 53 2.89 -14.08 -2.62
C LYS B 53 2.09 -13.09 -3.47
N ASP B 54 1.69 -11.97 -2.87
CA ASP B 54 0.87 -10.96 -3.54
C ASP B 54 -0.36 -11.60 -4.19
N CYS B 55 -0.85 -12.68 -3.59
CA CYS B 55 -2.00 -13.43 -4.07
C CYS B 55 -3.03 -13.56 -2.96
N SER B 56 -4.30 -13.49 -3.34
CA SER B 56 -5.39 -13.78 -2.41
C SER B 56 -5.79 -15.24 -2.53
N VAL B 57 -6.60 -15.70 -1.58
CA VAL B 57 -7.10 -17.07 -1.66
C VAL B 57 -8.04 -17.21 -2.83
N ALA B 58 -8.80 -16.16 -3.15
CA ALA B 58 -9.68 -16.20 -4.31
C ALA B 58 -8.88 -16.26 -5.61
N GLY B 59 -7.81 -15.45 -5.71
CA GLY B 59 -6.98 -15.45 -6.90
C GLY B 59 -6.17 -16.71 -7.09
N TRP B 60 -5.92 -17.46 -6.01
CA TRP B 60 -5.26 -18.75 -6.13
C TRP B 60 -6.25 -19.86 -6.40
N LEU B 61 -7.39 -19.85 -5.69
CA LEU B 61 -8.39 -20.90 -5.87
C LEU B 61 -9.03 -20.82 -7.25
N LEU B 62 -9.70 -19.71 -7.53
CA LEU B 62 -9.96 -19.36 -8.91
C LEU B 62 -8.62 -19.10 -9.60
N GLY B 63 -8.57 -19.32 -10.90
CA GLY B 63 -7.27 -19.21 -11.54
C GLY B 63 -6.91 -17.84 -12.06
N ASN B 64 -6.55 -16.90 -11.20
CA ASN B 64 -6.12 -15.60 -11.69
C ASN B 64 -4.87 -15.79 -12.55
N PRO B 65 -4.84 -15.23 -13.77
CA PRO B 65 -3.70 -15.51 -14.67
C PRO B 65 -2.35 -15.15 -14.08
N MET B 66 -2.29 -14.06 -13.32
CA MET B 66 -1.03 -13.63 -12.71
C MET B 66 -0.78 -14.27 -11.36
N CYS B 67 -1.78 -14.92 -10.78
CA CYS B 67 -1.64 -15.59 -9.51
C CYS B 67 -1.46 -17.10 -9.66
N ASP B 68 -1.52 -17.61 -10.89
CA ASP B 68 -1.65 -19.05 -11.09
C ASP B 68 -0.32 -19.76 -10.86
N GLU B 69 0.13 -19.66 -9.62
CA GLU B 69 1.17 -20.55 -9.10
C GLU B 69 0.43 -21.84 -8.73
N PHE B 70 0.36 -22.76 -9.70
CA PHE B 70 -0.30 -24.05 -9.46
C PHE B 70 0.33 -24.75 -8.27
N ILE B 71 -0.47 -25.58 -7.60
CA ILE B 71 -0.11 -26.09 -6.28
C ILE B 71 1.10 -27.01 -6.39
N ARG B 72 2.16 -26.68 -5.65
CA ARG B 72 3.29 -27.58 -5.41
C ARG B 72 3.24 -28.20 -4.02
N VAL B 73 2.41 -27.67 -3.14
CA VAL B 73 2.26 -28.18 -1.77
C VAL B 73 0.97 -29.00 -1.71
N PRO B 74 1.05 -30.29 -1.35
CA PRO B 74 -0.20 -31.06 -1.17
C PRO B 74 -0.90 -30.72 0.13
N GLU B 75 -0.19 -30.17 1.10
CA GLU B 75 -0.72 -29.86 2.41
C GLU B 75 -0.11 -28.56 2.90
N TRP B 76 -0.72 -27.99 3.93
CA TRP B 76 -0.12 -26.82 4.59
C TRP B 76 -0.69 -26.70 5.99
N SER B 77 0.06 -26.02 6.85
CA SER B 77 -0.34 -25.80 8.23
C SER B 77 -1.11 -24.49 8.40
N TYR B 78 -0.73 -23.46 7.65
CA TYR B 78 -1.41 -22.18 7.67
C TYR B 78 -1.14 -21.48 6.35
N ILE B 79 -1.95 -20.47 6.06
CA ILE B 79 -1.82 -19.69 4.84
C ILE B 79 -1.24 -18.33 5.20
N VAL B 80 -0.25 -17.88 4.42
CA VAL B 80 0.40 -16.59 4.64
C VAL B 80 0.05 -15.68 3.48
N GLU B 81 -0.82 -14.71 3.74
CA GLU B 81 -1.23 -13.70 2.78
C GLU B 81 -0.54 -12.39 3.11
N ARG B 82 -0.48 -11.50 2.14
CA ARG B 82 -0.04 -10.15 2.43
C ARG B 82 -1.23 -9.31 2.89
N ALA B 83 -0.92 -8.16 3.50
CA ALA B 83 -1.96 -7.32 4.06
C ALA B 83 -2.95 -6.88 2.99
N ASN B 84 -2.46 -6.20 1.95
CA ASN B 84 -3.25 -5.82 0.79
C ASN B 84 -2.78 -6.63 -0.40
N PRO B 85 -3.31 -7.84 -0.61
CA PRO B 85 -2.87 -8.64 -1.76
C PRO B 85 -3.20 -7.93 -3.05
N ALA B 86 -2.39 -8.18 -4.08
CA ALA B 86 -2.36 -7.33 -5.26
C ALA B 86 -3.14 -7.89 -6.44
N ASN B 87 -3.58 -9.15 -6.39
CA ASN B 87 -4.18 -9.76 -7.58
C ASN B 87 -5.65 -10.11 -7.37
N ASP B 88 -5.98 -11.07 -6.50
CA ASP B 88 -7.38 -11.31 -6.15
C ASP B 88 -8.26 -11.54 -7.36
N LEU B 89 -9.45 -10.93 -7.36
CA LEU B 89 -10.40 -11.07 -8.45
C LEU B 89 -10.07 -10.02 -9.51
N CYS B 90 -9.52 -10.47 -10.64
CA CYS B 90 -9.16 -9.54 -11.72
C CYS B 90 -10.40 -8.92 -12.34
N TYR B 91 -11.36 -9.73 -12.73
CA TYR B 91 -12.67 -9.21 -13.12
C TYR B 91 -13.45 -8.87 -11.86
N PRO B 92 -13.93 -7.63 -11.70
CA PRO B 92 -14.56 -7.25 -10.45
C PRO B 92 -15.74 -8.16 -10.11
N GLY B 93 -15.87 -8.48 -8.84
CA GLY B 93 -16.92 -9.38 -8.41
C GLY B 93 -16.76 -9.77 -6.96
N SER B 94 -17.18 -10.99 -6.65
CA SER B 94 -17.19 -11.45 -5.27
C SER B 94 -17.09 -12.97 -5.24
N LEU B 95 -16.72 -13.49 -4.06
CA LEU B 95 -16.70 -14.91 -3.79
C LEU B 95 -17.53 -15.15 -2.54
N ASN B 96 -18.60 -15.94 -2.66
CA ASN B 96 -19.54 -16.14 -1.56
C ASN B 96 -18.87 -16.87 -0.40
N ASP B 97 -19.15 -16.40 0.82
CA ASP B 97 -18.55 -16.95 2.04
C ASP B 97 -17.03 -17.06 1.91
N TYR B 98 -16.42 -15.97 1.42
CA TYR B 98 -14.98 -15.95 1.22
C TYR B 98 -14.24 -16.18 2.53
N GLU B 99 -14.74 -15.58 3.61
CA GLU B 99 -14.05 -15.68 4.90
C GLU B 99 -14.18 -17.08 5.49
N GLU B 100 -15.28 -17.77 5.22
CA GLU B 100 -15.44 -19.13 5.70
C GLU B 100 -14.68 -20.13 4.84
N LEU B 101 -14.63 -19.88 3.53
CA LEU B 101 -13.74 -20.66 2.67
C LEU B 101 -12.29 -20.52 3.12
N LYS B 102 -11.88 -19.31 3.49
CA LYS B 102 -10.52 -19.10 3.94
C LYS B 102 -10.25 -19.81 5.26
N HIS B 103 -11.28 -20.01 6.08
CA HIS B 103 -11.11 -20.83 7.28
C HIS B 103 -10.95 -22.30 6.93
N LEU B 104 -11.79 -22.80 6.02
CA LEU B 104 -11.70 -24.20 5.62
C LEU B 104 -10.37 -24.49 4.95
N LEU B 105 -9.96 -23.63 4.02
CA LEU B 105 -8.72 -23.80 3.28
C LEU B 105 -7.49 -23.46 4.10
N SER B 106 -7.67 -23.01 5.33
CA SER B 106 -6.56 -22.48 6.10
C SER B 106 -5.60 -23.60 6.55
N ARG B 107 -6.13 -24.79 6.80
CA ARG B 107 -5.33 -25.98 7.09
C ARG B 107 -5.89 -27.13 6.28
N ILE B 108 -5.08 -27.69 5.38
CA ILE B 108 -5.52 -28.74 4.48
C ILE B 108 -4.51 -29.88 4.52
N ASN B 109 -5.00 -31.09 4.78
CA ASN B 109 -4.11 -32.26 4.81
C ASN B 109 -3.76 -32.76 3.42
N HIS B 110 -4.68 -32.63 2.45
CA HIS B 110 -4.36 -32.99 1.08
C HIS B 110 -5.22 -32.16 0.14
N PHE B 111 -4.58 -31.60 -0.89
CA PHE B 111 -5.21 -30.70 -1.85
C PHE B 111 -4.72 -31.10 -3.24
N GLU B 112 -5.65 -31.41 -4.14
CA GLU B 112 -5.27 -31.86 -5.47
C GLU B 112 -6.28 -31.32 -6.48
N LYS B 113 -5.78 -30.55 -7.45
CA LYS B 113 -6.63 -30.09 -8.54
C LYS B 113 -6.90 -31.24 -9.50
N ILE B 114 -8.16 -31.32 -9.96
CA ILE B 114 -8.56 -32.33 -10.93
C ILE B 114 -9.51 -31.70 -11.94
N LEU B 115 -9.45 -32.19 -13.18
CA LEU B 115 -10.37 -31.77 -14.22
C LEU B 115 -11.68 -32.51 -14.06
N ILE B 116 -12.77 -31.80 -13.77
CA ILE B 116 -14.07 -32.41 -13.54
C ILE B 116 -14.99 -32.21 -14.74
N ILE B 117 -14.95 -31.05 -15.38
CA ILE B 117 -15.71 -30.78 -16.59
C ILE B 117 -14.75 -30.34 -17.67
N PRO B 118 -14.36 -31.24 -18.58
CA PRO B 118 -13.48 -30.85 -19.67
C PRO B 118 -14.16 -29.86 -20.61
N LYS B 119 -13.35 -29.01 -21.23
CA LYS B 119 -13.87 -28.08 -22.22
C LYS B 119 -14.48 -28.81 -23.41
N SER B 120 -14.17 -30.10 -23.57
CA SER B 120 -14.83 -30.93 -24.57
C SER B 120 -16.29 -31.19 -24.25
N SER B 121 -16.74 -30.88 -23.03
CA SER B 121 -18.12 -31.10 -22.62
C SER B 121 -19.06 -30.04 -23.16
N TRP B 122 -18.54 -28.98 -23.78
CA TRP B 122 -19.35 -27.88 -24.31
C TRP B 122 -19.19 -27.83 -25.82
N PRO B 123 -20.00 -28.59 -26.57
CA PRO B 123 -19.87 -28.59 -28.03
C PRO B 123 -20.73 -27.53 -28.70
N ASN B 124 -21.75 -27.03 -27.99
CA ASN B 124 -22.67 -26.04 -28.54
C ASN B 124 -22.52 -24.69 -27.85
N HIS B 125 -21.32 -24.41 -27.34
CA HIS B 125 -20.99 -23.13 -26.74
C HIS B 125 -19.54 -22.81 -27.05
N GLU B 126 -19.19 -21.53 -26.97
CA GLU B 126 -17.85 -21.07 -27.29
C GLU B 126 -17.05 -20.96 -25.99
N THR B 127 -16.04 -21.80 -25.84
CA THR B 127 -15.19 -21.81 -24.68
C THR B 127 -13.94 -20.95 -24.86
N SER B 128 -13.74 -20.39 -26.05
CA SER B 128 -12.50 -19.68 -26.36
C SER B 128 -12.65 -18.17 -26.35
N LEU B 129 -13.86 -17.65 -26.51
CA LEU B 129 -14.06 -16.22 -26.63
C LEU B 129 -14.28 -15.52 -25.29
N GLY B 130 -14.22 -16.25 -24.18
CA GLY B 130 -14.46 -15.67 -22.88
C GLY B 130 -13.20 -15.17 -22.18
N VAL B 131 -12.73 -13.99 -22.59
CA VAL B 131 -11.54 -13.37 -21.99
C VAL B 131 -11.83 -11.89 -21.82
N SER B 132 -11.03 -11.25 -20.97
CA SER B 132 -11.22 -9.83 -20.69
C SER B 132 -9.87 -9.17 -20.47
N ALA B 133 -9.83 -7.86 -20.75
CA ALA B 133 -8.64 -7.07 -20.46
C ALA B 133 -8.46 -6.85 -18.96
N ALA B 134 -9.50 -7.10 -18.15
CA ALA B 134 -9.34 -7.04 -16.71
C ALA B 134 -8.40 -8.13 -16.21
N CYS B 135 -8.40 -9.28 -16.87
CA CYS B 135 -7.57 -10.43 -16.49
C CYS B 135 -6.51 -10.63 -17.56
N PRO B 136 -5.39 -9.94 -17.51
CA PRO B 136 -4.40 -10.04 -18.59
C PRO B 136 -3.27 -11.01 -18.28
N TYR B 137 -2.79 -11.69 -19.32
CA TYR B 137 -1.65 -12.61 -19.19
C TYR B 137 -0.70 -12.37 -20.34
N GLN B 138 0.53 -11.96 -20.02
CA GLN B 138 1.58 -11.76 -21.01
C GLN B 138 1.12 -10.83 -22.13
N GLY B 139 0.44 -9.76 -21.73
CA GLY B 139 0.02 -8.73 -22.66
C GLY B 139 -1.23 -9.02 -23.45
N ALA B 140 -2.00 -10.04 -23.07
CA ALA B 140 -3.14 -10.48 -23.86
C ALA B 140 -4.34 -10.75 -22.97
N PRO B 141 -5.55 -10.50 -23.46
CA PRO B 141 -6.75 -10.87 -22.71
C PRO B 141 -6.73 -12.33 -22.28
N SER B 142 -7.00 -12.56 -21.00
CA SER B 142 -7.11 -13.89 -20.42
C SER B 142 -8.28 -13.86 -19.45
N PHE B 143 -8.42 -14.94 -18.67
CA PHE B 143 -9.49 -15.04 -17.68
C PHE B 143 -9.04 -16.05 -16.64
N PHE B 144 -9.92 -16.34 -15.69
CA PHE B 144 -9.57 -17.30 -14.65
C PHE B 144 -9.30 -18.67 -15.25
N ARG B 145 -8.24 -19.31 -14.77
CA ARG B 145 -7.76 -20.57 -15.35
C ARG B 145 -8.70 -21.73 -15.03
N ASN B 146 -9.25 -21.76 -13.82
CA ASN B 146 -9.95 -22.93 -13.32
C ASN B 146 -11.46 -22.85 -13.54
N VAL B 147 -11.91 -21.94 -14.39
CA VAL B 147 -13.32 -21.74 -14.68
C VAL B 147 -13.42 -21.35 -16.15
N VAL B 148 -14.55 -21.66 -16.77
CA VAL B 148 -14.80 -21.35 -18.18
C VAL B 148 -15.90 -20.32 -18.26
N TRP B 149 -15.65 -19.22 -18.99
CA TRP B 149 -16.64 -18.18 -19.23
C TRP B 149 -17.32 -18.47 -20.56
N LEU B 150 -18.33 -19.33 -20.52
CA LEU B 150 -19.00 -19.76 -21.74
C LEU B 150 -19.81 -18.61 -22.32
N ILE B 151 -19.67 -18.39 -23.63
CA ILE B 151 -20.52 -17.42 -24.32
C ILE B 151 -21.23 -18.13 -25.47
N LYS B 152 -22.00 -17.40 -26.25
CA LYS B 152 -22.87 -17.99 -27.26
C LYS B 152 -22.07 -18.45 -28.49
N LYS B 153 -22.62 -19.44 -29.18
CA LYS B 153 -22.07 -19.97 -30.42
C LYS B 153 -23.16 -19.91 -31.49
N ASN B 154 -22.84 -19.31 -32.63
CA ASN B 154 -23.77 -19.21 -33.77
C ASN B 154 -25.04 -18.46 -33.38
N ASP B 155 -24.88 -17.40 -32.56
CA ASP B 155 -26.01 -16.60 -32.09
C ASP B 155 -27.06 -17.47 -31.38
N ALA B 156 -26.58 -18.46 -30.63
CA ALA B 156 -27.46 -19.38 -29.94
C ALA B 156 -26.78 -19.87 -28.67
N TYR B 157 -27.52 -19.87 -27.57
CA TYR B 157 -27.04 -20.39 -26.27
C TYR B 157 -28.05 -21.42 -25.79
N PRO B 158 -27.99 -22.64 -26.29
CA PRO B 158 -28.92 -23.68 -25.83
C PRO B 158 -28.74 -23.93 -24.33
N THR B 159 -29.85 -24.21 -23.66
CA THR B 159 -29.81 -24.37 -22.21
C THR B 159 -28.87 -25.51 -21.84
N ILE B 160 -28.02 -25.25 -20.86
CA ILE B 160 -26.99 -26.19 -20.42
C ILE B 160 -27.60 -27.13 -19.38
N LYS B 161 -27.32 -28.43 -19.52
CA LYS B 161 -27.66 -29.41 -18.49
C LYS B 161 -26.47 -30.35 -18.34
N ILE B 162 -25.76 -30.23 -17.23
CA ILE B 162 -24.53 -30.99 -17.00
C ILE B 162 -24.54 -31.49 -15.55
N SER B 163 -23.90 -32.63 -15.33
CA SER B 163 -23.83 -33.25 -14.02
C SER B 163 -22.45 -33.86 -13.81
N TYR B 164 -21.95 -33.78 -12.59
CA TYR B 164 -20.68 -34.40 -12.23
C TYR B 164 -20.86 -35.19 -10.94
N ASN B 165 -20.76 -36.52 -11.03
CA ASN B 165 -20.82 -37.39 -9.87
C ASN B 165 -19.42 -37.51 -9.29
N ASN B 166 -19.25 -37.13 -8.03
CA ASN B 166 -17.99 -37.35 -7.34
C ASN B 166 -17.74 -38.84 -7.15
N THR B 167 -16.56 -39.28 -7.59
CA THR B 167 -16.16 -40.68 -7.47
C THR B 167 -14.76 -40.80 -6.90
N ASN B 168 -14.30 -39.76 -6.19
CA ASN B 168 -12.89 -39.61 -5.85
C ASN B 168 -12.57 -39.98 -4.41
N ARG B 169 -13.53 -40.51 -3.65
CA ARG B 169 -13.27 -40.99 -2.30
C ARG B 169 -12.93 -39.83 -1.38
N GLU B 170 -12.84 -38.63 -1.94
CA GLU B 170 -12.49 -37.43 -1.20
C GLU B 170 -13.53 -36.37 -1.50
N ASP B 171 -13.64 -35.39 -0.60
CA ASP B 171 -14.54 -34.28 -0.85
C ASP B 171 -13.95 -33.34 -1.90
N LEU B 172 -14.83 -32.76 -2.71
CA LEU B 172 -14.44 -31.88 -3.80
C LEU B 172 -14.99 -30.48 -3.60
N LEU B 173 -14.08 -29.51 -3.57
CA LEU B 173 -14.46 -28.10 -3.62
C LEU B 173 -14.67 -27.71 -5.07
N ILE B 174 -15.89 -27.27 -5.39
CA ILE B 174 -16.26 -26.88 -6.74
C ILE B 174 -16.63 -25.40 -6.72
N LEU B 175 -16.20 -24.66 -7.73
CA LEU B 175 -16.49 -23.24 -7.85
C LEU B 175 -17.13 -22.97 -9.19
N TRP B 176 -18.24 -22.22 -9.17
CA TRP B 176 -18.91 -21.75 -10.37
C TRP B 176 -19.20 -20.25 -10.19
N GLY B 177 -19.84 -19.65 -11.18
CA GLY B 177 -20.09 -18.23 -11.08
C GLY B 177 -21.17 -17.77 -12.02
N ILE B 178 -21.62 -16.53 -11.79
CA ILE B 178 -22.61 -15.88 -12.63
C ILE B 178 -22.07 -14.52 -13.06
N HIS B 179 -22.24 -14.19 -14.33
CA HIS B 179 -21.82 -12.90 -14.86
C HIS B 179 -23.01 -11.95 -14.88
N HIS B 180 -22.85 -10.80 -14.24
CA HIS B 180 -23.84 -9.74 -14.26
C HIS B 180 -23.49 -8.79 -15.40
N SER B 181 -24.26 -8.84 -16.47
CA SER B 181 -24.06 -7.96 -17.62
C SER B 181 -24.61 -6.57 -17.34
N ASN B 182 -24.18 -5.60 -18.16
CA ASN B 182 -24.45 -4.20 -17.88
C ASN B 182 -25.70 -3.66 -18.58
N ASN B 183 -26.08 -4.23 -19.72
CA ASN B 183 -27.23 -3.74 -20.45
C ASN B 183 -27.83 -4.89 -21.25
N ALA B 184 -29.02 -4.65 -21.81
CA ALA B 184 -29.69 -5.68 -22.59
C ALA B 184 -28.94 -5.97 -23.88
N GLU B 185 -28.29 -4.97 -24.46
CA GLU B 185 -27.49 -5.18 -25.67
C GLU B 185 -26.31 -6.10 -25.38
N GLU B 186 -25.60 -5.86 -24.26
CA GLU B 186 -24.49 -6.72 -23.89
C GLU B 186 -24.96 -8.14 -23.62
N GLN B 187 -26.12 -8.29 -23.00
CA GLN B 187 -26.62 -9.63 -22.68
C GLN B 187 -26.88 -10.42 -23.95
N THR B 188 -27.54 -9.81 -24.94
CA THR B 188 -27.82 -10.50 -26.20
C THR B 188 -26.58 -10.64 -27.07
N ASN B 189 -25.48 -9.96 -26.75
CA ASN B 189 -24.26 -10.09 -27.54
C ASN B 189 -23.39 -11.25 -27.06
N LEU B 190 -23.25 -11.44 -25.75
CA LEU B 190 -22.43 -12.52 -25.22
C LEU B 190 -23.21 -13.82 -25.08
N TYR B 191 -24.43 -13.73 -24.59
CA TYR B 191 -25.40 -14.82 -24.58
C TYR B 191 -26.50 -14.41 -25.54
N LYS B 192 -27.45 -15.29 -25.83
CA LYS B 192 -28.52 -14.84 -26.71
C LYS B 192 -29.84 -14.65 -25.99
N ASN B 193 -30.15 -15.53 -25.06
CA ASN B 193 -31.39 -15.43 -24.32
C ASN B 193 -31.34 -14.20 -23.40
N PRO B 194 -32.39 -13.39 -23.37
CA PRO B 194 -32.33 -12.14 -22.59
C PRO B 194 -32.65 -12.34 -21.12
N THR B 195 -33.45 -13.34 -20.78
CA THR B 195 -33.75 -13.71 -19.41
C THR B 195 -33.12 -15.06 -19.12
N THR B 196 -32.22 -15.10 -18.14
CA THR B 196 -31.38 -16.26 -17.91
C THR B 196 -31.42 -16.68 -16.45
N TYR B 197 -30.81 -17.83 -16.17
CA TYR B 197 -30.82 -18.42 -14.84
C TYR B 197 -29.65 -19.38 -14.72
N ILE B 198 -29.29 -19.70 -13.49
CA ILE B 198 -28.29 -20.73 -13.19
C ILE B 198 -28.82 -21.54 -12.01
N SER B 199 -29.13 -22.80 -12.24
CA SER B 199 -29.58 -23.71 -11.20
C SER B 199 -28.46 -24.67 -10.86
N VAL B 200 -28.10 -24.74 -9.58
CA VAL B 200 -27.08 -25.65 -9.09
C VAL B 200 -27.71 -26.51 -8.00
N GLY B 201 -27.49 -27.82 -8.07
CA GLY B 201 -28.12 -28.71 -7.11
C GLY B 201 -27.32 -29.95 -6.75
N THR B 202 -27.10 -30.15 -5.45
CA THR B 202 -26.52 -31.39 -4.95
C THR B 202 -27.52 -32.07 -4.01
N SER B 203 -27.03 -32.89 -3.07
CA SER B 203 -27.92 -33.41 -2.05
C SER B 203 -28.28 -32.34 -1.02
N THR B 204 -27.36 -31.40 -0.78
CA THR B 204 -27.53 -30.37 0.24
C THR B 204 -27.63 -28.97 -0.34
N LEU B 205 -27.74 -28.83 -1.66
CA LEU B 205 -27.71 -27.52 -2.29
C LEU B 205 -28.89 -27.36 -3.23
N ASN B 206 -29.61 -26.25 -3.09
CA ASN B 206 -30.66 -25.84 -4.02
C ASN B 206 -30.45 -24.36 -4.30
N GLN B 207 -30.04 -24.03 -5.53
CA GLN B 207 -29.63 -22.68 -5.86
C GLN B 207 -30.30 -22.21 -7.15
N ARG B 208 -30.62 -20.92 -7.20
CA ARG B 208 -31.18 -20.27 -8.38
C ARG B 208 -30.56 -18.89 -8.48
N LEU B 209 -29.64 -18.70 -9.43
CA LEU B 209 -28.99 -17.42 -9.65
C LEU B 209 -29.56 -16.78 -10.91
N VAL B 210 -30.00 -15.54 -10.79
CA VAL B 210 -30.43 -14.74 -11.94
C VAL B 210 -29.49 -13.54 -12.06
N PRO B 211 -29.16 -13.10 -13.26
CA PRO B 211 -28.24 -11.97 -13.39
C PRO B 211 -28.90 -10.66 -12.97
N LYS B 212 -28.06 -9.74 -12.51
CA LYS B 212 -28.47 -8.40 -12.16
C LYS B 212 -27.94 -7.47 -13.24
N ILE B 213 -28.77 -7.20 -14.24
CA ILE B 213 -28.41 -6.32 -15.35
C ILE B 213 -28.73 -4.90 -14.90
N ALA B 214 -27.71 -4.15 -14.51
CA ALA B 214 -27.89 -2.79 -14.03
C ALA B 214 -26.59 -2.03 -14.19
N THR B 215 -26.69 -0.71 -14.15
CA THR B 215 -25.51 0.14 -14.23
C THR B 215 -24.77 0.13 -12.90
N ARG B 216 -23.47 -0.16 -12.96
CA ARG B 216 -22.62 -0.20 -11.78
C ARG B 216 -21.38 0.66 -12.03
N SER B 217 -20.58 0.85 -10.98
CA SER B 217 -19.36 1.60 -11.11
C SER B 217 -18.26 0.74 -11.72
N GLN B 218 -17.25 1.41 -12.27
CA GLN B 218 -16.20 0.76 -13.03
C GLN B 218 -15.06 0.36 -12.11
N VAL B 219 -14.81 -0.95 -12.00
CA VAL B 219 -13.67 -1.48 -11.26
C VAL B 219 -12.82 -2.30 -12.22
N ASN B 220 -11.52 -2.04 -12.20
CA ASN B 220 -10.57 -2.69 -13.12
C ASN B 220 -11.03 -2.55 -14.57
N GLY B 221 -11.60 -1.40 -14.90
CA GLY B 221 -12.00 -1.10 -16.26
C GLY B 221 -13.29 -1.71 -16.73
N GLN B 222 -13.98 -2.49 -15.88
CA GLN B 222 -15.21 -3.16 -16.26
C GLN B 222 -16.34 -2.75 -15.33
N ARG B 223 -17.51 -2.48 -15.89
CA ARG B 223 -18.71 -2.24 -15.12
C ARG B 223 -19.48 -3.52 -14.82
N GLY B 224 -19.04 -4.64 -15.36
CA GLY B 224 -19.65 -5.92 -15.04
C GLY B 224 -19.15 -6.49 -13.73
N ARG B 225 -19.86 -7.50 -13.24
CA ARG B 225 -19.49 -8.20 -12.03
C ARG B 225 -19.56 -9.70 -12.27
N MET B 226 -18.71 -10.44 -11.56
CA MET B 226 -18.74 -11.89 -11.57
C MET B 226 -18.79 -12.38 -10.12
N ASP B 227 -19.91 -12.98 -9.74
CA ASP B 227 -20.09 -13.48 -8.39
C ASP B 227 -19.91 -15.00 -8.41
N PHE B 228 -18.94 -15.48 -7.65
CA PHE B 228 -18.58 -16.89 -7.62
C PHE B 228 -19.14 -17.56 -6.38
N PHE B 229 -19.54 -18.82 -6.52
CA PHE B 229 -20.09 -19.61 -5.43
C PHE B 229 -19.38 -20.95 -5.38
N TRP B 230 -19.24 -21.49 -4.16
CA TRP B 230 -18.56 -22.75 -3.97
C TRP B 230 -19.43 -23.71 -3.18
N THR B 231 -19.07 -24.99 -3.26
CA THR B 231 -19.70 -26.04 -2.49
C THR B 231 -18.66 -27.13 -2.25
N ILE B 232 -19.00 -28.09 -1.41
CA ILE B 232 -18.14 -29.23 -1.12
C ILE B 232 -18.96 -30.48 -1.44
N LEU B 233 -18.66 -31.12 -2.57
CA LEU B 233 -19.41 -32.28 -3.02
C LEU B 233 -18.92 -33.52 -2.29
N LYS B 234 -19.79 -34.13 -1.50
CA LYS B 234 -19.43 -35.28 -0.68
C LYS B 234 -19.11 -36.49 -1.55
N PRO B 235 -18.43 -37.51 -1.00
CA PRO B 235 -17.73 -38.48 -1.85
C PRO B 235 -18.57 -39.20 -2.89
N ASP B 236 -19.86 -39.44 -2.66
CA ASP B 236 -20.71 -40.11 -3.65
C ASP B 236 -21.96 -39.30 -3.92
N ASP B 237 -21.77 -38.01 -4.18
CA ASP B 237 -22.84 -37.08 -4.50
C ASP B 237 -22.55 -36.47 -5.86
N ALA B 238 -23.59 -35.98 -6.52
CA ALA B 238 -23.44 -35.34 -7.82
C ALA B 238 -23.95 -33.91 -7.76
N ILE B 239 -23.27 -33.03 -8.48
CA ILE B 239 -23.70 -31.65 -8.66
C ILE B 239 -24.35 -31.55 -10.03
N HIS B 240 -25.45 -30.80 -10.10
CA HIS B 240 -26.21 -30.64 -11.33
C HIS B 240 -26.28 -29.16 -11.67
N PHE B 241 -25.93 -28.82 -12.91
CA PHE B 241 -25.96 -27.45 -13.37
C PHE B 241 -27.00 -27.31 -14.49
N GLU B 242 -27.63 -26.14 -14.54
CA GLU B 242 -28.55 -25.81 -15.61
C GLU B 242 -28.50 -24.30 -15.83
N SER B 243 -28.21 -23.86 -17.05
CA SER B 243 -28.04 -22.44 -17.30
C SER B 243 -28.59 -22.04 -18.65
N ASN B 244 -29.42 -21.00 -18.65
CA ASN B 244 -29.82 -20.33 -19.87
C ASN B 244 -28.70 -19.45 -20.43
N GLY B 245 -27.74 -19.09 -19.59
CA GLY B 245 -26.71 -18.14 -19.95
C GLY B 245 -26.10 -17.56 -18.70
N ASN B 246 -25.11 -16.67 -18.92
CA ASN B 246 -24.41 -15.96 -17.85
C ASN B 246 -23.69 -16.93 -16.90
N PHE B 247 -23.33 -18.11 -17.40
CA PHE B 247 -22.75 -19.17 -16.59
C PHE B 247 -21.22 -19.14 -16.69
N ILE B 248 -20.56 -19.04 -15.54
CA ILE B 248 -19.12 -19.27 -15.44
C ILE B 248 -18.95 -20.68 -14.89
N ALA B 249 -18.69 -21.64 -15.80
CA ALA B 249 -18.83 -23.06 -15.53
C ALA B 249 -17.56 -23.62 -14.88
N PRO B 250 -17.71 -24.55 -13.92
CA PRO B 250 -16.53 -25.19 -13.35
C PRO B 250 -15.81 -26.03 -14.39
N GLU B 251 -14.51 -25.76 -14.55
CA GLU B 251 -13.64 -26.64 -15.35
C GLU B 251 -12.79 -27.53 -14.44
N TYR B 252 -12.05 -26.91 -13.53
CA TYR B 252 -11.20 -27.62 -12.58
C TYR B 252 -11.80 -27.51 -11.19
N ALA B 253 -11.69 -28.58 -10.41
CA ALA B 253 -12.12 -28.59 -9.02
C ALA B 253 -10.96 -29.10 -8.17
N TYR B 254 -11.12 -28.96 -6.86
CA TYR B 254 -10.07 -29.32 -5.92
C TYR B 254 -10.52 -30.45 -5.01
N LYS B 255 -9.63 -31.40 -4.77
CA LYS B 255 -9.83 -32.41 -3.75
C LYS B 255 -9.47 -31.83 -2.40
N ILE B 256 -10.36 -31.99 -1.42
CA ILE B 256 -10.12 -31.50 -0.06
C ILE B 256 -10.25 -32.65 0.91
N VAL B 257 -9.22 -32.85 1.73
CA VAL B 257 -9.35 -33.58 2.98
C VAL B 257 -8.92 -32.63 4.10
N LYS B 258 -9.72 -32.56 5.16
CA LYS B 258 -9.57 -31.55 6.19
C LYS B 258 -9.58 -32.22 7.55
N LYS B 259 -8.53 -31.99 8.34
CA LYS B 259 -8.40 -32.58 9.66
C LYS B 259 -8.13 -31.56 10.75
N GLY B 260 -7.81 -30.31 10.41
CA GLY B 260 -7.54 -29.29 11.40
C GLY B 260 -7.85 -27.89 10.91
N ASP B 261 -7.79 -26.93 11.85
CA ASP B 261 -8.05 -25.52 11.60
C ASP B 261 -6.87 -24.69 12.07
N SER B 262 -6.48 -23.70 11.26
CA SER B 262 -5.40 -22.77 11.61
C SER B 262 -5.47 -21.56 10.70
N THR B 263 -5.65 -20.40 11.31
CA THR B 263 -6.07 -19.17 10.65
C THR B 263 -5.10 -18.76 9.53
N ILE B 264 -5.53 -17.75 8.78
CA ILE B 264 -4.73 -17.11 7.74
C ILE B 264 -3.95 -15.96 8.35
N MET B 265 -2.64 -15.93 8.10
CA MET B 265 -1.75 -14.93 8.68
C MET B 265 -1.40 -13.87 7.64
N LYS B 266 -1.39 -12.62 8.07
CA LYS B 266 -1.04 -11.48 7.22
C LYS B 266 0.38 -11.04 7.57
N SER B 267 1.34 -11.45 6.75
CA SER B 267 2.74 -11.18 7.04
C SER B 267 3.52 -10.99 5.74
N GLY B 268 4.45 -10.04 5.75
CA GLY B 268 5.39 -9.86 4.67
C GLY B 268 6.74 -10.50 4.91
N VAL B 269 6.87 -11.32 5.95
CA VAL B 269 8.14 -11.94 6.31
C VAL B 269 8.42 -13.10 5.36
N GLU B 270 9.70 -13.42 5.18
CA GLU B 270 10.12 -14.45 4.25
C GLU B 270 10.28 -15.79 4.96
N TYR B 271 9.98 -16.87 4.22
CA TYR B 271 10.13 -18.23 4.74
C TYR B 271 11.60 -18.53 5.04
N GLY B 272 11.83 -19.25 6.12
CA GLY B 272 13.20 -19.47 6.57
C GLY B 272 13.66 -20.91 6.65
N HIS B 273 12.88 -21.82 6.07
CA HIS B 273 13.19 -23.26 6.07
C HIS B 273 13.48 -23.76 7.49
N CYS B 274 12.56 -23.44 8.41
CA CYS B 274 12.69 -23.79 9.81
C CYS B 274 11.40 -24.45 10.27
N ASN B 275 11.39 -24.91 11.52
CA ASN B 275 10.22 -25.52 12.13
C ASN B 275 10.03 -24.96 13.53
N THR B 276 8.78 -24.67 13.88
CA THR B 276 8.43 -24.20 15.21
C THR B 276 7.09 -24.75 15.63
N LYS B 277 6.83 -24.67 16.93
CA LYS B 277 5.51 -24.94 17.48
C LYS B 277 4.67 -23.68 17.61
N CYS B 278 5.29 -22.52 17.51
CA CYS B 278 4.63 -21.24 17.70
C CYS B 278 5.11 -20.27 16.63
N GLN B 279 4.18 -19.58 15.99
CA GLN B 279 4.50 -18.68 14.88
C GLN B 279 3.78 -17.35 15.07
N THR B 280 4.49 -16.26 14.86
CA THR B 280 3.94 -14.92 14.85
C THR B 280 4.13 -14.30 13.47
N PRO B 281 3.41 -13.22 13.15
CA PRO B 281 3.66 -12.54 11.88
C PRO B 281 5.02 -11.87 11.83
N VAL B 282 5.58 -11.49 12.97
CA VAL B 282 6.92 -10.90 13.00
C VAL B 282 7.99 -11.97 12.90
N GLY B 283 7.78 -13.10 13.57
CA GLY B 283 8.73 -14.17 13.54
C GLY B 283 8.16 -15.42 14.18
N ALA B 284 9.06 -16.33 14.57
CA ALA B 284 8.68 -17.59 15.18
C ALA B 284 9.34 -17.71 16.54
N ILE B 285 8.61 -18.28 17.50
CA ILE B 285 9.08 -18.39 18.87
C ILE B 285 9.57 -19.80 19.15
N ASN B 286 10.67 -19.90 19.89
CA ASN B 286 11.21 -21.16 20.39
C ASN B 286 11.39 -21.02 21.90
N SER B 287 10.28 -21.04 22.63
CA SER B 287 10.29 -20.69 24.04
C SER B 287 9.59 -21.76 24.87
N SER B 288 10.11 -21.98 26.07
CA SER B 288 9.42 -22.73 27.12
C SER B 288 8.80 -21.80 28.15
N MET B 289 8.92 -20.50 27.96
CA MET B 289 8.50 -19.53 28.96
C MET B 289 6.98 -19.43 29.02
N PRO B 290 6.43 -18.97 30.14
CA PRO B 290 4.97 -18.84 30.23
C PRO B 290 4.40 -17.73 29.37
N PHE B 291 5.07 -16.58 29.30
CA PHE B 291 4.48 -15.39 28.71
C PHE B 291 5.43 -14.78 27.67
N HIS B 292 4.85 -13.95 26.80
CA HIS B 292 5.60 -13.30 25.74
C HIS B 292 4.96 -11.96 25.42
N ASN B 293 5.73 -11.09 24.76
CA ASN B 293 5.32 -9.72 24.46
C ASN B 293 5.59 -9.39 23.00
N ILE B 294 5.44 -10.39 22.13
CA ILE B 294 5.93 -10.30 20.76
C ILE B 294 4.84 -9.88 19.76
N HIS B 295 3.79 -10.70 19.62
CA HIS B 295 2.71 -10.36 18.70
C HIS B 295 1.39 -10.98 19.14
N PRO B 296 0.29 -10.22 19.08
CA PRO B 296 -0.99 -10.77 19.53
C PRO B 296 -1.46 -11.98 18.74
N LEU B 297 -1.21 -11.99 17.43
CA LEU B 297 -1.83 -12.97 16.52
C LEU B 297 -0.84 -14.10 16.28
N THR B 298 -0.93 -15.15 17.09
CA THR B 298 -0.01 -16.27 16.99
C THR B 298 -0.75 -17.50 16.48
N ILE B 299 0.01 -18.45 15.94
CA ILE B 299 -0.49 -19.75 15.50
C ILE B 299 0.39 -20.83 16.11
N GLY B 300 -0.23 -21.82 16.75
CA GLY B 300 0.48 -22.92 17.35
C GLY B 300 0.39 -22.88 18.87
N GLU B 301 1.13 -23.80 19.49
CA GLU B 301 1.21 -23.90 20.95
C GLU B 301 2.15 -22.81 21.45
N CYS B 302 1.56 -21.71 21.91
CA CYS B 302 2.32 -20.50 22.18
C CYS B 302 2.25 -20.08 23.64
N PRO B 303 3.24 -19.35 24.13
CA PRO B 303 3.11 -18.67 25.42
C PRO B 303 1.96 -17.67 25.39
N LYS B 304 1.65 -17.11 26.54
CA LYS B 304 0.53 -16.19 26.68
C LYS B 304 0.97 -14.76 26.43
N TYR B 305 0.25 -14.07 25.54
CA TYR B 305 0.57 -12.68 25.25
C TYR B 305 0.19 -11.79 26.43
N VAL B 306 1.08 -10.86 26.78
CA VAL B 306 0.87 -9.91 27.87
C VAL B 306 1.49 -8.57 27.46
N LYS B 307 1.13 -7.53 28.22
CA LYS B 307 1.61 -6.18 27.97
C LYS B 307 2.93 -5.87 28.64
N SER B 308 3.46 -6.78 29.46
CA SER B 308 4.65 -6.49 30.24
C SER B 308 5.90 -6.41 29.36
N ASN B 309 6.86 -5.59 29.80
CA ASN B 309 8.15 -5.50 29.15
C ASN B 309 9.22 -6.37 29.79
N LYS B 310 9.01 -6.78 31.03
CA LYS B 310 9.92 -7.68 31.71
C LYS B 310 9.18 -8.34 32.87
N LEU B 311 9.42 -9.63 33.07
CA LEU B 311 8.86 -10.38 34.18
C LEU B 311 10.04 -11.12 34.82
N VAL B 312 10.79 -10.39 35.64
CA VAL B 312 12.06 -10.89 36.18
C VAL B 312 11.78 -11.54 37.53
N LEU B 313 11.95 -12.86 37.60
CA LEU B 313 11.93 -13.55 38.87
C LEU B 313 13.32 -13.48 39.51
N ALA B 314 13.34 -13.45 40.84
CA ALA B 314 14.57 -13.34 41.60
C ALA B 314 15.01 -14.73 42.04
N THR B 315 16.24 -15.10 41.69
CA THR B 315 16.85 -16.33 42.19
C THR B 315 18.10 -16.02 43.01
N GLY B 316 18.27 -14.77 43.43
CA GLY B 316 19.48 -14.32 44.11
C GLY B 316 19.29 -13.93 45.56
N LEU B 317 20.21 -13.12 46.10
CA LEU B 317 20.25 -12.94 47.55
C LEU B 317 20.21 -11.49 48.02
N ARG B 318 20.74 -10.56 47.23
CA ARG B 318 21.11 -9.26 47.76
C ARG B 318 19.89 -8.40 48.10
N ASN B 319 20.00 -7.65 49.20
CA ASN B 319 19.11 -6.53 49.55
C ASN B 319 17.64 -6.96 49.72
N SER B 320 17.42 -8.04 50.46
CA SER B 320 16.07 -8.50 50.74
C SER B 320 15.21 -7.40 51.37
N GLY B 337 15.58 -8.00 57.02
CA GLY B 337 16.44 -8.62 58.02
C GLY B 337 17.43 -7.67 58.64
N PHE B 338 18.07 -8.11 59.73
CA PHE B 338 19.08 -7.31 60.42
C PHE B 338 20.41 -8.05 60.52
N ILE B 339 20.63 -9.02 59.64
CA ILE B 339 21.93 -9.69 59.47
C ILE B 339 22.46 -9.17 58.14
N GLU B 340 22.13 -7.92 57.82
CA GLU B 340 22.39 -7.36 56.49
C GLU B 340 23.89 -7.22 56.24
N GLY B 341 24.25 -7.26 54.95
CA GLY B 341 25.63 -7.19 54.53
C GLY B 341 26.00 -8.28 53.54
N GLY B 342 26.55 -7.90 52.40
CA GLY B 342 26.90 -8.83 51.34
C GLY B 342 28.40 -8.97 51.20
N TRP B 343 28.88 -10.21 51.08
CA TRP B 343 30.30 -10.52 50.97
C TRP B 343 30.62 -10.85 49.52
N GLN B 344 31.27 -9.92 48.83
CA GLN B 344 31.71 -10.20 47.46
C GLN B 344 32.77 -11.29 47.44
N GLY B 345 33.56 -11.41 48.51
CA GLY B 345 34.63 -12.39 48.53
C GLY B 345 34.20 -13.83 48.72
N MET B 346 32.97 -14.05 49.18
CA MET B 346 32.49 -15.41 49.40
C MET B 346 31.92 -15.94 48.08
N VAL B 347 32.83 -16.38 47.22
CA VAL B 347 32.44 -17.14 46.04
C VAL B 347 32.24 -18.58 46.48
N ASP B 348 31.85 -19.45 45.54
CA ASP B 348 31.66 -20.88 45.76
C ASP B 348 30.50 -21.19 46.71
N GLY B 349 29.55 -20.26 46.87
CA GLY B 349 28.41 -20.53 47.73
C GLY B 349 27.52 -19.31 47.86
N TRP B 350 26.36 -19.53 48.47
CA TRP B 350 25.37 -18.50 48.72
C TRP B 350 25.28 -18.12 50.19
N TYR B 351 25.33 -19.09 51.09
CA TYR B 351 25.35 -18.88 52.53
C TYR B 351 26.71 -19.31 53.06
N GLY B 352 27.19 -18.65 54.10
CA GLY B 352 28.46 -19.07 54.67
C GLY B 352 28.98 -18.19 55.78
N TYR B 353 30.30 -18.30 56.00
CA TYR B 353 30.98 -17.76 57.16
C TYR B 353 32.18 -16.93 56.75
N HIS B 354 32.55 -15.98 57.60
CA HIS B 354 33.77 -15.19 57.45
C HIS B 354 34.59 -15.34 58.72
N HIS B 355 35.73 -16.01 58.62
CA HIS B 355 36.61 -16.25 59.76
C HIS B 355 37.72 -15.22 59.79
N SER B 356 37.93 -14.60 60.95
CA SER B 356 38.95 -13.57 61.14
C SER B 356 39.76 -13.92 62.38
N ASN B 357 41.01 -14.34 62.17
CA ASN B 357 41.90 -14.66 63.27
C ASN B 357 43.32 -14.21 62.91
N GLU B 358 44.25 -14.41 63.84
CA GLU B 358 45.65 -14.03 63.58
C GLU B 358 46.23 -14.77 62.39
N GLN B 359 45.79 -16.01 62.17
CA GLN B 359 46.27 -16.76 61.01
C GLN B 359 45.89 -16.06 59.70
N GLY B 360 44.76 -15.35 59.69
CA GLY B 360 44.35 -14.61 58.52
C GLY B 360 42.83 -14.49 58.50
N SER B 361 42.34 -13.95 57.38
CA SER B 361 40.91 -13.77 57.15
C SER B 361 40.50 -14.51 55.90
N GLY B 362 39.32 -15.12 55.93
CA GLY B 362 38.85 -15.88 54.79
C GLY B 362 37.38 -16.19 54.90
N TYR B 363 36.80 -16.59 53.77
CA TYR B 363 35.39 -16.94 53.69
C TYR B 363 35.23 -18.43 53.40
N ALA B 364 34.10 -18.98 53.85
CA ALA B 364 33.73 -20.35 53.54
C ALA B 364 32.21 -20.43 53.52
N ALA B 365 31.69 -21.36 52.72
CA ALA B 365 30.26 -21.44 52.45
C ALA B 365 29.67 -22.72 53.02
N ASP B 366 28.40 -22.63 53.43
CA ASP B 366 27.65 -23.78 53.92
C ASP B 366 27.05 -24.50 52.72
N LYS B 367 27.65 -25.64 52.36
CA LYS B 367 27.27 -26.30 51.12
C LYS B 367 25.85 -26.83 51.16
N GLU B 368 25.43 -27.39 52.29
CA GLU B 368 24.11 -28.01 52.34
C GLU B 368 23.00 -26.97 52.37
N SER B 369 23.21 -25.86 53.08
CA SER B 369 22.21 -24.79 53.08
C SER B 369 22.10 -24.13 51.72
N THR B 370 23.25 -23.87 51.08
CA THR B 370 23.23 -23.25 49.75
C THR B 370 22.51 -24.14 48.74
N GLN B 371 22.86 -25.43 48.70
CA GLN B 371 22.26 -26.31 47.71
C GLN B 371 20.77 -26.47 47.94
N LYS B 372 20.34 -26.50 49.20
CA LYS B 372 18.91 -26.58 49.48
C LYS B 372 18.17 -25.34 48.98
N ALA B 373 18.86 -24.20 48.94
CA ALA B 373 18.25 -22.97 48.44
C ALA B 373 18.20 -22.94 46.92
N ILE B 374 19.35 -23.20 46.27
CA ILE B 374 19.39 -23.19 44.81
C ILE B 374 18.42 -24.21 44.23
N ASP B 375 18.19 -25.32 44.94
CA ASP B 375 17.20 -26.30 44.49
C ASP B 375 15.79 -25.79 44.76
N GLY B 376 15.59 -25.03 45.84
CA GLY B 376 14.28 -24.48 46.11
C GLY B 376 13.88 -23.42 45.10
N VAL B 377 14.77 -22.46 44.84
CA VAL B 377 14.45 -21.39 43.91
C VAL B 377 14.39 -21.91 42.48
N THR B 378 15.12 -22.98 42.17
CA THR B 378 15.01 -23.57 40.83
C THR B 378 13.64 -24.20 40.63
N ASN B 379 13.12 -24.88 41.66
CA ASN B 379 11.78 -25.46 41.54
C ASN B 379 10.71 -24.37 41.43
N LYS B 380 10.88 -23.28 42.17
CA LYS B 380 9.92 -22.17 42.08
C LYS B 380 9.84 -21.64 40.66
N VAL B 381 10.99 -21.42 40.03
CA VAL B 381 11.00 -20.95 38.65
C VAL B 381 10.42 -22.00 37.71
N ASN B 382 10.83 -23.26 37.89
CA ASN B 382 10.34 -24.32 37.01
C ASN B 382 8.87 -24.63 37.26
N SER B 383 8.37 -24.39 38.48
CA SER B 383 6.94 -24.59 38.73
C SER B 383 6.12 -23.52 38.04
N ILE B 384 6.59 -22.28 38.04
CA ILE B 384 5.90 -21.21 37.32
C ILE B 384 5.96 -21.46 35.82
N ILE B 385 7.01 -22.12 35.34
CA ILE B 385 7.14 -22.40 33.92
C ILE B 385 6.34 -23.65 33.54
N ASP B 386 6.50 -24.74 34.29
CA ASP B 386 5.96 -26.02 33.84
C ASP B 386 4.45 -26.13 34.03
N LYS B 387 3.88 -25.43 35.02
CA LYS B 387 2.44 -25.52 35.23
C LYS B 387 1.65 -24.82 34.14
N MET B 388 2.32 -24.09 33.26
CA MET B 388 1.65 -23.51 32.10
C MET B 388 1.18 -24.63 31.20
N ASN B 389 -0.01 -24.46 30.66
CA ASN B 389 -0.67 -25.54 29.93
C ASN B 389 -0.28 -25.60 28.46
N THR B 390 0.78 -24.88 28.08
CA THR B 390 1.29 -24.79 26.70
C THR B 390 0.17 -24.57 25.70
N GLN B 391 -0.91 -23.92 26.16
CA GLN B 391 -2.04 -23.56 25.32
C GLN B 391 -2.60 -24.72 24.51
N PHE B 392 -3.04 -24.40 23.29
CA PHE B 392 -3.52 -25.35 22.31
C PHE B 392 -3.03 -24.82 20.97
N GLU B 393 -3.56 -25.35 19.88
CA GLU B 393 -3.42 -24.63 18.62
C GLU B 393 -4.19 -23.32 18.73
N ALA B 394 -3.65 -22.27 18.12
CA ALA B 394 -4.13 -20.90 18.33
C ALA B 394 -4.41 -20.25 16.97
N VAL B 395 -4.94 -19.03 17.00
CA VAL B 395 -5.36 -18.32 15.79
C VAL B 395 -5.32 -16.82 16.03
N GLY B 396 -5.34 -16.06 14.94
CA GLY B 396 -5.85 -14.70 14.90
C GLY B 396 -6.88 -14.60 13.79
N ARG B 397 -8.15 -14.40 14.14
CA ARG B 397 -9.25 -14.63 13.21
C ARG B 397 -9.45 -13.45 12.25
N GLU B 398 -10.39 -13.60 11.33
CA GLU B 398 -10.69 -12.58 10.33
C GLU B 398 -12.19 -12.54 10.06
N PHE B 399 -12.74 -11.33 10.09
CA PHE B 399 -14.15 -11.08 9.80
C PHE B 399 -14.22 -9.94 8.80
N ASN B 400 -15.32 -9.90 8.04
CA ASN B 400 -15.47 -8.88 7.01
C ASN B 400 -16.15 -7.64 7.59
N ASN B 401 -16.54 -6.71 6.72
CA ASN B 401 -16.93 -5.37 7.16
C ASN B 401 -18.38 -5.28 7.61
N LEU B 402 -19.22 -6.25 7.27
CA LEU B 402 -20.55 -6.34 7.85
C LEU B 402 -20.61 -7.35 8.98
N GLU B 403 -19.46 -7.58 9.63
CA GLU B 403 -19.35 -8.46 10.78
C GLU B 403 -18.50 -7.80 11.86
N ARG B 404 -18.51 -6.46 11.91
CA ARG B 404 -17.68 -5.72 12.85
C ARG B 404 -18.05 -5.96 14.30
N ARG B 405 -19.29 -6.37 14.57
CA ARG B 405 -19.69 -6.65 15.94
C ARG B 405 -18.98 -7.89 16.47
N ILE B 406 -18.85 -8.92 15.63
CA ILE B 406 -18.15 -10.13 16.07
C ILE B 406 -16.67 -9.84 16.26
N GLU B 407 -16.10 -8.99 15.39
CA GLU B 407 -14.72 -8.53 15.58
C GLU B 407 -14.54 -7.91 16.97
N ASN B 408 -15.46 -7.03 17.36
CA ASN B 408 -15.41 -6.45 18.69
C ASN B 408 -15.50 -7.51 19.77
N LEU B 409 -16.31 -8.55 19.53
CA LEU B 409 -16.38 -9.65 20.48
C LEU B 409 -15.03 -10.35 20.57
N ASN B 410 -14.43 -10.65 19.42
CA ASN B 410 -13.09 -11.24 19.41
C ASN B 410 -12.08 -10.32 20.06
N LYS B 411 -12.20 -9.01 19.83
CA LYS B 411 -11.29 -8.07 20.48
C LYS B 411 -11.46 -8.11 21.99
N LYS B 412 -12.69 -8.06 22.47
CA LYS B 412 -12.94 -8.08 23.92
C LYS B 412 -12.36 -9.33 24.56
N MET B 413 -12.49 -10.47 23.89
CA MET B 413 -11.95 -11.71 24.44
C MET B 413 -10.44 -11.67 24.50
N GLU B 414 -9.79 -11.30 23.38
CA GLU B 414 -8.33 -11.25 23.35
C GLU B 414 -7.78 -10.20 24.31
N ASP B 415 -8.41 -9.02 24.34
CA ASP B 415 -7.98 -8.00 25.28
C ASP B 415 -8.31 -8.37 26.72
N GLY B 416 -9.41 -9.10 26.93
CA GLY B 416 -9.76 -9.51 28.28
C GLY B 416 -8.77 -10.48 28.87
N PHE B 417 -8.30 -11.43 28.06
CA PHE B 417 -7.30 -12.38 28.55
C PHE B 417 -5.95 -11.71 28.77
N LEU B 418 -5.63 -10.69 27.97
CA LEU B 418 -4.42 -9.91 28.23
C LEU B 418 -4.42 -9.36 29.64
N ASP B 419 -5.47 -8.60 29.99
CA ASP B 419 -5.56 -8.02 31.31
C ASP B 419 -5.53 -9.09 32.40
N VAL B 420 -6.16 -10.24 32.14
CA VAL B 420 -6.14 -11.33 33.10
C VAL B 420 -4.73 -11.87 33.26
N TRP B 421 -4.07 -12.17 32.14
CA TRP B 421 -2.75 -12.80 32.21
C TRP B 421 -1.68 -11.81 32.68
N THR B 422 -1.75 -10.56 32.24
CA THR B 422 -0.78 -9.57 32.67
C THR B 422 -0.85 -9.36 34.19
N TYR B 423 -2.04 -9.10 34.70
CA TYR B 423 -2.20 -8.84 36.13
C TYR B 423 -1.74 -10.04 36.95
N ASN B 424 -2.23 -11.24 36.60
CA ASN B 424 -1.85 -12.44 37.34
C ASN B 424 -0.35 -12.68 37.27
N ALA B 425 0.26 -12.49 36.09
CA ALA B 425 1.69 -12.73 35.95
C ALA B 425 2.50 -11.71 36.75
N GLU B 426 2.18 -10.42 36.59
CA GLU B 426 2.94 -9.38 37.27
C GLU B 426 2.90 -9.56 38.77
N LEU B 427 1.70 -9.72 39.33
CA LEU B 427 1.56 -9.85 40.78
C LEU B 427 2.16 -11.16 41.29
N LEU B 428 2.10 -12.22 40.48
CA LEU B 428 2.77 -13.47 40.85
C LEU B 428 4.27 -13.27 40.97
N VAL B 429 4.86 -12.50 40.06
CA VAL B 429 6.28 -12.18 40.16
C VAL B 429 6.55 -11.39 41.43
N LEU B 430 5.76 -10.34 41.66
CA LEU B 430 5.95 -9.51 42.86
C LEU B 430 5.77 -10.32 44.14
N MET B 431 4.75 -11.18 44.18
CA MET B 431 4.48 -11.94 45.39
C MET B 431 5.57 -12.97 45.65
N GLU B 432 5.92 -13.76 44.63
CA GLU B 432 6.91 -14.80 44.83
C GLU B 432 8.33 -14.24 44.96
N ASN B 433 8.58 -13.03 44.47
CA ASN B 433 9.90 -12.43 44.63
C ASN B 433 10.14 -12.01 46.08
N GLU B 434 9.10 -11.54 46.77
CA GLU B 434 9.26 -11.19 48.17
C GLU B 434 9.66 -12.41 49.00
N ARG B 435 8.91 -13.50 48.86
CA ARG B 435 9.17 -14.68 49.68
C ARG B 435 10.44 -15.40 49.26
N THR B 436 10.89 -15.24 48.01
CA THR B 436 12.20 -15.74 47.65
C THR B 436 13.29 -15.01 48.43
N LEU B 437 13.14 -13.69 48.62
CA LEU B 437 14.11 -12.94 49.39
C LEU B 437 14.00 -13.24 50.88
N ASP B 438 12.78 -13.41 51.38
CA ASP B 438 12.60 -13.78 52.79
C ASP B 438 13.02 -15.22 53.04
N PHE B 439 12.92 -16.08 52.03
CA PHE B 439 13.43 -17.44 52.14
C PHE B 439 14.93 -17.43 52.40
N HIS B 440 15.65 -16.51 51.76
CA HIS B 440 17.09 -16.40 51.99
C HIS B 440 17.38 -15.82 53.37
N ASP B 441 16.62 -14.81 53.79
CA ASP B 441 16.83 -14.21 55.11
C ASP B 441 16.63 -15.26 56.21
N SER B 442 15.55 -16.03 56.12
CA SER B 442 15.27 -17.02 57.16
C SER B 442 16.26 -18.18 57.11
N ASN B 443 16.76 -18.53 55.93
CA ASN B 443 17.78 -19.58 55.84
C ASN B 443 19.11 -19.13 56.43
N VAL B 444 19.43 -17.84 56.30
CA VAL B 444 20.64 -17.31 56.91
C VAL B 444 20.50 -17.31 58.43
N LYS B 445 19.36 -16.82 58.94
CA LYS B 445 19.13 -16.82 60.37
C LYS B 445 19.19 -18.22 60.96
N ASN B 446 18.80 -19.22 60.19
CA ASN B 446 18.90 -20.60 60.66
C ASN B 446 20.36 -21.04 60.82
N LEU B 447 21.26 -20.52 59.99
CA LEU B 447 22.68 -20.80 60.17
C LEU B 447 23.23 -20.05 61.39
N TYR B 448 22.76 -18.82 61.60
CA TYR B 448 23.17 -18.05 62.78
C TYR B 448 22.82 -18.79 64.06
N ASP B 449 21.58 -19.28 64.15
CA ASP B 449 21.15 -19.98 65.36
C ASP B 449 21.88 -21.31 65.52
N LYS B 450 22.17 -22.00 64.41
CA LYS B 450 22.92 -23.25 64.48
C LYS B 450 24.28 -23.02 65.13
N VAL B 451 24.97 -21.95 64.75
CA VAL B 451 26.29 -21.68 65.30
C VAL B 451 26.19 -21.22 66.75
N ARG B 452 25.18 -20.40 67.07
CA ARG B 452 25.07 -19.86 68.42
C ARG B 452 24.95 -20.97 69.46
N LEU B 453 24.24 -22.04 69.13
CA LEU B 453 24.04 -23.12 70.09
C LEU B 453 25.31 -23.94 70.29
N GLN B 454 26.15 -24.04 69.24
CA GLN B 454 27.46 -24.66 69.41
C GLN B 454 28.41 -23.76 70.19
N LEU B 455 28.19 -22.44 70.12
CA LEU B 455 29.08 -21.46 70.72
C LEU B 455 28.55 -20.95 72.07
N ARG B 456 27.81 -21.79 72.79
CA ARG B 456 27.18 -21.38 74.05
C ARG B 456 28.22 -20.92 75.05
N ASP B 457 28.12 -19.64 75.45
CA ASP B 457 28.98 -19.04 76.47
C ASP B 457 30.47 -19.18 76.12
N ASN B 458 30.77 -19.26 74.82
CA ASN B 458 32.14 -19.19 74.34
C ASN B 458 32.37 -17.98 73.45
N ALA B 459 31.32 -17.25 73.11
CA ALA B 459 31.42 -16.02 72.32
C ALA B 459 30.28 -15.11 72.76
N LYS B 460 30.28 -13.88 72.22
CA LYS B 460 29.23 -12.92 72.49
C LYS B 460 28.53 -12.53 71.19
N GLU B 461 27.21 -12.39 71.27
CA GLU B 461 26.40 -12.02 70.11
C GLU B 461 26.54 -10.52 69.87
N LEU B 462 27.37 -10.16 68.89
CA LEU B 462 27.60 -8.75 68.61
C LEU B 462 26.36 -8.08 68.03
N GLY B 463 25.52 -8.82 67.31
CA GLY B 463 24.30 -8.30 66.75
C GLY B 463 24.34 -8.00 65.27
N ASN B 464 25.53 -7.89 64.70
CA ASN B 464 25.69 -7.66 63.26
C ASN B 464 25.71 -8.95 62.47
N GLY B 465 25.34 -10.07 63.08
CA GLY B 465 25.51 -11.37 62.47
C GLY B 465 26.87 -11.99 62.69
N CYS B 466 27.71 -11.39 63.54
CA CYS B 466 29.04 -11.89 63.82
C CYS B 466 29.18 -12.22 65.30
N PHE B 467 29.94 -13.28 65.59
CA PHE B 467 30.21 -13.71 66.95
C PHE B 467 31.65 -13.39 67.30
N GLU B 468 31.85 -12.67 68.40
CA GLU B 468 33.19 -12.41 68.91
C GLU B 468 33.58 -13.53 69.88
N PHE B 469 34.48 -14.41 69.44
CA PHE B 469 34.98 -15.48 70.30
C PHE B 469 35.64 -14.88 71.53
N TYR B 470 35.11 -15.22 72.72
CA TYR B 470 35.75 -14.80 73.95
C TYR B 470 37.17 -15.35 74.04
N HIS B 471 37.34 -16.63 73.72
CA HIS B 471 38.66 -17.24 73.66
C HIS B 471 39.29 -16.94 72.29
N LYS B 472 40.43 -17.57 72.01
CA LYS B 472 41.11 -17.43 70.73
C LYS B 472 40.93 -18.71 69.94
N CYS B 473 40.43 -18.58 68.70
CA CYS B 473 40.01 -19.71 67.89
C CYS B 473 40.93 -19.85 66.68
N ASP B 474 41.43 -21.05 66.45
CA ASP B 474 42.35 -21.33 65.37
C ASP B 474 41.62 -21.35 64.02
N ASN B 475 42.38 -21.51 62.94
CA ASN B 475 41.79 -21.75 61.64
C ASN B 475 40.98 -23.04 61.63
N GLU B 476 41.58 -24.13 62.12
CA GLU B 476 40.87 -25.40 62.22
C GLU B 476 39.74 -25.32 63.23
N CYS B 477 39.91 -24.52 64.29
CA CYS B 477 38.83 -24.30 65.25
C CYS B 477 37.63 -23.63 64.58
N MET B 478 37.88 -22.66 63.71
CA MET B 478 36.81 -22.07 62.92
C MET B 478 36.12 -23.13 62.07
N GLU B 479 36.91 -24.03 61.48
CA GLU B 479 36.35 -25.07 60.63
C GLU B 479 35.44 -26.01 61.43
N SER B 480 35.76 -26.24 62.71
CA SER B 480 34.91 -27.10 63.54
C SER B 480 33.52 -26.50 63.71
N VAL B 481 33.41 -25.16 63.72
CA VAL B 481 32.10 -24.53 63.79
C VAL B 481 31.31 -24.79 62.50
N ARG B 482 31.99 -24.69 61.35
CA ARG B 482 31.36 -25.05 60.09
C ARG B 482 31.03 -26.54 60.03
N ASN B 483 31.99 -27.37 60.46
CA ASN B 483 31.78 -28.82 60.46
C ASN B 483 30.58 -29.22 61.31
N GLY B 484 30.30 -28.47 62.38
CA GLY B 484 29.30 -28.86 63.34
C GLY B 484 29.83 -29.63 64.53
N THR B 485 31.15 -29.59 64.78
CA THR B 485 31.80 -30.39 65.82
C THR B 485 32.74 -29.49 66.62
N TYR B 486 32.16 -28.58 67.39
CA TYR B 486 32.91 -27.62 68.19
C TYR B 486 32.75 -27.98 69.66
N ASP B 487 33.87 -28.25 70.33
CA ASP B 487 33.86 -28.71 71.71
C ASP B 487 33.81 -27.50 72.65
N TYR B 488 32.67 -27.30 73.29
CA TYR B 488 32.59 -26.30 74.35
C TYR B 488 33.49 -26.63 75.54
N PRO B 489 33.62 -27.89 75.98
CA PRO B 489 34.57 -28.16 77.08
C PRO B 489 36.01 -27.78 76.77
N GLN B 490 36.49 -28.05 75.54
CA GLN B 490 37.91 -27.83 75.24
C GLN B 490 38.30 -26.37 75.44
N TYR B 491 37.40 -25.43 75.15
CA TYR B 491 37.66 -24.01 75.30
C TYR B 491 36.83 -23.38 76.42
N SER B 492 36.33 -24.20 77.36
CA SER B 492 35.37 -23.70 78.34
C SER B 492 36.01 -22.71 79.30
N GLU B 493 37.09 -23.12 79.98
CA GLU B 493 37.68 -22.28 81.01
C GLU B 493 38.31 -21.03 80.44
N GLU B 494 38.89 -21.11 79.23
CA GLU B 494 39.52 -19.94 78.63
C GLU B 494 38.54 -18.79 78.47
N ALA B 495 37.33 -19.08 77.98
CA ALA B 495 36.32 -18.03 77.84
C ALA B 495 35.87 -17.49 79.18
N ARG B 496 35.82 -18.34 80.21
CA ARG B 496 35.48 -17.86 81.55
C ARG B 496 36.53 -16.89 82.08
N LEU B 497 37.80 -17.13 81.77
CA LEU B 497 38.85 -16.18 82.16
C LEU B 497 38.84 -14.92 81.32
N LYS B 498 38.37 -15.00 80.07
CA LYS B 498 38.26 -13.81 79.24
C LYS B 498 37.01 -13.00 79.56
N ARG B 499 36.05 -13.60 80.26
CA ARG B 499 34.89 -12.88 80.81
C ARG B 499 35.22 -12.41 82.23
N GLU B 500 36.24 -11.57 82.33
CA GLU B 500 36.77 -11.11 83.61
C GLU B 500 37.18 -12.28 84.52
N ASP C 1 13.17 -1.70 87.15
CA ASP C 1 12.92 -1.01 85.89
C ASP C 1 12.75 -2.03 84.76
N GLN C 2 11.95 -1.68 83.75
CA GLN C 2 11.70 -2.60 82.64
C GLN C 2 11.45 -1.82 81.36
N ILE C 3 11.76 -2.45 80.24
CA ILE C 3 11.53 -1.91 78.90
C ILE C 3 10.69 -2.91 78.12
N CYS C 4 9.70 -2.41 77.38
CA CYS C 4 8.72 -3.25 76.71
C CYS C 4 8.72 -2.99 75.20
N ILE C 5 8.38 -4.03 74.45
CA ILE C 5 8.28 -3.97 73.00
C ILE C 5 6.85 -4.31 72.62
N GLY C 6 6.22 -3.43 71.85
CA GLY C 6 4.82 -3.63 71.51
C GLY C 6 4.44 -2.81 70.29
N TYR C 7 3.17 -2.92 69.93
CA TYR C 7 2.66 -2.29 68.72
C TYR C 7 1.44 -1.42 69.02
N HIS C 8 1.07 -0.61 68.04
CA HIS C 8 0.09 0.46 68.16
C HIS C 8 -1.34 -0.08 68.03
N ALA C 9 -2.29 0.65 68.62
CA ALA C 9 -3.70 0.33 68.52
C ALA C 9 -4.50 1.62 68.59
N ASN C 10 -5.73 1.57 68.08
CA ASN C 10 -6.54 2.78 67.94
C ASN C 10 -8.01 2.43 68.08
N ASN C 11 -8.89 3.34 67.62
CA ASN C 11 -10.33 3.21 67.76
C ASN C 11 -10.99 2.47 66.60
N SER C 12 -10.26 2.21 65.52
CA SER C 12 -10.88 1.74 64.28
C SER C 12 -11.66 0.46 64.48
N THR C 13 -12.85 0.41 63.90
CA THR C 13 -13.67 -0.79 63.86
C THR C 13 -13.53 -1.53 62.54
N GLU C 14 -12.53 -1.18 61.73
CA GLU C 14 -12.36 -1.78 60.42
C GLU C 14 -11.95 -3.25 60.56
N GLN C 15 -12.63 -4.11 59.81
CA GLN C 15 -12.41 -5.55 59.87
C GLN C 15 -11.95 -6.07 58.52
N VAL C 16 -10.97 -6.98 58.54
CA VAL C 16 -10.44 -7.60 57.33
C VAL C 16 -10.39 -9.10 57.54
N ASP C 17 -10.37 -9.83 56.43
CA ASP C 17 -10.28 -11.28 56.44
C ASP C 17 -8.97 -11.72 55.81
N THR C 18 -8.35 -12.74 56.40
CA THR C 18 -7.20 -13.40 55.81
C THR C 18 -7.65 -14.75 55.25
N ILE C 19 -6.71 -15.48 54.65
CA ILE C 19 -7.05 -16.80 54.15
C ILE C 19 -7.29 -17.77 55.31
N MET C 20 -6.67 -17.51 56.46
CA MET C 20 -6.76 -18.40 57.61
C MET C 20 -7.63 -17.88 58.74
N GLU C 21 -7.89 -16.58 58.79
CA GLU C 21 -8.67 -15.98 59.86
C GLU C 21 -9.76 -15.09 59.26
N LYS C 22 -10.86 -14.94 59.99
CA LYS C 22 -11.97 -14.13 59.57
C LYS C 22 -12.25 -13.05 60.60
N ASN C 23 -12.84 -11.94 60.14
CA ASN C 23 -13.22 -10.80 60.98
C ASN C 23 -12.09 -10.40 61.92
N VAL C 24 -10.98 -9.96 61.31
CA VAL C 24 -9.80 -9.54 62.04
C VAL C 24 -9.77 -8.02 62.06
N THR C 25 -9.96 -7.45 63.25
CA THR C 25 -9.97 -6.00 63.38
C THR C 25 -8.55 -5.44 63.25
N VAL C 26 -8.38 -4.47 62.37
CA VAL C 26 -7.06 -3.89 62.11
C VAL C 26 -7.11 -2.39 62.34
N THR C 27 -5.91 -1.81 62.51
CA THR C 27 -5.81 -0.38 62.80
C THR C 27 -6.16 0.46 61.57
N HIS C 28 -5.73 0.03 60.39
CA HIS C 28 -5.97 0.78 59.16
C HIS C 28 -6.29 -0.20 58.04
N ALA C 29 -7.10 0.25 57.09
CA ALA C 29 -7.57 -0.61 56.02
C ALA C 29 -7.71 0.21 54.73
N GLN C 30 -7.88 -0.52 53.63
CA GLN C 30 -8.05 0.07 52.31
C GLN C 30 -8.92 -0.87 51.48
N ASP C 31 -10.00 -0.34 50.91
CA ASP C 31 -10.83 -1.11 50.00
C ASP C 31 -10.41 -0.79 48.56
N ILE C 32 -10.08 -1.82 47.81
CA ILE C 32 -9.62 -1.66 46.43
C ILE C 32 -10.76 -1.80 45.43
N LEU C 33 -12.00 -1.70 45.90
CA LEU C 33 -13.19 -1.78 45.06
C LEU C 33 -13.91 -0.43 45.09
N GLU C 34 -14.43 -0.01 43.94
CA GLU C 34 -15.14 1.26 43.83
C GLU C 34 -16.63 1.01 43.70
N LYS C 35 -17.41 1.65 44.57
CA LYS C 35 -18.86 1.58 44.55
C LYS C 35 -19.51 2.92 44.24
N THR C 36 -18.73 3.98 44.11
CA THR C 36 -19.26 5.32 43.90
C THR C 36 -19.26 5.65 42.41
N HIS C 37 -20.38 6.20 41.94
CA HIS C 37 -20.51 6.65 40.56
C HIS C 37 -21.15 8.04 40.55
N ASN C 38 -20.99 8.73 39.42
CA ASN C 38 -21.44 10.11 39.32
C ASN C 38 -22.95 10.23 39.44
N GLY C 39 -23.67 9.27 38.87
CA GLY C 39 -25.11 9.42 38.71
C GLY C 39 -25.51 10.23 37.51
N LYS C 40 -24.56 10.56 36.64
CA LYS C 40 -24.82 11.34 35.44
C LYS C 40 -24.03 10.76 34.28
N LEU C 41 -24.50 11.06 33.07
CA LEU C 41 -23.82 10.66 31.84
C LEU C 41 -22.84 11.75 31.46
N CYS C 42 -21.55 11.50 31.65
CA CYS C 42 -20.52 12.50 31.40
C CYS C 42 -19.90 12.30 30.02
N ASP C 43 -19.13 13.28 29.58
CA ASP C 43 -18.36 13.14 28.35
C ASP C 43 -17.26 12.10 28.56
N LEU C 44 -16.92 11.40 27.48
CA LEU C 44 -15.90 10.36 27.53
C LEU C 44 -14.64 10.87 26.84
N ASN C 45 -13.62 11.16 27.65
CA ASN C 45 -12.31 11.60 27.15
C ASN C 45 -12.44 12.84 26.28
N GLY C 46 -13.29 13.78 26.71
CA GLY C 46 -13.39 15.09 26.10
C GLY C 46 -14.54 15.26 25.14
N VAL C 47 -15.17 14.19 24.69
CA VAL C 47 -16.21 14.26 23.66
C VAL C 47 -17.56 13.98 24.30
N LYS C 48 -18.56 14.82 23.95
CA LYS C 48 -19.91 14.69 24.47
C LYS C 48 -20.68 13.61 23.69
N PRO C 49 -21.40 12.74 24.38
CA PRO C 49 -22.13 11.66 23.69
C PRO C 49 -23.30 12.19 22.89
N LEU C 50 -23.76 11.34 21.96
CA LEU C 50 -24.97 11.61 21.17
C LEU C 50 -26.17 11.08 21.95
N ILE C 51 -26.78 11.94 22.74
CA ILE C 51 -27.95 11.55 23.54
C ILE C 51 -29.19 11.77 22.67
N LEU C 52 -29.78 10.67 22.23
CA LEU C 52 -31.05 10.70 21.50
C LEU C 52 -32.17 10.45 22.51
N LYS C 53 -33.12 11.36 22.57
CA LYS C 53 -34.19 11.32 23.56
C LYS C 53 -35.47 10.82 22.90
N ASP C 54 -35.99 9.69 23.39
CA ASP C 54 -37.15 9.04 22.80
C ASP C 54 -36.98 8.87 21.30
N CYS C 55 -35.74 8.58 20.89
CA CYS C 55 -35.36 8.52 19.49
C CYS C 55 -34.48 7.29 19.29
N SER C 56 -34.64 6.65 18.15
CA SER C 56 -33.74 5.56 17.76
C SER C 56 -32.80 6.06 16.68
N VAL C 57 -31.69 5.33 16.52
CA VAL C 57 -30.70 5.69 15.51
C VAL C 57 -31.35 5.75 14.13
N ALA C 58 -32.26 4.82 13.85
CA ALA C 58 -32.92 4.79 12.55
C ALA C 58 -33.81 6.02 12.36
N GLY C 59 -34.60 6.36 13.37
CA GLY C 59 -35.46 7.53 13.26
C GLY C 59 -34.69 8.82 13.19
N TRP C 60 -33.55 8.90 13.89
CA TRP C 60 -32.70 10.08 13.81
C TRP C 60 -31.98 10.16 12.48
N LEU C 61 -31.58 9.01 11.92
CA LEU C 61 -30.90 9.00 10.63
C LEU C 61 -31.84 9.33 9.49
N LEU C 62 -32.96 8.60 9.41
CA LEU C 62 -33.87 8.73 8.27
C LEU C 62 -34.71 10.00 8.33
N GLY C 63 -34.87 10.58 9.52
CA GLY C 63 -35.65 11.79 9.64
C GLY C 63 -37.09 11.56 10.03
N ASN C 64 -37.31 10.78 11.08
CA ASN C 64 -38.62 10.69 11.69
C ASN C 64 -39.09 12.08 12.07
N PRO C 65 -40.25 12.52 11.61
CA PRO C 65 -40.66 13.92 11.84
C PRO C 65 -40.71 14.30 13.32
N MET C 66 -40.70 13.34 14.23
CA MET C 66 -40.69 13.59 15.67
C MET C 66 -39.31 13.48 16.29
N CYS C 67 -38.25 13.28 15.48
CA CYS C 67 -36.94 12.91 15.99
C CYS C 67 -35.84 13.86 15.53
N ASP C 68 -36.20 15.05 15.03
CA ASP C 68 -35.24 15.96 14.41
C ASP C 68 -34.54 16.87 15.41
N GLU C 69 -34.59 16.56 16.70
CA GLU C 69 -34.10 17.50 17.71
C GLU C 69 -32.58 17.59 17.72
N PHE C 70 -31.88 16.51 17.39
CA PHE C 70 -30.44 16.45 17.57
C PHE C 70 -29.73 16.44 16.22
N ILE C 71 -30.01 17.46 15.39
CA ILE C 71 -29.58 17.43 14.01
C ILE C 71 -28.09 17.78 13.88
N ARG C 72 -27.61 18.76 14.63
CA ARG C 72 -26.24 19.26 14.46
C ARG C 72 -25.41 19.08 15.73
N VAL C 73 -24.73 17.94 15.81
CA VAL C 73 -23.60 17.74 16.70
C VAL C 73 -22.50 17.17 15.82
N PRO C 74 -21.33 17.82 15.71
CA PRO C 74 -20.36 17.39 14.70
C PRO C 74 -19.74 16.03 14.97
N GLU C 75 -19.40 15.73 16.23
CA GLU C 75 -18.80 14.45 16.59
C GLU C 75 -19.37 13.98 17.92
N TRP C 76 -19.15 12.70 18.21
CA TRP C 76 -19.57 12.16 19.49
C TRP C 76 -18.67 10.98 19.84
N SER C 77 -18.77 10.54 21.09
CA SER C 77 -18.00 9.42 21.62
C SER C 77 -18.81 8.15 21.81
N TYR C 78 -20.05 8.27 22.26
CA TYR C 78 -20.95 7.12 22.34
C TYR C 78 -22.38 7.61 22.14
N ILE C 79 -23.25 6.68 21.74
CA ILE C 79 -24.66 6.97 21.49
C ILE C 79 -25.47 6.50 22.69
N VAL C 80 -26.32 7.39 23.20
CA VAL C 80 -27.21 7.08 24.32
C VAL C 80 -28.63 6.94 23.77
N GLU C 81 -29.22 5.77 23.96
CA GLU C 81 -30.59 5.49 23.57
C GLU C 81 -31.37 5.10 24.82
N ARG C 82 -32.67 5.37 24.81
CA ARG C 82 -33.48 4.80 25.86
C ARG C 82 -33.73 3.32 25.56
N ALA C 83 -34.10 2.56 26.61
CA ALA C 83 -34.25 1.12 26.47
C ALA C 83 -35.30 0.77 25.42
N ASN C 84 -36.43 1.46 25.42
CA ASN C 84 -37.47 1.30 24.40
C ASN C 84 -37.69 2.65 23.74
N PRO C 85 -36.91 2.99 22.71
CA PRO C 85 -37.14 4.25 22.00
C PRO C 85 -38.55 4.31 21.44
N ALA C 86 -39.20 5.46 21.61
CA ALA C 86 -40.63 5.57 21.38
C ALA C 86 -41.00 5.95 19.95
N ASN C 87 -40.06 6.47 19.16
CA ASN C 87 -40.41 6.98 17.84
C ASN C 87 -39.98 6.02 16.74
N ASP C 88 -38.68 5.91 16.47
CA ASP C 88 -38.11 4.89 15.58
C ASP C 88 -38.72 5.05 14.19
N LEU C 89 -39.21 3.98 13.55
CA LEU C 89 -39.67 4.01 12.17
C LEU C 89 -41.17 4.25 12.17
N CYS C 90 -41.60 5.45 11.78
CA CYS C 90 -43.03 5.76 11.78
C CYS C 90 -43.78 4.86 10.82
N TYR C 91 -43.39 4.84 9.55
CA TYR C 91 -43.96 3.88 8.62
C TYR C 91 -43.30 2.53 8.86
N PRO C 92 -44.07 1.49 9.16
CA PRO C 92 -43.47 0.19 9.51
C PRO C 92 -42.54 -0.33 8.42
N GLY C 93 -41.49 -1.01 8.85
CA GLY C 93 -40.49 -1.53 7.93
C GLY C 93 -39.25 -1.96 8.67
N SER C 94 -38.11 -1.82 8.00
CA SER C 94 -36.85 -2.25 8.57
C SER C 94 -35.71 -1.43 7.99
N LEU C 95 -34.56 -1.52 8.64
CA LEU C 95 -33.31 -0.99 8.13
C LEU C 95 -32.30 -2.12 8.09
N ASN C 96 -31.83 -2.47 6.89
CA ASN C 96 -30.93 -3.60 6.75
C ASN C 96 -29.61 -3.36 7.48
N ASP C 97 -29.11 -4.41 8.14
CA ASP C 97 -27.87 -4.33 8.91
C ASP C 97 -27.89 -3.12 9.86
N TYR C 98 -29.05 -2.94 10.51
CA TYR C 98 -29.23 -1.85 11.46
C TYR C 98 -28.16 -1.89 12.55
N GLU C 99 -27.99 -3.06 13.17
CA GLU C 99 -27.06 -3.19 14.29
C GLU C 99 -25.62 -2.98 13.87
N GLU C 100 -25.29 -3.16 12.60
CA GLU C 100 -23.96 -2.81 12.11
C GLU C 100 -23.83 -1.31 11.85
N LEU C 101 -24.92 -0.68 11.37
CA LEU C 101 -24.91 0.78 11.26
C LEU C 101 -24.83 1.43 12.63
N LYS C 102 -25.52 0.86 13.62
CA LYS C 102 -25.43 1.37 14.98
C LYS C 102 -24.00 1.29 15.49
N HIS C 103 -23.33 0.16 15.24
CA HIS C 103 -21.94 0.01 15.67
C HIS C 103 -21.03 0.99 14.91
N LEU C 104 -21.25 1.14 13.60
CA LEU C 104 -20.45 2.08 12.83
C LEU C 104 -20.61 3.50 13.35
N LEU C 105 -21.81 3.87 13.76
CA LEU C 105 -22.12 5.22 14.18
C LEU C 105 -21.99 5.44 15.68
N SER C 106 -21.42 4.48 16.41
CA SER C 106 -21.28 4.65 17.86
C SER C 106 -20.26 5.72 18.20
N ARG C 107 -19.13 5.73 17.50
CA ARG C 107 -18.14 6.79 17.61
C ARG C 107 -17.85 7.31 16.21
N ILE C 108 -18.22 8.56 15.95
CA ILE C 108 -17.96 9.20 14.68
C ILE C 108 -17.26 10.53 14.95
N ASN C 109 -16.12 10.74 14.31
CA ASN C 109 -15.36 11.96 14.49
C ASN C 109 -15.81 13.08 13.57
N HIS C 110 -16.64 12.80 12.58
CA HIS C 110 -17.27 13.86 11.79
C HIS C 110 -18.54 13.34 11.16
N PHE C 111 -19.67 13.93 11.52
CA PHE C 111 -20.96 13.67 10.90
C PHE C 111 -21.51 14.97 10.37
N GLU C 112 -21.86 14.99 9.09
CA GLU C 112 -22.45 16.18 8.48
C GLU C 112 -23.47 15.76 7.43
N LYS C 113 -24.64 16.39 7.47
CA LYS C 113 -25.70 16.10 6.52
C LYS C 113 -25.55 16.99 5.29
N ILE C 114 -25.64 16.39 4.10
CA ILE C 114 -25.50 17.13 2.86
C ILE C 114 -26.64 16.74 1.92
N LEU C 115 -26.99 17.67 1.04
CA LEU C 115 -28.01 17.45 0.01
C LEU C 115 -27.33 16.87 -1.22
N ILE C 116 -27.51 15.57 -1.44
CA ILE C 116 -26.85 14.91 -2.57
C ILE C 116 -27.75 14.86 -3.79
N ILE C 117 -29.04 14.62 -3.60
CA ILE C 117 -30.01 14.52 -4.69
C ILE C 117 -31.13 15.51 -4.40
N PRO C 118 -31.11 16.68 -5.06
CA PRO C 118 -32.18 17.66 -4.83
C PRO C 118 -33.52 17.12 -5.28
N LYS C 119 -34.59 17.71 -4.74
CA LYS C 119 -35.92 17.35 -5.19
C LYS C 119 -36.23 17.88 -6.58
N SER C 120 -35.43 18.83 -7.08
CA SER C 120 -35.53 19.26 -8.47
C SER C 120 -34.95 18.23 -9.44
N SER C 121 -34.23 17.23 -8.93
CA SER C 121 -33.73 16.16 -9.78
C SER C 121 -34.82 15.18 -10.18
N TRP C 122 -36.03 15.34 -9.66
CA TRP C 122 -37.15 14.45 -9.96
C TRP C 122 -38.25 15.23 -10.68
N PRO C 123 -38.04 15.62 -11.93
CA PRO C 123 -39.17 15.99 -12.78
C PRO C 123 -39.86 14.73 -13.24
N ASN C 124 -41.05 14.90 -13.82
CA ASN C 124 -41.86 13.79 -14.30
C ASN C 124 -42.23 12.81 -13.18
N HIS C 125 -41.97 13.21 -11.94
CA HIS C 125 -42.31 12.44 -10.75
C HIS C 125 -42.84 13.41 -9.71
N GLU C 126 -43.50 12.89 -8.69
CA GLU C 126 -44.17 13.72 -7.71
C GLU C 126 -43.46 13.61 -6.36
N THR C 127 -43.07 14.76 -5.81
CA THR C 127 -42.32 14.83 -4.56
C THR C 127 -43.18 15.25 -3.37
N SER C 128 -44.48 15.45 -3.57
CA SER C 128 -45.32 16.11 -2.57
C SER C 128 -46.35 15.21 -1.92
N LEU C 129 -46.82 14.17 -2.60
CA LEU C 129 -47.86 13.30 -2.08
C LEU C 129 -47.33 12.04 -1.43
N GLY C 130 -46.02 11.95 -1.20
CA GLY C 130 -45.47 10.83 -0.48
C GLY C 130 -45.54 11.02 1.02
N VAL C 131 -46.75 11.16 1.56
CA VAL C 131 -46.97 11.43 2.97
C VAL C 131 -47.94 10.40 3.53
N SER C 132 -47.76 10.06 4.80
CA SER C 132 -48.56 9.03 5.44
C SER C 132 -49.03 9.52 6.81
N ALA C 133 -50.13 8.93 7.28
CA ALA C 133 -50.63 9.24 8.62
C ALA C 133 -49.69 8.73 9.70
N ALA C 134 -49.04 7.59 9.46
CA ALA C 134 -48.14 7.02 10.46
C ALA C 134 -46.98 7.95 10.79
N CYS C 135 -46.59 8.83 9.85
CA CYS C 135 -45.51 9.78 10.09
C CYS C 135 -46.11 11.16 10.26
N PRO C 136 -46.12 11.72 11.46
CA PRO C 136 -46.95 12.89 11.70
C PRO C 136 -46.20 14.14 12.16
N TYR C 137 -46.20 15.21 11.37
CA TYR C 137 -45.65 16.49 11.77
C TYR C 137 -46.82 17.38 12.14
N GLN C 138 -46.92 17.75 13.41
CA GLN C 138 -48.01 18.60 13.92
C GLN C 138 -49.36 18.04 13.50
N GLY C 139 -49.58 16.75 13.78
CA GLY C 139 -50.81 16.03 13.47
C GLY C 139 -51.11 15.84 11.99
N ALA C 140 -50.32 16.42 11.11
CA ALA C 140 -50.56 16.37 9.68
C ALA C 140 -49.83 15.19 9.07
N PRO C 141 -50.41 14.57 8.03
CA PRO C 141 -49.70 13.54 7.27
C PRO C 141 -48.37 14.06 6.76
N SER C 142 -47.30 13.35 7.10
CA SER C 142 -45.95 13.67 6.66
C SER C 142 -45.20 12.35 6.42
N PHE C 143 -43.88 12.45 6.32
CA PHE C 143 -43.06 11.28 6.01
C PHE C 143 -41.62 11.63 6.38
N PHE C 144 -40.77 10.60 6.37
CA PHE C 144 -39.35 10.77 6.66
C PHE C 144 -38.78 11.94 5.89
N ARG C 145 -37.91 12.72 6.56
CA ARG C 145 -37.43 13.96 5.97
C ARG C 145 -36.20 13.76 5.08
N ASN C 146 -35.28 12.88 5.47
CA ASN C 146 -34.02 12.72 4.74
C ASN C 146 -34.13 11.80 3.54
N VAL C 147 -35.28 11.16 3.35
CA VAL C 147 -35.55 10.31 2.19
C VAL C 147 -36.84 10.81 1.56
N VAL C 148 -37.03 10.51 0.28
CA VAL C 148 -38.20 10.97 -0.47
C VAL C 148 -39.00 9.78 -0.96
N TRP C 149 -40.32 9.87 -0.84
CA TRP C 149 -41.24 8.84 -1.30
C TRP C 149 -41.83 9.33 -2.61
N LEU C 150 -41.22 8.93 -3.72
CA LEU C 150 -41.67 9.35 -5.03
C LEU C 150 -42.90 8.55 -5.44
N ILE C 151 -43.87 9.23 -6.06
CA ILE C 151 -45.08 8.60 -6.58
C ILE C 151 -45.35 9.14 -7.97
N LYS C 152 -46.34 8.54 -8.64
CA LYS C 152 -46.56 8.78 -10.06
C LYS C 152 -46.99 10.22 -10.32
N LYS C 153 -46.74 10.67 -11.56
CA LYS C 153 -47.15 11.98 -12.04
C LYS C 153 -47.90 11.80 -13.36
N ASN C 154 -49.11 12.36 -13.43
CA ASN C 154 -49.95 12.27 -14.63
C ASN C 154 -50.20 10.81 -15.01
N ASP C 155 -50.46 9.97 -14.00
CA ASP C 155 -50.78 8.56 -14.20
C ASP C 155 -49.64 7.82 -14.92
N ALA C 156 -48.40 8.17 -14.57
CA ALA C 156 -47.25 7.54 -15.20
C ALA C 156 -46.04 7.68 -14.29
N TYR C 157 -45.27 6.59 -14.17
CA TYR C 157 -44.05 6.54 -13.35
C TYR C 157 -42.90 6.17 -14.29
N PRO C 158 -42.30 7.14 -14.97
CA PRO C 158 -41.18 6.84 -15.86
C PRO C 158 -40.02 6.23 -15.08
N THR C 159 -39.39 5.22 -15.68
CA THR C 159 -38.17 4.68 -15.09
C THR C 159 -37.14 5.79 -14.95
N ILE C 160 -36.59 5.94 -13.75
CA ILE C 160 -35.66 7.00 -13.45
C ILE C 160 -34.26 6.41 -13.29
N LYS C 161 -33.27 7.10 -13.85
CA LYS C 161 -31.87 6.70 -13.79
C LYS C 161 -31.09 7.90 -13.29
N ILE C 162 -30.52 7.78 -12.09
CA ILE C 162 -29.86 8.91 -11.43
C ILE C 162 -28.56 8.40 -10.80
N SER C 163 -27.54 9.26 -10.79
CA SER C 163 -26.25 8.92 -10.21
C SER C 163 -25.73 10.10 -9.40
N TYR C 164 -24.97 9.79 -8.35
CA TYR C 164 -24.30 10.78 -7.53
C TYR C 164 -22.84 10.40 -7.38
N ASN C 165 -21.95 11.27 -7.85
CA ASN C 165 -20.51 11.08 -7.70
C ASN C 165 -20.04 11.83 -6.46
N ASN C 166 -19.70 11.07 -5.41
CA ASN C 166 -19.15 11.67 -4.20
C ASN C 166 -17.86 12.40 -4.52
N THR C 167 -17.78 13.66 -4.08
CA THR C 167 -16.60 14.48 -4.36
C THR C 167 -16.02 15.09 -3.08
N ASN C 168 -16.54 14.73 -1.92
CA ASN C 168 -16.33 15.47 -0.69
C ASN C 168 -15.09 15.03 0.09
N ARG C 169 -14.26 14.16 -0.46
CA ARG C 169 -13.06 13.63 0.18
C ARG C 169 -13.39 12.88 1.47
N GLU C 170 -14.67 12.68 1.77
CA GLU C 170 -15.12 11.99 2.98
C GLU C 170 -16.16 10.96 2.57
N ASP C 171 -16.31 9.92 3.37
CA ASP C 171 -17.26 8.86 3.06
C ASP C 171 -18.69 9.31 3.33
N LEU C 172 -19.62 8.83 2.51
CA LEU C 172 -21.02 9.23 2.57
C LEU C 172 -21.89 8.04 2.93
N LEU C 173 -22.68 8.19 3.99
CA LEU C 173 -23.69 7.21 4.38
C LEU C 173 -24.98 7.54 3.64
N ILE C 174 -25.30 6.74 2.62
CA ILE C 174 -26.47 6.96 1.79
C ILE C 174 -27.51 5.92 2.13
N LEU C 175 -28.74 6.36 2.41
CA LEU C 175 -29.86 5.49 2.69
C LEU C 175 -30.92 5.62 1.60
N TRP C 176 -31.64 4.53 1.38
CA TRP C 176 -32.72 4.48 0.40
C TRP C 176 -33.68 3.37 0.84
N GLY C 177 -34.79 3.24 0.12
CA GLY C 177 -35.77 2.28 0.57
C GLY C 177 -36.71 1.81 -0.52
N ILE C 178 -37.41 0.73 -0.20
CA ILE C 178 -38.43 0.14 -1.06
C ILE C 178 -39.74 0.10 -0.28
N HIS C 179 -40.83 0.45 -0.95
CA HIS C 179 -42.16 0.40 -0.35
C HIS C 179 -42.89 -0.85 -0.83
N HIS C 180 -43.19 -1.75 0.11
CA HIS C 180 -43.98 -2.94 -0.19
C HIS C 180 -45.47 -2.57 -0.16
N SER C 181 -46.14 -2.75 -1.30
CA SER C 181 -47.57 -2.44 -1.38
C SER C 181 -48.39 -3.55 -0.71
N ASN C 182 -49.71 -3.41 -0.77
CA ASN C 182 -50.61 -4.40 -0.22
C ASN C 182 -51.50 -5.07 -1.25
N ASN C 183 -51.85 -4.39 -2.33
CA ASN C 183 -52.65 -4.98 -3.39
C ASN C 183 -52.21 -4.39 -4.72
N ALA C 184 -52.73 -4.97 -5.80
CA ALA C 184 -52.42 -4.44 -7.13
C ALA C 184 -53.07 -3.09 -7.35
N GLU C 185 -54.20 -2.81 -6.70
CA GLU C 185 -54.84 -1.51 -6.84
C GLU C 185 -54.01 -0.42 -6.16
N GLU C 186 -53.50 -0.69 -4.96
CA GLU C 186 -52.62 0.27 -4.29
C GLU C 186 -51.38 0.54 -5.11
N GLN C 187 -50.88 -0.49 -5.81
CA GLN C 187 -49.69 -0.33 -6.62
C GLN C 187 -49.94 0.65 -7.76
N THR C 188 -50.94 0.36 -8.61
CA THR C 188 -51.21 1.22 -9.76
C THR C 188 -51.64 2.62 -9.33
N ASN C 189 -52.35 2.73 -8.20
CA ASN C 189 -52.78 4.05 -7.72
C ASN C 189 -51.60 4.91 -7.30
N LEU C 190 -50.52 4.29 -6.86
CA LEU C 190 -49.31 5.00 -6.44
C LEU C 190 -48.23 5.03 -7.52
N TYR C 191 -47.99 3.90 -8.18
CA TYR C 191 -47.03 3.79 -9.27
C TYR C 191 -47.70 3.00 -10.37
N LYS C 192 -48.05 3.67 -11.48
CA LYS C 192 -48.82 3.04 -12.55
C LYS C 192 -48.27 1.67 -12.93
N ASN C 193 -46.96 1.49 -12.84
CA ASN C 193 -46.34 0.24 -13.25
C ASN C 193 -46.71 -0.89 -12.29
N PRO C 194 -47.17 -2.04 -12.80
CA PRO C 194 -47.56 -3.14 -11.90
C PRO C 194 -46.37 -3.93 -11.37
N THR C 195 -45.44 -4.29 -12.26
CA THR C 195 -44.22 -5.01 -11.89
C THR C 195 -43.09 -4.00 -11.78
N THR C 196 -42.42 -3.98 -10.64
CA THR C 196 -41.45 -2.94 -10.32
C THR C 196 -40.16 -3.53 -9.79
N TYR C 197 -39.15 -2.66 -9.66
CA TYR C 197 -37.81 -3.06 -9.26
C TYR C 197 -37.02 -1.82 -8.88
N ILE C 198 -36.02 -2.01 -8.03
CA ILE C 198 -35.03 -0.99 -7.70
C ILE C 198 -33.65 -1.61 -7.85
N SER C 199 -32.87 -1.11 -8.81
CA SER C 199 -31.49 -1.54 -8.99
C SER C 199 -30.56 -0.49 -8.40
N VAL C 200 -29.67 -0.92 -7.52
CA VAL C 200 -28.72 -0.03 -6.86
C VAL C 200 -27.32 -0.60 -7.07
N GLY C 201 -26.43 0.21 -7.64
CA GLY C 201 -25.09 -0.26 -7.94
C GLY C 201 -23.99 0.76 -7.74
N THR C 202 -23.02 0.41 -6.90
CA THR C 202 -21.78 1.18 -6.79
C THR C 202 -20.60 0.31 -7.23
N SER C 203 -19.38 0.68 -6.82
CA SER C 203 -18.23 -0.15 -7.13
C SER C 203 -18.28 -1.46 -6.35
N THR C 204 -18.79 -1.42 -5.12
CA THR C 204 -18.88 -2.59 -4.26
C THR C 204 -20.28 -3.18 -4.18
N LEU C 205 -21.30 -2.44 -4.60
CA LEU C 205 -22.69 -2.79 -4.35
C LEU C 205 -23.40 -3.18 -5.64
N ASN C 206 -24.09 -4.32 -5.59
CA ASN C 206 -24.98 -4.77 -6.66
C ASN C 206 -26.27 -5.22 -6.00
N GLN C 207 -27.34 -4.45 -6.18
CA GLN C 207 -28.59 -4.70 -5.45
C GLN C 207 -29.77 -4.74 -6.40
N ARG C 208 -30.65 -5.70 -6.18
CA ARG C 208 -31.93 -5.80 -6.90
C ARG C 208 -33.03 -5.98 -5.87
N LEU C 209 -33.90 -4.98 -5.74
CA LEU C 209 -35.03 -5.04 -4.82
C LEU C 209 -36.33 -5.09 -5.61
N VAL C 210 -37.13 -6.12 -5.36
CA VAL C 210 -38.45 -6.23 -5.96
C VAL C 210 -39.49 -6.25 -4.84
N PRO C 211 -40.59 -5.50 -4.98
CA PRO C 211 -41.55 -5.40 -3.88
C PRO C 211 -42.26 -6.71 -3.59
N LYS C 212 -42.53 -6.94 -2.31
CA LYS C 212 -43.35 -8.05 -1.85
C LYS C 212 -44.76 -7.52 -1.58
N ILE C 213 -45.64 -7.68 -2.56
CA ILE C 213 -47.02 -7.22 -2.42
C ILE C 213 -47.84 -8.37 -1.85
N ALA C 214 -48.26 -8.24 -0.59
CA ALA C 214 -49.03 -9.29 0.07
C ALA C 214 -49.72 -8.70 1.29
N THR C 215 -50.74 -9.41 1.75
CA THR C 215 -51.47 -8.98 2.93
C THR C 215 -50.62 -9.18 4.18
N ARG C 216 -50.66 -8.21 5.07
CA ARG C 216 -49.90 -8.23 6.31
C ARG C 216 -50.74 -7.62 7.41
N SER C 217 -50.42 -7.98 8.65
CA SER C 217 -51.06 -7.32 9.78
C SER C 217 -50.58 -5.88 9.90
N GLN C 218 -51.42 -5.03 10.48
CA GLN C 218 -51.12 -3.61 10.54
C GLN C 218 -50.31 -3.26 11.79
N VAL C 219 -49.48 -2.24 11.65
CA VAL C 219 -48.80 -1.61 12.79
C VAL C 219 -48.57 -0.15 12.42
N ASN C 220 -48.84 0.74 13.38
CA ASN C 220 -48.91 2.18 13.13
C ASN C 220 -49.92 2.49 12.01
N GLY C 221 -51.01 1.71 11.97
CA GLY C 221 -52.12 1.99 11.09
C GLY C 221 -51.96 1.51 9.66
N GLN C 222 -50.75 1.27 9.20
CA GLN C 222 -50.49 0.87 7.82
C GLN C 222 -50.13 -0.61 7.76
N ARG C 223 -50.64 -1.29 6.74
CA ARG C 223 -50.31 -2.69 6.50
C ARG C 223 -49.14 -2.86 5.53
N GLY C 224 -48.74 -1.80 4.84
CA GLY C 224 -47.55 -1.85 4.00
C GLY C 224 -46.28 -1.79 4.83
N ARG C 225 -45.15 -1.90 4.13
CA ARG C 225 -43.85 -1.88 4.78
C ARG C 225 -42.88 -1.04 3.95
N MET C 226 -41.90 -0.45 4.64
CA MET C 226 -40.80 0.27 4.00
C MET C 226 -39.48 -0.29 4.53
N ASP C 227 -38.84 -1.14 3.73
CA ASP C 227 -37.55 -1.69 4.08
C ASP C 227 -36.45 -0.79 3.52
N PHE C 228 -35.59 -0.29 4.41
CA PHE C 228 -34.54 0.65 4.03
C PHE C 228 -33.19 -0.04 3.98
N PHE C 229 -32.29 0.53 3.18
CA PHE C 229 -30.94 -0.01 3.00
C PHE C 229 -29.94 1.14 2.99
N TRP C 230 -28.70 0.83 3.35
CA TRP C 230 -27.65 1.84 3.42
C TRP C 230 -26.37 1.31 2.79
N THR C 231 -25.48 2.23 2.44
CA THR C 231 -24.15 1.91 1.98
C THR C 231 -23.23 3.09 2.26
N ILE C 232 -21.94 2.81 2.37
CA ILE C 232 -20.92 3.84 2.54
C ILE C 232 -20.24 4.04 1.20
N LEU C 233 -20.40 5.23 0.63
CA LEU C 233 -19.84 5.55 -0.68
C LEU C 233 -18.44 6.13 -0.51
N LYS C 234 -17.44 5.46 -1.08
CA LYS C 234 -16.07 5.88 -0.93
C LYS C 234 -15.83 7.20 -1.68
N PRO C 235 -14.81 7.97 -1.28
CA PRO C 235 -14.77 9.40 -1.66
C PRO C 235 -14.67 9.72 -3.14
N ASP C 236 -14.52 8.74 -4.03
CA ASP C 236 -14.53 9.07 -5.45
C ASP C 236 -15.36 8.08 -6.25
N ASP C 237 -16.33 7.45 -5.60
CA ASP C 237 -17.22 6.48 -6.20
C ASP C 237 -18.52 7.15 -6.58
N ALA C 238 -19.37 6.42 -7.30
CA ALA C 238 -20.72 6.90 -7.58
C ALA C 238 -21.72 5.81 -7.24
N ILE C 239 -22.91 6.23 -6.84
CA ILE C 239 -24.03 5.33 -6.62
C ILE C 239 -25.02 5.57 -7.75
N HIS C 240 -25.49 4.48 -8.36
CA HIS C 240 -26.38 4.54 -9.53
C HIS C 240 -27.70 3.88 -9.19
N PHE C 241 -28.79 4.65 -9.23
CA PHE C 241 -30.12 4.14 -8.93
C PHE C 241 -30.92 3.93 -10.22
N GLU C 242 -31.85 3.00 -10.15
CA GLU C 242 -32.77 2.73 -11.26
C GLU C 242 -34.02 2.09 -10.68
N SER C 243 -35.18 2.65 -11.02
CA SER C 243 -36.44 2.07 -10.52
C SER C 243 -37.58 2.50 -11.43
N ASN C 244 -38.61 1.65 -11.48
CA ASN C 244 -39.87 1.95 -12.12
C ASN C 244 -41.01 2.04 -11.10
N GLY C 245 -40.68 2.21 -9.83
CA GLY C 245 -41.70 2.34 -8.80
C GLY C 245 -41.17 1.86 -7.47
N ASN C 246 -41.95 2.16 -6.42
CA ASN C 246 -41.69 1.70 -5.05
C ASN C 246 -40.32 2.15 -4.55
N PHE C 247 -39.83 3.27 -5.03
CA PHE C 247 -38.49 3.74 -4.72
C PHE C 247 -38.57 4.87 -3.70
N ILE C 248 -38.06 4.63 -2.50
CA ILE C 248 -37.88 5.66 -1.49
C ILE C 248 -36.44 6.15 -1.63
N ALA C 249 -36.26 7.26 -2.33
CA ALA C 249 -35.02 7.78 -2.90
C ALA C 249 -34.27 8.65 -1.91
N PRO C 250 -32.94 8.56 -1.89
CA PRO C 250 -32.15 9.44 -1.04
C PRO C 250 -32.28 10.89 -1.49
N GLU C 251 -32.52 11.77 -0.52
CA GLU C 251 -32.40 13.20 -0.69
C GLU C 251 -31.17 13.74 0.01
N TYR C 252 -31.03 13.44 1.30
CA TYR C 252 -29.93 13.87 2.12
C TYR C 252 -29.04 12.67 2.40
N ALA C 253 -27.76 12.95 2.66
CA ALA C 253 -26.81 11.93 3.03
C ALA C 253 -25.92 12.49 4.13
N TYR C 254 -25.03 11.66 4.66
CA TYR C 254 -24.18 12.03 5.78
C TYR C 254 -22.72 11.75 5.46
N LYS C 255 -21.87 12.75 5.69
CA LYS C 255 -20.43 12.56 5.60
C LYS C 255 -19.94 11.88 6.87
N ILE C 256 -19.33 10.70 6.74
CA ILE C 256 -18.81 9.97 7.89
C ILE C 256 -17.28 10.00 7.84
N VAL C 257 -16.68 10.25 9.00
CA VAL C 257 -15.26 10.05 9.22
C VAL C 257 -15.15 9.24 10.51
N LYS C 258 -14.98 7.92 10.39
CA LYS C 258 -14.88 7.04 11.54
C LYS C 258 -13.42 6.72 11.79
N LYS C 259 -12.92 7.07 12.99
CA LYS C 259 -11.57 6.76 13.40
C LYS C 259 -11.55 5.91 14.66
N GLY C 260 -12.67 5.36 15.07
CA GLY C 260 -12.74 4.54 16.27
C GLY C 260 -14.14 3.99 16.41
N ASP C 261 -14.35 3.20 17.47
CA ASP C 261 -15.63 2.58 17.70
C ASP C 261 -15.97 2.55 19.18
N SER C 262 -17.27 2.59 19.46
CA SER C 262 -17.80 2.46 20.81
C SER C 262 -19.07 1.62 20.70
N THR C 263 -20.01 1.79 21.62
CA THR C 263 -21.28 1.08 21.54
C THR C 263 -22.42 2.03 21.91
N ILE C 264 -23.63 1.51 21.79
CA ILE C 264 -24.84 2.24 22.14
C ILE C 264 -25.14 1.96 23.60
N MET C 265 -25.21 3.01 24.40
CA MET C 265 -25.57 2.88 25.80
C MET C 265 -27.07 3.05 25.96
N LYS C 266 -27.71 2.08 26.60
CA LYS C 266 -29.13 2.17 26.92
C LYS C 266 -29.27 2.73 28.33
N SER C 267 -29.77 3.96 28.44
CA SER C 267 -29.85 4.64 29.72
C SER C 267 -30.78 5.85 29.59
N GLY C 268 -31.47 6.16 30.68
CA GLY C 268 -32.19 7.40 30.83
C GLY C 268 -31.57 8.38 31.79
N VAL C 269 -30.32 8.12 32.24
CA VAL C 269 -29.68 8.98 33.22
C VAL C 269 -29.36 10.33 32.58
N GLU C 270 -29.60 11.40 33.33
CA GLU C 270 -29.44 12.76 32.83
C GLU C 270 -28.01 13.02 32.37
N TYR C 271 -27.87 14.00 31.47
CA TYR C 271 -26.56 14.47 31.05
C TYR C 271 -26.02 15.46 32.07
N GLY C 272 -25.01 15.05 32.81
CA GLY C 272 -24.23 15.98 33.61
C GLY C 272 -23.08 16.52 32.78
N HIS C 273 -22.82 17.81 32.92
CA HIS C 273 -21.77 18.47 32.14
C HIS C 273 -20.44 18.20 32.83
N CYS C 274 -19.87 17.02 32.52
CA CYS C 274 -18.66 16.55 33.16
C CYS C 274 -17.84 15.77 32.13
N ASN C 275 -16.66 15.35 32.55
CA ASN C 275 -15.79 14.49 31.75
C ASN C 275 -15.38 13.28 32.57
N THR C 276 -15.33 12.12 31.91
CA THR C 276 -14.95 10.89 32.59
C THR C 276 -14.21 9.99 31.62
N LYS C 277 -13.44 9.07 32.17
CA LYS C 277 -12.78 8.03 31.39
C LYS C 277 -13.55 6.72 31.40
N CYS C 278 -14.48 6.56 32.34
CA CYS C 278 -15.29 5.35 32.47
C CYS C 278 -16.73 5.76 32.71
N GLN C 279 -17.65 5.20 31.94
CA GLN C 279 -19.06 5.54 32.03
C GLN C 279 -19.90 4.29 32.08
N THR C 280 -20.90 4.29 32.97
CA THR C 280 -21.86 3.20 33.09
C THR C 280 -23.24 3.72 32.72
N PRO C 281 -24.23 2.85 32.49
CA PRO C 281 -25.59 3.35 32.26
C PRO C 281 -26.18 4.09 33.45
N VAL C 282 -25.65 3.87 34.65
CA VAL C 282 -26.19 4.51 35.85
C VAL C 282 -25.33 5.69 36.31
N GLY C 283 -24.10 5.81 35.84
CA GLY C 283 -23.25 6.90 36.27
C GLY C 283 -21.86 6.78 35.69
N ALA C 284 -20.98 7.66 36.17
CA ALA C 284 -19.60 7.74 35.69
C ALA C 284 -18.64 7.45 36.83
N ILE C 285 -17.55 6.74 36.51
CA ILE C 285 -16.53 6.36 37.48
C ILE C 285 -15.25 7.10 37.12
N ASN C 286 -14.61 7.72 38.12
CA ASN C 286 -13.29 8.32 37.95
C ASN C 286 -12.27 7.69 38.88
N SER C 287 -12.53 6.47 39.34
CA SER C 287 -11.65 5.80 40.29
C SER C 287 -10.39 5.29 39.59
N SER C 288 -9.32 5.18 40.37
CA SER C 288 -8.10 4.50 39.94
C SER C 288 -8.03 3.07 40.46
N MET C 289 -9.07 2.60 41.13
CA MET C 289 -9.05 1.30 41.76
C MET C 289 -9.08 0.18 40.72
N PRO C 290 -8.54 -1.00 41.04
CA PRO C 290 -8.53 -2.08 40.05
C PRO C 290 -9.89 -2.66 39.76
N PHE C 291 -10.78 -2.73 40.76
CA PHE C 291 -12.03 -3.45 40.62
C PHE C 291 -13.22 -2.55 40.98
N HIS C 292 -14.41 -2.98 40.55
CA HIS C 292 -15.62 -2.18 40.71
C HIS C 292 -16.83 -3.10 40.60
N ASN C 293 -17.96 -2.64 41.16
CA ASN C 293 -19.19 -3.43 41.18
C ASN C 293 -20.41 -2.63 40.72
N ILE C 294 -20.20 -1.53 40.00
CA ILE C 294 -21.30 -0.63 39.69
C ILE C 294 -22.21 -1.21 38.61
N HIS C 295 -21.67 -1.42 37.42
CA HIS C 295 -22.49 -1.88 36.31
C HIS C 295 -21.66 -2.75 35.40
N PRO C 296 -22.26 -3.78 34.80
CA PRO C 296 -21.52 -4.57 33.79
C PRO C 296 -21.24 -3.79 32.52
N LEU C 297 -22.20 -3.02 32.04
CA LEU C 297 -22.14 -2.43 30.71
C LEU C 297 -21.37 -1.10 30.72
N THR C 298 -20.11 -1.19 31.14
CA THR C 298 -19.24 -0.02 31.14
C THR C 298 -18.74 0.28 29.74
N ILE C 299 -18.33 1.53 29.54
CA ILE C 299 -17.72 1.97 28.29
C ILE C 299 -16.57 2.90 28.67
N GLY C 300 -15.34 2.48 28.38
CA GLY C 300 -14.17 3.30 28.61
C GLY C 300 -13.08 2.50 29.29
N GLU C 301 -12.05 3.22 29.73
CA GLU C 301 -10.96 2.65 30.53
C GLU C 301 -11.46 2.43 31.94
N CYS C 302 -12.06 1.27 32.17
CA CYS C 302 -12.81 1.01 33.38
C CYS C 302 -12.12 -0.04 34.25
N PRO C 303 -12.36 0.00 35.57
CA PRO C 303 -11.91 -1.09 36.42
C PRO C 303 -12.56 -2.41 36.01
N LYS C 304 -12.04 -3.49 36.57
CA LYS C 304 -12.58 -4.81 36.27
C LYS C 304 -13.81 -5.09 37.13
N TYR C 305 -14.84 -5.64 36.51
CA TYR C 305 -16.11 -5.87 37.19
C TYR C 305 -16.05 -7.16 37.99
N VAL C 306 -16.37 -7.07 39.28
CA VAL C 306 -16.36 -8.21 40.19
C VAL C 306 -17.71 -8.27 40.88
N LYS C 307 -18.03 -9.44 41.45
CA LYS C 307 -19.28 -9.65 42.14
C LYS C 307 -19.21 -9.32 43.63
N SER C 308 -18.05 -8.92 44.13
CA SER C 308 -17.91 -8.62 45.54
C SER C 308 -18.64 -7.33 45.90
N ASN C 309 -19.16 -7.29 47.12
CA ASN C 309 -19.68 -6.06 47.71
C ASN C 309 -18.61 -5.30 48.46
N LYS C 310 -17.47 -5.93 48.75
CA LYS C 310 -16.39 -5.31 49.51
C LYS C 310 -15.10 -6.06 49.22
N LEU C 311 -14.00 -5.32 49.15
CA LEU C 311 -12.66 -5.89 48.95
C LEU C 311 -11.69 -5.06 49.79
N VAL C 312 -11.49 -5.48 51.03
CA VAL C 312 -10.76 -4.69 52.03
C VAL C 312 -9.37 -5.27 52.23
N LEU C 313 -8.36 -4.48 51.88
CA LEU C 313 -6.96 -4.86 52.09
C LEU C 313 -6.49 -4.35 53.45
N ALA C 314 -5.72 -5.18 54.15
CA ALA C 314 -5.19 -4.82 55.46
C ALA C 314 -3.95 -3.94 55.31
N THR C 315 -4.07 -2.67 55.73
CA THR C 315 -2.95 -1.74 55.74
C THR C 315 -2.51 -1.39 57.17
N GLY C 316 -2.83 -2.26 58.12
CA GLY C 316 -2.60 -1.98 59.53
C GLY C 316 -2.24 -3.23 60.32
N LEU C 317 -2.29 -3.16 61.65
CA LEU C 317 -1.65 -4.20 62.44
C LEU C 317 -2.37 -4.60 63.72
N ARG C 318 -3.63 -4.17 63.92
CA ARG C 318 -4.24 -4.33 65.24
C ARG C 318 -4.21 -5.77 65.72
N ASN C 319 -4.54 -6.72 64.86
CA ASN C 319 -4.60 -8.10 65.33
C ASN C 319 -3.69 -9.01 64.50
N SER C 320 -3.76 -10.31 64.76
CA SER C 320 -3.01 -11.37 64.07
C SER C 320 -1.54 -11.02 63.83
N GLY C 337 1.17 -13.52 69.24
CA GLY C 337 2.43 -14.13 69.65
C GLY C 337 2.71 -13.99 71.12
N PHE C 338 3.99 -14.17 71.51
CA PHE C 338 4.35 -13.96 72.90
C PHE C 338 4.32 -12.47 73.26
N ILE C 339 4.42 -11.59 72.28
CA ILE C 339 4.04 -10.19 72.43
C ILE C 339 2.62 -10.08 71.88
N GLU C 340 1.64 -10.22 72.77
CA GLU C 340 0.24 -10.25 72.38
C GLU C 340 -0.51 -8.96 72.71
N GLY C 341 0.16 -7.97 73.31
CA GLY C 341 -0.50 -6.76 73.75
C GLY C 341 -0.25 -5.62 72.79
N GLY C 342 -1.33 -4.92 72.42
CA GLY C 342 -1.27 -3.72 71.61
C GLY C 342 -1.54 -2.50 72.47
N TRP C 343 -0.63 -1.53 72.39
CA TRP C 343 -0.70 -0.34 73.22
C TRP C 343 -1.57 0.71 72.52
N GLN C 344 -2.76 0.94 73.07
CA GLN C 344 -3.56 2.08 72.61
C GLN C 344 -2.90 3.41 73.02
N GLY C 345 -2.02 3.38 74.02
CA GLY C 345 -1.34 4.60 74.42
C GLY C 345 -0.38 5.13 73.37
N MET C 346 0.32 4.23 72.69
CA MET C 346 1.23 4.65 71.63
C MET C 346 0.45 5.30 70.50
N VAL C 347 0.85 6.52 70.12
CA VAL C 347 0.07 7.31 69.17
C VAL C 347 0.96 7.92 68.11
N ASP C 348 2.19 7.44 67.98
CA ASP C 348 3.13 8.03 67.03
C ASP C 348 3.77 7.05 66.07
N GLY C 349 3.65 5.74 66.29
CA GLY C 349 4.29 4.79 65.39
C GLY C 349 3.67 3.42 65.50
N TRP C 350 3.93 2.61 64.47
CA TRP C 350 3.35 1.28 64.40
C TRP C 350 4.00 0.34 65.44
N TYR C 351 5.32 0.33 65.50
CA TYR C 351 6.05 -0.41 66.53
C TYR C 351 6.84 0.57 67.37
N GLY C 352 7.06 0.22 68.64
CA GLY C 352 7.77 1.13 69.50
C GLY C 352 8.19 0.50 70.82
N TYR C 353 8.72 1.36 71.68
CA TYR C 353 9.22 0.97 73.00
C TYR C 353 8.36 1.58 74.09
N HIS C 354 8.35 0.94 75.26
CA HIS C 354 7.72 1.47 76.46
C HIS C 354 8.69 1.29 77.62
N HIS C 355 9.08 2.39 78.24
CA HIS C 355 10.05 2.39 79.33
C HIS C 355 9.34 2.61 80.65
N SER C 356 9.69 1.80 81.64
CA SER C 356 9.16 1.91 83.00
C SER C 356 10.33 1.92 83.96
N ASN C 357 10.65 3.09 84.52
CA ASN C 357 11.75 3.23 85.45
C ASN C 357 11.31 4.14 86.60
N GLU C 358 12.14 4.19 87.65
CA GLU C 358 11.83 5.02 88.81
C GLU C 358 11.72 6.49 88.43
N GLN C 359 12.32 6.91 87.32
CA GLN C 359 12.19 8.29 86.86
C GLN C 359 10.79 8.57 86.33
N GLY C 360 10.15 7.57 85.73
CA GLY C 360 8.79 7.74 85.23
C GLY C 360 8.43 6.66 84.23
N SER C 361 7.41 6.95 83.43
CA SER C 361 6.94 6.06 82.38
C SER C 361 6.75 6.87 81.09
N GLY C 362 6.84 6.18 79.97
CA GLY C 362 6.71 6.86 78.69
C GLY C 362 6.59 5.89 77.54
N TYR C 363 6.04 6.40 76.43
CA TYR C 363 5.90 5.65 75.20
C TYR C 363 6.72 6.35 74.12
N ALA C 364 7.50 5.57 73.36
CA ALA C 364 8.30 6.11 72.29
C ALA C 364 8.37 5.08 71.16
N ALA C 365 8.02 5.50 69.95
CA ALA C 365 7.96 4.60 68.82
C ALA C 365 9.30 4.52 68.10
N ASP C 366 9.56 3.36 67.51
CA ASP C 366 10.75 3.16 66.69
C ASP C 366 10.43 3.68 65.29
N LYS C 367 10.92 4.89 64.99
CA LYS C 367 10.58 5.53 63.72
C LYS C 367 11.13 4.75 62.54
N GLU C 368 12.33 4.17 62.67
CA GLU C 368 12.93 3.42 61.58
C GLU C 368 12.06 2.21 61.22
N SER C 369 11.73 1.39 62.21
CA SER C 369 10.90 0.22 61.94
C SER C 369 9.50 0.62 61.47
N THR C 370 8.98 1.72 62.01
CA THR C 370 7.64 2.16 61.64
C THR C 370 7.59 2.63 60.19
N GLN C 371 8.55 3.47 59.79
CA GLN C 371 8.52 4.00 58.43
C GLN C 371 8.82 2.91 57.39
N LYS C 372 9.73 1.98 57.71
CA LYS C 372 9.99 0.87 56.81
C LYS C 372 8.71 0.09 56.54
N ALA C 373 7.90 -0.13 57.57
CA ALA C 373 6.64 -0.87 57.39
C ALA C 373 5.63 -0.05 56.60
N ILE C 374 5.54 1.25 56.90
CA ILE C 374 4.54 2.09 56.24
C ILE C 374 4.79 2.14 54.74
N ASP C 375 6.05 2.39 54.35
CA ASP C 375 6.37 2.49 52.93
C ASP C 375 6.21 1.16 52.21
N GLY C 376 6.48 0.05 52.90
CA GLY C 376 6.27 -1.26 52.30
C GLY C 376 4.81 -1.62 52.16
N VAL C 377 4.02 -1.32 53.20
CA VAL C 377 2.59 -1.57 53.13
C VAL C 377 1.95 -0.70 52.06
N THR C 378 2.39 0.55 51.94
CA THR C 378 1.86 1.43 50.90
C THR C 378 2.25 0.94 49.51
N ASN C 379 3.41 0.30 49.38
CA ASN C 379 3.80 -0.25 48.09
C ASN C 379 2.98 -1.47 47.72
N LYS C 380 2.67 -2.32 48.71
CA LYS C 380 1.83 -3.49 48.43
C LYS C 380 0.47 -3.07 47.91
N VAL C 381 -0.14 -2.06 48.52
CA VAL C 381 -1.42 -1.55 48.03
C VAL C 381 -1.25 -0.89 46.67
N ASN C 382 -0.19 -0.09 46.50
CA ASN C 382 0.03 0.59 45.22
C ASN C 382 0.40 -0.40 44.12
N SER C 383 1.06 -1.50 44.46
CA SER C 383 1.35 -2.52 43.45
C SER C 383 0.07 -3.13 42.91
N ILE C 384 -0.84 -3.54 43.80
CA ILE C 384 -2.10 -4.12 43.38
C ILE C 384 -2.91 -3.13 42.55
N ILE C 385 -2.92 -1.86 42.96
CA ILE C 385 -3.78 -0.88 42.31
C ILE C 385 -3.20 -0.45 40.97
N ASP C 386 -1.90 -0.20 40.90
CA ASP C 386 -1.29 0.40 39.72
C ASP C 386 -0.86 -0.60 38.67
N LYS C 387 -0.78 -1.90 39.01
CA LYS C 387 -0.38 -2.92 38.05
C LYS C 387 -1.53 -3.37 37.15
N MET C 388 -2.72 -2.80 37.31
CA MET C 388 -3.88 -3.29 36.56
C MET C 388 -3.76 -2.97 35.08
N ASN C 389 -3.47 -1.71 34.75
CA ASN C 389 -3.26 -1.27 33.36
C ASN C 389 -4.42 -1.72 32.46
N THR C 390 -5.60 -1.17 32.76
CA THR C 390 -6.79 -1.51 31.97
C THR C 390 -6.69 -0.93 30.56
N GLN C 391 -7.28 -1.66 29.62
CA GLN C 391 -7.43 -1.20 28.25
C GLN C 391 -8.80 -0.55 28.09
N PHE C 392 -8.97 0.18 26.99
CA PHE C 392 -10.26 0.77 26.66
C PHE C 392 -11.08 -0.22 25.84
N GLU C 393 -12.35 -0.37 26.20
CA GLU C 393 -13.30 -1.11 25.37
C GLU C 393 -14.71 -0.86 25.90
N ALA C 394 -15.69 -1.20 25.07
CA ALA C 394 -17.11 -0.97 25.36
C ALA C 394 -17.84 -2.30 25.47
N VAL C 395 -18.81 -2.37 26.37
CA VAL C 395 -19.41 -3.65 26.74
C VAL C 395 -20.91 -3.59 26.44
N GLY C 396 -21.29 -2.83 25.42
CA GLY C 396 -22.68 -2.79 25.03
C GLY C 396 -23.18 -4.11 24.46
N ARG C 397 -24.50 -4.28 24.49
CA ARG C 397 -25.17 -5.50 24.00
C ARG C 397 -25.85 -5.16 22.68
N GLU C 398 -25.35 -5.73 21.58
CA GLU C 398 -25.74 -5.28 20.24
C GLU C 398 -26.07 -6.46 19.33
N PHE C 399 -26.96 -7.35 19.75
CA PHE C 399 -27.29 -8.51 18.94
C PHE C 399 -28.80 -8.73 18.94
N ASN C 400 -29.34 -9.09 17.77
CA ASN C 400 -30.78 -9.04 17.54
C ASN C 400 -31.44 -10.34 18.00
N ASN C 401 -32.68 -10.57 17.56
CA ASN C 401 -33.48 -11.68 18.04
C ASN C 401 -33.11 -13.00 17.38
N LEU C 402 -32.54 -12.95 16.17
CA LEU C 402 -32.03 -14.14 15.51
C LEU C 402 -30.51 -14.25 15.62
N GLU C 403 -29.93 -13.61 16.63
CA GLU C 403 -28.50 -13.67 16.91
C GLU C 403 -28.28 -14.02 18.37
N ARG C 404 -29.14 -14.87 18.93
CA ARG C 404 -29.08 -15.16 20.35
C ARG C 404 -27.85 -15.99 20.71
N ARG C 405 -27.39 -16.83 19.79
CA ARG C 405 -26.21 -17.65 20.08
C ARG C 405 -24.98 -16.79 20.28
N ILE C 406 -24.81 -15.77 19.45
CA ILE C 406 -23.72 -14.82 19.65
C ILE C 406 -23.94 -14.06 20.96
N GLU C 407 -25.21 -13.79 21.30
CA GLU C 407 -25.51 -13.08 22.54
C GLU C 407 -25.09 -13.89 23.76
N ASN C 408 -25.30 -15.22 23.73
CA ASN C 408 -24.84 -16.05 24.83
C ASN C 408 -23.31 -16.13 24.85
N LEU C 409 -22.70 -16.22 23.68
CA LEU C 409 -21.25 -16.28 23.63
C LEU C 409 -20.62 -15.04 24.23
N ASN C 410 -21.27 -13.88 24.08
CA ASN C 410 -20.85 -12.69 24.82
C ASN C 410 -21.13 -12.85 26.31
N LYS C 411 -22.27 -13.46 26.65
CA LYS C 411 -22.65 -13.59 28.06
C LYS C 411 -21.70 -14.51 28.80
N LYS C 412 -21.41 -15.69 28.24
CA LYS C 412 -20.49 -16.60 28.89
C LYS C 412 -19.10 -15.98 29.00
N MET C 413 -18.70 -15.20 28.01
CA MET C 413 -17.42 -14.52 28.05
C MET C 413 -17.35 -13.53 29.22
N GLU C 414 -18.28 -12.58 29.24
CA GLU C 414 -18.24 -11.55 30.27
C GLU C 414 -18.62 -12.09 31.65
N ASP C 415 -19.35 -13.21 31.72
CA ASP C 415 -19.55 -13.90 32.99
C ASP C 415 -18.35 -14.76 33.37
N GLY C 416 -17.69 -15.35 32.38
CA GLY C 416 -16.47 -16.11 32.66
C GLY C 416 -15.35 -15.22 33.16
N PHE C 417 -15.31 -13.97 32.70
CA PHE C 417 -14.32 -13.02 33.22
C PHE C 417 -14.71 -12.56 34.63
N LEU C 418 -16.01 -12.40 34.88
CA LEU C 418 -16.50 -12.14 36.22
C LEU C 418 -15.97 -13.17 37.22
N ASP C 419 -16.11 -14.45 36.88
CA ASP C 419 -15.70 -15.50 37.80
C ASP C 419 -14.18 -15.53 37.97
N VAL C 420 -13.43 -15.22 36.90
CA VAL C 420 -11.97 -15.18 37.02
C VAL C 420 -11.56 -14.01 37.90
N TRP C 421 -12.05 -12.81 37.59
CA TRP C 421 -11.61 -11.63 38.34
C TRP C 421 -12.10 -11.69 39.78
N THR C 422 -13.33 -12.13 40.02
CA THR C 422 -13.85 -12.17 41.38
C THR C 422 -13.07 -13.17 42.24
N TYR C 423 -12.87 -14.38 41.73
CA TYR C 423 -12.14 -15.38 42.52
C TYR C 423 -10.71 -14.93 42.79
N ASN C 424 -10.04 -14.36 41.78
CA ASN C 424 -8.65 -13.94 41.97
C ASN C 424 -8.55 -12.67 42.79
N ALA C 425 -9.48 -11.72 42.62
CA ALA C 425 -9.43 -10.51 43.42
C ALA C 425 -9.69 -10.81 44.89
N GLU C 426 -10.58 -11.75 45.18
CA GLU C 426 -10.87 -12.08 46.57
C GLU C 426 -9.68 -12.77 47.23
N LEU C 427 -9.16 -13.82 46.60
CA LEU C 427 -8.06 -14.55 47.21
C LEU C 427 -6.81 -13.70 47.34
N LEU C 428 -6.50 -12.90 46.32
CA LEU C 428 -5.38 -11.97 46.42
C LEU C 428 -5.48 -11.13 47.69
N VAL C 429 -6.68 -10.65 48.02
CA VAL C 429 -6.86 -9.89 49.24
C VAL C 429 -6.62 -10.77 50.46
N LEU C 430 -7.23 -11.96 50.47
CA LEU C 430 -7.05 -12.87 51.60
C LEU C 430 -5.59 -13.27 51.76
N MET C 431 -4.93 -13.63 50.65
CA MET C 431 -3.56 -14.11 50.72
C MET C 431 -2.63 -13.01 51.24
N GLU C 432 -2.73 -11.82 50.67
CA GLU C 432 -1.79 -10.76 51.02
C GLU C 432 -2.13 -10.08 52.34
N ASN C 433 -3.35 -10.25 52.85
CA ASN C 433 -3.64 -9.80 54.21
C ASN C 433 -2.93 -10.65 55.24
N GLU C 434 -2.86 -11.96 55.01
CA GLU C 434 -2.10 -12.83 55.90
C GLU C 434 -0.64 -12.41 55.95
N ARG C 435 -0.02 -12.24 54.79
CA ARG C 435 1.41 -11.86 54.75
C ARG C 435 1.63 -10.52 55.44
N THR C 436 0.70 -9.58 55.26
CA THR C 436 0.83 -8.28 55.90
C THR C 436 0.81 -8.40 57.41
N LEU C 437 -0.15 -9.16 57.94
CA LEU C 437 -0.27 -9.29 59.40
C LEU C 437 0.91 -10.03 60.00
N ASP C 438 1.48 -10.98 59.28
CA ASP C 438 2.69 -11.65 59.74
C ASP C 438 3.94 -10.82 59.50
N PHE C 439 3.90 -9.95 58.48
CA PHE C 439 4.95 -8.95 58.31
C PHE C 439 5.04 -8.05 59.54
N HIS C 440 3.90 -7.66 60.10
CA HIS C 440 3.89 -6.83 61.30
C HIS C 440 4.44 -7.61 62.49
N ASP C 441 4.02 -8.87 62.65
CA ASP C 441 4.50 -9.68 63.77
C ASP C 441 6.02 -9.83 63.71
N SER C 442 6.55 -10.22 62.56
CA SER C 442 7.99 -10.43 62.44
C SER C 442 8.76 -9.13 62.61
N ASN C 443 8.17 -7.99 62.23
CA ASN C 443 8.83 -6.71 62.46
C ASN C 443 8.89 -6.37 63.94
N VAL C 444 7.89 -6.79 64.72
CA VAL C 444 7.94 -6.62 66.17
C VAL C 444 9.05 -7.50 66.76
N LYS C 445 9.11 -8.77 66.33
CA LYS C 445 10.12 -9.69 66.84
C LYS C 445 11.52 -9.16 66.61
N ASN C 446 11.75 -8.51 65.46
CA ASN C 446 13.07 -7.97 65.16
C ASN C 446 13.46 -6.89 66.17
N LEU C 447 12.49 -6.09 66.63
CA LEU C 447 12.77 -5.11 67.66
C LEU C 447 13.12 -5.79 68.98
N TYR C 448 12.39 -6.84 69.34
CA TYR C 448 12.66 -7.55 70.58
C TYR C 448 14.05 -8.19 70.55
N ASP C 449 14.38 -8.88 69.47
CA ASP C 449 15.69 -9.52 69.36
C ASP C 449 16.82 -8.49 69.28
N LYS C 450 16.54 -7.31 68.73
CA LYS C 450 17.52 -6.24 68.75
C LYS C 450 17.82 -5.81 70.18
N VAL C 451 16.79 -5.63 70.99
CA VAL C 451 16.98 -5.20 72.37
C VAL C 451 17.64 -6.32 73.18
N ARG C 452 17.25 -7.57 72.94
CA ARG C 452 17.81 -8.68 73.71
C ARG C 452 19.32 -8.80 73.50
N LEU C 453 19.77 -8.64 72.26
CA LEU C 453 21.20 -8.83 71.97
C LEU C 453 22.07 -7.81 72.69
N GLN C 454 21.56 -6.60 72.90
CA GLN C 454 22.31 -5.60 73.63
C GLN C 454 22.35 -5.92 75.12
N LEU C 455 21.22 -6.34 75.69
CA LEU C 455 21.14 -6.69 77.10
C LEU C 455 21.31 -8.21 77.24
N ARG C 456 22.56 -8.66 77.06
CA ARG C 456 22.84 -10.10 77.00
C ARG C 456 22.39 -10.79 78.28
N ASP C 457 22.89 -10.34 79.42
CA ASP C 457 22.43 -10.82 80.72
C ASP C 457 22.12 -9.70 81.70
N ASN C 458 22.33 -8.44 81.30
CA ASN C 458 22.06 -7.30 82.17
C ASN C 458 20.57 -7.08 82.42
N ALA C 459 19.71 -7.90 81.82
CA ALA C 459 18.28 -7.83 82.06
C ALA C 459 17.68 -9.22 81.90
N LYS C 460 16.49 -9.39 82.47
CA LYS C 460 15.78 -10.67 82.41
C LYS C 460 14.72 -10.61 81.33
N GLU C 461 14.65 -11.66 80.50
CA GLU C 461 13.60 -11.79 79.51
C GLU C 461 12.32 -12.23 80.22
N LEU C 462 11.37 -11.30 80.37
CA LEU C 462 10.17 -11.60 81.13
C LEU C 462 9.25 -12.57 80.40
N GLY C 463 9.24 -12.54 79.07
CA GLY C 463 8.41 -13.42 78.28
C GLY C 463 7.14 -12.78 77.76
N ASN C 464 6.71 -11.66 78.33
CA ASN C 464 5.56 -10.93 77.85
C ASN C 464 5.94 -9.86 76.83
N GLY C 465 7.10 -10.00 76.19
CA GLY C 465 7.62 -8.98 75.31
C GLY C 465 8.37 -7.87 76.00
N CYS C 466 8.68 -8.04 77.28
CA CYS C 466 9.35 -7.02 78.07
C CYS C 466 10.61 -7.59 78.71
N PHE C 467 11.51 -6.70 79.10
CA PHE C 467 12.77 -7.07 79.73
C PHE C 467 12.86 -6.41 81.11
N GLU C 468 13.14 -7.20 82.14
CA GLU C 468 13.34 -6.67 83.49
C GLU C 468 14.81 -6.30 83.67
N PHE C 469 15.08 -5.00 83.75
CA PHE C 469 16.44 -4.51 83.96
C PHE C 469 16.95 -4.95 85.33
N TYR C 470 17.98 -5.80 85.34
CA TYR C 470 18.64 -6.13 86.59
C TYR C 470 19.25 -4.88 87.23
N HIS C 471 20.04 -4.15 86.45
CA HIS C 471 20.53 -2.85 86.89
C HIS C 471 19.40 -1.81 86.83
N LYS C 472 19.70 -0.61 87.34
CA LYS C 472 18.77 0.50 87.25
C LYS C 472 19.10 1.34 86.01
N CYS C 473 18.07 1.59 85.19
CA CYS C 473 18.23 2.34 83.95
C CYS C 473 17.47 3.66 84.06
N ASP C 474 18.20 4.76 83.92
CA ASP C 474 17.58 6.08 83.86
C ASP C 474 17.01 6.31 82.46
N ASN C 475 16.44 7.50 82.24
CA ASN C 475 15.80 7.79 80.97
C ASN C 475 16.79 7.83 79.81
N GLU C 476 18.06 8.12 80.09
CA GLU C 476 19.04 8.27 79.02
C GLU C 476 19.60 6.93 78.54
N CYS C 477 19.74 5.95 79.43
CA CYS C 477 20.10 4.61 78.97
C CYS C 477 18.92 3.88 78.35
N MET C 478 17.69 4.27 78.69
CA MET C 478 16.53 3.83 77.92
C MET C 478 16.65 4.31 76.48
N GLU C 479 17.09 5.56 76.29
CA GLU C 479 17.34 6.06 74.94
C GLU C 479 18.52 5.35 74.30
N SER C 480 19.46 4.83 75.10
CA SER C 480 20.54 4.03 74.55
C SER C 480 20.00 2.72 73.96
N VAL C 481 18.98 2.15 74.59
CA VAL C 481 18.35 0.95 74.04
C VAL C 481 17.65 1.26 72.72
N ARG C 482 17.02 2.43 72.62
CA ARG C 482 16.35 2.82 71.39
C ARG C 482 17.35 3.12 70.29
N ASN C 483 18.47 3.75 70.63
CA ASN C 483 19.49 4.13 69.66
C ASN C 483 20.50 3.03 69.38
N GLY C 484 20.37 1.88 70.05
CA GLY C 484 21.37 0.84 69.91
C GLY C 484 22.72 1.19 70.50
N THR C 485 22.75 2.11 71.47
CA THR C 485 23.98 2.61 72.05
C THR C 485 24.12 2.19 73.52
N TYR C 486 23.51 1.08 73.90
CA TYR C 486 23.61 0.59 75.26
C TYR C 486 25.01 0.06 75.53
N ASP C 487 25.59 0.48 76.65
CA ASP C 487 26.95 0.07 77.03
C ASP C 487 26.84 -1.08 78.03
N TYR C 488 27.15 -2.29 77.58
CA TYR C 488 27.10 -3.45 78.47
C TYR C 488 28.10 -3.37 79.62
N PRO C 489 29.35 -2.92 79.44
CA PRO C 489 30.27 -2.86 80.59
C PRO C 489 29.80 -1.96 81.73
N GLN C 490 29.12 -0.85 81.43
CA GLN C 490 28.82 0.13 82.46
C GLN C 490 27.93 -0.44 83.55
N TYR C 491 26.89 -1.18 83.17
CA TYR C 491 25.95 -1.75 84.12
C TYR C 491 26.18 -3.24 84.36
N SER C 492 27.26 -3.80 83.83
CA SER C 492 27.48 -5.24 83.92
C SER C 492 27.70 -5.68 85.37
N GLU C 493 28.56 -4.96 86.09
CA GLU C 493 28.84 -5.34 87.48
C GLU C 493 27.63 -5.10 88.37
N GLU C 494 26.97 -3.95 88.21
CA GLU C 494 25.79 -3.65 89.00
C GLU C 494 24.71 -4.70 88.81
N ALA C 495 24.49 -5.13 87.56
CA ALA C 495 23.47 -6.13 87.29
C ALA C 495 23.88 -7.51 87.79
N ARG C 496 25.18 -7.83 87.68
CA ARG C 496 25.67 -9.10 88.19
C ARG C 496 25.44 -9.21 89.69
N LEU C 497 25.57 -8.09 90.42
CA LEU C 497 25.29 -8.09 91.85
C LEU C 497 23.80 -8.19 92.12
N LYS C 498 22.95 -7.71 91.21
CA LYS C 498 21.51 -7.82 91.40
C LYS C 498 21.07 -9.27 91.43
N ARG C 499 21.64 -10.10 90.55
CA ARG C 499 21.46 -11.54 90.66
C ARG C 499 22.19 -12.03 91.91
N GLU C 500 21.45 -12.62 92.84
CA GLU C 500 21.95 -12.95 94.18
C GLU C 500 22.42 -11.66 94.82
N ASP D 1 13.35 -2.50 -90.69
CA ASP D 1 13.08 -1.17 -90.16
C ASP D 1 12.41 -1.26 -88.80
N GLN D 2 12.97 -0.59 -87.79
CA GLN D 2 12.36 -0.60 -86.48
C GLN D 2 12.71 0.66 -85.71
N ILE D 3 11.85 0.98 -84.73
CA ILE D 3 12.05 2.09 -83.80
C ILE D 3 11.92 1.53 -82.39
N CYS D 4 12.63 2.15 -81.44
CA CYS D 4 12.72 1.62 -80.08
C CYS D 4 12.68 2.76 -79.09
N ILE D 5 12.22 2.44 -77.87
CA ILE D 5 12.21 3.37 -76.74
C ILE D 5 13.18 2.84 -75.70
N GLY D 6 14.02 3.73 -75.16
CA GLY D 6 15.02 3.33 -74.19
C GLY D 6 15.39 4.48 -73.27
N TYR D 7 16.25 4.17 -72.30
CA TYR D 7 16.66 5.11 -71.28
C TYR D 7 18.18 5.18 -71.23
N HIS D 8 18.67 6.28 -70.63
CA HIS D 8 20.09 6.59 -70.63
C HIS D 8 20.86 5.69 -69.66
N ALA D 9 22.12 5.44 -70.00
CA ALA D 9 23.04 4.71 -69.13
C ALA D 9 24.42 5.36 -69.21
N ASN D 10 25.22 5.15 -68.18
CA ASN D 10 26.53 5.79 -68.08
C ASN D 10 27.48 4.84 -67.36
N ASN D 11 28.64 5.37 -66.94
CA ASN D 11 29.65 4.59 -66.24
C ASN D 11 29.50 4.68 -64.72
N SER D 12 28.33 5.09 -64.23
CA SER D 12 28.17 5.36 -62.81
C SER D 12 28.23 4.08 -62.00
N THR D 13 29.02 4.09 -60.93
CA THR D 13 29.05 3.02 -59.96
C THR D 13 28.20 3.35 -58.74
N GLU D 14 27.55 4.50 -58.73
CA GLU D 14 26.74 4.91 -57.58
C GLU D 14 25.60 3.93 -57.34
N GLN D 15 25.39 3.58 -56.08
CA GLN D 15 24.36 2.62 -55.69
C GLN D 15 23.41 3.26 -54.68
N VAL D 16 22.11 3.14 -54.95
CA VAL D 16 21.08 3.56 -54.03
C VAL D 16 20.28 2.34 -53.59
N ASP D 17 19.62 2.47 -52.45
CA ASP D 17 18.73 1.45 -51.94
C ASP D 17 17.30 1.98 -51.91
N THR D 18 16.34 1.08 -52.09
CA THR D 18 14.92 1.40 -52.04
C THR D 18 14.26 0.55 -50.96
N ILE D 19 12.94 0.71 -50.84
CA ILE D 19 12.21 -0.03 -49.81
C ILE D 19 12.09 -1.50 -50.17
N MET D 20 12.02 -1.82 -51.46
CA MET D 20 11.86 -3.21 -51.91
C MET D 20 13.11 -3.79 -52.54
N GLU D 21 14.15 -2.98 -52.78
CA GLU D 21 15.31 -3.43 -53.52
C GLU D 21 16.56 -2.81 -52.92
N LYS D 22 17.65 -3.57 -52.91
CA LYS D 22 18.91 -3.13 -52.33
C LYS D 22 20.01 -3.15 -53.39
N ASN D 23 20.92 -2.18 -53.30
CA ASN D 23 22.06 -2.03 -54.21
C ASN D 23 21.59 -1.92 -55.66
N VAL D 24 20.89 -0.82 -55.93
CA VAL D 24 20.41 -0.50 -57.27
C VAL D 24 21.34 0.54 -57.86
N THR D 25 22.12 0.14 -58.86
CA THR D 25 23.07 1.05 -59.48
C THR D 25 22.33 2.09 -60.33
N VAL D 26 22.57 3.36 -60.05
CA VAL D 26 21.84 4.44 -60.70
C VAL D 26 22.81 5.36 -61.43
N THR D 27 22.26 6.06 -62.43
CA THR D 27 23.08 6.94 -63.25
C THR D 27 23.50 8.20 -62.49
N HIS D 28 22.62 8.71 -61.63
CA HIS D 28 22.92 9.90 -60.86
C HIS D 28 22.33 9.77 -59.46
N ALA D 29 22.95 10.44 -58.50
CA ALA D 29 22.53 10.33 -57.11
C ALA D 29 23.09 11.52 -56.33
N GLN D 30 22.44 11.82 -55.21
CA GLN D 30 22.83 12.91 -54.34
C GLN D 30 22.83 12.44 -52.89
N ASP D 31 23.96 12.64 -52.21
CA ASP D 31 24.05 12.35 -50.78
C ASP D 31 23.51 13.54 -49.99
N ILE D 32 22.41 13.34 -49.27
CA ILE D 32 21.84 14.38 -48.41
C ILE D 32 22.42 14.35 -47.01
N LEU D 33 23.48 13.57 -46.79
CA LEU D 33 24.21 13.56 -45.53
C LEU D 33 25.57 14.23 -45.73
N GLU D 34 25.90 15.16 -44.82
CA GLU D 34 27.20 15.81 -44.86
C GLU D 34 28.16 15.06 -43.93
N LYS D 35 29.33 14.70 -44.46
CA LYS D 35 30.31 13.92 -43.72
C LYS D 35 31.66 14.61 -43.63
N THR D 36 31.75 15.87 -44.05
CA THR D 36 33.02 16.59 -44.15
C THR D 36 33.07 17.72 -43.13
N HIS D 37 34.20 17.85 -42.45
CA HIS D 37 34.42 18.95 -41.52
C HIS D 37 35.81 19.55 -41.73
N ASN D 38 35.93 20.82 -41.32
CA ASN D 38 37.17 21.56 -41.53
C ASN D 38 38.35 20.86 -40.86
N GLY D 39 38.17 20.45 -39.62
CA GLY D 39 39.27 20.08 -38.77
C GLY D 39 39.82 21.23 -37.96
N LYS D 40 39.22 22.41 -38.06
CA LYS D 40 39.69 23.62 -37.39
C LYS D 40 38.52 24.32 -36.73
N LEU D 41 38.81 25.09 -35.69
CA LEU D 41 37.80 25.91 -35.03
C LEU D 41 37.61 27.23 -35.77
N CYS D 42 36.41 27.78 -35.70
CA CYS D 42 36.07 28.93 -36.53
C CYS D 42 35.10 29.84 -35.79
N ASP D 43 34.92 31.04 -36.35
CA ASP D 43 33.92 31.98 -35.86
C ASP D 43 32.52 31.46 -36.17
N LEU D 44 31.51 32.09 -35.56
CA LEU D 44 30.13 31.68 -35.74
C LEU D 44 29.25 32.72 -36.41
N ASN D 45 29.61 34.00 -36.36
CA ASN D 45 28.92 35.00 -37.18
C ASN D 45 29.85 36.18 -37.47
N GLY D 46 31.15 36.01 -37.33
CA GLY D 46 32.10 37.11 -37.32
C GLY D 46 32.67 37.39 -35.95
N VAL D 47 32.14 36.75 -34.91
CA VAL D 47 32.62 36.92 -33.54
C VAL D 47 33.51 35.73 -33.19
N LYS D 48 34.76 36.02 -32.86
CA LYS D 48 35.74 34.97 -32.57
C LYS D 48 35.36 34.24 -31.29
N PRO D 49 35.62 32.93 -31.22
CA PRO D 49 35.45 32.22 -29.95
C PRO D 49 36.46 32.69 -28.91
N LEU D 50 36.07 32.56 -27.65
CA LEU D 50 36.97 32.81 -26.52
C LEU D 50 37.64 31.48 -26.19
N ILE D 51 38.85 31.28 -26.70
CA ILE D 51 39.58 30.03 -26.53
C ILE D 51 40.51 30.18 -25.34
N LEU D 52 40.19 29.49 -24.25
CA LEU D 52 40.98 29.48 -23.02
C LEU D 52 41.87 28.24 -23.11
N LYS D 53 43.10 28.42 -23.60
CA LYS D 53 43.91 27.29 -24.03
C LYS D 53 44.19 26.32 -22.89
N ASP D 54 44.59 26.83 -21.72
CA ASP D 54 44.93 25.96 -20.60
C ASP D 54 44.38 26.53 -19.30
N CYS D 55 43.16 27.03 -19.33
CA CYS D 55 42.55 27.59 -18.13
C CYS D 55 41.06 27.31 -18.12
N SER D 56 40.51 27.16 -16.92
CA SER D 56 39.08 27.03 -16.74
C SER D 56 38.41 28.39 -16.83
N VAL D 57 37.08 28.38 -16.94
CA VAL D 57 36.33 29.64 -16.96
C VAL D 57 36.50 30.38 -15.65
N ALA D 58 36.68 29.64 -14.55
CA ALA D 58 36.90 30.26 -13.25
C ALA D 58 38.30 30.84 -13.14
N GLY D 59 39.31 30.05 -13.51
CA GLY D 59 40.69 30.52 -13.42
C GLY D 59 40.96 31.75 -14.26
N TRP D 60 40.19 31.95 -15.33
CA TRP D 60 40.31 33.16 -16.12
C TRP D 60 39.46 34.29 -15.56
N LEU D 61 38.25 33.96 -15.07
CA LEU D 61 37.40 34.97 -14.45
C LEU D 61 38.01 35.47 -13.15
N LEU D 62 38.19 34.58 -12.17
CA LEU D 62 39.09 34.89 -11.07
C LEU D 62 40.50 35.10 -11.63
N GLY D 63 41.32 35.81 -10.88
CA GLY D 63 42.62 36.17 -11.40
C GLY D 63 43.71 35.13 -11.19
N ASN D 64 43.46 33.88 -11.58
CA ASN D 64 44.45 32.83 -11.39
C ASN D 64 45.79 33.27 -12.01
N PRO D 65 46.88 33.21 -11.25
CA PRO D 65 48.12 33.88 -11.70
C PRO D 65 48.66 33.36 -13.02
N MET D 66 48.43 32.09 -13.35
CA MET D 66 49.02 31.49 -14.54
C MET D 66 48.11 31.58 -15.76
N CYS D 67 47.16 32.51 -15.77
CA CYS D 67 46.18 32.62 -16.84
C CYS D 67 45.91 34.08 -17.21
N ASP D 68 46.94 34.81 -17.59
CA ASP D 68 46.80 36.20 -17.97
C ASP D 68 47.03 36.43 -19.46
N GLU D 69 47.22 35.38 -20.25
CA GLU D 69 47.38 35.54 -21.69
C GLU D 69 46.13 36.12 -22.33
N PHE D 70 44.96 35.55 -21.99
CA PHE D 70 43.69 36.00 -22.55
C PHE D 70 43.02 36.96 -21.57
N ILE D 71 43.62 38.15 -21.45
CA ILE D 71 43.18 39.11 -20.45
C ILE D 71 42.06 40.02 -20.96
N ARG D 72 42.02 40.32 -22.26
CA ARG D 72 41.02 41.23 -22.80
C ARG D 72 40.67 40.82 -24.22
N VAL D 73 39.44 40.36 -24.42
CA VAL D 73 38.80 40.32 -25.74
C VAL D 73 37.37 40.82 -25.56
N PRO D 74 36.84 41.64 -26.48
CA PRO D 74 35.58 42.33 -26.19
C PRO D 74 34.36 41.43 -26.25
N GLU D 75 34.27 40.53 -27.22
CA GLU D 75 33.07 39.73 -27.44
C GLU D 75 33.46 38.32 -27.86
N TRP D 76 32.55 37.38 -27.63
CA TRP D 76 32.75 36.01 -28.08
C TRP D 76 31.40 35.40 -28.43
N SER D 77 31.43 34.41 -29.32
CA SER D 77 30.26 33.61 -29.67
C SER D 77 30.18 32.32 -28.88
N TYR D 78 31.32 31.67 -28.63
CA TYR D 78 31.36 30.49 -27.79
C TYR D 78 32.71 30.43 -27.09
N ILE D 79 32.73 29.77 -25.93
CA ILE D 79 33.94 29.61 -25.14
C ILE D 79 34.49 28.21 -25.38
N VAL D 80 35.75 28.12 -25.77
CA VAL D 80 36.42 26.85 -25.98
C VAL D 80 37.27 26.55 -24.75
N GLU D 81 37.18 25.31 -24.27
CA GLU D 81 37.84 24.88 -23.06
C GLU D 81 38.37 23.47 -23.29
N ARG D 82 39.48 23.14 -22.66
CA ARG D 82 39.94 21.76 -22.77
C ARG D 82 39.15 20.87 -21.81
N ALA D 83 39.22 19.57 -22.07
CA ALA D 83 38.47 18.61 -21.25
C ALA D 83 38.92 18.66 -19.80
N ASN D 84 40.22 18.86 -19.58
CA ASN D 84 40.79 18.96 -18.24
C ASN D 84 41.79 20.12 -18.22
N PRO D 85 41.29 21.34 -18.08
CA PRO D 85 42.21 22.50 -18.04
C PRO D 85 43.14 22.42 -16.84
N ALA D 86 44.41 22.76 -17.07
CA ALA D 86 45.42 22.56 -16.05
C ALA D 86 45.23 23.54 -14.88
N ASN D 87 44.90 24.79 -15.17
CA ASN D 87 44.77 25.82 -14.14
C ASN D 87 43.30 26.10 -13.92
N ASP D 88 42.76 25.64 -12.79
CA ASP D 88 41.38 25.90 -12.42
C ASP D 88 41.40 26.81 -11.21
N LEU D 89 41.36 26.29 -10.00
CA LEU D 89 41.50 27.07 -8.77
C LEU D 89 42.81 26.66 -8.13
N CYS D 90 43.80 27.56 -8.15
CA CYS D 90 45.11 27.23 -7.63
C CYS D 90 45.05 26.94 -6.13
N TYR D 91 44.43 27.84 -5.37
CA TYR D 91 44.11 27.53 -3.99
C TYR D 91 42.87 26.65 -3.96
N PRO D 92 42.90 25.52 -3.26
CA PRO D 92 41.76 24.60 -3.30
C PRO D 92 40.48 25.26 -2.82
N GLY D 93 39.37 24.89 -3.45
CA GLY D 93 38.08 25.45 -3.10
C GLY D 93 37.04 25.22 -4.16
N SER D 94 36.16 26.20 -4.36
CA SER D 94 35.08 26.05 -5.33
C SER D 94 34.50 27.42 -5.65
N LEU D 95 33.75 27.47 -6.74
CA LEU D 95 32.99 28.65 -7.14
C LEU D 95 31.54 28.24 -7.26
N ASN D 96 30.67 28.92 -6.52
CA ASN D 96 29.28 28.49 -6.43
C ASN D 96 28.53 28.72 -7.73
N ASP D 97 27.64 27.79 -8.06
CA ASP D 97 26.86 27.83 -9.30
C ASP D 97 27.78 28.02 -10.50
N TYR D 98 28.93 27.36 -10.45
CA TYR D 98 29.93 27.44 -11.51
C TYR D 98 29.31 27.13 -12.87
N GLU D 99 28.48 26.10 -12.93
CA GLU D 99 27.91 25.66 -14.19
C GLU D 99 26.89 26.67 -14.72
N GLU D 100 26.20 27.38 -13.82
CA GLU D 100 25.29 28.43 -14.28
C GLU D 100 26.05 29.69 -14.68
N LEU D 101 27.23 29.93 -14.09
CA LEU D 101 28.07 31.03 -14.55
C LEU D 101 28.64 30.76 -15.93
N LYS D 102 29.12 29.53 -16.15
CA LYS D 102 29.62 29.14 -17.47
C LYS D 102 28.54 29.30 -18.53
N HIS D 103 27.28 29.08 -18.17
CA HIS D 103 26.18 29.31 -19.11
C HIS D 103 25.92 30.79 -19.30
N LEU D 104 26.01 31.58 -18.22
CA LEU D 104 25.82 33.02 -18.36
C LEU D 104 26.94 33.64 -19.18
N LEU D 105 28.18 33.24 -18.92
CA LEU D 105 29.36 33.69 -19.64
C LEU D 105 29.51 33.05 -21.01
N SER D 106 28.50 32.28 -21.43
CA SER D 106 28.62 31.50 -22.66
C SER D 106 28.71 32.41 -23.89
N ARG D 107 27.83 33.40 -24.00
CA ARG D 107 27.90 34.39 -25.06
C ARG D 107 27.67 35.77 -24.47
N ILE D 108 28.60 36.68 -24.72
CA ILE D 108 28.57 38.03 -24.16
C ILE D 108 28.86 39.02 -25.28
N ASN D 109 28.05 40.09 -25.35
CA ASN D 109 28.28 41.11 -26.37
C ASN D 109 29.39 42.08 -25.97
N HIS D 110 29.49 42.42 -24.69
CA HIS D 110 30.52 43.34 -24.24
C HIS D 110 31.02 42.91 -22.87
N PHE D 111 32.34 42.76 -22.75
CA PHE D 111 33.00 42.28 -21.55
C PHE D 111 34.20 43.18 -21.27
N GLU D 112 34.20 43.86 -20.14
CA GLU D 112 35.27 44.78 -19.80
C GLU D 112 35.57 44.71 -18.31
N LYS D 113 36.80 44.31 -17.97
CA LYS D 113 37.25 44.37 -16.58
C LYS D 113 37.33 45.82 -16.13
N ILE D 114 36.77 46.11 -14.96
CA ILE D 114 36.87 47.44 -14.36
C ILE D 114 37.27 47.29 -12.90
N LEU D 115 37.74 48.39 -12.32
CA LEU D 115 38.21 48.43 -10.93
C LEU D 115 37.07 48.96 -10.07
N ILE D 116 36.31 48.05 -9.45
CA ILE D 116 35.20 48.47 -8.60
C ILE D 116 35.71 48.98 -7.26
N ILE D 117 36.60 48.23 -6.62
CA ILE D 117 37.14 48.63 -5.31
C ILE D 117 38.66 48.73 -5.42
N PRO D 118 39.22 49.95 -5.45
CA PRO D 118 40.67 50.08 -5.48
C PRO D 118 41.30 49.49 -4.22
N LYS D 119 42.56 49.08 -4.34
CA LYS D 119 43.29 48.56 -3.19
C LYS D 119 43.52 49.62 -2.12
N SER D 120 43.46 50.90 -2.49
CA SER D 120 43.61 51.98 -1.51
C SER D 120 42.39 52.10 -0.60
N SER D 121 41.26 51.50 -0.96
CA SER D 121 40.03 51.58 -0.18
C SER D 121 40.03 50.64 1.03
N TRP D 122 41.15 49.98 1.32
CA TRP D 122 41.30 49.14 2.51
C TRP D 122 42.38 49.75 3.39
N PRO D 123 42.07 50.86 4.08
CA PRO D 123 43.15 51.59 4.77
C PRO D 123 43.75 50.84 5.94
N ASN D 124 42.93 50.13 6.72
CA ASN D 124 43.38 49.56 7.99
C ASN D 124 43.58 48.06 7.95
N HIS D 125 43.56 47.45 6.76
CA HIS D 125 43.86 46.04 6.61
C HIS D 125 45.02 45.86 5.63
N GLU D 126 45.78 44.79 5.84
CA GLU D 126 46.92 44.51 4.97
C GLU D 126 46.44 44.01 3.62
N THR D 127 46.94 44.62 2.55
CA THR D 127 46.50 44.32 1.19
C THR D 127 47.56 43.62 0.35
N SER D 128 48.77 43.42 0.89
CA SER D 128 49.86 42.83 0.13
C SER D 128 50.30 41.46 0.63
N LEU D 129 49.79 41.00 1.77
CA LEU D 129 50.24 39.76 2.37
C LEU D 129 49.30 38.59 2.11
N GLY D 130 48.13 38.83 1.52
CA GLY D 130 47.19 37.77 1.21
C GLY D 130 47.62 36.94 0.02
N VAL D 131 48.43 35.93 0.28
CA VAL D 131 49.24 35.29 -0.75
C VAL D 131 49.54 33.86 -0.30
N SER D 132 49.64 32.94 -1.27
CA SER D 132 49.89 31.54 -0.97
C SER D 132 50.81 30.93 -2.02
N ALA D 133 51.58 29.93 -1.59
CA ALA D 133 52.44 29.19 -2.51
C ALA D 133 51.65 28.28 -3.45
N ALA D 134 50.38 28.03 -3.15
CA ALA D 134 49.56 27.25 -4.08
C ALA D 134 49.31 28.01 -5.38
N CYS D 135 49.27 29.33 -5.32
CA CYS D 135 49.08 30.17 -6.49
C CYS D 135 50.38 30.89 -6.80
N PRO D 136 51.34 30.25 -7.47
CA PRO D 136 52.66 30.86 -7.63
C PRO D 136 52.81 31.66 -8.90
N TYR D 137 53.38 32.86 -8.78
CA TYR D 137 53.78 33.67 -9.93
C TYR D 137 55.30 33.79 -9.92
N GLN D 138 55.93 33.26 -10.96
CA GLN D 138 57.39 33.30 -11.10
C GLN D 138 58.08 32.65 -9.90
N GLY D 139 57.57 31.50 -9.48
CA GLY D 139 58.15 30.72 -8.41
C GLY D 139 57.98 31.29 -7.01
N ALA D 140 57.45 32.47 -6.89
CA ALA D 140 57.18 33.08 -5.60
C ALA D 140 55.70 32.95 -5.26
N PRO D 141 55.35 32.96 -3.97
CA PRO D 141 53.93 32.90 -3.61
C PRO D 141 53.19 34.10 -4.16
N SER D 142 51.98 33.85 -4.68
CA SER D 142 51.13 34.89 -5.25
C SER D 142 49.68 34.50 -4.96
N PHE D 143 48.75 35.07 -5.72
CA PHE D 143 47.33 34.83 -5.48
C PHE D 143 46.53 35.33 -6.67
N PHE D 144 45.24 34.99 -6.66
CA PHE D 144 44.29 35.52 -7.64
C PHE D 144 44.43 37.04 -7.75
N ARG D 145 44.40 37.53 -8.99
CA ARG D 145 44.70 38.95 -9.22
C ARG D 145 43.47 39.84 -9.02
N ASN D 146 42.31 39.40 -9.50
CA ASN D 146 41.11 40.23 -9.50
C ASN D 146 40.34 40.17 -8.18
N VAL D 147 40.93 39.58 -7.14
CA VAL D 147 40.30 39.52 -5.82
C VAL D 147 41.41 39.63 -4.79
N VAL D 148 41.11 40.28 -3.67
CA VAL D 148 42.10 40.58 -2.64
C VAL D 148 41.85 39.70 -1.42
N TRP D 149 42.89 38.99 -1.00
CA TRP D 149 42.87 38.24 0.25
C TRP D 149 43.36 39.16 1.35
N LEU D 150 42.42 39.71 2.13
CA LEU D 150 42.75 40.69 3.15
C LEU D 150 43.13 39.99 4.45
N ILE D 151 44.26 40.39 5.04
CA ILE D 151 44.64 39.87 6.35
C ILE D 151 44.78 41.05 7.32
N LYS D 152 45.15 40.74 8.57
CA LYS D 152 45.14 41.71 9.64
C LYS D 152 46.25 42.75 9.47
N LYS D 153 46.15 43.82 10.26
CA LYS D 153 47.16 44.88 10.33
C LYS D 153 47.50 45.12 11.80
N ASN D 154 48.74 44.80 12.18
CA ASN D 154 49.24 45.04 13.53
C ASN D 154 48.42 44.29 14.59
N ASP D 155 48.21 43.00 14.34
CA ASP D 155 47.50 42.11 15.27
C ASP D 155 46.08 42.60 15.55
N ALA D 156 45.46 43.28 14.58
CA ALA D 156 44.11 43.79 14.74
C ALA D 156 43.41 43.78 13.39
N TYR D 157 42.16 43.33 13.40
CA TYR D 157 41.35 43.24 12.18
C TYR D 157 40.04 43.98 12.42
N PRO D 158 39.94 45.23 12.00
CA PRO D 158 38.68 45.96 12.17
C PRO D 158 37.58 45.40 11.28
N THR D 159 36.35 45.63 11.70
CA THR D 159 35.20 45.22 10.91
C THR D 159 35.14 46.05 9.62
N ILE D 160 34.85 45.38 8.52
CA ILE D 160 34.81 46.00 7.20
C ILE D 160 33.37 46.33 6.86
N LYS D 161 33.14 47.56 6.41
CA LYS D 161 31.84 47.99 5.86
C LYS D 161 32.11 48.79 4.61
N ILE D 162 31.87 48.19 3.45
CA ILE D 162 32.16 48.79 2.16
C ILE D 162 30.95 48.63 1.25
N SER D 163 30.68 49.66 0.44
CA SER D 163 29.58 49.65 -0.51
C SER D 163 30.08 50.11 -1.86
N TYR D 164 29.51 49.54 -2.92
CA TYR D 164 29.80 49.95 -4.29
C TYR D 164 28.47 50.17 -5.02
N ASN D 165 28.23 51.41 -5.43
CA ASN D 165 27.05 51.75 -6.22
C ASN D 165 27.39 51.59 -7.71
N ASN D 166 26.58 50.82 -8.41
CA ASN D 166 26.75 50.66 -9.85
C ASN D 166 26.28 51.92 -10.57
N THR D 167 27.18 52.53 -11.34
CA THR D 167 26.86 53.70 -12.14
C THR D 167 27.08 53.47 -13.62
N ASN D 168 27.47 52.27 -14.02
CA ASN D 168 28.05 52.01 -15.34
C ASN D 168 27.01 51.72 -16.41
N ARG D 169 25.72 51.75 -16.08
CA ARG D 169 24.62 51.48 -17.01
C ARG D 169 24.66 50.06 -17.56
N GLU D 170 25.70 49.30 -17.20
CA GLU D 170 25.86 47.91 -17.63
C GLU D 170 25.90 47.01 -16.39
N ASP D 171 25.26 45.85 -16.50
CA ASP D 171 25.28 44.90 -15.39
C ASP D 171 26.70 44.45 -15.11
N LEU D 172 27.02 44.26 -13.82
CA LEU D 172 28.37 43.96 -13.38
C LEU D 172 28.45 42.59 -12.72
N LEU D 173 29.38 41.76 -13.20
CA LEU D 173 29.76 40.54 -12.52
C LEU D 173 30.73 40.88 -11.38
N ILE D 174 30.37 40.51 -10.16
CA ILE D 174 31.19 40.78 -8.99
C ILE D 174 31.49 39.45 -8.31
N LEU D 175 32.75 39.22 -7.99
CA LEU D 175 33.22 37.97 -7.40
C LEU D 175 33.90 38.24 -6.06
N TRP D 176 33.44 37.54 -5.02
CA TRP D 176 34.05 37.59 -3.69
C TRP D 176 34.22 36.16 -3.19
N GLY D 177 34.80 36.01 -2.01
CA GLY D 177 35.03 34.68 -1.49
C GLY D 177 35.21 34.68 0.01
N ILE D 178 35.30 33.46 0.55
CA ILE D 178 35.54 33.24 1.97
C ILE D 178 36.65 32.21 2.11
N HIS D 179 37.55 32.45 3.06
CA HIS D 179 38.62 31.51 3.38
C HIS D 179 38.19 30.64 4.56
N HIS D 180 38.40 29.34 4.43
CA HIS D 180 38.14 28.40 5.52
C HIS D 180 39.47 28.04 6.17
N SER D 181 39.67 28.52 7.40
CA SER D 181 40.88 28.25 8.14
C SER D 181 40.95 26.78 8.53
N ASN D 182 42.15 26.34 8.91
CA ASN D 182 42.38 24.95 9.26
C ASN D 182 42.59 24.70 10.75
N ASN D 183 43.03 25.71 11.50
CA ASN D 183 43.21 25.57 12.94
C ASN D 183 42.95 26.92 13.61
N ALA D 184 42.75 26.88 14.92
CA ALA D 184 42.42 28.10 15.66
C ALA D 184 43.56 29.10 15.59
N GLU D 185 44.81 28.62 15.63
CA GLU D 185 45.96 29.50 15.54
C GLU D 185 45.98 30.24 14.20
N GLU D 186 45.86 29.48 13.10
CA GLU D 186 45.85 30.07 11.77
C GLU D 186 44.78 31.13 11.63
N GLN D 187 43.62 30.93 12.29
CA GLN D 187 42.57 31.93 12.24
C GLN D 187 43.04 33.23 12.88
N THR D 188 43.47 33.17 14.14
CA THR D 188 43.87 34.38 14.86
C THR D 188 45.11 35.01 14.23
N ASN D 189 46.03 34.20 13.72
CA ASN D 189 47.21 34.74 13.06
C ASN D 189 46.83 35.56 11.83
N LEU D 190 45.95 35.01 10.99
CA LEU D 190 45.55 35.71 9.78
C LEU D 190 44.49 36.77 10.06
N TYR D 191 43.56 36.49 10.97
CA TYR D 191 42.52 37.45 11.33
C TYR D 191 42.33 37.38 12.85
N LYS D 192 42.67 38.45 13.55
CA LYS D 192 42.61 38.45 15.02
C LYS D 192 41.28 37.90 15.55
N ASN D 193 40.18 38.30 14.93
CA ASN D 193 38.86 37.94 15.45
C ASN D 193 38.63 36.44 15.33
N PRO D 194 38.24 35.77 16.41
CA PRO D 194 38.17 34.30 16.38
C PRO D 194 36.91 33.76 15.72
N THR D 195 35.76 34.38 16.00
CA THR D 195 34.49 34.02 15.39
C THR D 195 34.15 35.10 14.36
N THR D 196 34.10 34.70 13.09
CA THR D 196 34.01 35.65 11.99
C THR D 196 32.79 35.37 11.13
N TYR D 197 32.52 36.32 10.22
CA TYR D 197 31.36 36.23 9.33
C TYR D 197 31.59 37.15 8.14
N ILE D 198 30.86 36.86 7.06
CA ILE D 198 30.83 37.70 5.88
C ILE D 198 29.36 37.90 5.50
N SER D 199 28.97 39.16 5.29
CA SER D 199 27.60 39.47 4.90
C SER D 199 27.62 40.31 3.63
N VAL D 200 26.92 39.82 2.61
CA VAL D 200 26.85 40.48 1.31
C VAL D 200 25.38 40.77 1.01
N GLY D 201 25.11 41.97 0.54
CA GLY D 201 23.72 42.36 0.30
C GLY D 201 23.50 43.28 -0.89
N THR D 202 22.51 42.95 -1.71
CA THR D 202 22.07 43.80 -2.80
C THR D 202 20.56 43.97 -2.66
N SER D 203 19.90 44.32 -3.76
CA SER D 203 18.44 44.35 -3.75
C SER D 203 17.86 42.94 -3.82
N THR D 204 18.54 42.02 -4.49
CA THR D 204 18.10 40.64 -4.64
C THR D 204 18.97 39.66 -3.86
N LEU D 205 19.96 40.14 -3.11
CA LEU D 205 20.94 39.26 -2.47
C LEU D 205 20.97 39.52 -0.97
N ASN D 206 20.86 38.45 -0.19
CA ASN D 206 21.09 38.47 1.24
C ASN D 206 21.90 37.23 1.57
N GLN D 207 23.10 37.41 2.11
CA GLN D 207 24.04 36.30 2.24
C GLN D 207 24.80 36.40 3.54
N ARG D 208 24.93 35.28 4.24
CA ARG D 208 25.71 35.17 5.46
C ARG D 208 26.67 34.01 5.33
N LEU D 209 27.97 34.30 5.32
CA LEU D 209 29.00 33.28 5.21
C LEU D 209 29.76 33.18 6.52
N VAL D 210 29.88 31.97 7.05
CA VAL D 210 30.70 31.73 8.23
C VAL D 210 31.77 30.71 7.86
N PRO D 211 33.01 30.89 8.32
CA PRO D 211 34.07 29.95 7.97
C PRO D 211 33.84 28.60 8.61
N LYS D 212 34.23 27.55 7.88
CA LYS D 212 34.24 26.19 8.39
C LYS D 212 35.68 25.84 8.74
N ILE D 213 36.00 25.90 10.03
CA ILE D 213 37.34 25.57 10.51
C ILE D 213 37.34 24.09 10.87
N ALA D 214 37.86 23.27 9.96
CA ALA D 214 37.88 21.82 10.15
C ALA D 214 39.09 21.24 9.45
N THR D 215 39.54 20.09 9.94
CA THR D 215 40.65 19.39 9.30
C THR D 215 40.21 18.85 7.94
N ARG D 216 41.00 19.11 6.91
CA ARG D 216 40.70 18.70 5.56
C ARG D 216 41.96 18.17 4.90
N SER D 217 41.79 17.29 3.92
CA SER D 217 42.93 16.74 3.21
C SER D 217 43.54 17.79 2.29
N GLN D 218 44.85 17.75 2.15
CA GLN D 218 45.57 18.76 1.40
C GLN D 218 45.53 18.45 -0.10
N VAL D 219 45.14 19.44 -0.90
CA VAL D 219 45.29 19.39 -2.34
C VAL D 219 45.91 20.70 -2.79
N ASN D 220 46.89 20.62 -3.70
CA ASN D 220 47.80 21.73 -3.98
C ASN D 220 48.48 22.21 -2.70
N GLY D 221 48.85 21.27 -1.84
CA GLY D 221 49.65 21.54 -0.67
C GLY D 221 48.98 22.26 0.47
N GLN D 222 47.71 22.66 0.32
CA GLN D 222 47.01 23.42 1.35
C GLN D 222 45.79 22.65 1.85
N ARG D 223 45.62 22.65 3.18
CA ARG D 223 44.49 21.99 3.81
C ARG D 223 43.28 22.92 3.98
N GLY D 224 43.44 24.21 3.72
CA GLY D 224 42.31 25.12 3.75
C GLY D 224 41.57 25.17 2.42
N ARG D 225 40.44 25.88 2.42
CA ARG D 225 39.63 26.03 1.22
C ARG D 225 39.20 27.48 1.06
N MET D 226 38.97 27.89 -0.18
CA MET D 226 38.42 29.19 -0.51
C MET D 226 37.25 28.99 -1.45
N ASP D 227 36.06 29.35 -0.99
CA ASP D 227 34.84 29.21 -1.77
C ASP D 227 34.41 30.60 -2.25
N PHE D 228 34.31 30.76 -3.56
CA PHE D 228 33.96 32.04 -4.15
C PHE D 228 32.49 32.07 -4.58
N PHE D 229 31.96 33.29 -4.66
CA PHE D 229 30.56 33.51 -5.02
C PHE D 229 30.49 34.69 -5.98
N TRP D 230 29.42 34.72 -6.78
CA TRP D 230 29.26 35.76 -7.79
C TRP D 230 27.85 36.29 -7.77
N THR D 231 27.71 37.56 -8.16
CA THR D 231 26.40 38.18 -8.33
C THR D 231 26.47 39.13 -9.52
N ILE D 232 25.30 39.42 -10.08
CA ILE D 232 25.17 40.35 -11.18
C ILE D 232 24.46 41.58 -10.63
N LEU D 233 25.21 42.65 -10.42
CA LEU D 233 24.65 43.88 -9.87
C LEU D 233 24.01 44.69 -10.99
N LYS D 234 22.70 44.91 -10.89
CA LYS D 234 21.94 45.57 -11.93
C LYS D 234 22.35 47.05 -12.02
N PRO D 235 21.98 47.75 -13.11
CA PRO D 235 22.69 49.00 -13.44
C PRO D 235 22.66 50.06 -12.35
N ASP D 236 21.54 50.27 -11.66
CA ASP D 236 21.44 51.37 -10.70
C ASP D 236 21.40 50.90 -9.25
N ASP D 237 21.68 49.62 -8.99
CA ASP D 237 21.68 49.09 -7.64
C ASP D 237 23.11 49.05 -7.10
N ALA D 238 23.22 48.97 -5.77
CA ALA D 238 24.50 48.90 -5.09
C ALA D 238 24.64 47.58 -4.35
N ILE D 239 25.88 47.20 -4.08
CA ILE D 239 26.20 45.99 -3.33
C ILE D 239 26.88 46.39 -2.03
N HIS D 240 26.53 45.70 -0.94
CA HIS D 240 27.02 46.02 0.39
C HIS D 240 27.76 44.81 0.96
N PHE D 241 29.04 44.99 1.25
CA PHE D 241 29.85 43.98 1.89
C PHE D 241 30.09 44.35 3.35
N GLU D 242 30.20 43.32 4.20
CA GLU D 242 30.48 43.53 5.61
C GLU D 242 31.12 42.26 6.16
N SER D 243 32.29 42.41 6.78
CA SER D 243 33.02 41.24 7.25
C SER D 243 34.04 41.66 8.29
N ASN D 244 34.37 40.72 9.18
CA ASN D 244 35.40 40.92 10.21
C ASN D 244 36.54 39.93 10.03
N GLY D 245 36.65 39.27 8.90
CA GLY D 245 37.70 38.30 8.67
C GLY D 245 37.27 37.27 7.65
N ASN D 246 38.28 36.54 7.15
CA ASN D 246 38.11 35.49 6.16
C ASN D 246 37.49 36.02 4.86
N PHE D 247 37.71 37.30 4.58
CA PHE D 247 37.12 37.97 3.44
C PHE D 247 38.10 37.98 2.28
N ILE D 248 37.72 37.35 1.16
CA ILE D 248 38.40 37.51 -0.11
C ILE D 248 37.64 38.59 -0.86
N ALA D 249 38.16 39.83 -0.85
CA ALA D 249 37.42 41.02 -1.23
C ALA D 249 37.58 41.31 -2.73
N PRO D 250 36.49 41.69 -3.39
CA PRO D 250 36.56 41.99 -4.83
C PRO D 250 37.35 43.26 -5.09
N GLU D 251 38.29 43.17 -6.02
CA GLU D 251 39.02 44.33 -6.52
C GLU D 251 38.63 44.70 -7.94
N TYR D 252 38.52 43.70 -8.82
CA TYR D 252 38.16 43.90 -10.21
C TYR D 252 36.84 43.19 -10.49
N ALA D 253 36.00 43.83 -11.30
CA ALA D 253 34.74 43.26 -11.76
C ALA D 253 34.69 43.29 -13.27
N TYR D 254 33.62 42.73 -13.84
CA TYR D 254 33.49 42.62 -15.28
C TYR D 254 32.15 43.21 -15.71
N LYS D 255 32.20 44.30 -16.49
CA LYS D 255 31.01 44.73 -17.21
C LYS D 255 30.51 43.59 -18.09
N ILE D 256 29.22 43.32 -18.03
CA ILE D 256 28.62 42.23 -18.78
C ILE D 256 27.42 42.76 -19.55
N VAL D 257 27.33 42.43 -20.83
CA VAL D 257 26.16 42.69 -21.65
C VAL D 257 25.83 41.38 -22.34
N LYS D 258 24.84 40.67 -21.83
CA LYS D 258 24.43 39.38 -22.38
C LYS D 258 23.18 39.56 -23.23
N LYS D 259 23.24 39.07 -24.48
CA LYS D 259 22.08 39.06 -25.35
C LYS D 259 21.86 37.70 -26.01
N GLY D 260 22.75 36.74 -25.82
CA GLY D 260 22.62 35.43 -26.44
C GLY D 260 23.16 34.34 -25.53
N ASP D 261 23.00 33.10 -25.99
CA ASP D 261 23.42 31.93 -25.22
C ASP D 261 24.04 30.91 -26.16
N SER D 262 25.19 30.35 -25.76
CA SER D 262 25.94 29.41 -26.59
C SER D 262 27.00 28.71 -25.76
N THR D 263 26.79 27.43 -25.47
CA THR D 263 27.52 26.70 -24.43
C THR D 263 29.04 26.62 -24.59
N ILE D 264 29.69 25.99 -23.61
CA ILE D 264 31.14 25.78 -23.61
C ILE D 264 31.47 24.59 -24.50
N MET D 265 32.57 24.69 -25.24
CA MET D 265 32.99 23.64 -26.16
C MET D 265 34.26 22.99 -25.65
N LYS D 266 34.29 21.66 -25.67
CA LYS D 266 35.45 20.88 -25.21
C LYS D 266 36.18 20.37 -26.45
N SER D 267 37.22 21.07 -26.87
CA SER D 267 37.96 20.69 -28.07
C SER D 267 39.41 21.11 -27.97
N GLY D 268 40.29 20.31 -28.55
CA GLY D 268 41.68 20.64 -28.71
C GLY D 268 42.04 21.17 -30.07
N VAL D 269 41.07 21.29 -30.98
CA VAL D 269 41.35 21.84 -32.29
C VAL D 269 41.76 23.30 -32.16
N GLU D 270 42.39 23.82 -33.22
CA GLU D 270 42.97 25.15 -33.19
C GLU D 270 42.22 26.08 -34.13
N TYR D 271 42.42 27.39 -33.91
CA TYR D 271 41.72 28.40 -34.68
C TYR D 271 42.11 28.33 -36.14
N GLY D 272 41.12 28.49 -37.02
CA GLY D 272 41.34 28.35 -38.44
C GLY D 272 41.13 29.63 -39.23
N HIS D 273 40.81 30.73 -38.52
CA HIS D 273 40.62 32.03 -39.14
C HIS D 273 39.56 31.99 -40.24
N CYS D 274 38.44 31.31 -39.95
CA CYS D 274 37.32 31.21 -40.87
C CYS D 274 36.03 31.51 -40.12
N ASN D 275 34.95 31.62 -40.89
CA ASN D 275 33.63 31.92 -40.34
C ASN D 275 32.64 30.85 -40.83
N THR D 276 31.87 30.29 -39.90
CA THR D 276 30.89 29.27 -40.23
C THR D 276 29.55 29.62 -39.60
N LYS D 277 28.54 28.83 -39.94
CA LYS D 277 27.24 28.90 -39.29
C LYS D 277 27.02 27.73 -38.34
N CYS D 278 27.84 26.69 -38.43
CA CYS D 278 27.74 25.51 -37.59
C CYS D 278 29.14 25.06 -37.22
N GLN D 279 29.33 24.72 -35.95
CA GLN D 279 30.65 24.34 -35.45
C GLN D 279 30.53 23.10 -34.58
N THR D 280 31.37 22.11 -34.85
CA THR D 280 31.53 20.93 -34.03
C THR D 280 32.85 21.00 -33.28
N PRO D 281 33.02 20.19 -32.23
CA PRO D 281 34.32 20.14 -31.56
C PRO D 281 35.42 19.52 -32.42
N VAL D 282 35.07 18.72 -33.42
CA VAL D 282 36.07 18.12 -34.29
C VAL D 282 36.38 19.00 -35.50
N GLY D 283 35.42 19.80 -35.94
CA GLY D 283 35.65 20.69 -37.06
C GLY D 283 34.50 21.63 -37.25
N ALA D 284 34.41 22.19 -38.45
CA ALA D 284 33.35 23.12 -38.80
C ALA D 284 32.66 22.64 -40.06
N ILE D 285 31.36 22.91 -40.16
CA ILE D 285 30.54 22.43 -41.27
C ILE D 285 30.11 23.62 -42.12
N ASN D 286 30.14 23.41 -43.44
CA ASN D 286 29.68 24.40 -44.43
C ASN D 286 28.81 23.65 -45.43
N SER D 287 27.62 23.24 -44.99
CA SER D 287 26.79 22.35 -45.79
C SER D 287 25.34 22.82 -45.81
N SER D 288 24.72 22.69 -46.97
CA SER D 288 23.27 22.86 -47.10
C SER D 288 22.50 21.60 -46.75
N MET D 289 23.20 20.47 -46.62
CA MET D 289 22.54 19.19 -46.46
C MET D 289 21.73 19.16 -45.17
N PRO D 290 20.59 18.45 -45.16
CA PRO D 290 19.75 18.43 -43.96
C PRO D 290 20.29 17.56 -42.83
N PHE D 291 21.25 16.66 -43.11
CA PHE D 291 21.71 15.71 -42.10
C PHE D 291 23.23 15.67 -42.07
N HIS D 292 23.75 15.14 -40.97
CA HIS D 292 25.19 15.08 -40.76
C HIS D 292 25.50 14.04 -39.68
N ASN D 293 26.73 13.53 -39.71
CA ASN D 293 27.17 12.47 -38.79
C ASN D 293 28.54 12.80 -38.19
N ILE D 294 28.86 14.08 -38.07
CA ILE D 294 30.22 14.48 -37.71
C ILE D 294 30.43 14.41 -36.20
N HIS D 295 29.57 15.08 -35.43
CA HIS D 295 29.71 15.10 -33.98
C HIS D 295 28.40 15.57 -33.38
N PRO D 296 27.95 14.99 -32.26
CA PRO D 296 26.67 15.43 -31.69
C PRO D 296 26.71 16.85 -31.14
N LEU D 297 27.82 17.25 -30.53
CA LEU D 297 27.85 18.42 -29.64
C LEU D 297 28.15 19.70 -30.45
N THR D 298 27.16 20.09 -31.26
CA THR D 298 27.33 21.20 -32.18
C THR D 298 26.81 22.50 -31.58
N ILE D 299 27.37 23.61 -32.06
CA ILE D 299 26.88 24.96 -31.75
C ILE D 299 26.65 25.70 -33.06
N GLY D 300 25.46 26.27 -33.20
CA GLY D 300 25.12 27.07 -34.36
C GLY D 300 23.93 26.50 -35.10
N GLU D 301 23.68 27.06 -36.29
CA GLU D 301 22.60 26.64 -37.17
C GLU D 301 23.09 25.41 -37.93
N CYS D 302 22.81 24.24 -37.39
CA CYS D 302 23.49 23.01 -37.80
C CYS D 302 22.53 22.04 -38.49
N PRO D 303 23.06 21.09 -39.26
CA PRO D 303 22.23 19.98 -39.74
C PRO D 303 21.85 19.05 -38.59
N LYS D 304 20.98 18.09 -38.90
CA LYS D 304 20.46 17.17 -37.90
C LYS D 304 21.39 15.96 -37.81
N TYR D 305 21.88 15.68 -36.59
CA TYR D 305 22.77 14.56 -36.37
C TYR D 305 22.01 13.25 -36.52
N VAL D 306 22.53 12.35 -37.38
CA VAL D 306 21.96 11.04 -37.58
C VAL D 306 23.05 9.99 -37.41
N LYS D 307 22.62 8.76 -37.14
CA LYS D 307 23.54 7.64 -36.98
C LYS D 307 23.89 6.97 -38.29
N SER D 308 23.41 7.50 -39.42
CA SER D 308 23.68 6.90 -40.71
C SER D 308 25.11 7.18 -41.15
N ASN D 309 25.57 6.37 -42.11
CA ASN D 309 26.85 6.60 -42.77
C ASN D 309 26.70 6.95 -44.23
N LYS D 310 25.51 6.78 -44.81
CA LYS D 310 25.21 7.24 -46.15
C LYS D 310 23.72 7.44 -46.26
N LEU D 311 23.30 8.52 -46.93
CA LEU D 311 21.89 8.83 -47.16
C LEU D 311 21.80 9.32 -48.61
N VAL D 312 21.83 8.37 -49.54
CA VAL D 312 21.97 8.67 -50.96
C VAL D 312 20.59 8.68 -51.59
N LEU D 313 20.19 9.84 -52.11
CA LEU D 313 18.93 9.98 -52.82
C LEU D 313 19.15 9.65 -54.30
N ALA D 314 18.33 8.75 -54.83
CA ALA D 314 18.40 8.43 -56.25
C ALA D 314 17.80 9.57 -57.06
N THR D 315 18.61 10.14 -57.97
CA THR D 315 18.13 11.21 -58.83
C THR D 315 18.01 10.80 -60.29
N GLY D 316 18.57 9.65 -60.68
CA GLY D 316 18.58 9.27 -62.09
C GLY D 316 18.00 7.90 -62.37
N LEU D 317 18.41 7.33 -63.50
CA LEU D 317 17.86 6.08 -64.01
C LEU D 317 18.61 4.88 -63.45
N ARG D 318 18.14 3.68 -63.79
CA ARG D 318 18.90 2.47 -63.51
C ARG D 318 19.93 2.25 -64.60
N ASN D 319 21.15 1.88 -64.20
CA ASN D 319 22.25 1.68 -65.12
C ASN D 319 22.68 0.23 -65.11
N SER D 320 22.97 -0.31 -66.30
CA SER D 320 23.42 -1.69 -66.43
C SER D 320 24.83 -1.75 -67.00
N GLY D 330 10.03 -2.50 -58.07
CA GLY D 330 10.97 -3.54 -58.48
C GLY D 330 10.93 -3.77 -59.98
N LEU D 331 10.14 -4.74 -60.42
CA LEU D 331 9.87 -4.95 -61.83
C LEU D 331 8.67 -4.12 -62.30
N PHE D 332 8.14 -3.26 -61.43
CA PHE D 332 7.18 -2.22 -61.75
C PHE D 332 7.59 -1.47 -63.01
N GLY D 333 6.69 -1.42 -63.99
CA GLY D 333 6.96 -0.68 -65.21
C GLY D 333 7.90 -1.36 -66.18
N ALA D 334 8.80 -0.58 -66.80
CA ALA D 334 9.55 -1.07 -67.95
C ALA D 334 11.05 -0.83 -67.95
N ILE D 335 11.62 -0.11 -66.97
CA ILE D 335 13.07 0.06 -67.00
C ILE D 335 13.79 -1.17 -66.44
N ALA D 336 13.13 -1.98 -65.64
CA ALA D 336 13.62 -3.31 -65.27
C ALA D 336 12.63 -4.34 -65.81
N GLY D 337 13.07 -5.14 -66.77
CA GLY D 337 12.17 -6.06 -67.44
C GLY D 337 11.35 -5.36 -68.50
N PHE D 338 10.68 -6.10 -69.39
CA PHE D 338 9.97 -5.54 -70.53
C PHE D 338 10.96 -4.72 -71.36
N ILE D 339 10.79 -3.41 -71.50
CA ILE D 339 11.79 -2.58 -72.13
C ILE D 339 13.11 -2.75 -71.39
N GLU D 340 14.21 -2.81 -72.14
CA GLU D 340 15.52 -2.81 -71.52
C GLU D 340 16.40 -1.84 -72.29
N GLY D 341 16.73 -0.72 -71.66
CA GLY D 341 17.51 0.31 -72.29
C GLY D 341 18.99 0.03 -72.24
N GLY D 342 19.65 0.52 -71.21
CA GLY D 342 21.11 0.47 -71.19
C GLY D 342 21.73 1.08 -72.42
N TRP D 343 21.10 2.13 -72.95
CA TRP D 343 21.57 2.78 -74.17
C TRP D 343 22.67 3.76 -73.77
N GLN D 344 23.90 3.21 -73.66
CA GLN D 344 25.05 4.03 -73.34
C GLN D 344 25.22 5.17 -74.35
N GLY D 345 24.89 4.91 -75.61
CA GLY D 345 25.13 5.89 -76.66
C GLY D 345 24.34 7.17 -76.46
N MET D 346 23.10 7.06 -76.01
CA MET D 346 22.26 8.24 -75.83
C MET D 346 22.87 9.19 -74.82
N VAL D 347 23.23 10.39 -75.28
CA VAL D 347 23.75 11.43 -74.41
C VAL D 347 22.88 12.67 -74.40
N ASP D 348 21.87 12.75 -75.26
CA ASP D 348 21.03 13.94 -75.33
C ASP D 348 20.12 14.07 -74.11
N GLY D 349 19.53 12.96 -73.68
CA GLY D 349 18.59 13.01 -72.57
C GLY D 349 18.47 11.71 -71.79
N TRP D 350 17.43 11.61 -70.98
CA TRP D 350 17.21 10.44 -70.13
C TRP D 350 16.32 9.40 -70.80
N TYR D 351 15.24 9.82 -71.45
CA TYR D 351 14.40 8.94 -72.24
C TYR D 351 14.50 9.34 -73.71
N GLY D 352 14.51 8.35 -74.60
CA GLY D 352 14.64 8.69 -76.00
C GLY D 352 14.34 7.51 -76.91
N TYR D 353 14.30 7.81 -78.21
CA TYR D 353 14.02 6.84 -79.25
C TYR D 353 15.31 6.46 -79.99
N HIS D 354 15.28 5.28 -80.59
CA HIS D 354 16.37 4.80 -81.44
C HIS D 354 15.76 4.14 -82.67
N HIS D 355 16.21 4.54 -83.85
CA HIS D 355 15.65 4.09 -85.11
C HIS D 355 16.74 3.45 -85.97
N SER D 356 16.36 2.41 -86.71
CA SER D 356 17.26 1.74 -87.65
C SER D 356 16.51 1.53 -88.95
N ASN D 357 17.00 2.13 -90.03
CA ASN D 357 16.37 2.03 -91.33
C ASN D 357 17.45 1.92 -92.40
N GLU D 358 17.03 2.08 -93.66
CA GLU D 358 17.96 2.02 -94.78
C GLU D 358 19.00 3.14 -94.68
N GLN D 359 18.60 4.31 -94.19
CA GLN D 359 19.53 5.43 -94.09
C GLN D 359 20.54 5.25 -92.96
N GLY D 360 20.21 4.46 -91.95
CA GLY D 360 21.15 4.15 -90.90
C GLY D 360 20.47 4.14 -89.55
N SER D 361 21.29 4.01 -88.50
CA SER D 361 20.82 3.97 -87.12
C SER D 361 21.25 5.23 -86.38
N GLY D 362 20.42 5.66 -85.43
CA GLY D 362 20.72 6.86 -84.68
C GLY D 362 19.90 6.94 -83.41
N TYR D 363 20.44 7.67 -82.44
CA TYR D 363 19.80 7.87 -81.15
C TYR D 363 19.21 9.27 -81.06
N ALA D 364 17.99 9.36 -80.55
CA ALA D 364 17.33 10.63 -80.29
C ALA D 364 16.78 10.61 -78.86
N ALA D 365 16.36 11.77 -78.38
CA ALA D 365 15.86 11.90 -77.01
C ALA D 365 14.60 12.76 -77.00
N ASP D 366 13.67 12.39 -76.12
CA ASP D 366 12.45 13.18 -75.92
C ASP D 366 12.76 14.30 -74.94
N LYS D 367 12.85 15.54 -75.43
CA LYS D 367 13.21 16.66 -74.58
C LYS D 367 12.11 16.97 -73.58
N GLU D 368 10.84 16.76 -73.93
CA GLU D 368 9.75 17.03 -73.01
C GLU D 368 9.83 16.13 -71.78
N SER D 369 9.92 14.82 -72.00
CA SER D 369 10.00 13.89 -70.87
C SER D 369 11.28 14.09 -70.08
N THR D 370 12.41 14.27 -70.78
CA THR D 370 13.69 14.42 -70.09
C THR D 370 13.71 15.67 -69.22
N GLN D 371 13.35 16.81 -69.80
CA GLN D 371 13.37 18.07 -69.04
C GLN D 371 12.36 18.03 -67.89
N LYS D 372 11.18 17.46 -68.14
CA LYS D 372 10.20 17.32 -67.06
C LYS D 372 10.72 16.39 -65.98
N ALA D 373 11.49 15.37 -66.35
CA ALA D 373 12.01 14.43 -65.35
C ALA D 373 13.12 15.06 -64.52
N ILE D 374 14.11 15.68 -65.18
CA ILE D 374 15.20 16.30 -64.43
C ILE D 374 14.69 17.44 -63.57
N ASP D 375 13.59 18.09 -63.98
CA ASP D 375 12.99 19.13 -63.15
C ASP D 375 12.29 18.53 -61.94
N GLY D 376 11.57 17.42 -62.14
CA GLY D 376 10.82 16.83 -61.04
C GLY D 376 11.72 16.25 -59.96
N VAL D 377 12.68 15.42 -60.35
CA VAL D 377 13.56 14.80 -59.37
C VAL D 377 14.42 15.85 -58.67
N THR D 378 14.74 16.95 -59.37
CA THR D 378 15.46 18.03 -58.72
C THR D 378 14.59 18.72 -57.68
N ASN D 379 13.30 18.90 -57.98
CA ASN D 379 12.39 19.43 -56.97
C ASN D 379 12.30 18.51 -55.77
N LYS D 380 12.21 17.19 -56.02
CA LYS D 380 12.17 16.23 -54.93
C LYS D 380 13.42 16.31 -54.07
N VAL D 381 14.59 16.40 -54.71
CA VAL D 381 15.84 16.48 -53.96
C VAL D 381 15.86 17.75 -53.12
N ASN D 382 15.51 18.89 -53.72
CA ASN D 382 15.57 20.14 -52.99
C ASN D 382 14.45 20.26 -51.95
N SER D 383 13.27 19.71 -52.24
CA SER D 383 12.19 19.74 -51.25
C SER D 383 12.60 19.02 -49.97
N ILE D 384 13.29 17.89 -50.11
CA ILE D 384 13.80 17.20 -48.93
C ILE D 384 14.88 18.02 -48.25
N ILE D 385 15.66 18.79 -49.01
CA ILE D 385 16.73 19.59 -48.43
C ILE D 385 16.20 20.90 -47.86
N ASP D 386 15.30 21.57 -48.58
CA ASP D 386 14.91 22.92 -48.19
C ASP D 386 13.90 22.95 -47.04
N LYS D 387 13.01 21.96 -46.96
CA LYS D 387 11.93 22.02 -45.99
C LYS D 387 12.42 21.90 -44.55
N MET D 388 13.60 21.32 -44.33
CA MET D 388 14.19 21.32 -43.01
C MET D 388 14.55 22.73 -42.58
N ASN D 389 14.08 23.14 -41.40
CA ASN D 389 14.37 24.45 -40.85
C ASN D 389 15.53 24.32 -39.88
N THR D 390 16.69 24.86 -40.27
CA THR D 390 17.93 24.72 -39.52
C THR D 390 18.26 25.95 -38.70
N GLN D 391 17.38 26.97 -38.66
CA GLN D 391 17.63 28.18 -37.90
C GLN D 391 17.79 27.90 -36.41
N PHE D 392 17.52 26.67 -35.96
CA PHE D 392 17.67 26.32 -34.56
C PHE D 392 19.12 26.47 -34.13
N GLU D 393 19.34 27.22 -33.05
CA GLU D 393 20.64 27.31 -32.41
C GLU D 393 20.82 26.14 -31.45
N ALA D 394 22.04 25.66 -31.32
CA ALA D 394 22.29 24.39 -30.64
C ALA D 394 23.35 24.56 -29.55
N VAL D 395 23.43 23.56 -28.67
CA VAL D 395 24.39 23.52 -27.57
C VAL D 395 24.78 22.09 -27.23
N GLY D 396 25.68 21.94 -26.26
CA GLY D 396 26.02 20.69 -25.61
C GLY D 396 26.35 20.98 -24.16
N ARG D 397 25.56 20.46 -23.22
CA ARG D 397 25.40 21.10 -21.91
C ARG D 397 26.43 20.70 -20.87
N GLU D 398 26.33 21.37 -19.73
CA GLU D 398 27.22 21.25 -18.59
C GLU D 398 26.38 20.85 -17.39
N PHE D 399 26.63 19.67 -16.83
CA PHE D 399 25.87 19.22 -15.67
C PHE D 399 26.81 18.65 -14.61
N ASN D 400 26.48 18.99 -13.36
CA ASN D 400 27.35 18.78 -12.21
C ASN D 400 27.53 17.29 -11.91
N ASN D 401 28.44 17.00 -10.98
CA ASN D 401 28.59 15.64 -10.47
C ASN D 401 27.32 15.17 -9.78
N LEU D 402 26.64 16.08 -9.06
CA LEU D 402 25.40 15.76 -8.35
C LEU D 402 24.17 16.18 -9.12
N GLU D 403 24.27 16.28 -10.45
CA GLU D 403 23.14 16.57 -11.32
C GLU D 403 23.06 15.54 -12.43
N ARG D 404 23.53 14.31 -12.16
CA ARG D 404 23.58 13.27 -13.17
C ARG D 404 22.19 12.84 -13.63
N ARG D 405 21.20 12.96 -12.74
CA ARG D 405 19.82 12.68 -13.15
C ARG D 405 19.38 13.61 -14.26
N ILE D 406 19.81 14.88 -14.18
CA ILE D 406 19.49 15.83 -15.25
C ILE D 406 20.24 15.48 -16.52
N GLU D 407 21.48 15.01 -16.39
CA GLU D 407 22.26 14.65 -17.56
C GLU D 407 21.64 13.46 -18.31
N ASN D 408 21.04 12.51 -17.58
CA ASN D 408 20.33 11.43 -18.25
C ASN D 408 19.11 11.94 -18.99
N LEU D 409 18.48 13.02 -18.51
CA LEU D 409 17.42 13.66 -19.26
C LEU D 409 17.96 14.29 -20.54
N ASN D 410 19.04 15.07 -20.43
CA ASN D 410 19.68 15.62 -21.62
C ASN D 410 20.14 14.51 -22.56
N LYS D 411 20.62 13.40 -22.00
CA LYS D 411 21.03 12.28 -22.83
C LYS D 411 19.82 11.61 -23.48
N LYS D 412 18.76 11.36 -22.71
CA LYS D 412 17.59 10.69 -23.27
C LYS D 412 16.89 11.54 -24.30
N MET D 413 16.92 12.87 -24.14
CA MET D 413 16.37 13.75 -25.16
C MET D 413 17.16 13.63 -26.46
N GLU D 414 18.47 13.83 -26.39
CA GLU D 414 19.27 13.79 -27.61
C GLU D 414 19.37 12.39 -28.18
N ASP D 415 19.39 11.36 -27.32
CA ASP D 415 19.35 9.98 -27.84
C ASP D 415 18.02 9.68 -28.52
N GLY D 416 16.92 10.15 -27.95
CA GLY D 416 15.62 9.91 -28.57
C GLY D 416 15.48 10.66 -29.89
N PHE D 417 16.06 11.85 -29.98
CA PHE D 417 15.96 12.63 -31.21
C PHE D 417 16.82 12.04 -32.32
N LEU D 418 17.95 11.43 -31.98
CA LEU D 418 18.72 10.72 -33.00
C LEU D 418 17.91 9.60 -33.61
N ASP D 419 17.25 8.81 -32.76
CA ASP D 419 16.46 7.68 -33.25
C ASP D 419 15.28 8.14 -34.10
N VAL D 420 14.73 9.32 -33.82
CA VAL D 420 13.64 9.84 -34.64
C VAL D 420 14.14 10.22 -36.02
N TRP D 421 15.18 11.07 -36.08
CA TRP D 421 15.68 11.54 -37.37
C TRP D 421 16.31 10.41 -38.17
N THR D 422 17.07 9.54 -37.52
CA THR D 422 17.75 8.46 -38.25
C THR D 422 16.74 7.54 -38.93
N TYR D 423 15.69 7.16 -38.21
CA TYR D 423 14.69 6.27 -38.79
C TYR D 423 13.93 6.95 -39.92
N ASN D 424 13.47 8.17 -39.70
CA ASN D 424 12.68 8.88 -40.71
C ASN D 424 13.51 9.17 -41.94
N ALA D 425 14.73 9.69 -41.75
CA ALA D 425 15.55 10.07 -42.89
C ALA D 425 15.88 8.87 -43.77
N GLU D 426 16.26 7.75 -43.15
CA GLU D 426 16.62 6.56 -43.94
C GLU D 426 15.41 6.00 -44.67
N LEU D 427 14.28 5.86 -43.97
CA LEU D 427 13.07 5.35 -44.62
C LEU D 427 12.58 6.30 -45.68
N LEU D 428 12.62 7.62 -45.41
CA LEU D 428 12.24 8.59 -46.42
C LEU D 428 13.09 8.43 -47.68
N VAL D 429 14.38 8.16 -47.50
CA VAL D 429 15.24 7.86 -48.65
C VAL D 429 14.76 6.58 -49.35
N LEU D 430 14.52 5.52 -48.57
CA LEU D 430 14.12 4.25 -49.17
C LEU D 430 12.75 4.37 -49.83
N MET D 431 11.84 5.15 -49.27
CA MET D 431 10.51 5.30 -49.87
C MET D 431 10.57 6.13 -51.13
N GLU D 432 11.23 7.29 -51.09
CA GLU D 432 11.23 8.17 -52.25
C GLU D 432 12.12 7.65 -53.37
N ASN D 433 13.17 6.89 -53.04
CA ASN D 433 13.97 6.26 -54.08
C ASN D 433 13.17 5.20 -54.84
N GLU D 434 12.23 4.54 -54.15
CA GLU D 434 11.33 3.61 -54.85
C GLU D 434 10.42 4.35 -55.81
N ARG D 435 9.81 5.45 -55.35
CA ARG D 435 8.93 6.22 -56.21
C ARG D 435 9.70 6.87 -57.36
N THR D 436 10.92 7.35 -57.09
CA THR D 436 11.73 7.95 -58.13
C THR D 436 12.03 6.96 -59.24
N LEU D 437 12.48 5.75 -58.87
CA LEU D 437 12.82 4.75 -59.87
C LEU D 437 11.59 4.32 -60.66
N ASP D 438 10.44 4.22 -60.00
CA ASP D 438 9.21 3.85 -60.70
C ASP D 438 8.69 5.01 -61.53
N PHE D 439 8.95 6.26 -61.11
CA PHE D 439 8.64 7.41 -61.94
C PHE D 439 9.30 7.29 -63.30
N HIS D 440 10.53 6.75 -63.33
CA HIS D 440 11.22 6.54 -64.60
C HIS D 440 10.52 5.47 -65.43
N ASP D 441 10.07 4.39 -64.80
CA ASP D 441 9.30 3.37 -65.50
C ASP D 441 8.03 3.98 -66.09
N SER D 442 7.32 4.77 -65.27
CA SER D 442 6.06 5.37 -65.71
C SER D 442 6.25 6.26 -66.94
N ASN D 443 7.34 7.04 -66.97
CA ASN D 443 7.56 7.94 -68.09
C ASN D 443 7.95 7.18 -69.35
N VAL D 444 8.77 6.14 -69.20
CA VAL D 444 9.20 5.35 -70.36
C VAL D 444 8.01 4.70 -71.04
N LYS D 445 7.08 4.13 -70.25
CA LYS D 445 5.94 3.45 -70.85
C LYS D 445 5.00 4.43 -71.55
N ASN D 446 4.92 5.68 -71.06
CA ASN D 446 4.07 6.67 -71.72
C ASN D 446 4.57 7.00 -73.11
N LEU D 447 5.89 7.10 -73.28
CA LEU D 447 6.44 7.27 -74.63
C LEU D 447 6.16 6.05 -75.49
N TYR D 448 6.34 4.85 -74.93
CA TYR D 448 6.02 3.63 -75.67
C TYR D 448 4.55 3.60 -76.06
N ASP D 449 3.68 4.11 -75.19
CA ASP D 449 2.26 4.17 -75.52
C ASP D 449 1.96 5.29 -76.51
N LYS D 450 2.78 6.35 -76.52
CA LYS D 450 2.60 7.41 -77.50
C LYS D 450 3.09 6.96 -78.88
N VAL D 451 4.14 6.14 -78.93
CA VAL D 451 4.61 5.61 -80.21
C VAL D 451 3.59 4.64 -80.79
N ARG D 452 3.09 3.72 -79.97
CA ARG D 452 1.95 2.91 -80.36
C ARG D 452 0.71 3.80 -80.38
N LEU D 453 -0.42 3.23 -80.79
CA LEU D 453 -1.66 3.95 -81.09
C LEU D 453 -1.47 4.83 -82.33
N GLN D 454 -0.22 4.96 -82.77
CA GLN D 454 0.14 5.52 -84.05
C GLN D 454 0.51 4.44 -85.06
N LEU D 455 1.42 3.55 -84.66
CA LEU D 455 1.80 2.37 -85.46
C LEU D 455 0.86 1.21 -85.16
N ARG D 456 -0.42 1.42 -85.44
CA ARG D 456 -1.46 0.46 -85.08
C ARG D 456 -1.17 -0.92 -85.65
N ASP D 457 -1.21 -1.05 -86.98
CA ASP D 457 -0.96 -2.31 -87.66
C ASP D 457 0.31 -2.29 -88.48
N ASN D 458 1.01 -1.16 -88.54
CA ASN D 458 2.15 -0.98 -89.43
C ASN D 458 3.46 -1.48 -88.83
N ALA D 459 3.42 -2.01 -87.62
CA ALA D 459 4.62 -2.55 -86.98
C ALA D 459 4.21 -3.67 -86.04
N LYS D 460 5.22 -4.40 -85.55
CA LYS D 460 5.02 -5.52 -84.64
C LYS D 460 5.81 -5.29 -83.36
N GLU D 461 5.14 -5.37 -82.22
CA GLU D 461 5.79 -5.24 -80.93
C GLU D 461 6.65 -6.47 -80.68
N LEU D 462 7.96 -6.30 -80.63
CA LEU D 462 8.88 -7.42 -80.42
C LEU D 462 9.05 -7.77 -78.95
N GLY D 463 8.49 -6.99 -78.04
CA GLY D 463 8.68 -7.22 -76.62
C GLY D 463 9.94 -6.61 -76.04
N ASN D 464 10.78 -5.99 -76.87
CA ASN D 464 11.99 -5.31 -76.42
C ASN D 464 11.76 -3.83 -76.18
N GLY D 465 10.51 -3.39 -76.11
CA GLY D 465 10.24 -1.98 -76.25
C GLY D 465 10.48 -1.47 -77.65
N CYS D 466 10.44 -2.36 -78.65
CA CYS D 466 10.81 -2.06 -80.02
C CYS D 466 9.66 -2.42 -80.96
N PHE D 467 9.54 -1.66 -82.03
CA PHE D 467 8.51 -1.86 -83.05
C PHE D 467 9.20 -2.16 -84.38
N GLU D 468 9.11 -3.40 -84.85
CA GLU D 468 9.64 -3.74 -86.17
C GLU D 468 8.61 -3.33 -87.23
N PHE D 469 8.92 -2.27 -87.97
CA PHE D 469 8.00 -1.77 -88.99
C PHE D 469 7.76 -2.82 -90.07
N TYR D 470 6.49 -3.00 -90.44
CA TYR D 470 6.16 -3.88 -91.55
C TYR D 470 6.35 -3.18 -92.89
N HIS D 471 6.15 -1.87 -92.94
CA HIS D 471 6.47 -1.06 -94.10
C HIS D 471 7.91 -0.56 -93.98
N LYS D 472 8.26 0.48 -94.73
CA LYS D 472 9.56 1.12 -94.63
C LYS D 472 9.39 2.57 -94.25
N CYS D 473 10.09 3.00 -93.20
CA CYS D 473 9.95 4.33 -92.63
C CYS D 473 11.29 5.06 -92.71
N ASP D 474 11.33 6.14 -93.47
CA ASP D 474 12.57 6.86 -93.69
C ASP D 474 12.91 7.74 -92.48
N ASN D 475 14.07 8.38 -92.55
CA ASN D 475 14.56 9.20 -91.44
C ASN D 475 13.56 10.30 -91.08
N GLU D 476 12.98 10.94 -92.09
CA GLU D 476 11.95 11.94 -91.83
C GLU D 476 10.70 11.31 -91.23
N CYS D 477 10.37 10.09 -91.64
CA CYS D 477 9.20 9.41 -91.09
C CYS D 477 9.42 9.02 -89.63
N MET D 478 10.63 8.53 -89.29
CA MET D 478 10.93 8.23 -87.90
C MET D 478 10.74 9.46 -87.02
N GLU D 479 11.20 10.62 -87.49
CA GLU D 479 10.96 11.87 -86.78
C GLU D 479 9.46 12.11 -86.59
N SER D 480 8.65 11.74 -87.58
CA SER D 480 7.20 11.90 -87.46
C SER D 480 6.62 11.01 -86.37
N VAL D 481 7.22 9.84 -86.12
CA VAL D 481 6.79 9.01 -85.00
C VAL D 481 7.08 9.72 -83.69
N ARG D 482 8.27 10.34 -83.59
CA ARG D 482 8.59 11.15 -82.42
C ARG D 482 7.75 12.41 -82.37
N ASN D 483 7.70 13.14 -83.48
CA ASN D 483 6.97 14.40 -83.56
C ASN D 483 5.47 14.21 -83.28
N GLY D 484 4.95 13.02 -83.54
CA GLY D 484 3.52 12.78 -83.44
C GLY D 484 2.73 13.07 -84.69
N THR D 485 3.40 13.29 -85.82
CA THR D 485 2.75 13.62 -87.09
C THR D 485 2.62 12.40 -88.01
N TYR D 486 2.79 11.20 -87.46
CA TYR D 486 2.75 9.98 -88.26
C TYR D 486 1.39 9.79 -88.90
N ASP D 487 1.38 9.49 -90.21
CA ASP D 487 0.17 9.22 -90.96
C ASP D 487 0.09 7.71 -91.21
N TYR D 488 -0.79 7.04 -90.47
CA TYR D 488 -0.98 5.60 -90.67
C TYR D 488 -1.55 5.24 -92.03
N PRO D 489 -2.50 5.99 -92.62
CA PRO D 489 -3.02 5.58 -93.94
C PRO D 489 -1.96 5.48 -95.04
N GLN D 490 -0.96 6.36 -95.04
CA GLN D 490 0.00 6.39 -96.14
C GLN D 490 0.76 5.06 -96.23
N TYR D 491 1.20 4.53 -95.10
CA TYR D 491 2.04 3.33 -95.08
C TYR D 491 1.23 2.05 -94.89
N SER D 492 -0.08 2.09 -95.09
CA SER D 492 -0.91 0.93 -94.76
C SER D 492 -0.68 -0.23 -95.72
N GLU D 493 -0.72 0.06 -97.03
CA GLU D 493 -0.85 -1.02 -98.01
C GLU D 493 0.42 -1.86 -98.11
N GLU D 494 1.59 -1.20 -98.16
CA GLU D 494 2.83 -1.97 -98.21
C GLU D 494 2.97 -2.85 -96.97
N ALA D 495 2.59 -2.34 -95.80
CA ALA D 495 2.61 -3.14 -94.59
C ALA D 495 1.57 -4.25 -94.63
N ARG D 496 0.38 -3.94 -95.17
CA ARG D 496 -0.69 -4.94 -95.27
C ARG D 496 -0.20 -6.19 -95.98
N LEU D 497 0.45 -6.02 -97.13
CA LEU D 497 0.96 -7.17 -97.87
C LEU D 497 2.12 -7.84 -97.13
N LYS D 498 2.91 -7.07 -96.40
CA LYS D 498 4.04 -7.65 -95.67
C LYS D 498 3.58 -8.51 -94.50
N ARG D 499 2.41 -8.19 -93.93
CA ARG D 499 1.84 -9.05 -92.89
C ARG D 499 1.46 -10.42 -93.45
N GLU D 500 1.14 -10.49 -94.74
CA GLU D 500 0.75 -11.72 -95.42
C GLU D 500 -0.35 -12.47 -94.68
N ASP E 1 -11.60 -22.27 -76.13
CA ASP E 1 -10.25 -22.27 -75.59
C ASP E 1 -9.87 -20.88 -75.08
N GLN E 2 -9.24 -20.82 -73.91
CA GLN E 2 -8.87 -19.54 -73.32
C GLN E 2 -7.74 -19.76 -72.32
N ILE E 3 -6.99 -18.69 -72.07
CA ILE E 3 -6.01 -18.62 -71.00
C ILE E 3 -6.28 -17.34 -70.22
N CYS E 4 -5.92 -17.37 -68.93
CA CYS E 4 -6.34 -16.30 -68.03
C CYS E 4 -5.16 -15.85 -67.15
N ILE E 5 -5.31 -14.66 -66.58
CA ILE E 5 -4.36 -14.09 -65.64
C ILE E 5 -5.10 -13.78 -64.36
N GLY E 6 -4.51 -14.11 -63.22
CA GLY E 6 -5.18 -13.88 -61.95
C GLY E 6 -4.23 -13.85 -60.79
N TYR E 7 -4.76 -13.40 -59.65
CA TYR E 7 -3.99 -13.32 -58.41
C TYR E 7 -4.60 -14.25 -57.36
N HIS E 8 -3.74 -14.68 -56.43
CA HIS E 8 -4.05 -15.76 -55.50
C HIS E 8 -4.94 -15.27 -54.35
N ALA E 9 -5.71 -16.21 -53.80
CA ALA E 9 -6.59 -15.93 -52.66
C ALA E 9 -6.57 -17.10 -51.70
N ASN E 10 -6.76 -16.81 -50.40
CA ASN E 10 -6.66 -17.81 -49.34
C ASN E 10 -7.76 -17.56 -48.32
N ASN E 11 -7.83 -18.46 -47.32
CA ASN E 11 -8.87 -18.39 -46.31
C ASN E 11 -8.72 -17.23 -45.34
N SER E 12 -7.54 -16.59 -45.31
CA SER E 12 -7.22 -15.66 -44.23
C SER E 12 -8.19 -14.48 -44.21
N THR E 13 -8.72 -14.19 -43.02
CA THR E 13 -9.55 -13.03 -42.77
C THR E 13 -8.77 -11.89 -42.11
N GLU E 14 -7.44 -11.97 -42.16
CA GLU E 14 -6.61 -10.88 -41.63
C GLU E 14 -6.92 -9.60 -42.38
N GLN E 15 -7.15 -8.52 -41.63
CA GLN E 15 -7.58 -7.25 -42.21
C GLN E 15 -6.53 -6.18 -41.93
N VAL E 16 -6.30 -5.32 -42.93
CA VAL E 16 -5.34 -4.24 -42.83
C VAL E 16 -6.00 -2.95 -43.30
N ASP E 17 -5.35 -1.83 -43.01
CA ASP E 17 -5.82 -0.51 -43.39
C ASP E 17 -4.77 0.18 -44.25
N THR E 18 -5.24 0.97 -45.21
CA THR E 18 -4.38 1.82 -46.03
C THR E 18 -4.82 3.27 -45.87
N ILE E 19 -4.09 4.16 -46.55
CA ILE E 19 -4.38 5.58 -46.45
C ILE E 19 -5.74 5.90 -47.08
N MET E 20 -6.14 5.14 -48.09
CA MET E 20 -7.38 5.40 -48.82
C MET E 20 -8.50 4.42 -48.51
N GLU E 21 -8.18 3.18 -48.17
CA GLU E 21 -9.18 2.14 -47.97
C GLU E 21 -8.99 1.49 -46.60
N LYS E 22 -10.10 1.18 -45.94
CA LYS E 22 -10.09 0.63 -44.60
C LYS E 22 -10.66 -0.78 -44.61
N ASN E 23 -10.18 -1.60 -43.68
CA ASN E 23 -10.67 -2.97 -43.49
C ASN E 23 -10.57 -3.78 -44.78
N VAL E 24 -9.34 -3.93 -45.28
CA VAL E 24 -9.07 -4.65 -46.50
C VAL E 24 -8.48 -6.02 -46.15
N THR E 25 -9.15 -7.08 -46.59
CA THR E 25 -8.71 -8.44 -46.29
C THR E 25 -7.58 -8.84 -47.23
N VAL E 26 -6.47 -9.33 -46.66
CA VAL E 26 -5.29 -9.69 -47.43
C VAL E 26 -4.92 -11.13 -47.13
N THR E 27 -4.04 -11.68 -47.98
CA THR E 27 -3.65 -13.08 -47.86
C THR E 27 -2.59 -13.29 -46.78
N HIS E 28 -1.64 -12.36 -46.67
CA HIS E 28 -0.55 -12.48 -45.71
C HIS E 28 -0.26 -11.12 -45.11
N ALA E 29 0.21 -11.13 -43.86
CA ALA E 29 0.44 -9.89 -43.14
C ALA E 29 1.43 -10.12 -42.03
N GLN E 30 2.07 -9.03 -41.59
CA GLN E 30 3.01 -9.04 -40.48
C GLN E 30 2.71 -7.85 -39.57
N ASP E 31 2.71 -8.10 -38.27
CA ASP E 31 2.52 -7.05 -37.28
C ASP E 31 3.89 -6.62 -36.77
N ILE E 32 4.21 -5.34 -36.90
CA ILE E 32 5.50 -4.82 -36.49
C ILE E 32 5.40 -4.28 -35.07
N LEU E 33 4.32 -4.62 -34.38
CA LEU E 33 4.11 -4.23 -32.99
C LEU E 33 4.18 -5.46 -32.10
N GLU E 34 5.03 -5.41 -31.08
CA GLU E 34 5.15 -6.50 -30.13
C GLU E 34 4.24 -6.25 -28.93
N LYS E 35 3.42 -7.25 -28.59
CA LYS E 35 2.37 -7.10 -27.60
C LYS E 35 2.46 -8.08 -26.45
N THR E 36 3.42 -9.01 -26.47
CA THR E 36 3.56 -10.01 -25.42
C THR E 36 4.84 -9.78 -24.63
N HIS E 37 4.87 -10.33 -23.41
CA HIS E 37 6.05 -10.22 -22.56
C HIS E 37 6.16 -11.49 -21.72
N ASN E 38 7.23 -11.57 -20.94
CA ASN E 38 7.49 -12.74 -20.10
C ASN E 38 6.49 -12.86 -18.97
N GLY E 39 6.09 -11.72 -18.39
CA GLY E 39 5.44 -11.73 -17.11
C GLY E 39 6.38 -11.97 -15.96
N LYS E 40 7.68 -11.98 -16.21
CA LYS E 40 8.70 -12.22 -15.21
C LYS E 40 9.76 -11.12 -15.31
N LEU E 41 10.50 -10.95 -14.21
CA LEU E 41 11.68 -10.09 -14.21
C LEU E 41 12.88 -10.92 -14.63
N CYS E 42 13.74 -10.33 -15.44
CA CYS E 42 14.82 -11.09 -16.07
C CYS E 42 16.15 -10.41 -15.81
N ASP E 43 17.23 -11.15 -16.09
CA ASP E 43 18.54 -10.52 -16.20
C ASP E 43 18.59 -9.65 -17.44
N LEU E 44 19.46 -8.64 -17.40
CA LEU E 44 19.64 -7.71 -18.52
C LEU E 44 21.05 -7.91 -19.08
N ASN E 45 21.15 -8.67 -20.16
CA ASN E 45 22.43 -8.93 -20.82
C ASN E 45 23.41 -9.61 -19.87
N GLY E 46 22.91 -10.57 -19.09
CA GLY E 46 23.74 -11.43 -18.29
C GLY E 46 23.92 -10.99 -16.85
N VAL E 47 23.67 -9.73 -16.53
CA VAL E 47 23.83 -9.21 -15.17
C VAL E 47 22.48 -9.11 -14.50
N LYS E 48 22.37 -9.76 -13.34
CA LYS E 48 21.10 -9.89 -12.64
C LYS E 48 20.71 -8.56 -11.99
N PRO E 49 19.42 -8.29 -11.84
CA PRO E 49 19.00 -7.11 -11.07
C PRO E 49 19.30 -7.28 -9.59
N LEU E 50 19.31 -6.14 -8.90
CA LEU E 50 19.36 -6.13 -7.43
C LEU E 50 17.94 -6.09 -6.92
N ILE E 51 17.36 -7.27 -6.73
CA ILE E 51 15.99 -7.37 -6.23
C ILE E 51 15.98 -7.14 -4.73
N LEU E 52 15.85 -5.88 -4.33
CA LEU E 52 15.63 -5.52 -2.95
C LEU E 52 14.17 -5.82 -2.61
N LYS E 53 13.94 -6.76 -1.71
CA LYS E 53 12.60 -7.27 -1.45
C LYS E 53 11.99 -6.50 -0.29
N ASP E 54 11.02 -5.64 -0.61
CA ASP E 54 10.34 -4.83 0.41
C ASP E 54 11.33 -4.03 1.25
N CYS E 55 12.50 -3.76 0.66
CA CYS E 55 13.54 -2.97 1.28
C CYS E 55 13.87 -1.81 0.36
N SER E 56 14.24 -0.68 0.94
CA SER E 56 14.62 0.48 0.15
C SER E 56 16.13 0.52 -0.02
N VAL E 57 16.58 1.29 -1.01
CA VAL E 57 18.01 1.48 -1.21
C VAL E 57 18.66 2.05 0.04
N ALA E 58 17.97 2.97 0.71
CA ALA E 58 18.46 3.51 1.98
C ALA E 58 18.54 2.41 3.04
N GLY E 59 17.49 1.59 3.16
CA GLY E 59 17.49 0.57 4.19
C GLY E 59 18.59 -0.46 4.01
N TRP E 60 18.81 -0.90 2.77
CA TRP E 60 19.85 -1.90 2.52
C TRP E 60 21.25 -1.29 2.63
N LEU E 61 21.42 -0.06 2.15
CA LEU E 61 22.73 0.59 2.16
C LEU E 61 23.13 1.00 3.58
N LEU E 62 22.31 1.82 4.21
CA LEU E 62 22.60 2.30 5.56
C LEU E 62 22.63 1.18 6.59
N GLY E 63 22.30 -0.03 6.20
CA GLY E 63 21.95 -1.02 7.19
C GLY E 63 20.52 -0.85 7.64
N ASN E 64 19.91 -1.97 8.01
CA ASN E 64 18.59 -1.96 8.61
C ASN E 64 18.42 -3.33 9.23
N PRO E 65 17.86 -3.42 10.43
CA PRO E 65 17.71 -4.75 11.06
C PRO E 65 16.95 -5.73 10.18
N MET E 66 16.04 -5.25 9.34
CA MET E 66 15.15 -6.12 8.57
C MET E 66 15.52 -6.24 7.10
N CYS E 67 16.67 -5.70 6.70
CA CYS E 67 17.16 -5.85 5.33
C CYS E 67 18.35 -6.80 5.34
N ASP E 68 18.52 -7.54 4.24
CA ASP E 68 19.53 -8.60 4.20
C ASP E 68 20.93 -8.05 4.45
N GLU E 69 21.67 -8.75 5.31
CA GLU E 69 22.93 -8.23 5.83
C GLU E 69 23.97 -8.06 4.72
N PHE E 70 24.10 -9.05 3.84
CA PHE E 70 25.06 -8.98 2.76
C PHE E 70 24.41 -9.51 1.49
N ILE E 71 24.78 -8.93 0.36
CA ILE E 71 24.21 -9.29 -0.94
C ILE E 71 25.18 -10.19 -1.69
N ARG E 72 24.63 -11.16 -2.40
CA ARG E 72 25.38 -12.25 -3.00
C ARG E 72 25.91 -11.93 -4.39
N VAL E 73 25.65 -10.74 -4.92
CA VAL E 73 26.13 -10.33 -6.23
C VAL E 73 27.06 -9.13 -6.04
N PRO E 74 28.29 -9.18 -6.55
CA PRO E 74 29.10 -7.94 -6.59
C PRO E 74 28.60 -6.95 -7.61
N GLU E 75 27.80 -7.40 -8.59
CA GLU E 75 27.36 -6.58 -9.70
C GLU E 75 25.86 -6.74 -9.89
N TRP E 76 25.26 -5.71 -10.49
CA TRP E 76 23.86 -5.79 -10.87
C TRP E 76 23.61 -4.80 -12.00
N SER E 77 22.53 -5.05 -12.74
CA SER E 77 22.16 -4.21 -13.88
C SER E 77 21.21 -3.08 -13.46
N TYR E 78 20.09 -3.45 -12.87
CA TYR E 78 19.10 -2.48 -12.41
C TYR E 78 18.60 -2.93 -11.05
N ILE E 79 18.11 -1.98 -10.26
CA ILE E 79 17.59 -2.26 -8.94
C ILE E 79 16.08 -2.39 -9.04
N VAL E 80 15.51 -3.41 -8.41
CA VAL E 80 14.08 -3.59 -8.32
C VAL E 80 13.64 -3.25 -6.91
N GLU E 81 13.00 -2.10 -6.77
CA GLU E 81 12.40 -1.65 -5.52
C GLU E 81 10.90 -1.87 -5.61
N ARG E 82 10.28 -2.26 -4.50
CA ARG E 82 8.83 -2.34 -4.51
C ARG E 82 8.23 -0.93 -4.57
N ALA E 83 6.97 -0.86 -5.00
CA ALA E 83 6.34 0.44 -5.26
C ALA E 83 6.33 1.31 -4.01
N ASN E 84 5.98 0.72 -2.87
CA ASN E 84 6.04 1.41 -1.57
C ASN E 84 6.80 0.50 -0.62
N PRO E 85 8.12 0.63 -0.56
CA PRO E 85 8.91 -0.25 0.31
C PRO E 85 8.57 -0.03 1.77
N ALA E 86 8.69 -1.09 2.56
CA ALA E 86 8.19 -1.09 3.93
C ALA E 86 9.29 -0.97 4.98
N ASN E 87 10.56 -0.97 4.59
CA ASN E 87 11.65 -0.97 5.56
C ASN E 87 12.36 0.38 5.64
N ASP E 88 12.95 0.85 4.54
CA ASP E 88 13.50 2.21 4.45
C ASP E 88 14.29 2.63 5.68
N LEU E 89 13.95 3.81 6.21
CA LEU E 89 14.62 4.37 7.39
C LEU E 89 13.77 4.05 8.61
N CYS E 90 14.24 3.13 9.45
CA CYS E 90 13.48 2.74 10.63
C CYS E 90 13.42 3.88 11.64
N TYR E 91 14.55 4.53 11.90
CA TYR E 91 14.54 5.76 12.69
C TYR E 91 14.24 6.92 11.76
N PRO E 92 13.21 7.71 12.00
CA PRO E 92 12.83 8.76 11.03
C PRO E 92 13.97 9.75 10.80
N GLY E 93 14.14 10.09 9.53
CA GLY E 93 15.21 11.00 9.13
C GLY E 93 15.25 11.21 7.63
N SER E 94 16.45 11.23 7.06
CA SER E 94 16.61 11.50 5.64
C SER E 94 17.97 10.99 5.19
N LEU E 95 18.14 10.92 3.87
CA LEU E 95 19.41 10.59 3.24
C LEU E 95 19.67 11.63 2.16
N ASN E 96 20.67 12.49 2.39
CA ASN E 96 20.93 13.59 1.47
C ASN E 96 21.21 13.09 0.06
N ASP E 97 20.68 13.82 -0.92
CA ASP E 97 20.87 13.48 -2.33
C ASP E 97 20.50 12.03 -2.60
N TYR E 98 19.43 11.57 -1.94
CA TYR E 98 18.99 10.18 -2.06
C TYR E 98 18.78 9.81 -3.52
N GLU E 99 18.10 10.67 -4.27
CA GLU E 99 17.75 10.36 -5.65
C GLU E 99 18.98 10.31 -6.54
N GLU E 100 20.02 11.09 -6.22
CA GLU E 100 21.29 10.96 -6.92
C GLU E 100 21.99 9.67 -6.52
N LEU E 101 22.00 9.35 -5.23
CA LEU E 101 22.63 8.11 -4.76
C LEU E 101 21.94 6.89 -5.34
N LYS E 102 20.61 6.94 -5.52
CA LYS E 102 19.92 5.83 -6.16
C LYS E 102 20.29 5.72 -7.63
N HIS E 103 20.53 6.86 -8.29
CA HIS E 103 21.00 6.84 -9.67
C HIS E 103 22.41 6.27 -9.76
N LEU E 104 23.27 6.59 -8.79
CA LEU E 104 24.63 6.06 -8.81
C LEU E 104 24.64 4.56 -8.57
N LEU E 105 23.97 4.10 -7.52
CA LEU E 105 23.87 2.68 -7.16
C LEU E 105 22.95 1.91 -8.06
N SER E 106 22.50 2.54 -9.14
CA SER E 106 21.53 1.89 -10.02
C SER E 106 22.16 0.76 -10.82
N ARG E 107 23.30 1.03 -11.46
CA ARG E 107 24.12 0.02 -12.12
C ARG E 107 25.53 0.10 -11.55
N ILE E 108 25.98 -0.98 -10.92
CA ILE E 108 27.28 -1.01 -10.26
C ILE E 108 28.02 -2.26 -10.71
N ASN E 109 29.28 -2.08 -11.10
CA ASN E 109 30.10 -3.19 -11.56
C ASN E 109 30.67 -4.00 -10.40
N HIS E 110 31.07 -3.35 -9.32
CA HIS E 110 31.62 -4.04 -8.17
C HIS E 110 31.17 -3.35 -6.90
N PHE E 111 30.48 -4.10 -6.03
CA PHE E 111 30.04 -3.62 -4.73
C PHE E 111 30.57 -4.57 -3.66
N GLU E 112 31.26 -4.01 -2.67
CA GLU E 112 31.74 -4.82 -1.56
C GLU E 112 31.69 -3.98 -0.29
N LYS E 113 31.14 -4.55 0.77
CA LYS E 113 31.07 -3.87 2.06
C LYS E 113 32.32 -4.22 2.85
N ILE E 114 33.02 -3.21 3.32
CA ILE E 114 34.24 -3.39 4.08
C ILE E 114 34.15 -2.61 5.39
N LEU E 115 34.95 -3.02 6.36
CA LEU E 115 35.02 -2.37 7.67
C LEU E 115 36.13 -1.34 7.65
N ILE E 116 35.77 -0.08 7.83
CA ILE E 116 36.72 1.02 7.74
C ILE E 116 37.02 1.64 9.10
N ILE E 117 36.02 1.77 9.95
CA ILE E 117 36.21 2.32 11.29
C ILE E 117 35.59 1.36 12.30
N PRO E 118 36.37 0.45 12.88
CA PRO E 118 35.80 -0.57 13.76
C PRO E 118 35.26 0.03 15.05
N LYS E 119 34.51 -0.79 15.78
CA LYS E 119 34.01 -0.37 17.08
C LYS E 119 35.12 -0.26 18.11
N SER E 120 36.27 -0.88 17.85
CA SER E 120 37.42 -0.74 18.74
C SER E 120 37.99 0.67 18.72
N SER E 121 37.74 1.42 17.64
CA SER E 121 38.34 2.75 17.48
C SER E 121 37.75 3.79 18.43
N TRP E 122 36.63 3.50 19.09
CA TRP E 122 36.03 4.40 20.07
C TRP E 122 36.21 3.81 21.47
N PRO E 123 37.33 4.07 22.14
CA PRO E 123 37.53 3.52 23.48
C PRO E 123 36.99 4.43 24.58
N ASN E 124 36.91 5.73 24.30
CA ASN E 124 36.36 6.71 25.23
C ASN E 124 34.91 7.04 24.91
N HIS E 125 34.22 6.17 24.18
CA HIS E 125 32.82 6.35 23.84
C HIS E 125 32.12 5.00 23.92
N GLU E 126 30.80 5.03 24.02
CA GLU E 126 30.01 3.82 24.18
C GLU E 126 29.37 3.43 22.86
N THR E 127 29.47 2.15 22.50
CA THR E 127 29.04 1.67 21.19
C THR E 127 27.85 0.72 21.26
N SER E 128 27.39 0.34 22.44
CA SER E 128 26.33 -0.66 22.56
C SER E 128 24.98 -0.08 22.98
N LEU E 129 24.92 1.19 23.34
CA LEU E 129 23.71 1.80 23.87
C LEU E 129 22.96 2.64 22.84
N GLY E 130 23.44 2.67 21.60
CA GLY E 130 22.77 3.41 20.55
C GLY E 130 21.77 2.55 19.80
N VAL E 131 20.66 2.21 20.46
CA VAL E 131 19.66 1.30 19.90
C VAL E 131 18.28 1.89 20.17
N SER E 132 17.34 1.57 19.29
CA SER E 132 16.00 2.14 19.36
C SER E 132 14.96 1.04 19.17
N ALA E 133 13.75 1.33 19.65
CA ALA E 133 12.60 0.46 19.36
C ALA E 133 12.02 0.73 17.98
N ALA E 134 12.36 1.87 17.37
CA ALA E 134 11.97 2.11 15.99
C ALA E 134 12.71 1.21 15.02
N CYS E 135 13.84 0.63 15.44
CA CYS E 135 14.63 -0.30 14.63
C CYS E 135 14.73 -1.61 15.38
N PRO E 136 13.68 -2.44 15.30
CA PRO E 136 13.68 -3.68 16.08
C PRO E 136 14.27 -4.86 15.30
N TYR E 137 15.15 -5.62 15.95
CA TYR E 137 15.65 -6.88 15.41
C TYR E 137 15.39 -7.99 16.41
N GLN E 138 14.50 -8.91 16.03
CA GLN E 138 14.22 -10.09 16.83
C GLN E 138 13.76 -9.72 18.24
N GLY E 139 12.87 -8.72 18.32
CA GLY E 139 12.25 -8.34 19.57
C GLY E 139 13.05 -7.39 20.44
N ALA E 140 14.28 -7.07 20.07
CA ALA E 140 15.12 -6.23 20.91
C ALA E 140 15.40 -4.91 20.22
N PRO E 141 15.67 -3.85 20.98
CA PRO E 141 16.13 -2.60 20.37
C PRO E 141 17.46 -2.81 19.67
N SER E 142 17.52 -2.38 18.41
CA SER E 142 18.74 -2.43 17.63
C SER E 142 18.79 -1.17 16.77
N PHE E 143 19.67 -1.17 15.77
CA PHE E 143 19.93 0.06 15.04
C PHE E 143 20.52 -0.30 13.69
N PHE E 144 20.62 0.71 12.81
CA PHE E 144 21.23 0.53 11.50
C PHE E 144 22.57 -0.18 11.64
N ARG E 145 22.79 -1.20 10.80
CA ARG E 145 23.92 -2.10 11.02
C ARG E 145 25.25 -1.47 10.61
N ASN E 146 25.29 -0.76 9.48
CA ASN E 146 26.55 -0.28 8.93
C ASN E 146 26.93 1.11 9.46
N VAL E 147 26.39 1.51 10.60
CA VAL E 147 26.68 2.82 11.17
C VAL E 147 26.48 2.73 12.68
N VAL E 148 27.28 3.50 13.43
CA VAL E 148 27.33 3.40 14.88
C VAL E 148 26.73 4.68 15.49
N TRP E 149 25.80 4.50 16.43
CA TRP E 149 25.22 5.59 17.20
C TRP E 149 26.04 5.72 18.48
N LEU E 150 27.05 6.59 18.44
CA LEU E 150 27.91 6.79 19.60
C LEU E 150 27.23 7.64 20.65
N ILE E 151 27.38 7.26 21.91
CA ILE E 151 26.84 8.02 23.03
C ILE E 151 27.89 8.10 24.13
N LYS E 152 27.54 8.80 25.21
CA LYS E 152 28.48 9.16 26.26
C LYS E 152 29.02 7.93 26.99
N LYS E 153 30.25 8.07 27.51
CA LYS E 153 30.87 7.09 28.40
C LYS E 153 31.23 7.79 29.70
N ASN E 154 30.60 7.38 30.79
CA ASN E 154 30.85 7.94 32.11
C ASN E 154 30.57 9.44 32.14
N ASP E 155 29.44 9.83 31.53
CA ASP E 155 29.01 11.23 31.46
C ASP E 155 30.03 12.11 30.76
N ALA E 156 30.80 11.53 29.83
CA ALA E 156 31.83 12.26 29.11
C ALA E 156 31.74 11.93 27.62
N TYR E 157 31.79 12.96 26.78
CA TYR E 157 31.85 12.80 25.34
C TYR E 157 33.05 13.59 24.83
N PRO E 158 34.25 13.02 24.92
CA PRO E 158 35.43 13.71 24.40
C PRO E 158 35.31 13.95 22.90
N THR E 159 35.86 15.07 22.45
CA THR E 159 35.80 15.41 21.03
C THR E 159 36.52 14.35 20.21
N ILE E 160 35.84 13.87 19.18
CA ILE E 160 36.37 12.83 18.30
C ILE E 160 37.18 13.48 17.19
N LYS E 161 38.32 12.90 16.87
CA LYS E 161 39.12 13.30 15.72
C LYS E 161 39.66 12.03 15.07
N ILE E 162 38.97 11.57 14.02
CA ILE E 162 39.26 10.30 13.39
C ILE E 162 39.41 10.53 11.89
N SER E 163 40.28 9.73 11.26
CA SER E 163 40.54 9.85 9.83
C SER E 163 40.69 8.46 9.22
N TYR E 164 40.23 8.33 7.98
CA TYR E 164 40.38 7.10 7.22
C TYR E 164 40.93 7.44 5.84
N ASN E 165 42.09 6.86 5.52
CA ASN E 165 42.71 7.01 4.22
C ASN E 165 42.36 5.79 3.37
N ASN E 166 41.82 6.03 2.18
CA ASN E 166 41.44 4.96 1.25
C ASN E 166 42.70 4.26 0.75
N THR E 167 43.02 3.11 1.33
CA THR E 167 44.13 2.30 0.83
C THR E 167 43.72 1.43 -0.35
N ASN E 168 42.43 1.30 -0.62
CA ASN E 168 41.96 0.49 -1.73
C ASN E 168 42.13 1.23 -3.05
N ARG E 169 42.08 0.47 -4.14
CA ARG E 169 42.18 1.01 -5.49
C ARG E 169 40.84 1.51 -6.02
N GLU E 170 39.78 1.41 -5.24
CA GLU E 170 38.43 1.68 -5.70
C GLU E 170 37.85 2.89 -4.96
N ASP E 171 36.80 3.46 -5.54
CA ASP E 171 36.06 4.50 -4.85
C ASP E 171 35.29 3.90 -3.67
N LEU E 172 35.15 4.68 -2.61
CA LEU E 172 34.52 4.23 -1.38
C LEU E 172 33.29 5.07 -1.10
N LEU E 173 32.14 4.40 -0.90
CA LEU E 173 30.92 5.04 -0.44
C LEU E 173 30.91 5.01 1.07
N ILE E 174 31.01 6.19 1.69
CA ILE E 174 31.00 6.32 3.14
C ILE E 174 29.74 7.06 3.54
N LEU E 175 29.02 6.51 4.52
CA LEU E 175 27.78 7.10 5.01
C LEU E 175 27.95 7.44 6.49
N TRP E 176 27.64 8.68 6.85
CA TRP E 176 27.63 9.13 8.22
C TRP E 176 26.30 9.80 8.50
N GLY E 177 26.09 10.18 9.77
CA GLY E 177 24.80 10.75 10.13
C GLY E 177 24.88 11.63 11.35
N ILE E 178 23.80 12.41 11.53
CA ILE E 178 23.64 13.29 12.67
C ILE E 178 22.28 12.99 13.30
N HIS E 179 22.22 13.03 14.63
CA HIS E 179 20.98 12.84 15.37
C HIS E 179 20.47 14.18 15.86
N HIS E 180 19.25 14.52 15.47
CA HIS E 180 18.60 15.74 15.92
C HIS E 180 17.86 15.45 17.22
N SER E 181 18.37 15.98 18.32
CA SER E 181 17.74 15.81 19.62
C SER E 181 16.39 16.53 19.66
N ASN E 182 15.56 16.12 20.61
CA ASN E 182 14.22 16.69 20.71
C ASN E 182 14.09 17.70 21.84
N ASN E 183 14.96 17.65 22.84
CA ASN E 183 14.96 18.61 23.92
C ASN E 183 16.38 18.77 24.44
N ALA E 184 16.58 19.77 25.30
CA ALA E 184 17.90 19.98 25.89
C ALA E 184 18.29 18.84 26.81
N GLU E 185 17.33 18.24 27.51
CA GLU E 185 17.65 17.19 28.46
C GLU E 185 18.01 15.88 27.76
N GLU E 186 17.42 15.61 26.59
CA GLU E 186 17.81 14.43 25.83
C GLU E 186 19.25 14.52 25.38
N GLN E 187 19.68 15.71 24.93
CA GLN E 187 21.05 15.87 24.47
C GLN E 187 22.03 15.61 25.60
N THR E 188 21.77 16.16 26.79
CA THR E 188 22.65 15.96 27.92
C THR E 188 22.54 14.55 28.50
N ASN E 189 21.50 13.80 28.12
CA ASN E 189 21.37 12.42 28.58
C ASN E 189 22.09 11.45 27.66
N LEU E 190 21.97 11.63 26.34
CA LEU E 190 22.60 10.73 25.38
C LEU E 190 24.05 11.11 25.14
N TYR E 191 24.31 12.38 24.90
CA TYR E 191 25.62 12.98 24.88
C TYR E 191 25.75 13.80 26.16
N LYS E 192 26.80 14.59 26.27
CA LYS E 192 26.85 15.46 27.44
C LYS E 192 26.91 16.93 27.06
N ASN E 193 27.74 17.28 26.08
CA ASN E 193 27.91 18.67 25.71
C ASN E 193 26.63 19.21 25.07
N PRO E 194 26.24 20.44 25.36
CA PRO E 194 24.96 20.96 24.86
C PRO E 194 25.05 21.61 23.48
N THR E 195 26.22 22.15 23.14
CA THR E 195 26.44 22.81 21.85
C THR E 195 27.40 21.93 21.05
N THR E 196 26.88 21.21 20.07
CA THR E 196 27.63 20.19 19.36
C THR E 196 27.72 20.49 17.88
N TYR E 197 28.64 19.79 17.22
CA TYR E 197 28.88 19.95 15.79
C TYR E 197 29.37 18.62 15.22
N ILE E 198 29.41 18.55 13.90
CA ILE E 198 30.09 17.48 13.17
C ILE E 198 30.80 18.12 11.98
N SER E 199 32.11 17.91 11.88
CA SER E 199 32.91 18.47 10.80
C SER E 199 33.47 17.33 9.95
N VAL E 200 33.17 17.36 8.66
CA VAL E 200 33.61 16.34 7.72
C VAL E 200 34.42 17.02 6.63
N GLY E 201 35.58 16.45 6.31
CA GLY E 201 36.44 17.06 5.32
C GLY E 201 37.15 16.08 4.42
N THR E 202 37.02 16.28 3.10
CA THR E 202 37.82 15.56 2.13
C THR E 202 38.48 16.55 1.19
N SER E 203 39.07 16.07 0.10
CA SER E 203 39.60 16.98 -0.91
C SER E 203 38.50 17.84 -1.52
N THR E 204 37.30 17.28 -1.66
CA THR E 204 36.18 17.97 -2.28
C THR E 204 35.13 18.43 -1.29
N LEU E 205 35.17 17.96 -0.05
CA LEU E 205 34.06 18.10 0.88
C LEU E 205 34.45 18.98 2.07
N ASN E 206 33.58 19.93 2.39
CA ASN E 206 33.64 20.72 3.61
C ASN E 206 32.24 20.77 4.20
N GLN E 207 32.07 20.21 5.39
CA GLN E 207 30.74 20.08 5.96
C GLN E 207 30.74 20.47 7.43
N ARG E 208 29.65 21.12 7.84
CA ARG E 208 29.43 21.52 9.24
C ARG E 208 27.98 21.19 9.59
N LEU E 209 27.79 20.10 10.34
CA LEU E 209 26.46 19.66 10.73
C LEU E 209 26.23 20.02 12.20
N VAL E 210 25.27 20.90 12.46
CA VAL E 210 24.88 21.23 13.82
C VAL E 210 23.47 20.71 14.06
N PRO E 211 23.20 20.12 15.22
CA PRO E 211 21.89 19.51 15.45
C PRO E 211 20.77 20.54 15.58
N LYS E 212 19.59 20.15 15.11
CA LYS E 212 18.38 20.94 15.29
C LYS E 212 17.60 20.34 16.46
N ILE E 213 17.65 21.00 17.61
CA ILE E 213 16.93 20.56 18.80
C ILE E 213 15.60 21.30 18.80
N ALA E 214 14.57 20.67 18.24
CA ALA E 214 13.25 21.27 18.18
C ALA E 214 12.20 20.18 18.28
N THR E 215 10.97 20.60 18.58
CA THR E 215 9.86 19.67 18.72
C THR E 215 9.28 19.32 17.36
N ARG E 216 9.15 18.02 17.09
CA ARG E 216 8.68 17.52 15.81
C ARG E 216 7.61 16.45 16.03
N SER E 217 6.89 16.12 14.96
CA SER E 217 5.84 15.12 15.07
C SER E 217 6.45 13.72 15.15
N GLN E 218 5.66 12.81 15.73
CA GLN E 218 6.13 11.46 16.00
C GLN E 218 6.06 10.60 14.74
N VAL E 219 7.21 10.08 14.31
CA VAL E 219 7.29 9.09 13.25
C VAL E 219 7.97 7.85 13.82
N ASN E 220 7.35 6.69 13.61
CA ASN E 220 7.87 5.42 14.13
C ASN E 220 8.12 5.50 15.64
N GLY E 221 7.21 6.18 16.34
CA GLY E 221 7.35 6.33 17.77
C GLY E 221 8.54 7.14 18.22
N GLN E 222 9.03 8.04 17.37
CA GLN E 222 10.14 8.91 17.72
C GLN E 222 9.89 10.31 17.20
N ARG E 223 10.19 11.31 18.04
CA ARG E 223 10.19 12.70 17.63
C ARG E 223 11.55 13.18 17.18
N GLY E 224 12.59 12.37 17.34
CA GLY E 224 13.90 12.74 16.83
C GLY E 224 14.06 12.39 15.37
N ARG E 225 15.12 12.95 14.78
CA ARG E 225 15.44 12.71 13.38
C ARG E 225 16.88 12.26 13.26
N MET E 226 17.16 11.45 12.23
CA MET E 226 18.52 11.04 11.89
C MET E 226 18.77 11.34 10.42
N ASP E 227 19.53 12.39 10.15
CA ASP E 227 19.83 12.83 8.80
C ASP E 227 21.18 12.26 8.38
N PHE E 228 21.16 11.38 7.38
CA PHE E 228 22.36 10.73 6.91
C PHE E 228 22.90 11.43 5.67
N PHE E 229 24.22 11.41 5.51
CA PHE E 229 24.91 12.03 4.40
C PHE E 229 25.89 11.02 3.82
N TRP E 230 26.37 11.30 2.60
CA TRP E 230 27.29 10.39 1.94
C TRP E 230 28.27 11.17 1.09
N THR E 231 29.40 10.52 0.82
CA THR E 231 30.42 11.03 -0.08
C THR E 231 31.14 9.84 -0.71
N ILE E 232 31.88 10.11 -1.77
CA ILE E 232 32.68 9.10 -2.46
C ILE E 232 34.15 9.44 -2.23
N LEU E 233 34.85 8.55 -1.53
CA LEU E 233 36.25 8.78 -1.17
C LEU E 233 37.13 8.27 -2.30
N LYS E 234 37.78 9.20 -3.01
CA LYS E 234 38.61 8.85 -4.15
C LYS E 234 39.81 8.03 -3.69
N PRO E 235 40.43 7.26 -4.60
CA PRO E 235 41.26 6.12 -4.17
C PRO E 235 42.44 6.44 -3.28
N ASP E 236 42.82 7.71 -3.07
CA ASP E 236 43.90 7.99 -2.13
C ASP E 236 43.63 9.25 -1.32
N ASP E 237 42.35 9.59 -1.14
CA ASP E 237 41.97 10.71 -0.29
C ASP E 237 41.77 10.21 1.14
N ALA E 238 41.45 11.13 2.03
CA ALA E 238 41.13 10.80 3.42
C ALA E 238 39.90 11.58 3.84
N ILE E 239 39.10 10.96 4.70
CA ILE E 239 37.93 11.61 5.28
C ILE E 239 38.26 11.94 6.74
N HIS E 240 37.92 13.16 7.15
CA HIS E 240 38.27 13.66 8.48
C HIS E 240 36.99 13.98 9.23
N PHE E 241 36.72 13.22 10.29
CA PHE E 241 35.54 13.41 11.11
C PHE E 241 35.94 14.06 12.44
N GLU E 242 35.14 15.03 12.88
CA GLU E 242 35.33 15.63 14.20
C GLU E 242 33.97 16.04 14.75
N SER E 243 33.71 15.68 16.01
CA SER E 243 32.41 15.93 16.60
C SER E 243 32.52 15.84 18.10
N ASN E 244 31.66 16.61 18.79
CA ASN E 244 31.52 16.54 20.23
C ASN E 244 30.20 15.90 20.65
N GLY E 245 29.55 15.18 19.75
CA GLY E 245 28.29 14.55 20.04
C GLY E 245 27.43 14.47 18.80
N ASN E 246 26.29 13.81 18.95
CA ASN E 246 25.27 13.70 17.91
C ASN E 246 25.81 13.06 16.63
N PHE E 247 26.89 12.28 16.74
CA PHE E 247 27.59 11.75 15.58
C PHE E 247 27.20 10.29 15.37
N ILE E 248 26.52 10.01 14.26
CA ILE E 248 26.29 8.64 13.82
C ILE E 248 27.45 8.27 12.90
N ALA E 249 28.44 7.58 13.47
CA ALA E 249 29.77 7.42 12.89
C ALA E 249 29.81 6.24 11.93
N PRO E 250 30.54 6.35 10.82
CA PRO E 250 30.64 5.23 9.88
C PRO E 250 31.35 4.05 10.52
N GLU E 251 30.78 2.87 10.36
CA GLU E 251 31.44 1.62 10.72
C GLU E 251 31.84 0.83 9.47
N TYR E 252 30.91 0.67 8.53
CA TYR E 252 31.16 -0.06 7.30
C TYR E 252 31.03 0.90 6.12
N ALA E 253 31.82 0.62 5.08
CA ALA E 253 31.79 1.39 3.85
C ALA E 253 31.68 0.43 2.66
N TYR E 254 31.37 0.99 1.50
CA TYR E 254 31.11 0.20 0.30
C TYR E 254 32.14 0.55 -0.78
N LYS E 255 32.81 -0.47 -1.30
CA LYS E 255 33.69 -0.30 -2.45
C LYS E 255 32.83 -0.18 -3.71
N ILE E 256 32.99 0.91 -4.44
CA ILE E 256 32.19 1.17 -5.63
C ILE E 256 33.08 1.14 -6.86
N VAL E 257 32.62 0.45 -7.90
CA VAL E 257 33.14 0.56 -9.25
C VAL E 257 31.94 0.70 -10.18
N LYS E 258 31.84 1.84 -10.86
CA LYS E 258 30.68 2.15 -11.68
C LYS E 258 31.10 2.37 -13.12
N LYS E 259 30.34 1.78 -14.05
CA LYS E 259 30.60 1.89 -15.48
C LYS E 259 29.47 2.56 -16.24
N GLY E 260 28.22 2.29 -15.88
CA GLY E 260 27.07 2.84 -16.58
C GLY E 260 25.92 3.09 -15.63
N ASP E 261 24.82 3.59 -16.17
CA ASP E 261 23.64 3.99 -15.40
C ASP E 261 22.40 3.27 -15.93
N SER E 262 21.51 2.90 -15.02
CA SER E 262 20.25 2.24 -15.39
C SER E 262 19.29 2.33 -14.22
N THR E 263 18.17 3.03 -14.41
CA THR E 263 17.35 3.56 -13.33
C THR E 263 16.76 2.45 -12.44
N ILE E 264 16.07 2.91 -11.40
CA ILE E 264 15.38 2.05 -10.44
C ILE E 264 14.04 1.64 -11.04
N MET E 265 13.75 0.35 -11.04
CA MET E 265 12.47 -0.15 -11.55
C MET E 265 11.55 -0.50 -10.39
N LYS E 266 10.33 0.03 -10.42
CA LYS E 266 9.33 -0.26 -9.40
C LYS E 266 8.43 -1.35 -9.96
N SER E 267 8.49 -2.53 -9.34
CA SER E 267 7.74 -3.69 -9.81
C SER E 267 7.67 -4.74 -8.71
N GLY E 268 6.55 -5.43 -8.65
CA GLY E 268 6.38 -6.57 -7.79
C GLY E 268 6.46 -7.91 -8.50
N VAL E 269 6.82 -7.91 -9.78
CA VAL E 269 6.89 -9.14 -10.55
C VAL E 269 8.11 -9.94 -10.12
N GLU E 270 7.94 -11.25 -9.98
CA GLU E 270 8.99 -12.11 -9.48
C GLU E 270 10.03 -12.38 -10.57
N TYR E 271 11.22 -12.80 -10.12
CA TYR E 271 12.36 -13.00 -11.00
C TYR E 271 12.34 -14.42 -11.56
N GLY E 272 11.97 -14.54 -12.83
CA GLY E 272 12.27 -15.76 -13.55
C GLY E 272 13.73 -15.77 -13.96
N HIS E 273 14.32 -16.97 -13.98
CA HIS E 273 15.73 -17.10 -14.32
C HIS E 273 15.85 -17.04 -15.84
N CYS E 274 15.99 -15.83 -16.36
CA CYS E 274 15.94 -15.55 -17.79
C CYS E 274 16.89 -14.40 -18.10
N ASN E 275 16.99 -14.08 -19.38
CA ASN E 275 17.78 -12.95 -19.86
C ASN E 275 17.02 -12.24 -20.97
N THR E 276 17.21 -10.93 -21.06
CA THR E 276 16.64 -10.14 -22.14
C THR E 276 17.54 -8.95 -22.44
N LYS E 277 17.27 -8.30 -23.57
CA LYS E 277 17.81 -6.99 -23.88
C LYS E 277 16.91 -5.87 -23.40
N CYS E 278 15.67 -6.19 -23.04
CA CYS E 278 14.67 -5.19 -22.67
C CYS E 278 13.84 -5.72 -21.51
N GLN E 279 13.58 -4.85 -20.54
CA GLN E 279 12.77 -5.16 -19.38
C GLN E 279 11.67 -4.13 -19.21
N THR E 280 10.46 -4.61 -18.92
CA THR E 280 9.36 -3.78 -18.46
C THR E 280 9.03 -4.15 -17.03
N PRO E 281 8.37 -3.26 -16.28
CA PRO E 281 7.90 -3.66 -14.95
C PRO E 281 6.87 -4.78 -15.01
N VAL E 282 6.12 -4.90 -16.11
CA VAL E 282 5.15 -5.97 -16.25
C VAL E 282 5.82 -7.27 -16.63
N GLY E 283 6.88 -7.21 -17.44
CA GLY E 283 7.56 -8.40 -17.90
C GLY E 283 8.79 -8.13 -18.75
N ALA E 284 9.11 -9.05 -19.66
CA ALA E 284 10.29 -8.95 -20.50
C ALA E 284 9.91 -9.07 -21.96
N ILE E 285 10.38 -8.15 -22.78
CA ILE E 285 10.09 -8.14 -24.21
C ILE E 285 11.26 -8.78 -24.95
N ASN E 286 10.95 -9.81 -25.74
CA ASN E 286 11.91 -10.50 -26.61
C ASN E 286 11.41 -10.32 -28.04
N SER E 287 11.89 -9.30 -28.73
CA SER E 287 11.36 -8.97 -30.04
C SER E 287 12.40 -8.26 -30.89
N SER E 288 12.29 -8.48 -32.20
CA SER E 288 12.97 -7.67 -33.19
C SER E 288 12.08 -6.55 -33.72
N MET E 289 10.82 -6.50 -33.29
CA MET E 289 9.86 -5.57 -33.85
C MET E 289 10.26 -4.13 -33.54
N PRO E 290 9.94 -3.20 -34.44
CA PRO E 290 10.31 -1.79 -34.18
C PRO E 290 9.56 -1.20 -33.00
N PHE E 291 8.29 -1.55 -32.81
CA PHE E 291 7.44 -0.87 -31.85
C PHE E 291 6.80 -1.89 -30.91
N HIS E 292 6.34 -1.38 -29.76
CA HIS E 292 5.74 -2.21 -28.73
C HIS E 292 4.72 -1.40 -27.96
N ASN E 293 3.88 -2.10 -27.19
CA ASN E 293 2.84 -1.45 -26.40
C ASN E 293 2.82 -1.95 -24.95
N ILE E 294 3.92 -2.58 -24.50
CA ILE E 294 3.90 -3.25 -23.20
C ILE E 294 3.83 -2.23 -22.06
N HIS E 295 4.86 -1.39 -21.94
CA HIS E 295 4.91 -0.46 -20.83
C HIS E 295 5.75 0.75 -21.21
N PRO E 296 5.45 1.93 -20.67
CA PRO E 296 6.30 3.09 -20.97
C PRO E 296 7.68 2.99 -20.38
N LEU E 297 7.80 2.54 -19.13
CA LEU E 297 9.06 2.58 -18.39
C LEU E 297 9.87 1.33 -18.71
N THR E 298 10.70 1.41 -19.75
CA THR E 298 11.51 0.30 -20.20
C THR E 298 12.98 0.53 -19.84
N ILE E 299 13.68 -0.56 -19.57
CA ILE E 299 15.12 -0.54 -19.32
C ILE E 299 15.79 -1.53 -20.26
N GLY E 300 16.67 -1.02 -21.13
CA GLY E 300 17.47 -1.82 -22.03
C GLY E 300 17.31 -1.35 -23.46
N GLU E 301 17.92 -2.10 -24.38
CA GLU E 301 17.76 -1.87 -25.82
C GLU E 301 16.36 -2.27 -26.21
N CYS E 302 15.46 -1.29 -26.33
CA CYS E 302 14.05 -1.62 -26.38
C CYS E 302 13.38 -1.10 -27.64
N PRO E 303 12.30 -1.75 -28.08
CA PRO E 303 11.45 -1.16 -29.11
C PRO E 303 10.88 0.17 -28.65
N LYS E 304 10.45 0.96 -29.61
CA LYS E 304 9.85 2.26 -29.29
C LYS E 304 8.42 2.08 -28.84
N TYR E 305 8.03 2.83 -27.80
CA TYR E 305 6.69 2.72 -27.23
C TYR E 305 5.71 3.58 -28.03
N VAL E 306 4.64 2.96 -28.52
CA VAL E 306 3.59 3.66 -29.24
C VAL E 306 2.23 3.29 -28.64
N LYS E 307 1.24 4.14 -28.90
CA LYS E 307 -0.10 3.95 -28.37
C LYS E 307 -0.93 2.93 -29.14
N SER E 308 -0.47 2.50 -30.31
CA SER E 308 -1.31 1.69 -31.19
C SER E 308 -1.52 0.29 -30.63
N ASN E 309 -2.71 -0.25 -30.86
CA ASN E 309 -3.03 -1.62 -30.46
C ASN E 309 -2.63 -2.64 -31.52
N LYS E 310 -2.57 -2.23 -32.79
CA LYS E 310 -2.09 -3.09 -33.85
C LYS E 310 -1.42 -2.22 -34.90
N LEU E 311 -0.37 -2.77 -35.53
CA LEU E 311 0.36 -2.11 -36.61
C LEU E 311 0.67 -3.19 -37.64
N VAL E 312 -0.35 -3.57 -38.40
CA VAL E 312 -0.29 -4.73 -39.28
C VAL E 312 0.06 -4.27 -40.68
N LEU E 313 1.18 -4.75 -41.20
CA LEU E 313 1.60 -4.48 -42.57
C LEU E 313 1.13 -5.60 -43.49
N ALA E 314 0.65 -5.22 -44.67
CA ALA E 314 0.25 -6.21 -45.66
C ALA E 314 1.49 -6.76 -46.35
N THR E 315 1.60 -8.10 -46.39
CA THR E 315 2.69 -8.76 -47.10
C THR E 315 2.15 -9.67 -48.21
N GLY E 316 0.95 -9.40 -48.71
CA GLY E 316 0.34 -10.27 -49.70
C GLY E 316 -0.69 -9.55 -50.53
N LEU E 317 -1.58 -10.33 -51.13
CA LEU E 317 -2.54 -9.86 -52.10
C LEU E 317 -3.92 -9.70 -51.47
N ARG E 318 -4.77 -8.90 -52.12
CA ARG E 318 -6.16 -8.78 -51.68
C ARG E 318 -6.86 -10.13 -51.77
N ASN E 319 -7.85 -10.34 -50.91
CA ASN E 319 -8.58 -11.60 -50.89
C ASN E 319 -10.07 -11.34 -50.75
N SER E 320 -10.87 -12.06 -51.55
CA SER E 320 -12.32 -11.93 -51.51
C SER E 320 -12.98 -13.30 -51.35
N ALA E 336 -12.90 -3.58 -58.68
CA ALA E 336 -13.13 -3.23 -60.07
C ALA E 336 -13.47 -4.46 -60.91
N GLY E 337 -13.09 -4.45 -62.18
CA GLY E 337 -13.44 -5.53 -63.08
C GLY E 337 -12.31 -6.06 -63.93
N PHE E 338 -11.15 -5.41 -63.89
CA PHE E 338 -9.98 -5.82 -64.67
C PHE E 338 -9.06 -6.64 -63.78
N ILE E 339 -9.08 -7.96 -63.99
CA ILE E 339 -8.31 -8.93 -63.21
C ILE E 339 -8.50 -8.63 -61.73
N GLU E 340 -9.74 -8.44 -61.31
CA GLU E 340 -10.05 -8.09 -59.93
C GLU E 340 -10.76 -9.22 -59.18
N GLY E 341 -10.64 -10.45 -59.68
CA GLY E 341 -11.17 -11.62 -59.01
C GLY E 341 -10.03 -12.52 -58.56
N GLY E 342 -10.06 -12.87 -57.27
CA GLY E 342 -9.02 -13.74 -56.72
C GLY E 342 -9.29 -15.20 -57.02
N TRP E 343 -8.21 -15.93 -57.29
CA TRP E 343 -8.27 -17.37 -57.57
C TRP E 343 -7.94 -18.11 -56.29
N GLN E 344 -8.98 -18.57 -55.59
CA GLN E 344 -8.75 -19.37 -54.39
C GLN E 344 -8.09 -20.71 -54.71
N GLY E 345 -8.30 -21.22 -55.92
CA GLY E 345 -7.76 -22.53 -56.28
C GLY E 345 -6.26 -22.56 -56.40
N MET E 346 -5.66 -21.45 -56.85
CA MET E 346 -4.21 -21.38 -56.99
C MET E 346 -3.54 -21.58 -55.63
N VAL E 347 -2.56 -22.49 -55.59
CA VAL E 347 -1.93 -22.85 -54.33
C VAL E 347 -0.41 -22.80 -54.44
N ASP E 348 0.10 -22.59 -55.66
CA ASP E 348 1.53 -22.68 -55.90
C ASP E 348 2.21 -21.32 -56.08
N GLY E 349 1.49 -20.21 -55.94
CA GLY E 349 2.14 -18.92 -56.09
C GLY E 349 1.14 -17.79 -55.93
N TRP E 350 1.65 -16.57 -56.17
CA TRP E 350 0.86 -15.35 -56.05
C TRP E 350 0.21 -14.94 -57.36
N TYR E 351 0.95 -15.03 -58.47
CA TYR E 351 0.45 -14.69 -59.79
C TYR E 351 0.48 -15.94 -60.66
N GLY E 352 -0.61 -16.19 -61.40
CA GLY E 352 -0.64 -17.42 -62.16
C GLY E 352 -1.60 -17.37 -63.34
N TYR E 353 -1.57 -18.45 -64.11
CA TYR E 353 -2.40 -18.64 -65.29
C TYR E 353 -3.39 -19.78 -65.07
N HIS E 354 -4.56 -19.65 -65.66
CA HIS E 354 -5.57 -20.70 -65.70
C HIS E 354 -5.89 -21.01 -67.16
N HIS E 355 -5.63 -22.25 -67.56
CA HIS E 355 -5.79 -22.66 -68.96
C HIS E 355 -7.03 -23.54 -69.11
N SER E 356 -7.82 -23.26 -70.13
CA SER E 356 -9.02 -24.03 -70.47
C SER E 356 -8.83 -24.56 -71.89
N ASN E 357 -8.19 -25.71 -72.01
CA ASN E 357 -7.89 -26.33 -73.29
C ASN E 357 -8.58 -27.70 -73.39
N GLU E 358 -8.40 -28.35 -74.54
CA GLU E 358 -9.07 -29.61 -74.81
C GLU E 358 -8.66 -30.70 -73.82
N GLN E 359 -7.41 -30.67 -73.35
CA GLN E 359 -6.95 -31.72 -72.44
C GLN E 359 -7.60 -31.62 -71.07
N GLY E 360 -7.88 -30.40 -70.60
CA GLY E 360 -8.51 -30.23 -69.30
C GLY E 360 -8.36 -28.80 -68.82
N SER E 361 -8.74 -28.60 -67.57
CA SER E 361 -8.65 -27.29 -66.91
C SER E 361 -7.70 -27.40 -65.74
N GLY E 362 -6.78 -26.44 -65.63
CA GLY E 362 -5.79 -26.47 -64.57
C GLY E 362 -5.31 -25.08 -64.18
N TYR E 363 -4.65 -25.03 -63.03
CA TYR E 363 -4.10 -23.79 -62.49
C TYR E 363 -2.59 -23.96 -62.30
N ALA E 364 -1.83 -22.96 -62.71
CA ALA E 364 -0.38 -22.94 -62.51
C ALA E 364 0.08 -21.50 -62.39
N ALA E 365 1.17 -21.30 -61.65
CA ALA E 365 1.62 -19.97 -61.28
C ALA E 365 2.97 -19.65 -61.93
N ASP E 366 3.25 -18.35 -62.01
CA ASP E 366 4.48 -17.84 -62.59
C ASP E 366 5.48 -17.58 -61.47
N LYS E 367 6.63 -18.26 -61.53
CA LYS E 367 7.59 -18.17 -60.43
C LYS E 367 8.34 -16.84 -60.43
N GLU E 368 8.78 -16.38 -61.61
CA GLU E 368 9.58 -15.16 -61.67
C GLU E 368 8.80 -13.97 -61.13
N SER E 369 7.55 -13.80 -61.59
CA SER E 369 6.73 -12.71 -61.08
C SER E 369 6.48 -12.84 -59.59
N THR E 370 6.27 -14.07 -59.11
CA THR E 370 5.98 -14.28 -57.70
C THR E 370 7.21 -14.04 -56.83
N GLN E 371 8.35 -14.62 -57.21
CA GLN E 371 9.54 -14.52 -56.37
C GLN E 371 10.07 -13.09 -56.29
N LYS E 372 9.96 -12.33 -57.38
CA LYS E 372 10.34 -10.92 -57.32
C LYS E 372 9.48 -10.18 -56.30
N ALA E 373 8.18 -10.47 -56.27
CA ALA E 373 7.29 -9.80 -55.33
C ALA E 373 7.60 -10.19 -53.90
N ILE E 374 7.58 -11.50 -53.59
CA ILE E 374 7.79 -11.95 -52.22
C ILE E 374 9.13 -11.48 -51.69
N ASP E 375 10.15 -11.40 -52.55
CA ASP E 375 11.44 -10.90 -52.12
C ASP E 375 11.41 -9.39 -51.92
N GLY E 376 10.57 -8.69 -52.69
CA GLY E 376 10.42 -7.26 -52.55
C GLY E 376 9.59 -6.87 -51.34
N VAL E 377 8.44 -7.51 -51.17
CA VAL E 377 7.59 -7.21 -50.02
C VAL E 377 8.30 -7.60 -48.72
N THR E 378 9.12 -8.65 -48.76
CA THR E 378 9.90 -9.01 -47.58
C THR E 378 10.91 -7.91 -47.26
N ASN E 379 11.56 -7.34 -48.27
CA ASN E 379 12.51 -6.27 -48.02
C ASN E 379 11.83 -5.02 -47.49
N LYS E 380 10.55 -4.80 -47.84
CA LYS E 380 9.82 -3.68 -47.27
C LYS E 380 9.56 -3.90 -45.78
N VAL E 381 9.12 -5.11 -45.42
CA VAL E 381 8.88 -5.42 -44.01
C VAL E 381 10.21 -5.49 -43.27
N ASN E 382 11.25 -6.02 -43.91
CA ASN E 382 12.55 -6.11 -43.24
C ASN E 382 13.21 -4.75 -43.10
N SER E 383 12.99 -3.83 -44.04
CA SER E 383 13.59 -2.51 -43.93
C SER E 383 12.91 -1.68 -42.86
N ILE E 384 11.60 -1.84 -42.67
CA ILE E 384 10.91 -1.14 -41.60
C ILE E 384 11.37 -1.66 -40.24
N ILE E 385 11.60 -2.97 -40.14
CA ILE E 385 12.07 -3.55 -38.89
C ILE E 385 13.53 -3.19 -38.64
N ASP E 386 14.40 -3.44 -39.63
CA ASP E 386 15.83 -3.42 -39.37
C ASP E 386 16.37 -2.00 -39.25
N LYS E 387 15.81 -1.03 -39.98
CA LYS E 387 16.35 0.32 -39.98
C LYS E 387 16.17 1.04 -38.64
N MET E 388 15.45 0.46 -37.70
CA MET E 388 15.29 1.07 -36.38
C MET E 388 16.57 0.94 -35.57
N ASN E 389 17.03 2.05 -35.00
CA ASN E 389 18.22 2.08 -34.16
C ASN E 389 17.78 2.00 -32.70
N THR E 390 18.10 0.91 -32.04
CA THR E 390 17.75 0.70 -30.64
C THR E 390 18.94 1.09 -29.76
N GLN E 391 18.72 2.04 -28.86
CA GLN E 391 19.75 2.54 -27.97
C GLN E 391 19.36 2.23 -26.53
N PHE E 392 20.38 2.03 -25.69
CA PHE E 392 20.11 1.69 -24.29
C PHE E 392 19.30 2.77 -23.61
N GLU E 393 18.21 2.36 -22.96
CA GLU E 393 17.27 3.27 -22.34
C GLU E 393 17.17 2.97 -20.84
N ALA E 394 16.93 4.04 -20.07
CA ALA E 394 16.71 3.93 -18.63
C ALA E 394 15.48 4.76 -18.25
N VAL E 395 14.36 4.44 -18.90
CA VAL E 395 13.12 5.17 -18.65
C VAL E 395 12.61 4.82 -17.26
N GLY E 396 12.07 5.82 -16.57
CA GLY E 396 11.57 5.62 -15.22
C GLY E 396 12.37 6.42 -14.21
N ARG E 397 12.85 7.59 -14.64
CA ARG E 397 13.65 8.44 -13.78
C ARG E 397 12.88 8.84 -12.53
N GLU E 398 13.60 9.08 -11.44
CA GLU E 398 13.00 9.36 -10.15
C GLU E 398 13.36 10.78 -9.71
N PHE E 399 12.33 11.59 -9.49
CA PHE E 399 12.50 12.95 -8.98
C PHE E 399 11.63 13.09 -7.72
N ASN E 400 12.09 13.92 -6.78
CA ASN E 400 11.43 14.04 -5.49
C ASN E 400 10.25 15.01 -5.57
N ASN E 401 9.64 15.30 -4.42
CA ASN E 401 8.43 16.12 -4.40
C ASN E 401 8.70 17.57 -4.79
N LEU E 402 9.87 18.10 -4.44
CA LEU E 402 10.24 19.45 -4.81
C LEU E 402 11.08 19.49 -6.09
N GLU E 403 11.01 18.44 -6.90
CA GLU E 403 11.56 18.45 -8.24
C GLU E 403 10.47 18.17 -9.28
N ARG E 404 9.21 18.45 -8.94
CA ARG E 404 8.08 18.12 -9.79
C ARG E 404 8.09 18.87 -11.11
N ARG E 405 8.77 20.01 -11.18
CA ARG E 405 8.93 20.69 -12.47
C ARG E 405 9.79 19.87 -13.41
N ILE E 406 10.93 19.38 -12.91
CA ILE E 406 11.79 18.52 -13.71
C ILE E 406 11.10 17.20 -14.03
N GLU E 407 10.16 16.79 -13.18
CA GLU E 407 9.38 15.59 -13.46
C GLU E 407 8.48 15.77 -14.68
N ASN E 408 7.89 16.96 -14.81
CA ASN E 408 7.04 17.24 -15.96
C ASN E 408 7.87 17.35 -17.24
N LEU E 409 9.09 17.88 -17.15
CA LEU E 409 9.97 17.92 -18.31
C LEU E 409 10.22 16.51 -18.85
N ASN E 410 10.38 15.55 -17.95
CA ASN E 410 10.49 14.15 -18.37
C ASN E 410 9.16 13.67 -18.96
N LYS E 411 8.05 14.10 -18.38
CA LYS E 411 6.73 13.71 -18.90
C LYS E 411 6.49 14.29 -20.29
N LYS E 412 6.83 15.56 -20.49
CA LYS E 412 6.62 16.18 -21.79
C LYS E 412 7.49 15.53 -22.86
N MET E 413 8.70 15.12 -22.49
CA MET E 413 9.58 14.48 -23.46
C MET E 413 9.08 13.09 -23.82
N GLU E 414 8.76 12.27 -22.81
CA GLU E 414 8.30 10.92 -23.07
C GLU E 414 7.01 10.93 -23.88
N ASP E 415 6.05 11.76 -23.48
CA ASP E 415 4.81 11.86 -24.23
C ASP E 415 5.03 12.48 -25.60
N GLY E 416 5.87 13.51 -25.67
CA GLY E 416 6.17 14.10 -26.97
C GLY E 416 6.77 13.12 -27.95
N PHE E 417 7.74 12.33 -27.48
CA PHE E 417 8.32 11.29 -28.33
C PHE E 417 7.30 10.20 -28.64
N LEU E 418 6.46 9.86 -27.67
CA LEU E 418 5.44 8.84 -27.88
C LEU E 418 4.47 9.27 -28.99
N ASP E 419 4.11 10.56 -29.02
CA ASP E 419 3.23 11.05 -30.08
C ASP E 419 3.90 10.97 -31.44
N VAL E 420 5.20 11.32 -31.50
CA VAL E 420 5.92 11.32 -32.77
C VAL E 420 5.99 9.90 -33.34
N TRP E 421 6.42 8.94 -32.52
CA TRP E 421 6.58 7.58 -33.00
C TRP E 421 5.25 6.95 -33.38
N THR E 422 4.20 7.20 -32.59
CA THR E 422 2.90 6.61 -32.89
C THR E 422 2.35 7.12 -34.20
N TYR E 423 2.39 8.44 -34.40
CA TYR E 423 1.87 9.03 -35.64
C TYR E 423 2.68 8.55 -36.85
N ASN E 424 4.00 8.62 -36.77
CA ASN E 424 4.83 8.20 -37.89
C ASN E 424 4.71 6.71 -38.17
N ALA E 425 4.56 5.89 -37.12
CA ALA E 425 4.40 4.46 -37.34
C ALA E 425 3.06 4.14 -38.00
N GLU E 426 1.99 4.76 -37.49
CA GLU E 426 0.66 4.49 -38.03
C GLU E 426 0.57 4.88 -39.50
N LEU E 427 1.03 6.10 -39.82
CA LEU E 427 0.95 6.57 -41.20
C LEU E 427 1.87 5.77 -42.11
N LEU E 428 3.06 5.38 -41.61
CA LEU E 428 3.95 4.56 -42.42
C LEU E 428 3.30 3.25 -42.82
N VAL E 429 2.57 2.63 -41.90
CA VAL E 429 1.87 1.39 -42.21
C VAL E 429 0.71 1.65 -43.17
N LEU E 430 -0.03 2.72 -42.93
CA LEU E 430 -1.13 3.07 -43.84
C LEU E 430 -0.61 3.36 -45.24
N MET E 431 0.43 4.19 -45.34
CA MET E 431 0.95 4.58 -46.65
C MET E 431 1.56 3.39 -47.38
N GLU E 432 2.49 2.68 -46.74
CA GLU E 432 3.19 1.60 -47.43
C GLU E 432 2.33 0.35 -47.60
N ASN E 433 1.13 0.31 -47.01
CA ASN E 433 0.21 -0.78 -47.33
C ASN E 433 -0.50 -0.54 -48.64
N GLU E 434 -0.81 0.72 -48.95
CA GLU E 434 -1.34 1.05 -50.28
C GLU E 434 -0.32 0.71 -51.36
N ARG E 435 0.94 1.08 -51.14
CA ARG E 435 1.97 0.80 -52.13
C ARG E 435 2.14 -0.69 -52.35
N THR E 436 1.99 -1.49 -51.29
CA THR E 436 2.07 -2.94 -51.44
C THR E 436 0.94 -3.46 -52.31
N LEU E 437 -0.28 -2.94 -52.13
CA LEU E 437 -1.41 -3.42 -52.91
C LEU E 437 -1.31 -2.95 -54.36
N ASP E 438 -0.90 -1.71 -54.59
CA ASP E 438 -0.69 -1.24 -55.95
C ASP E 438 0.45 -1.97 -56.63
N PHE E 439 1.49 -2.33 -55.87
CA PHE E 439 2.61 -3.09 -56.43
C PHE E 439 2.15 -4.43 -56.98
N HIS E 440 1.25 -5.10 -56.26
CA HIS E 440 0.71 -6.36 -56.77
C HIS E 440 -0.11 -6.14 -58.04
N ASP E 441 -0.93 -5.09 -58.06
CA ASP E 441 -1.76 -4.81 -59.23
C ASP E 441 -0.92 -4.61 -60.48
N SER E 442 0.19 -3.89 -60.36
CA SER E 442 1.03 -3.62 -61.52
C SER E 442 1.73 -4.88 -61.99
N ASN E 443 2.17 -5.74 -61.06
CA ASN E 443 2.84 -6.97 -61.47
C ASN E 443 1.89 -7.91 -62.21
N VAL E 444 0.61 -7.91 -61.86
CA VAL E 444 -0.36 -8.72 -62.58
C VAL E 444 -0.55 -8.19 -63.99
N LYS E 445 -0.77 -6.87 -64.12
CA LYS E 445 -0.95 -6.28 -65.44
C LYS E 445 0.26 -6.53 -66.33
N ASN E 446 1.46 -6.58 -65.76
CA ASN E 446 2.65 -6.87 -66.55
C ASN E 446 2.63 -8.28 -67.10
N LEU E 447 2.07 -9.24 -66.35
CA LEU E 447 1.89 -10.59 -66.88
C LEU E 447 0.77 -10.63 -67.90
N TYR E 448 -0.27 -9.81 -67.71
CA TYR E 448 -1.33 -9.71 -68.71
C TYR E 448 -0.80 -9.18 -70.03
N ASP E 449 0.05 -8.15 -69.97
CA ASP E 449 0.62 -7.58 -71.19
C ASP E 449 1.71 -8.47 -71.78
N LYS E 450 2.45 -9.21 -70.94
CA LYS E 450 3.44 -10.14 -71.47
C LYS E 450 2.79 -11.19 -72.36
N VAL E 451 1.60 -11.65 -71.99
CA VAL E 451 0.86 -12.59 -72.81
C VAL E 451 0.28 -11.88 -74.04
N ARG E 452 -0.15 -10.63 -73.87
CA ARG E 452 -0.74 -9.89 -74.99
C ARG E 452 0.24 -9.76 -76.14
N LEU E 453 1.46 -9.29 -75.84
CA LEU E 453 2.42 -9.06 -76.91
C LEU E 453 2.83 -10.34 -77.60
N GLN E 454 2.80 -11.47 -76.89
CA GLN E 454 3.11 -12.75 -77.52
C GLN E 454 2.01 -13.16 -78.49
N LEU E 455 0.76 -12.85 -78.16
CA LEU E 455 -0.42 -13.25 -78.94
C LEU E 455 -1.21 -11.99 -79.26
N ARG E 456 -0.76 -11.23 -80.26
CA ARG E 456 -1.39 -9.95 -80.56
C ARG E 456 -2.83 -10.14 -81.01
N ASP E 457 -3.02 -10.71 -82.20
CA ASP E 457 -4.36 -10.91 -82.75
C ASP E 457 -4.71 -12.38 -82.96
N ASN E 458 -3.79 -13.31 -82.64
CA ASN E 458 -4.16 -14.71 -82.64
C ASN E 458 -5.24 -15.01 -81.61
N ALA E 459 -5.27 -14.24 -80.53
CA ALA E 459 -6.33 -14.28 -79.53
C ALA E 459 -6.96 -12.90 -79.41
N LYS E 460 -8.05 -12.82 -78.65
CA LYS E 460 -8.73 -11.56 -78.41
C LYS E 460 -8.84 -11.31 -76.91
N GLU E 461 -9.01 -10.04 -76.56
CA GLU E 461 -9.09 -9.62 -75.16
C GLU E 461 -10.54 -9.76 -74.70
N LEU E 462 -10.80 -10.74 -73.82
CA LEU E 462 -12.14 -10.93 -73.31
C LEU E 462 -12.57 -9.79 -72.39
N GLY E 463 -11.62 -9.24 -71.62
CA GLY E 463 -11.91 -8.24 -70.62
C GLY E 463 -11.98 -8.77 -69.22
N ASN E 464 -12.13 -10.08 -69.04
CA ASN E 464 -12.15 -10.73 -67.74
C ASN E 464 -10.76 -11.02 -67.22
N GLY E 465 -9.72 -10.41 -67.80
CA GLY E 465 -8.36 -10.86 -67.57
C GLY E 465 -8.00 -12.12 -68.32
N CYS E 466 -8.89 -12.60 -69.19
CA CYS E 466 -8.68 -13.82 -69.96
C CYS E 466 -8.52 -13.48 -71.44
N PHE E 467 -7.88 -14.39 -72.17
CA PHE E 467 -7.66 -14.23 -73.60
C PHE E 467 -8.37 -15.36 -74.33
N GLU E 468 -9.37 -15.00 -75.13
CA GLU E 468 -10.09 -15.98 -75.94
C GLU E 468 -9.27 -16.29 -77.19
N PHE E 469 -8.93 -17.56 -77.37
CA PHE E 469 -8.12 -17.99 -78.50
C PHE E 469 -8.98 -18.14 -79.75
N TYR E 470 -8.55 -17.52 -80.85
CA TYR E 470 -9.12 -17.87 -82.15
C TYR E 470 -8.58 -19.20 -82.65
N HIS E 471 -7.36 -19.55 -82.24
CA HIS E 471 -6.77 -20.84 -82.57
C HIS E 471 -7.08 -21.85 -81.47
N LYS E 472 -6.45 -23.02 -81.52
CA LYS E 472 -6.63 -24.07 -80.53
C LYS E 472 -5.27 -24.42 -79.93
N CYS E 473 -5.20 -24.58 -78.61
CA CYS E 473 -3.93 -24.75 -77.92
C CYS E 473 -3.85 -26.07 -77.17
N ASP E 474 -2.67 -26.70 -77.27
CA ASP E 474 -2.34 -27.87 -76.50
C ASP E 474 -1.78 -27.44 -75.14
N ASN E 475 -1.35 -28.42 -74.33
CA ASN E 475 -0.64 -28.08 -73.11
C ASN E 475 0.69 -27.39 -73.42
N GLU E 476 1.34 -27.79 -74.52
CA GLU E 476 2.58 -27.15 -74.92
C GLU E 476 2.36 -25.70 -75.34
N CYS E 477 1.25 -25.42 -76.05
CA CYS E 477 0.96 -24.04 -76.40
C CYS E 477 0.85 -23.18 -75.15
N MET E 478 0.06 -23.64 -74.18
CA MET E 478 -0.12 -22.90 -72.95
C MET E 478 1.22 -22.74 -72.23
N GLU E 479 2.01 -23.81 -72.18
CA GLU E 479 3.34 -23.75 -71.57
C GLU E 479 4.19 -22.68 -72.23
N SER E 480 4.19 -22.64 -73.57
CA SER E 480 5.03 -21.70 -74.30
C SER E 480 4.64 -20.25 -73.97
N VAL E 481 3.34 -19.98 -73.83
CA VAL E 481 2.90 -18.66 -73.44
C VAL E 481 3.44 -18.32 -72.05
N ARG E 482 3.44 -19.29 -71.15
CA ARG E 482 4.06 -19.12 -69.85
C ARG E 482 5.57 -19.03 -69.96
N ASN E 483 6.16 -19.81 -70.87
CA ASN E 483 7.60 -19.81 -71.10
C ASN E 483 8.06 -18.70 -72.03
N GLY E 484 7.13 -17.89 -72.55
CA GLY E 484 7.50 -16.80 -73.44
C GLY E 484 8.09 -17.24 -74.77
N THR E 485 7.63 -18.37 -75.31
CA THR E 485 8.19 -18.95 -76.53
C THR E 485 7.05 -19.38 -77.46
N TYR E 486 6.27 -18.40 -77.90
CA TYR E 486 5.09 -18.65 -78.71
C TYR E 486 5.36 -18.32 -80.16
N ASP E 487 5.08 -19.27 -81.06
CA ASP E 487 5.26 -19.08 -82.49
C ASP E 487 3.93 -18.62 -83.09
N TYR E 488 3.87 -17.33 -83.44
CA TYR E 488 2.67 -16.78 -84.05
C TYR E 488 2.29 -17.41 -85.39
N PRO E 489 3.22 -17.76 -86.30
CA PRO E 489 2.77 -18.20 -87.64
C PRO E 489 2.03 -19.53 -87.65
N GLN E 490 2.28 -20.41 -86.68
CA GLN E 490 1.60 -21.70 -86.69
C GLN E 490 0.08 -21.55 -86.56
N TYR E 491 -0.38 -20.55 -85.82
CA TYR E 491 -1.78 -20.39 -85.50
C TYR E 491 -2.46 -19.27 -86.29
N SER E 492 -1.72 -18.56 -87.14
CA SER E 492 -2.27 -17.40 -87.83
C SER E 492 -3.39 -17.81 -88.78
N GLU E 493 -3.14 -18.82 -89.62
CA GLU E 493 -4.13 -19.23 -90.59
C GLU E 493 -5.33 -19.90 -89.92
N GLU E 494 -5.08 -20.69 -88.87
CA GLU E 494 -6.18 -21.28 -88.11
C GLU E 494 -7.07 -20.20 -87.51
N ALA E 495 -6.47 -19.11 -87.03
CA ALA E 495 -7.24 -18.01 -86.47
C ALA E 495 -7.92 -17.21 -87.57
N ARG E 496 -7.23 -17.00 -88.69
CA ARG E 496 -7.79 -16.23 -89.80
C ARG E 496 -9.13 -16.80 -90.26
N LEU E 497 -9.22 -18.13 -90.37
CA LEU E 497 -10.48 -18.74 -90.78
C LEU E 497 -11.54 -18.63 -89.68
N LYS E 498 -11.13 -18.72 -88.42
CA LYS E 498 -12.06 -18.54 -87.32
C LYS E 498 -12.46 -17.08 -87.16
N ARG E 499 -11.55 -16.15 -87.45
CA ARG E 499 -11.80 -14.72 -87.33
C ARG E 499 -12.54 -14.20 -88.58
N GLU E 500 -13.68 -14.81 -88.85
CA GLU E 500 -14.49 -14.52 -90.04
C GLU E 500 -13.67 -14.62 -91.33
N ASP F 1 -16.45 11.20 -86.02
CA ASP F 1 -17.19 11.21 -84.75
C ASP F 1 -16.38 10.46 -83.68
N GLN F 2 -16.41 10.95 -82.44
CA GLN F 2 -15.46 10.51 -81.43
C GLN F 2 -16.12 10.34 -80.08
N ILE F 3 -15.45 9.56 -79.22
CA ILE F 3 -15.80 9.40 -77.81
C ILE F 3 -14.55 9.68 -76.99
N CYS F 4 -14.71 10.40 -75.89
CA CYS F 4 -13.57 10.89 -75.14
C CYS F 4 -13.67 10.49 -73.67
N ILE F 5 -12.50 10.33 -73.05
CA ILE F 5 -12.37 10.07 -71.61
C ILE F 5 -11.60 11.24 -71.02
N GLY F 6 -12.21 11.93 -70.06
CA GLY F 6 -11.61 13.14 -69.53
C GLY F 6 -11.92 13.33 -68.06
N TYR F 7 -11.29 14.35 -67.48
CA TYR F 7 -11.40 14.64 -66.06
C TYR F 7 -11.99 16.03 -65.82
N HIS F 8 -12.47 16.22 -64.60
CA HIS F 8 -13.28 17.37 -64.23
C HIS F 8 -12.41 18.61 -63.97
N ALA F 9 -13.01 19.78 -64.17
CA ALA F 9 -12.36 21.06 -63.93
C ALA F 9 -13.37 22.06 -63.36
N ASN F 10 -12.87 23.13 -62.75
CA ASN F 10 -13.75 24.04 -62.04
C ASN F 10 -13.09 25.43 -61.95
N ASN F 11 -13.61 26.28 -61.08
CA ASN F 11 -13.12 27.64 -60.85
C ASN F 11 -12.00 27.70 -59.84
N SER F 12 -11.46 26.57 -59.41
CA SER F 12 -10.57 26.53 -58.26
C SER F 12 -9.28 27.28 -58.54
N THR F 13 -8.98 28.24 -57.65
CA THR F 13 -7.67 28.87 -57.60
C THR F 13 -6.77 28.22 -56.54
N GLU F 14 -7.26 27.19 -55.87
CA GLU F 14 -6.49 26.52 -54.82
C GLU F 14 -5.21 25.93 -55.40
N GLN F 15 -4.10 26.14 -54.69
CA GLN F 15 -2.78 25.70 -55.13
C GLN F 15 -2.18 24.75 -54.10
N VAL F 16 -1.60 23.65 -54.58
CA VAL F 16 -0.93 22.68 -53.73
C VAL F 16 0.48 22.46 -54.26
N ASP F 17 1.33 21.89 -53.42
CA ASP F 17 2.67 21.49 -53.80
C ASP F 17 2.82 19.98 -53.61
N THR F 18 3.51 19.35 -54.55
CA THR F 18 3.96 17.98 -54.39
C THR F 18 5.47 17.96 -54.25
N ILE F 19 6.02 16.78 -53.94
CA ILE F 19 7.47 16.69 -53.84
C ILE F 19 8.12 16.90 -55.21
N MET F 20 7.40 16.62 -56.29
CA MET F 20 7.93 16.77 -57.63
C MET F 20 7.44 18.02 -58.36
N GLU F 21 6.33 18.61 -57.91
CA GLU F 21 5.72 19.75 -58.61
C GLU F 21 5.38 20.85 -57.61
N LYS F 22 5.56 22.10 -58.04
CA LYS F 22 5.36 23.26 -57.18
C LYS F 22 4.24 24.13 -57.73
N ASN F 23 3.45 24.69 -56.80
CA ASN F 23 2.29 25.54 -57.13
C ASN F 23 1.39 24.89 -58.19
N VAL F 24 0.99 23.66 -57.94
CA VAL F 24 0.00 22.98 -58.78
C VAL F 24 -1.39 23.50 -58.43
N THR F 25 -2.24 23.66 -59.44
CA THR F 25 -3.59 24.17 -59.25
C THR F 25 -4.57 23.01 -59.35
N VAL F 26 -5.26 22.71 -58.25
CA VAL F 26 -6.14 21.55 -58.18
C VAL F 26 -7.55 22.00 -57.84
N THR F 27 -8.51 21.10 -58.10
CA THR F 27 -9.93 21.44 -57.98
C THR F 27 -10.35 21.60 -56.52
N HIS F 28 -9.98 20.64 -55.68
CA HIS F 28 -10.38 20.64 -54.27
C HIS F 28 -9.16 20.44 -53.40
N ALA F 29 -9.13 21.14 -52.27
CA ALA F 29 -7.99 21.09 -51.37
C ALA F 29 -8.48 21.12 -49.94
N GLN F 30 -7.62 20.69 -49.03
CA GLN F 30 -7.89 20.70 -47.60
C GLN F 30 -6.64 21.15 -46.87
N ASP F 31 -6.77 22.19 -46.06
CA ASP F 31 -5.69 22.65 -45.21
C ASP F 31 -5.78 21.95 -43.87
N ILE F 32 -4.76 21.18 -43.53
CA ILE F 32 -4.72 20.44 -42.28
C ILE F 32 -3.98 21.22 -41.19
N LEU F 33 -3.76 22.51 -41.39
CA LEU F 33 -3.16 23.39 -40.41
C LEU F 33 -4.22 24.38 -39.94
N GLU F 34 -4.39 24.49 -38.62
CA GLU F 34 -5.35 25.42 -38.04
C GLU F 34 -4.66 26.71 -37.66
N LYS F 35 -5.17 27.83 -38.16
CA LYS F 35 -4.61 29.15 -37.89
C LYS F 35 -5.52 30.04 -37.05
N THR F 36 -6.78 29.68 -36.90
CA THR F 36 -7.75 30.54 -36.23
C THR F 36 -7.74 30.30 -34.73
N HIS F 37 -7.87 31.38 -33.97
CA HIS F 37 -8.04 31.33 -32.52
C HIS F 37 -9.22 32.21 -32.14
N ASN F 38 -9.92 31.81 -31.07
CA ASN F 38 -11.12 32.55 -30.66
C ASN F 38 -10.79 33.95 -30.14
N GLY F 39 -9.55 34.19 -29.72
CA GLY F 39 -9.13 35.51 -29.31
C GLY F 39 -9.40 35.86 -27.86
N LYS F 40 -9.76 34.88 -27.02
CA LYS F 40 -10.06 35.14 -25.61
C LYS F 40 -9.60 33.94 -24.78
N LEU F 41 -9.42 34.19 -23.48
CA LEU F 41 -9.12 33.12 -22.55
C LEU F 41 -10.40 32.38 -22.20
N CYS F 42 -10.34 31.04 -22.22
CA CYS F 42 -11.52 30.22 -22.06
C CYS F 42 -11.32 29.24 -20.92
N ASP F 43 -12.42 28.59 -20.54
CA ASP F 43 -12.34 27.48 -19.59
C ASP F 43 -11.66 26.29 -20.26
N LEU F 44 -10.99 25.47 -19.45
CA LEU F 44 -10.33 24.26 -19.94
C LEU F 44 -11.12 23.06 -19.46
N ASN F 45 -11.86 22.43 -20.38
CA ASN F 45 -12.68 21.26 -20.09
C ASN F 45 -13.63 21.51 -18.91
N GLY F 46 -14.26 22.68 -18.94
CA GLY F 46 -15.33 22.99 -18.00
C GLY F 46 -14.91 23.73 -16.75
N VAL F 47 -13.62 23.89 -16.50
CA VAL F 47 -13.13 24.49 -15.26
C VAL F 47 -12.52 25.85 -15.59
N LYS F 48 -12.98 26.89 -14.88
CA LYS F 48 -12.56 28.25 -15.17
C LYS F 48 -11.14 28.50 -14.68
N PRO F 49 -10.32 29.21 -15.45
CA PRO F 49 -8.98 29.57 -14.97
C PRO F 49 -9.06 30.54 -13.80
N LEU F 50 -8.02 30.51 -12.97
CA LEU F 50 -7.84 31.50 -11.91
C LEU F 50 -7.06 32.67 -12.50
N ILE F 51 -7.75 33.77 -12.76
CA ILE F 51 -7.16 34.92 -13.45
C ILE F 51 -6.81 35.96 -12.38
N LEU F 52 -5.58 35.91 -11.92
CA LEU F 52 -5.04 36.95 -11.05
C LEU F 52 -4.71 38.16 -11.92
N LYS F 53 -5.52 39.23 -11.80
CA LYS F 53 -5.49 40.30 -12.79
C LYS F 53 -4.13 40.99 -12.83
N ASP F 54 -3.64 41.46 -11.69
CA ASP F 54 -2.33 42.09 -11.63
C ASP F 54 -1.52 41.56 -10.46
N CYS F 55 -1.82 40.34 -10.02
CA CYS F 55 -1.24 39.78 -8.81
C CYS F 55 -0.38 38.58 -9.14
N SER F 56 0.69 38.42 -8.37
CA SER F 56 1.47 37.19 -8.42
C SER F 56 0.80 36.12 -7.57
N VAL F 57 1.20 34.86 -7.81
CA VAL F 57 0.68 33.77 -7.00
C VAL F 57 1.09 33.93 -5.55
N ALA F 58 2.28 34.50 -5.31
CA ALA F 58 2.70 34.75 -3.94
C ALA F 58 1.84 35.82 -3.27
N GLY F 59 1.51 36.89 -4.01
CA GLY F 59 0.69 37.93 -3.44
C GLY F 59 -0.72 37.47 -3.13
N TRP F 60 -1.31 36.66 -4.01
CA TRP F 60 -2.68 36.20 -3.79
C TRP F 60 -2.74 35.17 -2.67
N LEU F 61 -1.71 34.33 -2.53
CA LEU F 61 -1.68 33.38 -1.41
C LEU F 61 -1.34 34.07 -0.10
N LEU F 62 -0.30 34.90 -0.10
CA LEU F 62 0.11 35.57 1.13
C LEU F 62 -0.86 36.66 1.55
N GLY F 63 -1.70 37.14 0.63
CA GLY F 63 -2.67 38.17 0.95
C GLY F 63 -2.10 39.57 0.89
N ASN F 64 -1.65 39.97 -0.29
CA ASN F 64 -1.19 41.35 -0.45
C ASN F 64 -2.38 42.30 -0.34
N PRO F 65 -2.32 43.30 0.54
CA PRO F 65 -3.45 44.23 0.66
C PRO F 65 -3.79 44.94 -0.65
N MET F 66 -2.77 45.28 -1.44
CA MET F 66 -3.02 45.92 -2.73
C MET F 66 -3.69 44.96 -3.70
N CYS F 67 -3.50 43.66 -3.51
CA CYS F 67 -4.26 42.66 -4.26
C CYS F 67 -5.69 42.64 -3.74
N ASP F 68 -6.53 43.53 -4.27
CA ASP F 68 -7.88 43.71 -3.72
C ASP F 68 -8.72 42.45 -3.79
N GLU F 69 -8.35 41.48 -4.63
CA GLU F 69 -9.10 40.23 -4.70
C GLU F 69 -9.06 39.51 -3.36
N PHE F 70 -10.23 39.29 -2.78
CA PHE F 70 -10.37 38.38 -1.66
C PHE F 70 -10.64 36.99 -2.23
N ILE F 71 -10.09 35.97 -1.58
CA ILE F 71 -10.15 34.60 -2.10
C ILE F 71 -11.61 34.24 -2.35
N ARG F 72 -11.96 34.08 -3.63
CA ARG F 72 -13.35 33.86 -4.04
C ARG F 72 -13.47 32.75 -5.09
N VAL F 73 -12.43 31.94 -5.27
CA VAL F 73 -12.37 30.94 -6.31
C VAL F 73 -12.21 29.58 -5.66
N PRO F 74 -13.02 28.57 -6.02
CA PRO F 74 -12.91 27.27 -5.36
C PRO F 74 -12.11 26.25 -6.15
N GLU F 75 -12.04 26.42 -7.47
CA GLU F 75 -11.45 25.43 -8.35
C GLU F 75 -10.98 26.12 -9.62
N TRP F 76 -9.84 25.69 -10.16
CA TRP F 76 -9.36 26.23 -11.42
C TRP F 76 -8.63 25.13 -12.18
N SER F 77 -8.33 25.41 -13.44
CA SER F 77 -7.58 24.52 -14.31
C SER F 77 -6.21 25.05 -14.69
N TYR F 78 -6.05 26.36 -14.79
CA TYR F 78 -4.75 26.97 -15.03
C TYR F 78 -4.75 28.38 -14.47
N ILE F 79 -3.56 28.88 -14.19
CA ILE F 79 -3.37 30.18 -13.55
C ILE F 79 -2.93 31.19 -14.59
N VAL F 80 -3.60 32.33 -14.63
CA VAL F 80 -3.29 33.40 -15.58
C VAL F 80 -2.59 34.51 -14.82
N GLU F 81 -1.27 34.58 -14.97
CA GLU F 81 -0.44 35.63 -14.41
C GLU F 81 0.01 36.55 -15.53
N ARG F 82 0.00 37.86 -15.29
CA ARG F 82 0.55 38.76 -16.28
C ARG F 82 2.06 38.56 -16.39
N ALA F 83 2.61 38.94 -17.54
CA ALA F 83 4.04 38.72 -17.79
C ALA F 83 4.90 39.32 -16.68
N ASN F 84 4.58 40.54 -16.27
CA ASN F 84 5.23 41.16 -15.12
C ASN F 84 4.15 41.53 -14.11
N PRO F 85 4.14 40.93 -12.92
CA PRO F 85 3.05 41.17 -11.97
C PRO F 85 3.21 42.51 -11.27
N ALA F 86 2.11 43.26 -11.19
CA ALA F 86 2.15 44.58 -10.58
C ALA F 86 2.42 44.50 -9.09
N ASN F 87 1.71 43.61 -8.39
CA ASN F 87 1.86 43.44 -6.96
C ASN F 87 2.28 42.01 -6.67
N ASP F 88 3.48 41.83 -6.12
CA ASP F 88 3.96 40.54 -5.69
C ASP F 88 4.24 40.64 -4.21
N LEU F 89 5.49 40.87 -3.80
CA LEU F 89 5.87 40.95 -2.40
C LEU F 89 6.02 42.42 -2.05
N CYS F 90 5.01 42.98 -1.37
CA CYS F 90 5.04 44.40 -1.03
C CYS F 90 6.23 44.73 -0.13
N TYR F 91 6.44 43.93 0.91
CA TYR F 91 7.69 44.05 1.65
C TYR F 91 8.74 43.17 0.99
N PRO F 92 9.89 43.71 0.61
CA PRO F 92 10.86 42.94 -0.16
C PRO F 92 11.22 41.63 0.52
N GLY F 93 11.36 40.57 -0.29
CA GLY F 93 11.68 39.27 0.26
C GLY F 93 11.55 38.19 -0.80
N SER F 94 11.37 36.97 -0.31
CA SER F 94 11.35 35.81 -1.20
C SER F 94 10.41 34.75 -0.64
N LEU F 95 9.85 33.96 -1.54
CA LEU F 95 9.08 32.77 -1.19
C LEU F 95 9.87 31.56 -1.65
N ASN F 96 10.38 30.77 -0.70
CA ASN F 96 11.20 29.62 -1.04
C ASN F 96 10.45 28.64 -1.91
N ASP F 97 11.13 28.12 -2.94
CA ASP F 97 10.53 27.17 -3.88
C ASP F 97 9.24 27.72 -4.47
N TYR F 98 9.24 29.01 -4.79
CA TYR F 98 8.06 29.66 -5.37
C TYR F 98 7.67 29.00 -6.69
N GLU F 99 8.67 28.64 -7.51
CA GLU F 99 8.40 28.08 -8.82
C GLU F 99 7.79 26.69 -8.73
N GLU F 100 8.14 25.92 -7.69
CA GLU F 100 7.48 24.64 -7.48
C GLU F 100 6.07 24.83 -6.93
N LEU F 101 5.90 25.77 -5.99
CA LEU F 101 4.58 26.05 -5.43
C LEU F 101 3.62 26.52 -6.51
N LYS F 102 4.10 27.31 -7.46
CA LYS F 102 3.27 27.73 -8.58
C LYS F 102 2.83 26.54 -9.41
N HIS F 103 3.67 25.52 -9.52
CA HIS F 103 3.29 24.31 -10.26
C HIS F 103 2.22 23.53 -9.49
N LEU F 104 2.37 23.43 -8.16
CA LEU F 104 1.34 22.78 -7.36
C LEU F 104 0.02 23.54 -7.46
N LEU F 105 0.08 24.86 -7.45
CA LEU F 105 -1.10 25.71 -7.45
C LEU F 105 -1.72 25.86 -8.83
N SER F 106 -1.18 25.17 -9.84
CA SER F 106 -1.65 25.37 -11.21
C SER F 106 -3.05 24.80 -11.42
N ARG F 107 -3.31 23.61 -10.88
CA ARG F 107 -4.64 23.01 -10.94
C ARG F 107 -4.97 22.39 -9.60
N ILE F 108 -6.01 22.89 -8.95
CA ILE F 108 -6.47 22.37 -7.68
C ILE F 108 -7.98 22.19 -7.76
N ASN F 109 -8.47 21.02 -7.36
CA ASN F 109 -9.91 20.77 -7.39
C ASN F 109 -10.64 21.37 -6.21
N HIS F 110 -9.94 21.72 -5.14
CA HIS F 110 -10.59 22.39 -4.01
C HIS F 110 -9.57 23.24 -3.28
N PHE F 111 -9.85 24.54 -3.17
CA PHE F 111 -9.04 25.48 -2.42
C PHE F 111 -9.96 26.26 -1.49
N GLU F 112 -9.69 26.17 -0.19
CA GLU F 112 -10.48 26.90 0.80
C GLU F 112 -9.55 27.48 1.84
N LYS F 113 -9.69 28.77 2.09
CA LYS F 113 -8.88 29.43 3.12
C LYS F 113 -9.52 29.22 4.47
N ILE F 114 -8.77 28.64 5.41
CA ILE F 114 -9.23 28.40 6.77
C ILE F 114 -8.27 29.07 7.74
N LEU F 115 -8.83 29.51 8.87
CA LEU F 115 -8.04 30.15 9.92
C LEU F 115 -7.49 29.07 10.85
N ILE F 116 -6.18 28.93 10.90
CA ILE F 116 -5.54 27.89 11.69
C ILE F 116 -5.11 28.39 13.07
N ILE F 117 -4.43 29.53 13.12
CA ILE F 117 -3.98 30.11 14.38
C ILE F 117 -4.58 31.51 14.49
N PRO F 118 -5.64 31.67 15.28
CA PRO F 118 -6.28 32.98 15.41
C PRO F 118 -5.39 33.96 16.19
N LYS F 119 -5.61 35.25 15.92
CA LYS F 119 -4.85 36.28 16.61
C LYS F 119 -5.05 36.21 18.13
N SER F 120 -6.19 35.68 18.59
CA SER F 120 -6.44 35.49 20.01
C SER F 120 -5.49 34.50 20.67
N SER F 121 -4.75 33.72 19.88
CA SER F 121 -3.78 32.76 20.41
C SER F 121 -2.46 33.41 20.78
N TRP F 122 -2.32 34.73 20.63
CA TRP F 122 -1.09 35.46 20.90
C TRP F 122 -1.35 36.42 22.06
N PRO F 123 -1.36 35.92 23.29
CA PRO F 123 -1.71 36.80 24.42
C PRO F 123 -0.58 37.76 24.82
N ASN F 124 0.65 37.25 24.85
CA ASN F 124 1.81 38.03 25.27
C ASN F 124 2.55 38.65 24.09
N HIS F 125 1.89 38.81 22.95
CA HIS F 125 2.47 39.42 21.76
C HIS F 125 1.47 40.41 21.19
N GLU F 126 1.97 41.34 20.38
CA GLU F 126 1.13 42.38 19.78
C GLU F 126 1.00 42.11 18.30
N THR F 127 -0.23 41.86 17.85
CA THR F 127 -0.50 41.51 16.46
C THR F 127 -0.88 42.72 15.61
N SER F 128 -1.54 43.71 16.19
CA SER F 128 -1.97 44.88 15.44
C SER F 128 -0.86 45.88 15.19
N LEU F 129 0.29 45.73 15.86
CA LEU F 129 1.39 46.68 15.72
C LEU F 129 2.44 46.21 14.71
N GLY F 130 2.25 45.03 14.11
CA GLY F 130 3.18 44.55 13.10
C GLY F 130 2.77 45.03 11.72
N VAL F 131 3.33 46.14 11.26
CA VAL F 131 2.73 46.86 10.15
C VAL F 131 3.82 47.67 9.46
N SER F 132 3.70 47.85 8.15
CA SER F 132 4.73 48.59 7.44
C SER F 132 4.16 49.36 6.27
N ALA F 133 4.81 50.49 5.95
CA ALA F 133 4.34 51.34 4.85
C ALA F 133 4.37 50.61 3.52
N ALA F 134 5.33 49.69 3.35
CA ALA F 134 5.51 48.94 2.11
C ALA F 134 4.20 48.34 1.63
N CYS F 135 3.36 47.90 2.56
CA CYS F 135 2.09 47.28 2.22
C CYS F 135 0.96 48.15 2.73
N PRO F 136 0.23 48.86 1.87
CA PRO F 136 -0.87 49.70 2.36
C PRO F 136 -2.26 49.23 1.93
N TYR F 137 -3.24 49.29 2.84
CA TYR F 137 -4.59 48.81 2.53
C TYR F 137 -5.46 49.97 2.05
N GLN F 138 -5.82 50.88 2.95
CA GLN F 138 -6.71 52.01 2.65
C GLN F 138 -6.00 53.28 3.10
N GLY F 139 -4.90 53.63 2.41
CA GLY F 139 -4.09 54.75 2.82
C GLY F 139 -3.43 54.56 4.16
N ALA F 140 -3.34 53.32 4.62
CA ALA F 140 -2.82 53.02 5.94
C ALA F 140 -1.63 52.07 5.80
N PRO F 141 -0.53 52.31 6.49
CA PRO F 141 0.49 51.27 6.62
C PRO F 141 -0.20 49.99 7.05
N SER F 142 0.09 48.89 6.34
CA SER F 142 -0.55 47.61 6.62
C SER F 142 0.51 46.52 6.45
N PHE F 143 0.06 45.28 6.29
CA PHE F 143 0.94 44.13 6.03
C PHE F 143 0.15 43.09 5.24
N PHE F 144 0.75 41.93 5.02
CA PHE F 144 0.00 40.85 4.37
C PHE F 144 -1.17 40.43 5.26
N ARG F 145 -2.25 39.96 4.61
CA ARG F 145 -3.48 39.64 5.32
C ARG F 145 -3.40 38.29 6.02
N ASN F 146 -3.20 37.22 5.24
CA ASN F 146 -3.27 35.83 5.73
C ASN F 146 -2.07 35.44 6.61
N VAL F 147 -1.19 36.38 6.95
CA VAL F 147 -0.08 36.13 7.86
C VAL F 147 -0.02 37.30 8.83
N VAL F 148 0.60 37.08 9.99
CA VAL F 148 0.67 38.09 11.03
C VAL F 148 2.10 38.29 11.47
N TRP F 149 2.56 39.54 11.41
CA TRP F 149 3.88 39.91 11.91
C TRP F 149 3.80 40.14 13.40
N LEU F 150 4.62 39.41 14.17
CA LEU F 150 4.56 39.47 15.62
C LEU F 150 5.69 40.35 16.15
N ILE F 151 5.33 41.37 16.93
CA ILE F 151 6.30 42.23 17.59
C ILE F 151 6.07 42.13 19.10
N LYS F 152 6.96 42.76 19.86
CA LYS F 152 7.08 42.52 21.29
C LYS F 152 5.92 43.14 22.07
N LYS F 153 5.91 42.85 23.37
CA LYS F 153 5.03 43.45 24.35
C LYS F 153 5.83 43.75 25.61
N ASN F 154 5.61 44.94 26.18
CA ASN F 154 6.23 45.33 27.46
C ASN F 154 7.74 45.19 27.40
N ASP F 155 8.33 45.51 26.24
CA ASP F 155 9.77 45.39 26.01
C ASP F 155 10.28 43.98 26.35
N ALA F 156 9.57 42.98 25.82
CA ALA F 156 9.95 41.59 26.05
C ALA F 156 9.26 40.72 25.01
N TYR F 157 9.99 39.70 24.55
CA TYR F 157 9.46 38.71 23.59
C TYR F 157 9.58 37.33 24.20
N PRO F 158 8.48 36.71 24.62
CA PRO F 158 8.58 35.35 25.16
C PRO F 158 8.75 34.32 24.05
N THR F 159 9.40 33.22 24.40
CA THR F 159 9.61 32.14 23.45
C THR F 159 8.27 31.55 23.01
N ILE F 160 7.95 31.69 21.73
CA ILE F 160 6.72 31.12 21.17
C ILE F 160 6.90 29.62 21.03
N LYS F 161 5.85 28.87 21.37
CA LYS F 161 5.81 27.41 21.23
C LYS F 161 4.37 27.03 20.90
N ILE F 162 4.01 27.15 19.63
CA ILE F 162 2.67 26.82 19.16
C ILE F 162 2.71 25.55 18.32
N SER F 163 1.56 24.90 18.20
CA SER F 163 1.41 23.72 17.38
C SER F 163 0.01 23.71 16.77
N TYR F 164 -0.15 22.98 15.68
CA TYR F 164 -1.44 22.89 15.00
C TYR F 164 -1.65 21.48 14.47
N ASN F 165 -2.58 20.75 15.08
CA ASN F 165 -3.07 19.50 14.51
C ASN F 165 -3.98 19.80 13.33
N ASN F 166 -3.69 19.23 12.18
CA ASN F 166 -4.67 19.21 11.10
C ASN F 166 -5.72 18.16 11.45
N THR F 167 -6.96 18.60 11.64
CA THR F 167 -8.06 17.70 11.90
C THR F 167 -8.99 17.55 10.71
N ASN F 168 -8.65 18.15 9.58
CA ASN F 168 -9.42 18.00 8.36
C ASN F 168 -8.98 16.77 7.60
N ARG F 169 -9.88 16.25 6.76
CA ARG F 169 -9.56 15.14 5.88
C ARG F 169 -8.90 15.61 4.58
N GLU F 170 -8.54 16.89 4.51
CA GLU F 170 -7.92 17.50 3.34
C GLU F 170 -6.59 18.10 3.75
N ASP F 171 -5.65 18.14 2.81
CA ASP F 171 -4.31 18.62 3.09
C ASP F 171 -4.27 20.14 3.16
N LEU F 172 -3.31 20.67 3.91
CA LEU F 172 -3.24 22.09 4.22
C LEU F 172 -1.92 22.69 3.76
N LEU F 173 -2.00 23.79 3.01
CA LEU F 173 -0.83 24.60 2.68
C LEU F 173 -0.67 25.66 3.74
N ILE F 174 0.46 25.64 4.45
CA ILE F 174 0.72 26.53 5.57
C ILE F 174 1.95 27.37 5.24
N LEU F 175 1.84 28.68 5.44
CA LEU F 175 2.88 29.62 5.05
C LEU F 175 3.33 30.44 6.25
N TRP F 176 4.65 30.55 6.42
CA TRP F 176 5.25 31.35 7.48
C TRP F 176 6.48 32.05 6.92
N GLY F 177 7.10 32.90 7.74
CA GLY F 177 8.24 33.65 7.25
C GLY F 177 9.12 34.17 8.37
N ILE F 178 10.30 34.63 7.99
CA ILE F 178 11.28 35.21 8.90
C ILE F 178 11.67 36.59 8.37
N HIS F 179 11.71 37.58 9.27
CA HIS F 179 12.09 38.93 8.92
C HIS F 179 13.56 39.15 9.25
N HIS F 180 14.33 39.57 8.25
CA HIS F 180 15.73 39.91 8.43
C HIS F 180 15.84 41.41 8.74
N SER F 181 16.59 41.74 9.78
CA SER F 181 16.65 43.09 10.32
C SER F 181 17.83 43.86 9.75
N ASN F 182 17.68 45.19 9.67
CA ASN F 182 18.73 46.04 9.14
C ASN F 182 19.83 46.28 10.18
N ASN F 183 19.44 46.52 11.42
CA ASN F 183 20.39 46.84 12.49
C ASN F 183 19.97 46.14 13.76
N ALA F 184 20.94 45.97 14.67
CA ALA F 184 20.64 45.35 15.96
C ALA F 184 19.71 46.22 16.79
N GLU F 185 19.74 47.55 16.57
CA GLU F 185 18.85 48.43 17.31
C GLU F 185 17.41 48.30 16.82
N GLU F 186 17.22 48.13 15.51
CA GLU F 186 15.89 47.82 14.99
C GLU F 186 15.41 46.46 15.50
N GLN F 187 16.32 45.51 15.68
CA GLN F 187 15.95 44.20 16.19
C GLN F 187 15.43 44.29 17.61
N THR F 188 16.18 44.95 18.50
CA THR F 188 15.73 45.12 19.87
C THR F 188 14.47 45.97 19.96
N ASN F 189 14.32 46.95 19.06
CA ASN F 189 13.15 47.80 19.07
C ASN F 189 11.88 47.12 18.57
N LEU F 190 12.01 45.99 17.89
CA LEU F 190 10.87 45.25 17.33
C LEU F 190 10.66 43.89 18.00
N TYR F 191 11.72 43.28 18.54
CA TYR F 191 11.65 41.93 19.10
C TYR F 191 12.34 41.81 20.46
N LYS F 192 13.09 42.81 20.89
CA LYS F 192 13.80 42.83 22.17
C LYS F 192 14.92 41.82 22.26
N ASN F 193 14.67 40.55 21.92
CA ASN F 193 15.72 39.53 22.09
C ASN F 193 16.79 39.64 21.01
N PRO F 194 18.08 39.67 21.40
CA PRO F 194 19.14 39.99 20.44
C PRO F 194 19.38 38.87 19.43
N THR F 195 19.51 37.64 19.92
CA THR F 195 19.71 36.47 19.07
C THR F 195 18.38 35.77 18.83
N THR F 196 18.13 35.38 17.59
CA THR F 196 16.81 34.93 17.17
C THR F 196 16.90 33.59 16.46
N TYR F 197 15.92 32.71 16.72
CA TYR F 197 15.75 31.47 15.98
C TYR F 197 14.27 31.28 15.68
N ILE F 198 14.01 30.50 14.63
CA ILE F 198 12.67 30.01 14.30
C ILE F 198 12.80 28.53 13.99
N SER F 199 12.11 27.70 14.76
CA SER F 199 12.20 26.25 14.61
C SER F 199 10.84 25.70 14.19
N VAL F 200 10.75 25.28 12.94
CA VAL F 200 9.53 24.69 12.38
C VAL F 200 9.78 23.20 12.17
N GLY F 201 8.74 22.40 12.42
CA GLY F 201 8.91 20.96 12.27
C GLY F 201 7.63 20.14 12.29
N THR F 202 7.36 19.46 11.18
CA THR F 202 6.36 18.42 11.11
C THR F 202 7.09 17.06 11.04
N SER F 203 6.36 16.02 10.64
CA SER F 203 7.01 14.74 10.41
C SER F 203 8.03 14.84 9.28
N THR F 204 7.72 15.66 8.27
CA THR F 204 8.58 15.82 7.11
C THR F 204 9.54 16.99 7.22
N LEU F 205 9.41 17.82 8.26
CA LEU F 205 10.17 19.06 8.33
C LEU F 205 11.02 19.12 9.58
N ASN F 206 12.16 19.81 9.45
CA ASN F 206 13.07 20.10 10.56
C ASN F 206 13.82 21.37 10.16
N GLN F 207 13.23 22.52 10.49
CA GLN F 207 13.72 23.82 10.02
C GLN F 207 14.34 24.60 11.16
N ARG F 208 15.38 25.36 10.85
CA ARG F 208 16.02 26.30 11.77
C ARG F 208 16.38 27.54 10.97
N LEU F 209 15.69 28.64 11.24
CA LEU F 209 15.88 29.89 10.51
C LEU F 209 16.49 30.93 11.44
N VAL F 210 17.68 31.40 11.09
CA VAL F 210 18.40 32.40 11.87
C VAL F 210 18.48 33.67 11.03
N PRO F 211 18.17 34.84 11.58
CA PRO F 211 18.12 36.05 10.76
C PRO F 211 19.50 36.51 10.30
N LYS F 212 19.55 37.03 9.07
CA LYS F 212 20.74 37.64 8.51
C LYS F 212 20.62 39.15 8.67
N ILE F 213 21.34 39.72 9.61
CA ILE F 213 21.27 41.14 9.91
C ILE F 213 22.48 41.82 9.29
N ALA F 214 22.23 42.61 8.23
CA ALA F 214 23.29 43.35 7.56
C ALA F 214 22.66 44.44 6.70
N THR F 215 23.51 45.32 6.19
CA THR F 215 23.06 46.39 5.32
C THR F 215 22.72 45.84 3.94
N ARG F 216 21.56 46.24 3.43
CA ARG F 216 21.12 45.83 2.10
C ARG F 216 20.53 47.04 1.39
N SER F 217 20.42 46.93 0.07
CA SER F 217 19.83 48.00 -0.72
C SER F 217 18.32 48.04 -0.49
N GLN F 218 17.70 49.15 -0.93
CA GLN F 218 16.28 49.36 -0.70
C GLN F 218 15.45 48.82 -1.86
N VAL F 219 14.39 48.11 -1.53
CA VAL F 219 13.35 47.73 -2.47
C VAL F 219 12.01 48.13 -1.85
N ASN F 220 11.24 48.93 -2.59
CA ASN F 220 9.95 49.44 -2.12
C ASN F 220 10.08 50.19 -0.79
N GLY F 221 11.23 50.80 -0.56
CA GLY F 221 11.42 51.69 0.57
C GLY F 221 11.93 51.05 1.85
N GLN F 222 12.35 49.79 1.81
CA GLN F 222 12.82 49.11 3.02
C GLN F 222 14.16 48.43 2.74
N ARG F 223 15.05 48.48 3.73
CA ARG F 223 16.32 47.77 3.68
C ARG F 223 16.23 46.39 4.31
N GLY F 224 15.03 45.93 4.65
CA GLY F 224 14.82 44.64 5.25
C GLY F 224 14.21 43.64 4.27
N ARG F 225 14.08 42.40 4.75
CA ARG F 225 13.62 41.29 3.92
C ARG F 225 12.63 40.43 4.68
N MET F 226 11.61 39.93 3.96
CA MET F 226 10.65 38.96 4.48
C MET F 226 10.79 37.68 3.67
N ASP F 227 11.49 36.70 4.23
CA ASP F 227 11.69 35.41 3.57
C ASP F 227 10.62 34.43 4.05
N PHE F 228 9.76 34.00 3.13
CA PHE F 228 8.64 33.13 3.46
C PHE F 228 8.93 31.69 3.03
N PHE F 229 8.33 30.75 3.74
CA PHE F 229 8.47 29.33 3.46
C PHE F 229 7.10 28.67 3.48
N TRP F 230 7.03 27.44 3.00
CA TRP F 230 5.76 26.73 2.93
C TRP F 230 5.98 25.23 3.10
N THR F 231 4.93 24.56 3.57
CA THR F 231 4.89 23.11 3.67
C THR F 231 3.44 22.67 3.55
N ILE F 232 3.24 21.37 3.36
CA ILE F 232 1.91 20.77 3.25
C ILE F 232 1.72 19.83 4.43
N LEU F 233 0.82 20.20 5.35
CA LEU F 233 0.59 19.43 6.56
C LEU F 233 -0.42 18.33 6.28
N LYS F 234 0.02 17.08 6.45
CA LYS F 234 -0.80 15.93 6.11
C LYS F 234 -2.02 15.84 7.02
N PRO F 235 -3.06 15.10 6.61
CA PRO F 235 -4.38 15.23 7.27
C PRO F 235 -4.43 14.99 8.76
N ASP F 236 -3.44 14.33 9.37
CA ASP F 236 -3.39 14.19 10.83
C ASP F 236 -1.95 14.35 11.32
N ASP F 237 -1.42 15.55 11.09
CA ASP F 237 -0.04 15.90 11.35
C ASP F 237 -0.02 17.23 12.11
N ALA F 238 1.15 17.67 12.55
CA ALA F 238 1.24 18.93 13.28
C ALA F 238 2.48 19.70 12.86
N ILE F 239 2.43 21.02 13.05
CA ILE F 239 3.42 21.93 12.48
C ILE F 239 4.50 22.38 13.47
N HIS F 240 4.22 22.37 14.77
CA HIS F 240 5.19 22.63 15.84
C HIS F 240 6.12 23.82 15.53
N PHE F 241 5.53 25.02 15.52
CA PHE F 241 6.34 26.22 15.44
C PHE F 241 6.98 26.53 16.79
N GLU F 242 8.17 27.15 16.74
CA GLU F 242 8.82 27.69 17.93
C GLU F 242 9.69 28.88 17.53
N SER F 243 9.59 29.98 18.25
CA SER F 243 10.33 31.18 17.85
C SER F 243 10.45 32.15 19.02
N ASN F 244 11.55 32.90 19.05
CA ASN F 244 11.76 33.98 20.00
C ASN F 244 11.89 35.34 19.31
N GLY F 245 11.46 35.46 18.07
CA GLY F 245 11.52 36.74 17.38
C GLY F 245 11.62 36.57 15.88
N ASN F 246 11.49 37.70 15.19
CA ASN F 246 11.61 37.76 13.72
C ASN F 246 10.69 36.75 13.03
N PHE F 247 9.55 36.47 13.64
CA PHE F 247 8.65 35.41 13.19
C PHE F 247 7.41 36.02 12.57
N ILE F 248 7.20 35.78 11.28
CA ILE F 248 5.94 36.07 10.62
C ILE F 248 5.12 34.79 10.68
N ALA F 249 4.16 34.73 11.63
CA ALA F 249 3.44 33.52 11.99
C ALA F 249 2.21 33.31 11.13
N PRO F 250 1.88 32.06 10.80
CA PRO F 250 0.69 31.80 9.99
C PRO F 250 -0.58 32.07 10.77
N GLU F 251 -1.50 32.78 10.15
CA GLU F 251 -2.84 32.97 10.69
C GLU F 251 -3.91 32.26 9.87
N TYR F 252 -3.82 32.33 8.56
CA TYR F 252 -4.71 31.63 7.66
C TYR F 252 -3.92 30.58 6.86
N ALA F 253 -4.59 29.48 6.53
CA ALA F 253 -4.02 28.42 5.71
C ALA F 253 -4.99 28.07 4.60
N TYR F 254 -4.61 27.09 3.78
CA TYR F 254 -5.37 26.75 2.58
C TYR F 254 -5.53 25.23 2.49
N LYS F 255 -6.75 24.80 2.18
CA LYS F 255 -7.05 23.37 2.02
C LYS F 255 -6.86 22.98 0.56
N ILE F 256 -5.88 22.11 0.30
CA ILE F 256 -5.57 21.64 -1.05
C ILE F 256 -6.12 20.22 -1.19
N VAL F 257 -6.50 19.84 -2.42
CA VAL F 257 -7.12 18.54 -2.59
C VAL F 257 -6.48 17.74 -3.74
N LYS F 258 -6.58 18.22 -4.97
CA LYS F 258 -6.23 17.38 -6.10
C LYS F 258 -4.75 17.41 -6.46
N LYS F 259 -4.37 16.48 -7.34
CA LYS F 259 -3.00 16.25 -7.81
C LYS F 259 -2.94 16.19 -9.34
N GLY F 260 -3.90 16.84 -10.02
CA GLY F 260 -3.72 17.16 -11.42
C GLY F 260 -2.87 18.41 -11.60
N ASP F 261 -2.32 18.56 -12.79
CA ASP F 261 -1.31 19.58 -13.01
C ASP F 261 -1.52 20.30 -14.33
N SER F 262 -1.11 21.56 -14.33
CA SER F 262 -1.14 22.46 -15.48
C SER F 262 0.03 23.43 -15.29
N THR F 263 -0.08 24.63 -15.85
CA THR F 263 1.00 25.60 -15.75
C THR F 263 0.46 27.02 -15.73
N ILE F 264 1.33 27.93 -15.32
CA ILE F 264 1.01 29.36 -15.30
C ILE F 264 1.07 29.90 -16.72
N MET F 265 -0.01 30.54 -17.16
CA MET F 265 -0.08 31.15 -18.47
C MET F 265 0.19 32.63 -18.34
N LYS F 266 1.32 33.08 -18.87
CA LYS F 266 1.61 34.51 -18.92
C LYS F 266 0.85 35.12 -20.09
N SER F 267 -0.23 35.85 -19.80
CA SER F 267 -1.08 36.41 -20.82
C SER F 267 -1.79 37.65 -20.28
N GLY F 268 -2.38 38.41 -21.20
CA GLY F 268 -3.14 39.59 -20.84
C GLY F 268 -4.52 39.56 -21.46
N VAL F 269 -4.83 38.47 -22.18
CA VAL F 269 -6.13 38.33 -22.82
C VAL F 269 -7.21 38.17 -21.75
N GLU F 270 -8.45 38.46 -22.14
CA GLU F 270 -9.58 38.50 -21.23
C GLU F 270 -10.41 37.23 -21.30
N TYR F 271 -11.05 36.90 -20.18
CA TYR F 271 -11.95 35.75 -20.12
C TYR F 271 -13.17 35.99 -21.01
N GLY F 272 -13.68 34.91 -21.61
CA GLY F 272 -14.73 35.06 -22.59
C GLY F 272 -15.94 34.16 -22.43
N HIS F 273 -16.10 33.55 -21.26
CA HIS F 273 -17.25 32.68 -20.96
C HIS F 273 -17.36 31.56 -22.01
N CYS F 274 -16.26 30.85 -22.23
CA CYS F 274 -16.18 29.83 -23.26
C CYS F 274 -15.49 28.60 -22.70
N ASN F 275 -15.69 27.47 -23.37
CA ASN F 275 -15.08 26.21 -23.01
C ASN F 275 -14.28 25.68 -24.20
N THR F 276 -13.09 25.16 -23.93
CA THR F 276 -12.20 24.68 -24.98
C THR F 276 -11.42 23.48 -24.49
N LYS F 277 -10.89 22.72 -25.45
CA LYS F 277 -9.96 21.64 -25.16
C LYS F 277 -8.51 22.11 -25.23
N CYS F 278 -8.26 23.30 -25.75
CA CYS F 278 -6.90 23.81 -25.95
C CYS F 278 -6.90 25.32 -25.77
N GLN F 279 -5.94 25.82 -24.99
CA GLN F 279 -5.83 27.24 -24.71
C GLN F 279 -4.42 27.73 -24.97
N THR F 280 -4.29 28.77 -25.78
CA THR F 280 -3.02 29.44 -26.05
C THR F 280 -3.01 30.80 -25.39
N PRO F 281 -1.83 31.38 -25.15
CA PRO F 281 -1.78 32.70 -24.50
C PRO F 281 -2.39 33.82 -25.33
N VAL F 282 -2.81 33.54 -26.57
CA VAL F 282 -3.44 34.54 -27.42
C VAL F 282 -4.86 34.19 -27.81
N GLY F 283 -5.32 32.98 -27.51
CA GLY F 283 -6.67 32.58 -27.87
C GLY F 283 -6.88 31.11 -27.57
N ALA F 284 -8.02 30.60 -28.03
CA ALA F 284 -8.39 29.21 -27.85
C ALA F 284 -8.58 28.53 -29.21
N ILE F 285 -8.15 27.28 -29.29
CA ILE F 285 -8.23 26.50 -30.52
C ILE F 285 -9.40 25.53 -30.42
N ASN F 286 -10.18 25.44 -31.51
CA ASN F 286 -11.31 24.51 -31.61
C ASN F 286 -11.17 23.78 -32.95
N SER F 287 -10.34 22.74 -32.96
CA SER F 287 -10.09 22.03 -34.21
C SER F 287 -9.75 20.57 -33.90
N SER F 288 -10.07 19.70 -34.86
CA SER F 288 -9.55 18.35 -34.90
C SER F 288 -8.28 18.24 -35.73
N MET F 289 -7.76 19.36 -36.22
CA MET F 289 -6.63 19.36 -37.13
C MET F 289 -5.36 18.92 -36.40
N PRO F 290 -4.43 18.27 -37.11
CA PRO F 290 -3.24 17.74 -36.43
C PRO F 290 -2.22 18.82 -36.07
N PHE F 291 -2.12 19.90 -36.84
CA PHE F 291 -1.06 20.87 -36.68
C PHE F 291 -1.63 22.28 -36.61
N HIS F 292 -0.89 23.16 -35.93
CA HIS F 292 -1.32 24.53 -35.71
C HIS F 292 -0.09 25.43 -35.59
N ASN F 293 -0.27 26.72 -35.90
CA ASN F 293 0.82 27.69 -35.88
C ASN F 293 0.52 28.86 -34.95
N ILE F 294 -0.43 28.69 -34.03
CA ILE F 294 -0.95 29.83 -33.27
C ILE F 294 0.05 30.28 -32.21
N HIS F 295 0.43 29.40 -31.30
CA HIS F 295 1.36 29.78 -30.24
C HIS F 295 2.08 28.55 -29.74
N PRO F 296 3.32 28.69 -29.24
CA PRO F 296 4.01 27.52 -28.70
C PRO F 296 3.50 27.07 -27.34
N LEU F 297 3.16 28.01 -26.45
CA LEU F 297 2.93 27.69 -25.03
C LEU F 297 1.44 27.40 -24.79
N THR F 298 1.02 26.21 -25.19
CA THR F 298 -0.38 25.81 -25.11
C THR F 298 -0.66 24.96 -23.87
N ILE F 299 -1.93 24.97 -23.47
CA ILE F 299 -2.42 24.19 -22.34
C ILE F 299 -3.65 23.41 -22.78
N GLY F 300 -3.59 22.10 -22.69
CA GLY F 300 -4.72 21.24 -22.98
C GLY F 300 -4.40 20.23 -24.07
N GLU F 301 -5.47 19.60 -24.57
CA GLU F 301 -5.36 18.61 -25.65
C GLU F 301 -5.24 19.36 -26.97
N CYS F 302 -4.03 19.82 -27.24
CA CYS F 302 -3.78 20.71 -28.36
C CYS F 302 -3.21 19.94 -29.54
N PRO F 303 -3.33 20.49 -30.75
CA PRO F 303 -2.58 19.97 -31.88
C PRO F 303 -1.10 20.28 -31.76
N LYS F 304 -0.31 19.86 -32.75
CA LYS F 304 1.14 20.03 -32.69
C LYS F 304 1.54 21.37 -33.29
N TYR F 305 2.43 22.08 -32.59
CA TYR F 305 2.89 23.38 -33.05
C TYR F 305 3.93 23.21 -34.15
N VAL F 306 3.76 23.92 -35.27
CA VAL F 306 4.62 23.81 -36.42
C VAL F 306 4.99 25.21 -36.91
N LYS F 307 6.12 25.30 -37.61
CA LYS F 307 6.52 26.55 -38.23
C LYS F 307 5.88 26.78 -39.59
N SER F 308 5.12 25.80 -40.09
CA SER F 308 4.45 25.97 -41.38
C SER F 308 3.37 27.05 -41.28
N ASN F 309 3.20 27.78 -42.38
CA ASN F 309 2.11 28.73 -42.50
C ASN F 309 0.98 28.20 -43.37
N LYS F 310 1.16 27.03 -43.97
CA LYS F 310 0.11 26.38 -44.75
C LYS F 310 0.47 24.90 -44.88
N LEU F 311 -0.54 24.03 -44.72
CA LEU F 311 -0.38 22.59 -44.86
C LEU F 311 -1.57 22.10 -45.68
N VAL F 312 -1.54 22.39 -46.98
CA VAL F 312 -2.70 22.17 -47.85
C VAL F 312 -2.56 20.81 -48.53
N LEU F 313 -3.37 19.86 -48.09
CA LEU F 313 -3.53 18.60 -48.82
C LEU F 313 -4.35 18.83 -50.08
N ALA F 314 -4.29 17.88 -50.99
CA ALA F 314 -5.03 17.95 -52.24
C ALA F 314 -6.24 17.02 -52.17
N THR F 315 -7.44 17.59 -52.31
CA THR F 315 -8.68 16.83 -52.26
C THR F 315 -9.26 16.62 -53.66
N GLY F 316 -8.54 16.98 -54.71
CA GLY F 316 -9.14 16.92 -56.02
C GLY F 316 -8.15 16.77 -57.15
N LEU F 317 -8.67 16.88 -58.36
CA LEU F 317 -7.94 16.75 -59.62
C LEU F 317 -7.30 18.08 -60.01
N ARG F 318 -6.35 18.01 -60.96
CA ARG F 318 -5.73 19.22 -61.47
C ARG F 318 -6.75 20.05 -62.24
N ASN F 319 -6.71 21.37 -62.05
CA ASN F 319 -7.75 22.24 -62.59
C ASN F 319 -7.64 22.37 -64.11
N SER F 320 -6.49 22.83 -64.59
CA SER F 320 -6.28 23.15 -66.01
C SER F 320 -7.22 24.25 -66.47
N ALA F 336 3.59 14.16 -71.10
CA ALA F 336 3.00 13.49 -72.25
C ALA F 336 2.10 12.34 -71.81
N GLY F 337 0.86 12.34 -72.30
CA GLY F 337 -0.08 11.28 -72.00
C GLY F 337 -1.25 11.32 -72.96
N PHE F 338 -2.02 10.23 -72.96
CA PHE F 338 -3.24 10.19 -73.75
C PHE F 338 -4.19 11.33 -73.36
N ILE F 339 -4.51 11.41 -72.07
CA ILE F 339 -5.54 12.33 -71.58
C ILE F 339 -4.85 13.56 -71.02
N GLU F 340 -5.23 14.74 -71.51
CA GLU F 340 -4.67 15.99 -71.03
C GLU F 340 -5.76 17.00 -70.72
N GLY F 341 -6.87 16.93 -71.47
CA GLY F 341 -7.90 17.94 -71.36
C GLY F 341 -8.73 17.79 -70.09
N GLY F 342 -8.92 18.90 -69.39
CA GLY F 342 -9.80 18.96 -68.24
C GLY F 342 -11.09 19.64 -68.62
N TRP F 343 -12.20 18.90 -68.49
CA TRP F 343 -13.50 19.34 -68.98
C TRP F 343 -14.21 20.11 -67.86
N GLN F 344 -14.39 21.41 -68.07
CA GLN F 344 -15.20 22.20 -67.15
C GLN F 344 -16.68 21.82 -67.22
N GLY F 345 -17.12 21.22 -68.32
CA GLY F 345 -18.54 20.96 -68.50
C GLY F 345 -19.09 19.97 -67.49
N MET F 346 -18.31 18.94 -67.16
CA MET F 346 -18.78 17.92 -66.22
C MET F 346 -18.96 18.52 -64.84
N VAL F 347 -20.19 18.45 -64.33
CA VAL F 347 -20.46 18.74 -62.93
C VAL F 347 -20.95 17.52 -62.17
N ASP F 348 -21.37 16.45 -62.87
CA ASP F 348 -21.91 15.28 -62.21
C ASP F 348 -20.84 14.52 -61.42
N GLY F 349 -19.62 14.42 -61.97
CA GLY F 349 -18.61 13.64 -61.30
C GLY F 349 -17.21 14.05 -61.70
N TRP F 350 -16.24 13.49 -60.97
CA TRP F 350 -14.83 13.78 -61.23
C TRP F 350 -14.35 13.14 -62.54
N TYR F 351 -14.73 11.89 -62.77
CA TYR F 351 -14.37 11.15 -63.98
C TYR F 351 -15.61 10.95 -64.83
N GLY F 352 -15.51 11.18 -66.13
CA GLY F 352 -16.70 11.04 -66.96
C GLY F 352 -16.40 10.85 -68.43
N TYR F 353 -17.48 10.69 -69.19
CA TYR F 353 -17.42 10.41 -70.63
C TYR F 353 -18.05 11.57 -71.40
N HIS F 354 -17.45 11.91 -72.55
CA HIS F 354 -17.97 12.92 -73.47
C HIS F 354 -18.12 12.30 -74.85
N HIS F 355 -19.33 12.37 -75.41
CA HIS F 355 -19.65 11.73 -76.67
C HIS F 355 -19.94 12.77 -77.75
N SER F 356 -19.35 12.57 -78.93
CA SER F 356 -19.60 13.39 -80.11
C SER F 356 -20.14 12.46 -81.19
N ASN F 357 -21.44 12.62 -81.52
CA ASN F 357 -22.06 11.75 -82.49
C ASN F 357 -23.10 12.54 -83.29
N GLU F 358 -23.65 11.88 -84.32
CA GLU F 358 -24.60 12.54 -85.21
C GLU F 358 -25.80 13.06 -84.45
N GLN F 359 -26.23 12.33 -83.41
CA GLN F 359 -27.41 12.74 -82.66
C GLN F 359 -27.20 14.07 -81.95
N GLY F 360 -26.04 14.25 -81.33
CA GLY F 360 -25.76 15.50 -80.65
C GLY F 360 -24.48 15.42 -79.84
N SER F 361 -24.36 16.35 -78.90
CA SER F 361 -23.17 16.49 -78.05
C SER F 361 -23.59 16.56 -76.59
N GLY F 362 -22.89 15.84 -75.73
CA GLY F 362 -23.23 15.82 -74.32
C GLY F 362 -22.11 15.26 -73.47
N TYR F 363 -22.20 15.55 -72.17
CA TYR F 363 -21.23 15.13 -71.17
C TYR F 363 -21.89 14.18 -70.19
N ALA F 364 -21.16 13.13 -69.78
CA ALA F 364 -21.64 12.18 -68.78
C ALA F 364 -20.53 11.90 -67.77
N ALA F 365 -20.87 11.13 -66.73
CA ALA F 365 -19.94 10.86 -65.65
C ALA F 365 -20.06 9.41 -65.19
N ASP F 366 -18.91 8.80 -64.89
CA ASP F 366 -18.86 7.46 -64.31
C ASP F 366 -18.86 7.61 -62.80
N LYS F 367 -20.03 7.41 -62.19
CA LYS F 367 -20.18 7.69 -60.76
C LYS F 367 -19.44 6.67 -59.89
N GLU F 368 -19.36 5.41 -60.33
CA GLU F 368 -18.72 4.38 -59.50
C GLU F 368 -17.24 4.67 -59.30
N SER F 369 -16.52 4.95 -60.40
CA SER F 369 -15.11 5.32 -60.27
C SER F 369 -14.96 6.65 -59.56
N THR F 370 -15.87 7.59 -59.82
CA THR F 370 -15.84 8.88 -59.12
C THR F 370 -16.01 8.67 -57.62
N GLN F 371 -16.89 7.75 -57.22
CA GLN F 371 -17.11 7.50 -55.80
C GLN F 371 -15.86 6.97 -55.12
N LYS F 372 -15.22 5.97 -55.72
CA LYS F 372 -13.96 5.44 -55.18
C LYS F 372 -12.97 6.57 -54.95
N ALA F 373 -12.91 7.53 -55.87
CA ALA F 373 -11.97 8.64 -55.73
C ALA F 373 -12.36 9.57 -54.58
N ILE F 374 -13.62 9.99 -54.53
CA ILE F 374 -14.03 10.91 -53.48
C ILE F 374 -13.93 10.23 -52.12
N ASP F 375 -14.25 8.94 -52.05
CA ASP F 375 -14.11 8.21 -50.79
C ASP F 375 -12.64 8.07 -50.40
N GLY F 376 -11.78 7.73 -51.37
CA GLY F 376 -10.38 7.51 -51.05
C GLY F 376 -9.68 8.75 -50.57
N VAL F 377 -9.89 9.88 -51.25
CA VAL F 377 -9.29 11.13 -50.80
C VAL F 377 -9.86 11.56 -49.46
N THR F 378 -11.18 11.43 -49.28
CA THR F 378 -11.80 11.79 -48.01
C THR F 378 -11.28 10.91 -46.88
N ASN F 379 -11.06 9.62 -47.15
CA ASN F 379 -10.41 8.77 -46.15
C ASN F 379 -8.96 9.19 -45.91
N LYS F 380 -8.24 9.53 -46.98
CA LYS F 380 -6.84 9.91 -46.84
C LYS F 380 -6.68 11.16 -45.99
N VAL F 381 -7.50 12.17 -46.25
CA VAL F 381 -7.45 13.40 -45.44
C VAL F 381 -7.71 13.08 -43.97
N ASN F 382 -8.74 12.27 -43.71
CA ASN F 382 -9.10 11.98 -42.33
C ASN F 382 -8.10 11.04 -41.67
N SER F 383 -7.58 10.05 -42.42
CA SER F 383 -6.58 9.15 -41.87
C SER F 383 -5.38 9.93 -41.33
N ILE F 384 -4.91 10.91 -42.11
CA ILE F 384 -3.84 11.80 -41.63
C ILE F 384 -4.29 12.55 -40.38
N ILE F 385 -5.54 12.98 -40.36
CA ILE F 385 -6.05 13.76 -39.23
C ILE F 385 -6.38 12.86 -38.06
N ASP F 386 -7.06 11.74 -38.32
CA ASP F 386 -7.57 10.90 -37.24
C ASP F 386 -6.43 10.23 -36.47
N LYS F 387 -5.36 9.85 -37.16
CA LYS F 387 -4.30 9.05 -36.53
C LYS F 387 -3.45 9.84 -35.54
N MET F 388 -3.60 11.15 -35.47
CA MET F 388 -2.84 11.94 -34.49
C MET F 388 -3.50 11.80 -33.13
N ASN F 389 -2.80 11.20 -32.18
CA ASN F 389 -3.29 11.06 -30.82
C ASN F 389 -2.80 12.26 -30.01
N THR F 390 -3.72 13.18 -29.72
CA THR F 390 -3.39 14.35 -28.92
C THR F 390 -2.96 13.92 -27.52
N GLN F 391 -1.78 14.37 -27.11
CA GLN F 391 -1.31 14.12 -25.76
C GLN F 391 -2.30 14.70 -24.76
N PHE F 392 -2.49 14.01 -23.64
CA PHE F 392 -3.58 14.33 -22.73
C PHE F 392 -3.49 15.76 -22.19
N GLU F 393 -2.28 16.31 -22.08
CA GLU F 393 -2.15 17.64 -21.48
C GLU F 393 -0.87 18.29 -21.99
N ALA F 394 -0.84 19.62 -21.91
CA ALA F 394 0.29 20.41 -22.40
C ALA F 394 0.59 21.53 -21.42
N VAL F 395 1.80 22.07 -21.52
CA VAL F 395 2.30 23.07 -20.57
C VAL F 395 3.25 24.05 -21.27
N GLY F 396 3.50 25.18 -20.59
CA GLY F 396 4.64 26.04 -20.85
C GLY F 396 5.77 25.64 -19.92
N ARG F 397 6.31 26.60 -19.15
CA ARG F 397 7.34 26.21 -18.15
C ARG F 397 7.74 27.39 -17.25
N GLU F 398 8.12 27.08 -16.01
CA GLU F 398 8.58 28.14 -15.08
C GLU F 398 9.90 27.71 -14.45
N PHE F 399 11.01 28.32 -14.87
CA PHE F 399 12.33 28.04 -14.25
C PHE F 399 12.91 29.37 -13.81
N ASN F 400 13.68 29.39 -12.74
CA ASN F 400 14.16 30.69 -12.20
C ASN F 400 15.39 31.21 -12.92
N ASN F 401 16.03 32.22 -12.34
CA ASN F 401 17.22 32.82 -12.94
C ASN F 401 18.44 31.92 -12.80
N LEU F 402 18.48 31.09 -11.76
CA LEU F 402 19.60 30.19 -11.52
C LEU F 402 19.30 28.77 -12.01
N GLU F 403 18.32 28.62 -12.91
CA GLU F 403 18.00 27.34 -13.52
C GLU F 403 17.96 27.46 -15.04
N ARG F 404 18.76 28.37 -15.58
CA ARG F 404 18.76 28.64 -17.01
C ARG F 404 19.16 27.41 -17.83
N ARG F 405 19.99 26.54 -17.26
CA ARG F 405 20.42 25.36 -17.99
C ARG F 405 19.26 24.39 -18.21
N ILE F 406 18.46 24.16 -17.18
CA ILE F 406 17.26 23.35 -17.34
C ILE F 406 16.24 24.06 -18.23
N GLU F 407 16.20 25.40 -18.18
CA GLU F 407 15.38 26.17 -19.10
C GLU F 407 15.78 25.91 -20.54
N ASN F 408 17.09 25.85 -20.80
CA ASN F 408 17.59 25.52 -22.14
C ASN F 408 17.17 24.11 -22.56
N LEU F 409 17.21 23.17 -21.62
CA LEU F 409 16.80 21.80 -21.92
C LEU F 409 15.36 21.75 -22.42
N ASN F 410 14.46 22.51 -21.79
CA ASN F 410 13.11 22.64 -22.32
C ASN F 410 13.11 23.33 -23.66
N LYS F 411 13.99 24.33 -23.83
CA LYS F 411 14.06 25.04 -25.11
C LYS F 411 14.37 24.07 -26.25
N LYS F 412 15.43 23.26 -26.10
CA LYS F 412 15.77 22.32 -27.16
C LYS F 412 14.72 21.22 -27.30
N MET F 413 14.09 20.82 -26.20
CA MET F 413 13.00 19.84 -26.29
C MET F 413 11.86 20.39 -27.15
N GLU F 414 11.32 21.54 -26.76
CA GLU F 414 10.17 22.08 -27.49
C GLU F 414 10.57 22.55 -28.89
N ASP F 415 11.77 23.09 -29.04
CA ASP F 415 12.24 23.45 -30.39
C ASP F 415 12.57 22.20 -31.20
N GLY F 416 13.10 21.17 -30.53
CA GLY F 416 13.40 19.94 -31.24
C GLY F 416 12.16 19.26 -31.79
N PHE F 417 11.08 19.22 -30.99
CA PHE F 417 9.84 18.66 -31.48
C PHE F 417 9.23 19.52 -32.58
N LEU F 418 9.41 20.83 -32.48
CA LEU F 418 8.98 21.73 -33.56
C LEU F 418 9.64 21.34 -34.88
N ASP F 419 10.94 21.08 -34.84
CA ASP F 419 11.66 20.67 -36.05
C ASP F 419 11.14 19.32 -36.56
N VAL F 420 10.95 18.36 -35.65
CA VAL F 420 10.52 17.02 -36.05
C VAL F 420 9.16 17.09 -36.72
N TRP F 421 8.19 17.74 -36.08
CA TRP F 421 6.83 17.75 -36.58
C TRP F 421 6.72 18.50 -37.91
N THR F 422 7.34 19.68 -37.98
CA THR F 422 7.22 20.50 -39.18
C THR F 422 7.79 19.77 -40.40
N TYR F 423 8.98 19.21 -40.28
CA TYR F 423 9.57 18.48 -41.39
C TYR F 423 8.69 17.31 -41.83
N ASN F 424 8.24 16.50 -40.87
CA ASN F 424 7.44 15.34 -41.20
C ASN F 424 6.08 15.74 -41.77
N ALA F 425 5.45 16.76 -41.18
CA ALA F 425 4.15 17.21 -41.69
C ALA F 425 4.29 17.80 -43.08
N GLU F 426 5.28 18.68 -43.29
CA GLU F 426 5.45 19.34 -44.57
C GLU F 426 5.73 18.31 -45.67
N LEU F 427 6.65 17.37 -45.40
CA LEU F 427 6.98 16.35 -46.40
C LEU F 427 5.87 15.33 -46.58
N LEU F 428 5.13 15.02 -45.51
CA LEU F 428 3.99 14.11 -45.65
C LEU F 428 2.97 14.67 -46.64
N VAL F 429 2.66 15.96 -46.52
CA VAL F 429 1.74 16.60 -47.45
C VAL F 429 2.25 16.45 -48.89
N LEU F 430 3.51 16.84 -49.11
CA LEU F 430 4.07 16.81 -50.46
C LEU F 430 4.04 15.40 -51.04
N MET F 431 4.56 14.43 -50.30
CA MET F 431 4.60 13.05 -50.80
C MET F 431 3.21 12.55 -51.13
N GLU F 432 2.26 12.73 -50.21
CA GLU F 432 0.93 12.18 -50.42
C GLU F 432 0.15 12.96 -51.48
N ASN F 433 0.47 14.24 -51.65
CA ASN F 433 -0.18 15.00 -52.73
C ASN F 433 0.24 14.48 -54.09
N GLU F 434 1.51 14.08 -54.25
CA GLU F 434 1.92 13.49 -55.52
C GLU F 434 1.11 12.23 -55.82
N ARG F 435 0.99 11.34 -54.84
CA ARG F 435 0.26 10.09 -55.05
C ARG F 435 -1.20 10.36 -55.36
N THR F 436 -1.79 11.35 -54.67
CA THR F 436 -3.18 11.70 -54.91
C THR F 436 -3.44 12.04 -56.36
N LEU F 437 -2.55 12.84 -56.95
CA LEU F 437 -2.70 13.21 -58.36
C LEU F 437 -2.50 12.01 -59.27
N ASP F 438 -1.59 11.10 -58.90
CA ASP F 438 -1.38 9.90 -59.71
C ASP F 438 -2.55 8.93 -59.57
N PHE F 439 -3.15 8.85 -58.38
CA PHE F 439 -4.39 8.10 -58.21
C PHE F 439 -5.44 8.56 -59.20
N HIS F 440 -5.59 9.88 -59.33
CA HIS F 440 -6.54 10.45 -60.28
C HIS F 440 -6.16 10.10 -61.71
N ASP F 441 -4.89 10.28 -62.07
CA ASP F 441 -4.43 9.96 -63.41
C ASP F 441 -4.68 8.49 -63.75
N SER F 442 -4.39 7.60 -62.79
CA SER F 442 -4.54 6.17 -63.04
C SER F 442 -5.99 5.77 -63.24
N ASN F 443 -6.89 6.37 -62.46
CA ASN F 443 -8.30 5.99 -62.53
C ASN F 443 -8.89 6.34 -63.89
N VAL F 444 -8.47 7.46 -64.48
CA VAL F 444 -8.95 7.84 -65.80
C VAL F 444 -8.51 6.81 -66.84
N LYS F 445 -7.25 6.37 -66.76
CA LYS F 445 -6.76 5.36 -67.69
C LYS F 445 -7.55 4.06 -67.59
N ASN F 446 -8.04 3.71 -66.40
CA ASN F 446 -8.79 2.47 -66.23
C ASN F 446 -10.15 2.55 -66.94
N LEU F 447 -10.78 3.73 -66.93
CA LEU F 447 -11.98 3.92 -67.74
C LEU F 447 -11.64 3.85 -69.23
N TYR F 448 -10.56 4.52 -69.63
CA TYR F 448 -10.07 4.43 -71.00
C TYR F 448 -9.84 2.99 -71.41
N ASP F 449 -9.22 2.20 -70.53
CA ASP F 449 -8.95 0.80 -70.84
C ASP F 449 -10.23 -0.02 -70.93
N LYS F 450 -11.27 0.33 -70.16
CA LYS F 450 -12.53 -0.38 -70.27
C LYS F 450 -13.14 -0.19 -71.65
N VAL F 451 -13.22 1.07 -72.10
CA VAL F 451 -13.75 1.36 -73.43
C VAL F 451 -12.87 0.70 -74.50
N ARG F 452 -11.56 0.81 -74.36
CA ARG F 452 -10.65 0.18 -75.31
C ARG F 452 -10.83 -1.33 -75.33
N LEU F 453 -11.10 -1.93 -74.17
CA LEU F 453 -11.23 -3.39 -74.09
C LEU F 453 -12.42 -3.88 -74.91
N GLN F 454 -13.56 -3.21 -74.79
CA GLN F 454 -14.77 -3.66 -75.49
C GLN F 454 -14.72 -3.27 -76.96
N LEU F 455 -14.38 -2.03 -77.26
CA LEU F 455 -14.41 -1.47 -78.62
C LEU F 455 -13.11 -1.74 -79.37
N ARG F 456 -12.63 -2.99 -79.35
CA ARG F 456 -11.29 -3.28 -79.85
C ARG F 456 -11.15 -2.90 -81.32
N ASP F 457 -12.00 -3.48 -82.18
CA ASP F 457 -11.85 -3.32 -83.61
C ASP F 457 -12.90 -2.43 -84.25
N ASN F 458 -13.98 -2.11 -83.53
CA ASN F 458 -15.02 -1.22 -84.02
C ASN F 458 -14.68 0.25 -83.78
N ALA F 459 -13.46 0.56 -83.36
CA ALA F 459 -13.09 1.93 -83.03
C ALA F 459 -11.62 2.16 -83.35
N LYS F 460 -11.25 3.43 -83.42
CA LYS F 460 -9.89 3.86 -83.76
C LYS F 460 -9.38 4.76 -82.63
N GLU F 461 -8.32 4.32 -81.96
CA GLU F 461 -7.75 5.07 -80.83
C GLU F 461 -7.00 6.28 -81.36
N LEU F 462 -7.56 7.47 -81.14
CA LEU F 462 -6.89 8.68 -81.58
C LEU F 462 -5.64 8.97 -80.75
N GLY F 463 -5.62 8.55 -79.50
CA GLY F 463 -4.49 8.82 -78.63
C GLY F 463 -4.52 10.17 -77.94
N ASN F 464 -5.57 10.96 -78.14
CA ASN F 464 -5.74 12.24 -77.47
C ASN F 464 -6.67 12.14 -76.27
N GLY F 465 -6.83 10.94 -75.71
CA GLY F 465 -7.87 10.68 -74.74
C GLY F 465 -9.21 10.35 -75.34
N CYS F 466 -9.30 10.29 -76.67
CA CYS F 466 -10.54 10.00 -77.36
C CYS F 466 -10.37 8.82 -78.31
N PHE F 467 -11.47 8.11 -78.54
CA PHE F 467 -11.55 7.07 -79.56
C PHE F 467 -12.45 7.59 -80.68
N GLU F 468 -12.26 7.09 -81.89
CA GLU F 468 -13.16 7.40 -82.99
C GLU F 468 -13.99 6.16 -83.34
N PHE F 469 -15.30 6.33 -83.31
CA PHE F 469 -16.22 5.29 -83.76
C PHE F 469 -16.06 5.09 -85.26
N TYR F 470 -15.53 3.93 -85.67
CA TYR F 470 -15.51 3.62 -87.10
C TYR F 470 -16.92 3.68 -87.68
N HIS F 471 -17.82 2.86 -87.17
CA HIS F 471 -19.25 3.02 -87.34
C HIS F 471 -19.76 4.02 -86.32
N LYS F 472 -20.88 4.67 -86.63
CA LYS F 472 -21.46 5.65 -85.72
C LYS F 472 -22.94 5.37 -85.52
N CYS F 473 -23.35 5.21 -84.26
CA CYS F 473 -24.74 4.91 -83.92
C CYS F 473 -25.23 5.86 -82.83
N ASP F 474 -26.34 5.51 -82.19
CA ASP F 474 -27.12 6.46 -81.42
C ASP F 474 -26.53 6.70 -80.02
N ASN F 475 -27.13 7.66 -79.32
CA ASN F 475 -26.74 7.92 -77.94
C ASN F 475 -26.97 6.69 -77.06
N GLU F 476 -27.95 5.86 -77.39
CA GLU F 476 -28.21 4.66 -76.61
C GLU F 476 -27.05 3.68 -76.71
N CYS F 477 -26.39 3.63 -77.87
CA CYS F 477 -25.11 2.92 -77.98
C CYS F 477 -24.14 3.39 -76.92
N MET F 478 -23.99 4.71 -76.79
CA MET F 478 -22.98 5.26 -75.90
C MET F 478 -23.23 4.85 -74.46
N GLU F 479 -24.51 4.81 -74.05
CA GLU F 479 -24.85 4.40 -72.70
C GLU F 479 -24.46 2.95 -72.44
N SER F 480 -24.46 2.12 -73.47
CA SER F 480 -24.15 0.70 -73.30
C SER F 480 -22.71 0.51 -72.84
N VAL F 481 -21.78 1.29 -73.38
CA VAL F 481 -20.40 1.24 -72.92
C VAL F 481 -20.31 1.69 -71.47
N ARG F 482 -21.03 2.76 -71.13
CA ARG F 482 -21.13 3.18 -69.73
C ARG F 482 -21.75 2.09 -68.88
N ASN F 483 -22.80 1.43 -69.39
CA ASN F 483 -23.44 0.33 -68.70
C ASN F 483 -22.58 -0.93 -68.69
N GLY F 484 -21.54 -0.99 -69.52
CA GLY F 484 -20.75 -2.20 -69.64
C GLY F 484 -21.41 -3.29 -70.47
N THR F 485 -22.21 -2.91 -71.47
CA THR F 485 -23.00 -3.86 -72.26
C THR F 485 -22.93 -3.46 -73.74
N TYR F 486 -21.73 -3.51 -74.31
CA TYR F 486 -21.55 -3.21 -75.73
C TYR F 486 -21.21 -4.49 -76.47
N ASP F 487 -21.73 -4.62 -77.69
CA ASP F 487 -21.57 -5.82 -78.51
C ASP F 487 -20.58 -5.51 -79.63
N TYR F 488 -19.43 -6.19 -79.59
CA TYR F 488 -18.45 -6.06 -80.69
C TYR F 488 -18.94 -6.71 -81.97
N PRO F 489 -19.48 -7.93 -81.99
CA PRO F 489 -19.89 -8.54 -83.27
C PRO F 489 -20.96 -7.76 -84.02
N GLN F 490 -21.82 -7.01 -83.31
CA GLN F 490 -22.96 -6.38 -83.97
C GLN F 490 -22.52 -5.39 -85.04
N TYR F 491 -21.42 -4.67 -84.82
CA TYR F 491 -21.02 -3.58 -85.70
C TYR F 491 -19.69 -3.85 -86.40
N SER F 492 -19.23 -5.09 -86.43
CA SER F 492 -17.87 -5.37 -86.89
C SER F 492 -17.71 -5.12 -88.38
N GLU F 493 -18.61 -5.69 -89.20
CA GLU F 493 -18.50 -5.51 -90.65
C GLU F 493 -18.63 -4.04 -91.03
N GLU F 494 -19.50 -3.30 -90.34
CA GLU F 494 -19.67 -1.88 -90.62
C GLU F 494 -18.36 -1.12 -90.42
N ALA F 495 -17.58 -1.51 -89.41
CA ALA F 495 -16.31 -0.84 -89.15
C ALA F 495 -15.30 -1.10 -90.25
N ARG F 496 -15.15 -2.36 -90.66
CA ARG F 496 -14.21 -2.69 -91.73
C ARG F 496 -14.58 -1.98 -93.02
N LEU F 497 -15.88 -1.83 -93.30
CA LEU F 497 -16.33 -1.15 -94.50
C LEU F 497 -15.95 0.32 -94.48
N LYS F 498 -16.03 0.96 -93.32
CA LYS F 498 -15.68 2.37 -93.22
C LYS F 498 -14.22 2.61 -93.58
N ARG F 499 -13.35 1.65 -93.22
CA ARG F 499 -11.95 1.71 -93.62
C ARG F 499 -11.84 1.64 -95.14
N GLU F 500 -11.24 2.68 -95.73
CA GLU F 500 -11.10 2.84 -97.19
C GLU F 500 -12.24 2.23 -98.01
C1 NAG G . -56.13 -9.82 15.79
C2 NAG G . -56.01 -8.65 14.82
C3 NAG G . -56.16 -7.32 15.49
C4 NAG G . -57.15 -7.18 16.60
C5 NAG G . -57.11 -8.38 17.55
C6 NAG G . -58.23 -8.26 18.55
C7 NAG G . -54.05 -8.10 13.11
C8 NAG G . -54.87 -8.10 11.81
N2 NAG G . -54.58 -8.38 14.45
O3 NAG G . -56.38 -6.21 14.55
O4 NAG G . -56.81 -6.03 17.36
O5 NAG G . -57.22 -9.65 16.82
O6 NAG G . -58.07 -7.11 19.35
O7 NAG G . -52.90 -7.85 13.13
C1 NAG H . 6.56 -38.24 42.94
C2 NAG H . 7.69 -38.40 41.92
C3 NAG H . 7.20 -38.88 40.61
C4 NAG H . 6.34 -40.11 40.71
C5 NAG H . 5.23 -39.96 41.75
C6 NAG H . 4.51 -41.26 41.91
C7 NAG H . 9.81 -36.95 41.75
C8 NAG H . 10.46 -35.58 41.58
N2 NAG H . 8.35 -37.06 41.76
O3 NAG H . 8.34 -39.18 39.76
O4 NAG H . 5.76 -40.38 39.43
O5 NAG H . 5.75 -39.51 43.06
O6 NAG H . 5.42 -42.29 42.20
O7 NAG H . 10.47 -37.92 41.87
C1 NAG I . 30.65 -11.11 37.91
C2 NAG I . 31.57 -11.20 36.69
C3 NAG I . 31.71 -12.59 36.19
C4 NAG I . 32.07 -13.57 37.28
C5 NAG I . 31.04 -13.51 38.41
C6 NAG I . 31.45 -14.43 39.53
C7 NAG I . 31.65 -9.21 35.05
C8 NAG I . 31.02 -8.42 33.89
N2 NAG I . 30.99 -10.41 35.56
O3 NAG I . 32.73 -12.64 35.15
O4 NAG I . 32.08 -14.89 36.74
O5 NAG I . 30.95 -12.15 38.96
O6 NAG I . 30.61 -14.21 40.63
O7 NAG I . 32.66 -8.84 35.53
C1 NAG J . -22.70 -41.70 -8.21
C2 NAG J . -24.20 -41.83 -7.95
C3 NAG J . -24.56 -43.00 -7.11
C4 NAG J . -24.02 -44.28 -7.66
C5 NAG J . -22.49 -44.20 -7.80
C6 NAG J . -21.99 -45.44 -8.47
C7 NAG J . -25.50 -39.61 -7.90
C8 NAG J . -26.03 -38.41 -7.10
N2 NAG J . -24.73 -40.64 -7.21
O3 NAG J . -26.01 -43.09 -6.99
O4 NAG J . -24.36 -45.35 -6.77
O5 NAG J . -22.07 -43.02 -8.59
O6 NAG J . -22.49 -45.52 -9.78
O7 NAG J . -25.71 -39.69 -9.07
C1 NAG K . 13.57 2.07 39.35
C2 NAG K . 13.09 3.51 39.58
C3 NAG K . 12.72 4.22 38.34
C4 NAG K . 13.74 4.09 37.25
C5 NAG K . 14.11 2.64 37.00
C6 NAG K . 15.19 2.58 35.97
C7 NAG K . 11.88 4.21 41.74
C8 NAG K . 10.65 4.16 42.65
N2 NAG K . 11.89 3.45 40.48
O3 NAG K . 12.56 5.64 38.65
O4 NAG K . 13.20 4.66 36.05
O5 NAG K . 14.57 1.97 38.23
O6 NAG K . 16.39 3.11 36.48
O7 NAG K . 12.82 4.87 42.05
C1 NAG L . -16.27 10.76 -10.24
C2 NAG L . -16.03 9.51 -11.09
C3 NAG L . -14.58 9.31 -11.41
C4 NAG L . -13.94 10.51 -12.01
C5 NAG L . -14.13 11.75 -11.14
C6 NAG L . -13.62 12.94 -11.88
C7 NAG L . -17.27 7.27 -11.02
C8 NAG L . -17.69 6.01 -10.25
N2 NAG L . -16.45 8.28 -10.35
O3 NAG L . -14.45 8.19 -12.33
O4 NAG L . -12.54 10.26 -12.16
O5 NAG L . -15.53 11.97 -10.78
O6 NAG L . -12.28 12.73 -12.26
O7 NAG L . -17.61 7.42 -12.15
C1 NAG M . -18.16 -10.93 60.80
C2 NAG M . -18.98 -12.17 61.16
C3 NAG M . -20.40 -12.11 60.71
C4 NAG M . -21.07 -10.85 61.16
C5 NAG M . -20.32 -9.64 60.60
C6 NAG M . -20.98 -8.39 61.08
C7 NAG M . -17.68 -14.37 61.35
C8 NAG M . -17.02 -15.60 60.70
N2 NAG M . -18.35 -13.37 60.52
O3 NAG M . -21.12 -13.25 61.24
O4 NAG M . -22.42 -10.84 60.69
O5 NAG M . -18.90 -9.64 61.05
O6 NAG M . -21.09 -8.40 62.47
O7 NAG M . -17.63 -14.22 62.53
C1 NAG N . 32.61 8.50 -67.08
C2 NAG N . 34.11 8.74 -67.01
C3 NAG N . 34.41 10.17 -66.77
C4 NAG N . 33.75 11.05 -67.80
C5 NAG N . 32.25 10.76 -67.93
C6 NAG N . 31.67 11.57 -69.05
C7 NAG N . 35.46 6.69 -66.25
C8 NAG N . 36.05 5.83 -65.12
N2 NAG N . 34.70 7.90 -65.92
O3 NAG N . 35.86 10.37 -66.82
O4 NAG N . 33.93 12.42 -67.40
O5 NAG N . 31.97 9.33 -68.16
O6 NAG N . 32.54 11.56 -70.15
O7 NAG N . 35.61 6.38 -67.38
C1 NAG O . 23.93 55.47 -7.24
C2 NAG O . 22.60 55.51 -6.49
C3 NAG O . 21.58 56.29 -7.24
C4 NAG O . 22.04 57.69 -7.49
C5 NAG O . 23.32 57.68 -8.32
C6 NAG O . 23.84 59.08 -8.45
C7 NAG O . 22.33 53.37 -5.08
C8 NAG O . 21.74 51.97 -4.91
N2 NAG O . 22.04 54.14 -6.30
O3 NAG O . 20.34 56.32 -6.48
O4 NAG O . 21.01 58.40 -8.21
O5 NAG O . 24.37 56.84 -7.70
O6 NAG O . 24.50 59.24 -9.67
O7 NAG O . 23.03 53.83 -4.24
C1 NAG P . 26.08 -3.37 -51.69
C2 NAG P . 26.20 -4.58 -50.77
C3 NAG P . 26.87 -4.17 -49.52
C4 NAG P . 28.23 -3.59 -49.79
C5 NAG P . 28.18 -2.46 -50.84
C6 NAG P . 29.58 -2.04 -51.22
C7 NAG P . 24.63 -6.55 -50.26
C8 NAG P . 23.22 -7.09 -49.98
N2 NAG P . 24.82 -5.11 -50.49
O3 NAG P . 27.01 -5.31 -48.63
O4 NAG P . 28.77 -3.06 -48.58
O5 NAG P . 27.45 -2.87 -52.06
O6 NAG P . 30.21 -3.06 -51.95
O7 NAG P . 25.55 -7.29 -50.30
C1 NAG Q . 47.15 7.71 2.03
C2 NAG Q . 47.73 9.13 1.93
C3 NAG Q . 48.79 9.26 0.90
C4 NAG Q . 49.88 8.23 1.05
C5 NAG Q . 49.28 6.83 1.00
C6 NAG Q . 50.37 5.83 1.23
C7 NAG Q . 46.11 11.05 2.52
C8 NAG Q . 44.99 12.01 2.10
N2 NAG Q . 46.63 10.08 1.55
O3 NAG Q . 49.38 10.58 0.98
O4 NAG Q . 50.84 8.38 0.01
O5 NAG Q . 48.23 6.64 2.01
O6 NAG Q . 49.82 4.54 1.33
O7 NAG Q . 46.55 11.08 3.62
C1 NAG R . -13.59 -3.55 -39.44
C2 NAG R . -14.69 -2.59 -39.01
C3 NAG R . -15.05 -2.75 -37.58
C4 NAG R . -15.40 -4.17 -37.25
C5 NAG R . -14.27 -5.12 -37.64
C6 NAG R . -14.67 -6.54 -37.36
C7 NAG R . -14.65 -0.49 -40.46
C8 NAG R . -14.20 0.96 -40.72
N2 NAG R . -14.24 -1.18 -39.25
O3 NAG R . -16.19 -1.89 -37.29
O4 NAG R . -15.66 -4.28 -35.85
O5 NAG R . -13.89 -4.97 -39.06
O6 NAG R . -15.72 -6.93 -38.21
O7 NAG R . -15.35 -1.04 -41.25
C1 NAG S . -3.36 14.98 16.07
C2 NAG S . -4.43 13.87 16.08
C3 NAG S . -3.89 12.73 16.90
C4 NAG S . -2.47 12.35 16.52
C5 NAG S . -1.55 13.58 16.43
C6 NAG S . -0.12 13.28 16.09
C7 NAG S . -6.03 14.88 17.96
C8 NAG S . -7.27 15.73 18.18
N2 NAG S . -5.64 14.60 16.57
O3 NAG S . -4.75 11.58 16.73
O4 NAG S . -1.95 11.42 17.48
O5 NAG S . -2.09 14.51 15.43
O6 NAG S . 0.52 14.54 15.97
O7 NAG S . -5.42 14.45 18.89
C1 NAG T . 3.25 30.21 -55.56
C2 NAG T . 4.57 30.93 -55.81
C3 NAG T . 4.89 31.66 -54.56
C4 NAG T . 3.81 32.67 -54.26
C5 NAG T . 2.38 32.09 -54.23
C6 NAG T . 1.36 33.20 -54.21
C7 NAG T . 6.65 29.84 -57.06
C8 NAG T . 7.26 28.49 -57.46
N2 NAG T . 5.44 29.80 -56.25
O3 NAG T . 6.16 32.36 -54.68
O4 NAG T . 4.06 33.27 -52.99
O5 NAG T . 2.13 31.20 -55.37
O6 NAG T . 1.36 33.82 -55.46
O7 NAG T . 7.15 30.86 -57.38
#